data_7B2L
#
_entry.id   7B2L
#
loop_
_entity.id
_entity.type
_entity.pdbx_description
1 polymer 'ENTH domain of epsin Ent1'
2 polymer 'ANTH domain of Sla2'
3 non-polymer '[(2R)-2-octanoyloxy-3-[oxidanyl-[(1R,2R,3S,4R,5R,6S)-2,3,6-tris(oxidanyl)-4,5-diphosphonooxy-cyclohexyl]oxy-phosphoryl]oxy-propyl] octanoate'
#
loop_
_entity_poly.entity_id
_entity_poly.type
_entity_poly.pdbx_seq_one_letter_code
_entity_poly.pdbx_strand_id
1 'polypeptide(L)'
;GAMGSMSKQFVRSAKNLVKGYSSTQVLVRNATSNDNHQVSKDSLIELAEKSYDSADFFEIMDMLDKRLNDKGKYWRHIAK
ALTVIDYLIRFGSENCVLWCRENLYIIKTLKEFRHEDDEGIDQGQIVRVKAKELTALLSDDERLNEERNMNIKGRNRKGR
RR
;
A,C,F,H,K,M,P,R
2 'polypeptide(L)'
;GAMGSMSRIDSDLQKALKKACSVEETAPKRKHVRACIVYTWDHQSSKAVFTTLKTLPLANDEVQLFKMLIVLHKIIQEGH
PSALAEAIRDRDWIRSLGRVHSGGSSYSKLIREYVRYLVLKLDFHAHHRGFNNGTFEYEEYVSLVSVSDPDEGYETILDL
MSLQDSLDEFSQIIFASIQSERRNTECKISALIPLIAESYGIYKFITSMLRAMHRQLNDAEGDAALQPLKERYELQHARL
FEFYADCSSVKYLTTLVTIPKLPVDAPDVFLINDVDESKEIKFKKREPSVT
;
B,D,G,I,L,N,Q,S
#
loop_
_chem_comp.id
_chem_comp.type
_chem_comp.name
_chem_comp.formula
PIO non-polymer '[(2R)-2-octanoyloxy-3-[oxidanyl-[(1R,2R,3S,4R,5R,6S)-2,3,6-tris(oxidanyl)-4,5-diphosphonooxy-cyclohexyl]oxy-phosphoryl]oxy-propyl] octanoate' 'C25 H49 O19 P3'
#
# COMPACT_ATOMS: atom_id res chain seq x y z
N MET A 6 7.30 5.07 9.58
CA MET A 6 6.03 4.54 10.17
C MET A 6 5.70 3.13 9.70
N SER A 7 5.82 2.83 8.41
CA SER A 7 5.50 1.50 7.88
C SER A 7 6.30 0.38 8.55
N LYS A 8 7.62 0.56 8.76
CA LYS A 8 8.45 -0.47 9.41
C LYS A 8 8.02 -0.74 10.86
N GLN A 9 7.63 0.25 11.63
CA GLN A 9 7.23 0.06 13.02
C GLN A 9 5.97 -0.83 13.15
N PHE A 10 4.99 -0.65 12.27
CA PHE A 10 3.86 -1.58 12.21
C PHE A 10 4.29 -2.94 11.65
N VAL A 11 5.00 -3.00 10.53
CA VAL A 11 5.28 -4.28 9.87
C VAL A 11 6.16 -5.18 10.74
N ARG A 12 7.14 -4.63 11.47
CA ARG A 12 7.90 -5.39 12.47
C ARG A 12 7.02 -5.89 13.60
N SER A 13 6.05 -5.11 14.05
CA SER A 13 5.09 -5.59 15.04
C SER A 13 4.24 -6.76 14.52
N ALA A 14 3.92 -6.80 13.23
CA ALA A 14 3.26 -7.94 12.61
C ALA A 14 4.17 -9.17 12.53
N LYS A 15 5.45 -9.02 12.13
CA LYS A 15 6.42 -10.15 12.04
C LYS A 15 6.67 -10.73 13.42
N ASN A 16 6.65 -9.96 14.51
CA ASN A 16 6.71 -10.43 15.90
C ASN A 16 5.53 -11.34 16.27
N LEU A 17 4.31 -11.00 15.83
CA LEU A 17 3.15 -11.85 16.03
C LEU A 17 3.26 -13.16 15.22
N VAL A 18 3.66 -13.08 13.95
CA VAL A 18 3.70 -14.22 13.01
C VAL A 18 4.68 -15.31 13.44
N LYS A 19 5.87 -14.92 13.90
CA LYS A 19 6.90 -15.88 14.35
C LYS A 19 6.57 -16.32 15.79
N GLY A 20 5.67 -15.63 16.48
CA GLY A 20 5.17 -16.01 17.81
C GLY A 20 5.98 -15.53 19.00
N TYR A 21 6.81 -14.50 18.86
CA TYR A 21 7.91 -14.24 19.78
C TYR A 21 7.52 -14.02 21.24
N SER A 22 8.32 -14.63 22.12
CA SER A 22 8.34 -14.43 23.57
C SER A 22 8.62 -12.98 23.93
N SER A 23 8.11 -12.51 25.07
CA SER A 23 8.47 -11.18 25.59
C SER A 23 9.98 -10.99 25.77
N THR A 24 10.72 -12.06 26.11
CA THR A 24 12.17 -11.98 26.17
C THR A 24 12.77 -11.80 24.78
N GLN A 25 12.32 -12.56 23.78
CA GLN A 25 12.77 -12.40 22.39
C GLN A 25 12.43 -11.02 21.87
N VAL A 26 11.19 -10.54 22.04
CA VAL A 26 10.76 -9.21 21.59
C VAL A 26 11.57 -8.09 22.22
N LEU A 27 11.97 -8.20 23.49
CA LEU A 27 12.87 -7.20 24.06
C LEU A 27 14.23 -7.19 23.36
N VAL A 28 14.84 -8.37 23.31
CA VAL A 28 16.18 -8.54 22.71
C VAL A 28 16.00 -8.09 21.29
N ARG A 29 14.93 -8.46 20.61
CA ARG A 29 14.76 -8.12 19.19
C ARG A 29 14.59 -6.61 18.98
N ASN A 30 13.87 -5.90 19.84
CA ASN A 30 13.68 -4.42 19.74
C ASN A 30 15.01 -3.75 20.04
N ALA A 31 15.77 -4.25 21.01
CA ALA A 31 17.13 -3.78 21.28
C ALA A 31 18.05 -3.89 20.06
N THR A 32 18.06 -4.99 19.34
CA THR A 32 19.00 -5.17 18.21
C THR A 32 18.12 -5.11 16.98
N SER A 33 17.94 -3.95 16.35
CA SER A 33 16.99 -3.76 15.22
C SER A 33 17.53 -2.78 14.22
N ASN A 34 17.36 -2.91 12.88
CA ASN A 34 18.00 -2.02 11.83
C ASN A 34 17.95 -0.54 12.22
N ASP A 35 16.95 -0.05 12.93
CA ASP A 35 16.80 1.27 13.55
C ASP A 35 18.15 1.94 13.85
N ASN A 36 18.38 3.15 13.35
CA ASN A 36 19.64 3.86 13.51
C ASN A 36 19.92 4.40 14.94
N HIS A 37 18.98 4.29 15.87
CA HIS A 37 19.17 4.79 17.24
C HIS A 37 20.13 3.91 18.04
N GLN A 38 20.98 4.51 18.88
CA GLN A 38 21.81 3.75 19.82
C GLN A 38 20.94 2.93 20.80
N VAL A 39 21.42 1.75 21.18
CA VAL A 39 20.74 0.87 22.13
C VAL A 39 20.72 1.51 23.52
N SER A 40 19.53 1.65 24.12
CA SER A 40 19.34 2.47 25.32
C SER A 40 19.83 1.78 26.59
N LYS A 41 20.34 2.57 27.54
CA LYS A 41 20.95 2.05 28.77
C LYS A 41 19.98 1.19 29.62
N ASP A 42 18.70 1.58 29.71
CA ASP A 42 17.66 0.79 30.37
C ASP A 42 17.40 -0.56 29.67
N SER A 43 17.56 -0.65 28.35
CA SER A 43 17.43 -1.92 27.62
C SER A 43 18.59 -2.85 27.94
N LEU A 44 19.83 -2.33 27.92
CA LEU A 44 21.03 -3.11 28.23
C LEU A 44 21.01 -3.67 29.65
N ILE A 45 20.66 -2.84 30.63
CA ILE A 45 20.58 -3.24 32.04
C ILE A 45 19.39 -4.18 32.30
N GLU A 46 18.27 -4.06 31.58
CA GLU A 46 17.23 -5.09 31.67
C GLU A 46 17.68 -6.46 31.14
N LEU A 47 18.45 -6.54 30.05
CA LEU A 47 18.94 -7.85 29.57
C LEU A 47 19.99 -8.44 30.51
N ALA A 48 20.86 -7.61 31.10
CA ALA A 48 21.76 -8.04 32.17
C ALA A 48 20.97 -8.56 33.38
N GLU A 49 19.95 -7.84 33.85
CA GLU A 49 19.08 -8.26 34.97
C GLU A 49 18.37 -9.59 34.69
N LYS A 50 17.92 -9.81 33.45
CA LYS A 50 17.31 -11.06 32.99
C LYS A 50 18.28 -12.25 33.01
N SER A 51 19.57 -12.03 32.84
CA SER A 51 20.57 -13.09 32.68
C SER A 51 20.58 -14.14 33.80
N TYR A 52 20.25 -13.75 35.04
CA TYR A 52 20.15 -14.63 36.21
C TYR A 52 18.93 -15.57 36.19
N ASP A 53 18.57 -16.13 35.04
CA ASP A 53 17.45 -17.04 34.88
C ASP A 53 17.72 -18.02 33.75
N SER A 54 17.97 -19.29 34.09
CA SER A 54 18.25 -20.38 33.15
C SER A 54 17.15 -20.62 32.10
N ALA A 55 15.93 -20.09 32.29
CA ALA A 55 14.86 -20.14 31.29
C ALA A 55 14.89 -18.99 30.26
N ASP A 56 15.34 -17.78 30.66
CA ASP A 56 15.47 -16.59 29.79
C ASP A 56 16.85 -16.46 29.14
N PHE A 57 17.89 -16.94 29.80
CA PHE A 57 19.27 -16.83 29.30
C PHE A 57 19.49 -17.55 27.97
N PHE A 58 18.84 -18.71 27.80
CA PHE A 58 18.76 -19.37 26.51
C PHE A 58 18.12 -18.47 25.45
N GLU A 59 16.98 -17.83 25.71
CA GLU A 59 16.29 -17.02 24.68
C GLU A 59 17.08 -15.77 24.32
N ILE A 60 17.75 -15.15 25.30
CA ILE A 60 18.58 -13.99 25.06
C ILE A 60 19.79 -14.37 24.20
N MET A 61 20.54 -15.41 24.57
CA MET A 61 21.72 -15.77 23.82
C MET A 61 21.39 -16.35 22.48
N ASP A 62 20.28 -17.06 22.34
CA ASP A 62 19.85 -17.55 21.06
C ASP A 62 19.44 -16.44 20.08
N MET A 63 18.77 -15.36 20.53
CA MET A 63 18.45 -14.26 19.62
C MET A 63 19.68 -13.43 19.25
N LEU A 64 20.59 -13.17 20.19
CA LEU A 64 21.85 -12.51 19.87
C LEU A 64 22.69 -13.35 18.91
N ASP A 65 22.72 -14.68 19.02
CA ASP A 65 23.39 -15.57 18.07
C ASP A 65 22.73 -15.59 16.68
N LYS A 66 21.41 -15.39 16.57
CA LYS A 66 20.80 -15.18 15.27
C LYS A 66 21.25 -13.84 14.70
N ARG A 67 21.20 -12.76 15.48
CA ARG A 67 21.55 -11.39 15.01
C ARG A 67 23.04 -11.26 14.69
N LEU A 68 23.98 -11.88 15.40
CA LEU A 68 25.40 -11.92 15.03
C LEU A 68 25.62 -12.65 13.71
N ASN A 69 24.80 -13.63 13.36
CA ASN A 69 24.89 -14.30 12.08
C ASN A 69 24.44 -13.45 10.87
N ASP A 70 23.55 -12.48 11.06
CA ASP A 70 22.73 -11.87 10.01
C ASP A 70 23.42 -11.37 8.74
N LYS A 71 22.62 -11.28 7.67
CA LYS A 71 23.12 -10.93 6.33
C LYS A 71 23.84 -9.59 6.32
N GLY A 72 24.63 -9.31 5.27
CA GLY A 72 25.40 -8.06 5.14
C GLY A 72 24.50 -6.85 5.06
N LYS A 73 23.30 -6.98 4.50
CA LYS A 73 22.36 -5.87 4.37
C LYS A 73 22.12 -5.27 5.75
N TYR A 74 22.10 -6.06 6.82
CA TYR A 74 21.84 -5.60 8.21
C TYR A 74 23.11 -5.53 9.07
N TRP A 75 24.12 -4.74 8.73
CA TRP A 75 25.28 -4.42 9.57
C TRP A 75 24.84 -3.69 10.86
N ARG A 76 23.73 -2.96 10.79
CA ARG A 76 23.09 -2.34 11.97
C ARG A 76 22.73 -3.35 13.06
N HIS A 77 22.31 -4.57 12.73
CA HIS A 77 22.02 -5.61 13.72
C HIS A 77 23.31 -6.03 14.40
N ILE A 78 24.32 -6.33 13.58
CA ILE A 78 25.56 -6.90 14.05
C ILE A 78 26.26 -5.92 14.98
N ALA A 79 26.29 -4.65 14.61
CA ALA A 79 26.86 -3.60 15.44
C ALA A 79 26.18 -3.49 16.82
N LYS A 80 24.85 -3.55 16.87
CA LYS A 80 24.18 -3.55 18.17
C LYS A 80 24.40 -4.85 18.92
N ALA A 81 24.36 -5.99 18.26
CA ALA A 81 24.50 -7.28 18.92
C ALA A 81 25.85 -7.39 19.63
N LEU A 82 26.93 -6.92 19.00
CA LEU A 82 28.25 -6.82 19.62
C LEU A 82 28.24 -5.82 20.79
N THR A 83 27.48 -4.73 20.69
CA THR A 83 27.27 -3.79 21.82
C THR A 83 26.60 -4.47 23.02
N VAL A 84 25.55 -5.24 22.79
CA VAL A 84 24.81 -5.95 23.84
C VAL A 84 25.70 -7.01 24.49
N ILE A 85 26.49 -7.73 23.71
CA ILE A 85 27.41 -8.74 24.26
C ILE A 85 28.47 -8.09 25.14
N ASP A 86 29.03 -6.95 24.77
CA ASP A 86 29.98 -6.24 25.63
C ASP A 86 29.34 -5.88 26.98
N TYR A 87 28.11 -5.39 26.94
CA TYR A 87 27.43 -5.00 28.16
C TYR A 87 27.13 -6.23 29.02
N LEU A 88 26.64 -7.31 28.42
CA LEU A 88 26.33 -8.54 29.11
C LEU A 88 27.56 -9.19 29.73
N ILE A 89 28.73 -9.17 29.11
CA ILE A 89 29.89 -9.73 29.79
C ILE A 89 30.38 -8.85 30.94
N ARG A 90 30.27 -7.52 30.90
CA ARG A 90 30.65 -6.71 32.09
C ARG A 90 29.64 -6.78 33.24
N PHE A 91 28.37 -6.51 32.95
CA PHE A 91 27.26 -6.48 33.89
C PHE A 91 26.64 -7.82 34.28
N GLY A 92 26.61 -8.79 33.37
CA GLY A 92 25.69 -9.92 33.41
C GLY A 92 26.21 -11.12 34.19
N SER A 93 25.42 -12.17 34.19
CA SER A 93 25.72 -13.40 34.92
C SER A 93 26.94 -14.12 34.35
N GLU A 94 27.56 -14.96 35.15
CA GLU A 94 28.68 -15.80 34.76
C GLU A 94 28.33 -16.68 33.55
N ASN A 95 27.07 -17.14 33.44
CA ASN A 95 26.58 -17.87 32.26
C ASN A 95 26.81 -17.11 30.95
N CYS A 96 26.72 -15.78 30.95
CA CYS A 96 26.95 -14.98 29.76
C CYS A 96 28.39 -15.09 29.28
N VAL A 97 29.33 -15.06 30.23
CA VAL A 97 30.76 -15.18 29.96
C VAL A 97 31.11 -16.60 29.55
N LEU A 98 30.64 -17.62 30.27
CA LEU A 98 30.90 -19.01 29.89
C LEU A 98 30.34 -19.31 28.50
N TRP A 99 29.15 -18.82 28.17
CA TRP A 99 28.59 -19.00 26.83
C TRP A 99 29.47 -18.31 25.79
N CYS A 100 29.83 -17.06 26.05
CA CYS A 100 30.54 -16.27 25.06
C CYS A 100 31.96 -16.76 24.83
N ARG A 101 32.63 -17.27 25.87
CA ARG A 101 33.92 -17.95 25.79
C ARG A 101 33.83 -19.29 25.07
N GLU A 102 32.77 -20.06 25.26
CA GLU A 102 32.62 -21.40 24.67
C GLU A 102 32.18 -21.39 23.20
N ASN A 103 31.55 -20.31 22.73
CA ASN A 103 31.46 -20.03 21.29
C ASN A 103 31.90 -18.61 20.94
N LEU A 104 33.17 -18.33 21.23
CA LEU A 104 33.90 -17.14 20.83
C LEU A 104 34.02 -17.00 19.31
N TYR A 105 34.13 -18.11 18.60
CA TYR A 105 34.50 -18.11 17.19
C TYR A 105 33.55 -17.29 16.33
N ILE A 106 32.26 -17.19 16.61
CA ILE A 106 31.38 -16.33 15.81
C ILE A 106 31.68 -14.84 15.97
N ILE A 107 32.10 -14.39 17.16
CA ILE A 107 32.58 -13.02 17.39
C ILE A 107 33.92 -12.81 16.73
N LYS A 108 34.89 -13.71 16.93
CA LYS A 108 36.21 -13.56 16.33
C LYS A 108 36.19 -13.61 14.81
N THR A 109 35.29 -14.38 14.22
CA THR A 109 35.07 -14.45 12.76
C THR A 109 34.39 -13.21 12.21
N LEU A 110 33.52 -12.54 12.98
CA LEU A 110 32.93 -11.27 12.56
C LEU A 110 33.98 -10.21 12.29
N LYS A 111 35.12 -10.28 12.96
CA LYS A 111 36.17 -9.27 12.95
C LYS A 111 36.65 -8.88 11.55
N GLU A 112 36.42 -9.65 10.51
CA GLU A 112 36.73 -9.31 9.12
C GLU A 112 35.55 -8.75 8.30
N PHE A 113 34.38 -8.55 8.91
CA PHE A 113 33.13 -8.23 8.22
C PHE A 113 33.22 -6.96 7.37
N ARG A 114 32.41 -6.86 6.31
CA ARG A 114 32.62 -5.93 5.20
C ARG A 114 31.32 -5.75 4.38
N HIS A 115 30.56 -4.68 4.56
CA HIS A 115 29.52 -4.26 3.60
C HIS A 115 29.93 -2.99 2.83
N GLU A 116 29.70 -2.85 1.53
CA GLU A 116 30.33 -1.79 0.72
C GLU A 116 29.48 -1.31 -0.47
N ASP A 117 29.66 -0.07 -0.89
CA ASP A 117 28.94 0.59 -2.01
C ASP A 117 27.41 0.66 -1.85
N ASP A 118 26.99 0.81 -0.60
CA ASP A 118 25.67 1.18 -0.12
C ASP A 118 25.20 2.53 -0.71
N GLU A 119 26.01 3.57 -0.56
CA GLU A 119 25.96 4.85 -1.24
C GLU A 119 27.33 5.21 -1.83
N GLY A 120 28.37 4.44 -1.49
CA GLY A 120 29.73 4.60 -1.98
C GLY A 120 30.81 4.24 -0.96
N ILE A 121 30.52 4.44 0.32
CA ILE A 121 31.44 4.18 1.43
C ILE A 121 31.60 2.67 1.72
N ASP A 122 32.59 2.36 2.55
CA ASP A 122 32.94 1.03 3.04
C ASP A 122 32.48 0.95 4.51
N GLN A 123 31.55 0.06 4.82
CA GLN A 123 30.67 0.16 6.00
C GLN A 123 31.01 -0.81 7.15
N GLY A 124 31.98 -1.70 6.94
CA GLY A 124 32.32 -2.72 7.95
C GLY A 124 33.08 -2.20 9.17
N GLN A 125 33.80 -1.09 9.10
CA GLN A 125 34.79 -0.76 10.14
C GLN A 125 34.17 -0.68 11.54
N ILE A 126 32.92 -0.25 11.67
CA ILE A 126 32.19 -0.19 12.94
C ILE A 126 32.03 -1.58 13.59
N VAL A 127 31.73 -2.59 12.79
CA VAL A 127 31.67 -4.00 13.21
C VAL A 127 33.05 -4.51 13.58
N ARG A 128 34.05 -4.21 12.75
CA ARG A 128 35.42 -4.69 12.94
C ARG A 128 36.10 -4.11 14.17
N VAL A 129 35.88 -2.84 14.51
CA VAL A 129 36.41 -2.27 15.77
C VAL A 129 35.74 -2.88 17.00
N LYS A 130 34.41 -3.04 16.96
CA LYS A 130 33.69 -3.64 18.09
C LYS A 130 34.11 -5.08 18.29
N ALA A 131 34.14 -5.88 17.23
CA ALA A 131 34.53 -7.27 17.29
C ALA A 131 35.96 -7.47 17.75
N LYS A 132 36.88 -6.58 17.33
CA LYS A 132 38.30 -6.62 17.74
C LYS A 132 38.47 -6.33 19.21
N GLU A 133 37.86 -5.26 19.72
CA GLU A 133 37.97 -4.95 21.14
C GLU A 133 37.20 -5.93 22.02
N LEU A 134 36.05 -6.42 21.57
CA LEU A 134 35.29 -7.45 22.26
C LEU A 134 36.06 -8.77 22.31
N THR A 135 36.65 -9.24 21.21
CA THR A 135 37.45 -10.47 21.25
C THR A 135 38.71 -10.30 22.10
N ALA A 136 39.34 -9.13 22.07
CA ALA A 136 40.41 -8.80 22.99
C ALA A 136 39.94 -8.88 24.45
N LEU A 137 38.77 -8.33 24.79
CA LEU A 137 38.20 -8.36 26.13
C LEU A 137 37.84 -9.78 26.60
N LEU A 138 37.35 -10.66 25.73
CA LEU A 138 37.16 -12.08 26.08
C LEU A 138 38.50 -12.75 26.34
N SER A 139 39.51 -12.49 25.51
CA SER A 139 40.84 -13.10 25.63
C SER A 139 41.61 -12.62 26.87
N ASP A 140 41.47 -11.35 27.23
CA ASP A 140 41.98 -10.73 28.46
C ASP A 140 41.12 -11.14 29.67
N ASP A 141 41.09 -12.43 29.97
CA ASP A 141 40.31 -13.00 31.07
C ASP A 141 40.55 -12.27 32.42
N GLU A 142 41.78 -11.82 32.68
CA GLU A 142 42.18 -11.05 33.86
C GLU A 142 41.64 -9.60 33.89
N ARG A 143 41.51 -8.95 32.72
CA ARG A 143 40.83 -7.67 32.58
C ARG A 143 39.33 -7.83 32.73
N LEU A 144 38.77 -8.88 32.15
CA LEU A 144 37.33 -9.13 32.23
C LEU A 144 36.90 -9.51 33.65
N ASN A 145 37.57 -10.43 34.34
CA ASN A 145 37.16 -10.78 35.68
C ASN A 145 37.35 -9.61 36.67
N GLU A 146 38.37 -8.77 36.48
CA GLU A 146 38.50 -7.49 37.19
C GLU A 146 37.31 -6.55 36.95
N GLU A 147 36.93 -6.38 35.68
CA GLU A 147 35.87 -5.46 35.26
C GLU A 147 34.51 -5.88 35.85
N ARG A 148 34.22 -7.19 35.74
CA ARG A 148 33.03 -7.82 36.29
C ARG A 148 32.94 -7.66 37.80
N ASN A 149 34.03 -7.97 38.52
CA ASN A 149 34.00 -7.96 39.98
C ASN A 149 33.74 -6.57 40.56
N MET A 150 34.18 -5.51 39.89
CA MET A 150 33.81 -4.15 40.28
C MET A 150 32.36 -3.81 39.97
N ASN A 151 31.91 -4.07 38.74
CA ASN A 151 30.58 -3.65 38.28
C ASN A 151 29.41 -4.42 38.90
N ILE A 152 29.59 -5.72 39.17
CA ILE A 152 28.62 -6.54 39.88
C ILE A 152 28.55 -6.13 41.36
N MET B 6 26.08 -38.24 1.60
CA MET B 6 26.52 -37.43 2.76
C MET B 6 25.30 -36.94 3.55
N SER B 7 25.46 -36.73 4.87
CA SER B 7 24.37 -36.39 5.78
C SER B 7 23.77 -34.99 5.62
N ARG B 8 22.62 -34.69 6.26
CA ARG B 8 21.91 -33.41 6.10
C ARG B 8 22.61 -32.15 6.64
N ILE B 9 23.35 -32.21 7.74
CA ILE B 9 24.08 -31.02 8.27
C ILE B 9 25.13 -30.48 7.29
N ASP B 10 25.75 -31.39 6.57
CA ASP B 10 26.69 -31.11 5.50
C ASP B 10 26.04 -30.29 4.37
N SER B 11 24.74 -30.36 4.14
CA SER B 11 24.04 -29.45 3.23
C SER B 11 24.20 -27.99 3.59
N ASP B 12 24.34 -27.62 4.87
CA ASP B 12 24.61 -26.21 5.22
C ASP B 12 25.92 -25.72 4.55
N LEU B 13 26.97 -26.52 4.70
CA LEU B 13 28.29 -26.19 4.16
C LEU B 13 28.35 -26.28 2.63
N GLN B 14 27.66 -27.25 2.03
CA GLN B 14 27.63 -27.40 0.58
C GLN B 14 26.96 -26.26 -0.15
N LYS B 15 25.95 -25.59 0.44
CA LYS B 15 25.44 -24.32 -0.11
C LYS B 15 26.50 -23.22 -0.09
N ALA B 16 27.19 -23.07 1.04
CA ALA B 16 28.16 -21.99 1.21
C ALA B 16 29.34 -22.10 0.26
N LEU B 17 29.99 -23.27 0.15
CA LEU B 17 31.07 -23.45 -0.82
C LEU B 17 30.61 -23.27 -2.27
N LYS B 18 29.37 -23.60 -2.62
CA LYS B 18 28.87 -23.29 -3.97
C LYS B 18 28.86 -21.81 -4.26
N LYS B 19 28.59 -20.98 -3.25
CA LYS B 19 28.52 -19.50 -3.43
C LYS B 19 29.92 -18.91 -3.39
N ALA B 20 30.81 -19.42 -2.55
CA ALA B 20 32.22 -19.00 -2.52
C ALA B 20 32.93 -19.34 -3.85
N CYS B 21 32.73 -20.55 -4.37
CA CYS B 21 33.28 -21.00 -5.65
C CYS B 21 32.34 -20.76 -6.85
N SER B 22 31.72 -19.58 -6.93
CA SER B 22 30.94 -19.10 -8.08
C SER B 22 31.78 -18.83 -9.33
N VAL B 23 31.14 -18.49 -10.46
CA VAL B 23 31.84 -18.17 -11.75
C VAL B 23 32.29 -16.71 -11.89
N GLU B 24 31.97 -15.85 -10.92
CA GLU B 24 32.49 -14.47 -10.87
C GLU B 24 33.95 -14.42 -10.39
N GLU B 25 34.77 -13.53 -10.96
CA GLU B 25 36.22 -13.43 -10.73
C GLU B 25 36.61 -12.38 -9.68
N THR B 26 35.63 -11.89 -8.92
CA THR B 26 35.81 -11.14 -7.67
C THR B 26 36.32 -12.05 -6.54
N ALA B 27 36.57 -11.52 -5.35
CA ALA B 27 36.78 -12.31 -4.13
C ALA B 27 35.61 -13.30 -3.89
N PRO B 28 35.81 -14.38 -3.10
CA PRO B 28 34.68 -15.07 -2.46
C PRO B 28 34.04 -14.11 -1.45
N LYS B 29 32.72 -13.97 -1.42
CA LYS B 29 32.09 -13.02 -0.49
C LYS B 29 32.53 -13.48 0.90
N ARG B 30 32.78 -12.57 1.83
CA ARG B 30 33.22 -12.94 3.18
C ARG B 30 32.20 -13.74 3.97
N LYS B 31 30.91 -13.50 3.73
CA LYS B 31 29.79 -14.20 4.42
C LYS B 31 29.80 -15.69 4.16
N HIS B 32 30.20 -16.19 2.99
CA HIS B 32 30.31 -17.60 2.70
C HIS B 32 31.55 -18.23 3.33
N VAL B 33 32.66 -17.49 3.44
CA VAL B 33 33.83 -18.00 4.15
C VAL B 33 33.57 -18.04 5.66
N ARG B 34 32.82 -17.10 6.23
CA ARG B 34 32.33 -17.21 7.61
C ARG B 34 31.46 -18.44 7.77
N ALA B 35 30.59 -18.77 6.84
CA ALA B 35 29.76 -19.96 6.95
C ALA B 35 30.59 -21.25 6.97
N CYS B 36 31.67 -21.33 6.20
CA CYS B 36 32.58 -22.48 6.20
C CYS B 36 33.46 -22.56 7.46
N ILE B 37 33.99 -21.44 7.92
CA ILE B 37 34.74 -21.39 9.18
C ILE B 37 33.83 -21.69 10.37
N VAL B 38 32.63 -21.11 10.45
CA VAL B 38 31.73 -21.33 11.58
C VAL B 38 31.19 -22.75 11.57
N TYR B 39 30.93 -23.36 10.41
CA TYR B 39 30.61 -24.79 10.36
C TYR B 39 31.75 -25.59 10.98
N THR B 40 32.99 -25.28 10.61
CA THR B 40 34.15 -26.03 11.06
C THR B 40 34.30 -25.96 12.57
N TRP B 41 34.02 -24.81 13.18
CA TRP B 41 34.02 -24.70 14.63
C TRP B 41 32.86 -25.41 15.29
N ASP B 42 31.66 -25.36 14.71
CA ASP B 42 30.47 -25.98 15.30
C ASP B 42 30.56 -27.49 15.39
N HIS B 43 30.99 -28.14 14.33
CA HIS B 43 31.02 -29.60 14.27
C HIS B 43 32.34 -30.20 14.76
N GLN B 44 33.26 -29.41 15.30
CA GLN B 44 34.42 -29.85 16.08
C GLN B 44 35.33 -30.86 15.37
N SER B 45 35.14 -30.99 14.07
CA SER B 45 35.74 -31.96 13.17
C SER B 45 35.32 -31.52 11.76
N SER B 46 36.24 -31.56 10.81
CA SER B 46 36.11 -30.82 9.56
C SER B 46 36.04 -31.68 8.30
N LYS B 47 35.99 -33.02 8.39
CA LYS B 47 36.18 -33.90 7.20
C LYS B 47 35.21 -33.59 6.06
N ALA B 48 34.00 -33.13 6.36
CA ALA B 48 33.03 -32.72 5.34
C ALA B 48 33.49 -31.56 4.47
N VAL B 49 34.29 -30.63 4.98
CA VAL B 49 34.83 -29.55 4.13
C VAL B 49 35.81 -30.13 3.10
N PHE B 50 36.74 -30.98 3.50
CA PHE B 50 37.66 -31.62 2.57
C PHE B 50 36.95 -32.51 1.55
N THR B 51 35.90 -33.23 1.97
CA THR B 51 35.09 -34.03 1.07
C THR B 51 34.40 -33.15 0.04
N THR B 52 33.75 -32.08 0.49
CA THR B 52 33.01 -31.17 -0.39
C THR B 52 33.93 -30.52 -1.42
N LEU B 53 35.16 -30.17 -1.03
CA LEU B 53 36.16 -29.62 -1.92
C LEU B 53 36.57 -30.58 -3.05
N LYS B 54 36.55 -31.90 -2.82
CA LYS B 54 36.70 -32.90 -3.91
C LYS B 54 35.47 -32.99 -4.82
N THR B 55 34.26 -32.88 -4.26
CA THR B 55 33.02 -32.99 -5.05
C THR B 55 32.80 -31.84 -6.04
N LEU B 56 33.27 -30.64 -5.72
CA LEU B 56 33.21 -29.44 -6.57
C LEU B 56 33.89 -29.69 -7.95
N PRO B 57 33.33 -29.21 -9.08
CA PRO B 57 34.03 -29.20 -10.37
C PRO B 57 35.15 -28.13 -10.40
N LEU B 58 36.40 -28.57 -10.40
CA LEU B 58 37.61 -27.74 -10.36
C LEU B 58 38.41 -27.78 -11.67
N ALA B 59 39.41 -26.89 -11.81
CA ALA B 59 40.30 -26.64 -12.97
C ALA B 59 39.60 -26.18 -14.28
N ASN B 60 38.41 -26.70 -14.58
CA ASN B 60 37.67 -26.53 -15.83
C ASN B 60 37.30 -25.07 -16.14
N ASP B 61 37.10 -24.24 -15.11
CA ASP B 61 37.21 -22.79 -15.20
C ASP B 61 38.04 -22.32 -14.01
N GLU B 62 39.22 -21.77 -14.27
CA GLU B 62 40.25 -21.53 -13.25
C GLU B 62 39.81 -20.59 -12.13
N VAL B 63 38.78 -19.76 -12.31
CA VAL B 63 38.26 -18.93 -11.20
C VAL B 63 37.73 -19.76 -10.04
N GLN B 64 37.18 -20.95 -10.32
CA GLN B 64 36.84 -21.87 -9.24
C GLN B 64 38.08 -22.35 -8.51
N LEU B 65 39.11 -22.83 -9.21
CA LEU B 65 40.28 -23.39 -8.52
C LEU B 65 41.12 -22.33 -7.81
N PHE B 66 41.25 -21.16 -8.42
CA PHE B 66 41.98 -20.07 -7.83
C PHE B 66 41.35 -19.63 -6.52
N LYS B 67 40.03 -19.39 -6.50
CA LYS B 67 39.35 -19.02 -5.26
C LYS B 67 39.33 -20.16 -4.26
N MET B 68 39.11 -21.39 -4.71
CA MET B 68 39.03 -22.55 -3.84
C MET B 68 40.29 -22.73 -2.99
N LEU B 69 41.46 -22.45 -3.58
CA LEU B 69 42.72 -22.45 -2.86
C LEU B 69 42.80 -21.32 -1.82
N ILE B 70 42.25 -20.14 -2.07
CA ILE B 70 42.15 -19.07 -1.05
C ILE B 70 41.25 -19.53 0.09
N VAL B 71 40.07 -20.05 -0.24
CA VAL B 71 39.02 -20.40 0.70
C VAL B 71 39.52 -21.48 1.63
N LEU B 72 40.19 -22.51 1.08
CA LEU B 72 40.80 -23.56 1.87
C LEU B 72 41.94 -23.06 2.75
N HIS B 73 42.73 -22.09 2.27
CA HIS B 73 43.78 -21.50 3.10
C HIS B 73 43.18 -20.78 4.31
N LYS B 74 42.14 -19.97 4.11
CA LYS B 74 41.43 -19.28 5.21
C LYS B 74 40.85 -20.29 6.20
N ILE B 75 40.20 -21.34 5.70
CA ILE B 75 39.60 -22.38 6.53
C ILE B 75 40.65 -23.09 7.39
N ILE B 76 41.81 -23.42 6.85
CA ILE B 76 42.90 -24.05 7.61
C ILE B 76 43.40 -23.13 8.70
N GLN B 77 43.50 -21.84 8.38
CA GLN B 77 44.04 -20.83 9.27
C GLN B 77 43.11 -20.47 10.43
N GLU B 78 41.87 -20.11 10.11
CA GLU B 78 40.80 -19.73 11.05
C GLU B 78 40.09 -20.87 11.77
N GLY B 79 39.88 -22.00 11.11
CA GLY B 79 38.99 -23.07 11.55
C GLY B 79 39.44 -23.83 12.79
N HIS B 80 38.59 -24.71 13.27
CA HIS B 80 38.91 -25.64 14.36
C HIS B 80 40.20 -26.41 14.03
N PRO B 81 41.07 -26.73 15.01
CA PRO B 81 42.31 -27.50 14.79
C PRO B 81 42.20 -28.77 13.92
N SER B 82 41.03 -29.42 13.82
CA SER B 82 40.81 -30.50 12.85
C SER B 82 41.08 -30.06 11.40
N ALA B 83 40.82 -28.82 10.99
CA ALA B 83 41.09 -28.39 9.62
C ALA B 83 42.57 -28.51 9.25
N LEU B 84 43.46 -28.28 10.24
CA LEU B 84 44.89 -28.51 10.10
C LEU B 84 45.21 -30.01 10.04
N ALA B 85 44.57 -30.82 10.89
CA ALA B 85 44.84 -32.26 10.91
C ALA B 85 44.41 -32.96 9.61
N GLU B 86 43.24 -32.61 9.08
CA GLU B 86 42.78 -33.07 7.77
C GLU B 86 43.68 -32.54 6.63
N ALA B 87 44.11 -31.28 6.65
CA ALA B 87 45.07 -30.79 5.66
C ALA B 87 46.42 -31.53 5.71
N ILE B 88 46.90 -31.91 6.89
CA ILE B 88 48.10 -32.74 7.07
C ILE B 88 47.94 -34.09 6.38
N ARG B 89 46.76 -34.73 6.45
CA ARG B 89 46.49 -35.94 5.65
C ARG B 89 46.31 -35.66 4.16
N ASP B 90 45.50 -34.69 3.79
CA ASP B 90 45.08 -34.49 2.39
C ASP B 90 46.03 -33.61 1.56
N ARG B 91 47.21 -33.29 2.09
CA ARG B 91 48.37 -32.73 1.38
C ARG B 91 48.65 -33.39 0.02
N ASP B 92 48.41 -34.69 -0.12
CA ASP B 92 48.51 -35.40 -1.40
C ASP B 92 47.39 -35.05 -2.38
N TRP B 93 46.17 -34.82 -1.91
CA TRP B 93 45.12 -34.25 -2.76
C TRP B 93 45.44 -32.79 -3.10
N ILE B 94 45.91 -31.98 -2.16
CA ILE B 94 46.30 -30.58 -2.44
C ILE B 94 47.38 -30.53 -3.54
N ARG B 95 48.39 -31.39 -3.45
CA ARG B 95 49.41 -31.56 -4.48
C ARG B 95 48.79 -31.93 -5.84
N SER B 96 47.78 -32.79 -5.89
CA SER B 96 47.06 -33.09 -7.13
C SER B 96 46.42 -31.86 -7.77
N LEU B 97 45.94 -30.90 -6.98
CA LEU B 97 45.39 -29.64 -7.52
C LEU B 97 46.44 -28.87 -8.33
N GLY B 98 47.71 -28.94 -7.94
CA GLY B 98 48.78 -28.28 -8.69
C GLY B 98 49.03 -28.92 -10.05
N ARG B 99 48.94 -30.26 -10.14
CA ARG B 99 49.10 -30.99 -11.40
C ARG B 99 47.97 -30.76 -12.40
N VAL B 100 46.71 -30.78 -11.96
CA VAL B 100 45.55 -30.92 -12.87
C VAL B 100 45.42 -29.80 -13.91
N HIS B 101 45.85 -28.57 -13.62
CA HIS B 101 45.92 -27.49 -14.61
C HIS B 101 47.33 -26.92 -14.80
N SER B 102 48.28 -27.80 -15.14
CA SER B 102 49.64 -27.41 -15.54
C SER B 102 49.62 -26.61 -16.86
N GLY B 103 50.27 -25.45 -16.89
CA GLY B 103 50.29 -24.56 -18.06
C GLY B 103 48.89 -24.13 -18.52
N GLY B 104 48.77 -23.76 -19.80
CA GLY B 104 47.48 -23.63 -20.50
C GLY B 104 46.47 -22.67 -19.87
N SER B 105 46.95 -21.60 -19.23
CA SER B 105 46.14 -20.63 -18.46
C SER B 105 46.88 -19.29 -18.35
N SER B 106 46.13 -18.20 -18.14
CA SER B 106 46.67 -16.87 -17.85
C SER B 106 47.46 -16.80 -16.52
N TYR B 107 47.23 -17.71 -15.56
CA TYR B 107 47.80 -17.62 -14.21
C TYR B 107 48.10 -18.98 -13.55
N SER B 108 48.38 -20.04 -14.30
CA SER B 108 48.68 -21.38 -13.74
C SER B 108 49.88 -21.38 -12.77
N LYS B 109 50.87 -20.51 -12.99
CA LYS B 109 51.98 -20.32 -12.05
C LYS B 109 51.50 -19.93 -10.64
N LEU B 110 50.46 -19.12 -10.52
CA LEU B 110 49.88 -18.74 -9.23
C LEU B 110 49.20 -19.94 -8.58
N ILE B 111 48.43 -20.71 -9.37
CA ILE B 111 47.69 -21.88 -8.90
C ILE B 111 48.68 -22.86 -8.25
N ARG B 112 49.78 -23.12 -8.94
CA ARG B 112 50.88 -23.95 -8.45
C ARG B 112 51.63 -23.31 -7.31
N GLU B 113 51.78 -22.00 -7.27
CA GLU B 113 52.42 -21.32 -6.14
C GLU B 113 51.60 -21.36 -4.84
N TYR B 114 50.26 -21.33 -4.87
CA TYR B 114 49.50 -21.72 -3.66
C TYR B 114 49.85 -23.14 -3.25
N VAL B 115 49.85 -24.09 -4.20
CA VAL B 115 50.06 -25.50 -3.86
C VAL B 115 51.43 -25.70 -3.22
N ARG B 116 52.48 -25.12 -3.80
CA ARG B 116 53.85 -25.16 -3.26
C ARG B 116 53.93 -24.54 -1.88
N TYR B 117 53.31 -23.37 -1.69
CA TYR B 117 53.28 -22.71 -0.40
C TYR B 117 52.56 -23.56 0.66
N LEU B 118 51.38 -24.07 0.34
CA LEU B 118 50.54 -24.86 1.24
C LEU B 118 51.20 -26.17 1.63
N VAL B 119 51.79 -26.87 0.67
CA VAL B 119 52.53 -28.10 0.93
C VAL B 119 53.70 -27.85 1.87
N LEU B 120 54.49 -26.79 1.66
CA LEU B 120 55.57 -26.42 2.60
C LEU B 120 55.03 -26.03 3.98
N LYS B 121 53.89 -25.32 4.04
CA LYS B 121 53.22 -24.94 5.30
C LYS B 121 52.86 -26.18 6.08
N LEU B 122 52.21 -27.15 5.44
CA LEU B 122 51.77 -28.39 6.06
C LEU B 122 52.94 -29.27 6.48
N ASP B 123 54.03 -29.29 5.71
CA ASP B 123 55.26 -29.99 6.12
C ASP B 123 55.80 -29.46 7.45
N PHE B 124 55.80 -28.13 7.61
CA PHE B 124 56.22 -27.50 8.85
C PHE B 124 55.29 -27.86 10.03
N HIS B 125 53.97 -27.80 9.82
CA HIS B 125 53.02 -28.17 10.85
C HIS B 125 53.19 -29.61 11.32
N ALA B 126 53.49 -30.55 10.43
CA ALA B 126 53.64 -31.95 10.76
C ALA B 126 54.87 -32.26 11.62
N HIS B 127 56.05 -31.72 11.24
CA HIS B 127 57.32 -32.13 11.83
C HIS B 127 57.89 -31.15 12.86
N HIS B 128 58.05 -29.89 12.51
CA HIS B 128 58.93 -28.96 13.23
C HIS B 128 58.43 -28.51 14.60
N ARG B 129 57.14 -28.69 14.93
CA ARG B 129 56.56 -28.41 16.26
C ARG B 129 55.60 -29.52 16.70
N GLY B 130 55.40 -29.62 18.02
CA GLY B 130 54.34 -30.46 18.63
C GLY B 130 52.97 -29.77 18.76
N PHE B 131 52.84 -28.49 18.42
CA PHE B 131 51.59 -27.74 18.45
C PHE B 131 50.62 -28.16 17.31
N ASN B 132 49.43 -27.56 17.28
CA ASN B 132 48.47 -27.71 16.20
C ASN B 132 47.55 -26.48 16.09
N ASN B 133 48.02 -25.38 15.47
CA ASN B 133 47.19 -24.20 15.20
C ASN B 133 47.43 -23.65 13.79
N GLY B 134 46.45 -22.96 13.21
CA GLY B 134 46.43 -22.51 11.82
C GLY B 134 47.26 -21.25 11.58
N THR B 135 46.87 -20.13 12.19
CA THR B 135 47.76 -18.97 12.40
C THR B 135 48.80 -19.33 13.44
N PHE B 136 50.09 -19.18 13.12
CA PHE B 136 51.17 -19.43 14.07
C PHE B 136 51.14 -18.44 15.23
N GLU B 137 51.29 -18.94 16.45
CA GLU B 137 51.17 -18.15 17.69
C GLU B 137 51.91 -18.82 18.87
N TYR B 138 52.08 -18.07 19.97
CA TYR B 138 52.76 -18.49 21.19
C TYR B 138 51.96 -19.56 21.99
N GLU B 139 52.04 -20.82 21.54
CA GLU B 139 51.80 -21.99 22.38
C GLU B 139 52.90 -22.04 23.46
N GLU B 140 52.51 -21.92 24.72
CA GLU B 140 53.42 -21.65 25.84
C GLU B 140 54.38 -22.82 26.16
N TYR B 141 53.84 -24.04 26.27
CA TYR B 141 54.65 -25.22 26.57
C TYR B 141 55.55 -25.61 25.40
N VAL B 142 55.01 -25.60 24.17
CA VAL B 142 55.79 -25.92 22.97
C VAL B 142 56.95 -24.94 22.76
N SER B 143 56.78 -23.67 23.11
CA SER B 143 57.87 -22.68 23.12
C SER B 143 58.97 -23.04 24.12
N LEU B 144 58.61 -23.42 25.36
CA LEU B 144 59.56 -23.88 26.37
C LEU B 144 60.30 -25.15 25.92
N VAL B 145 59.62 -26.10 25.28
CA VAL B 145 60.29 -27.28 24.70
C VAL B 145 61.29 -26.88 23.63
N SER B 146 60.98 -25.88 22.82
CA SER B 146 61.85 -25.44 21.73
C SER B 146 63.15 -24.78 22.23
N VAL B 147 63.15 -24.02 23.34
CA VAL B 147 64.41 -23.61 24.02
C VAL B 147 65.11 -24.74 24.78
N SER B 148 64.38 -25.71 25.33
CA SER B 148 64.95 -26.93 25.94
C SER B 148 65.75 -27.80 24.95
N ASP B 149 65.34 -27.77 23.68
CA ASP B 149 65.93 -28.47 22.53
C ASP B 149 66.49 -27.46 21.50
N PRO B 150 67.50 -26.66 21.86
CA PRO B 150 67.74 -25.35 21.26
C PRO B 150 68.09 -25.39 19.77
N ASP B 151 68.94 -26.32 19.32
CA ASP B 151 69.32 -26.42 17.90
C ASP B 151 68.14 -26.87 17.03
N GLU B 152 67.23 -27.69 17.54
CA GLU B 152 65.97 -28.01 16.86
C GLU B 152 65.02 -26.79 16.83
N GLY B 153 65.06 -25.93 17.85
CA GLY B 153 64.40 -24.62 17.83
C GLY B 153 65.01 -23.63 16.82
N TYR B 154 66.35 -23.54 16.73
CA TYR B 154 67.06 -22.77 15.70
C TYR B 154 66.67 -23.26 14.31
N GLU B 155 66.67 -24.58 14.06
CA GLU B 155 66.22 -25.12 12.78
C GLU B 155 64.74 -24.89 12.53
N THR B 156 63.90 -24.93 13.57
CA THR B 156 62.48 -24.64 13.43
C THR B 156 62.28 -23.21 12.94
N ILE B 157 62.88 -22.22 13.59
CA ILE B 157 62.69 -20.81 13.20
C ILE B 157 63.41 -20.43 11.91
N LEU B 158 64.63 -20.91 11.65
CA LEU B 158 65.34 -20.63 10.40
C LEU B 158 64.69 -21.33 9.18
N ASP B 159 64.15 -22.53 9.35
CA ASP B 159 63.32 -23.14 8.29
C ASP B 159 61.99 -22.39 8.14
N LEU B 160 61.38 -21.97 9.25
CA LEU B 160 60.15 -21.17 9.20
C LEU B 160 60.38 -19.82 8.51
N MET B 161 61.56 -19.21 8.69
CA MET B 161 62.03 -18.09 7.88
C MET B 161 62.13 -18.46 6.39
N SER B 162 62.61 -19.66 6.02
CA SER B 162 62.64 -20.09 4.61
C SER B 162 61.22 -20.28 4.02
N LEU B 163 60.26 -20.67 4.86
CA LEU B 163 58.82 -20.60 4.56
C LEU B 163 58.35 -19.13 4.42
N GLN B 164 58.74 -18.22 5.31
CA GLN B 164 58.39 -16.79 5.26
C GLN B 164 58.98 -16.08 4.04
N ASP B 165 60.18 -16.50 3.61
CA ASP B 165 60.78 -16.10 2.34
C ASP B 165 59.98 -16.64 1.14
N SER B 166 59.44 -17.86 1.25
CA SER B 166 58.53 -18.43 0.26
C SER B 166 57.12 -17.80 0.24
N LEU B 167 56.61 -17.34 1.38
CA LEU B 167 55.41 -16.53 1.55
C LEU B 167 55.57 -15.16 0.87
N ASP B 168 56.72 -14.53 1.10
CA ASP B 168 57.08 -13.24 0.51
C ASP B 168 57.33 -13.36 -1.00
N GLU B 169 58.05 -14.38 -1.46
CA GLU B 169 58.27 -14.60 -2.89
C GLU B 169 56.97 -14.96 -3.62
N PHE B 170 56.04 -15.66 -2.95
CA PHE B 170 54.68 -15.87 -3.43
C PHE B 170 53.91 -14.55 -3.52
N SER B 171 54.06 -13.65 -2.55
CA SER B 171 53.44 -12.32 -2.62
C SER B 171 54.01 -11.49 -3.78
N GLN B 172 55.33 -11.51 -4.01
CA GLN B 172 55.95 -10.84 -5.15
C GLN B 172 55.47 -11.43 -6.47
N ILE B 173 55.27 -12.75 -6.55
CA ILE B 173 54.66 -13.40 -7.71
C ILE B 173 53.27 -12.84 -7.97
N ILE B 174 52.41 -12.73 -6.96
CA ILE B 174 51.06 -12.20 -7.18
C ILE B 174 51.09 -10.70 -7.48
N PHE B 175 51.96 -9.91 -6.84
CA PHE B 175 52.11 -8.49 -7.17
C PHE B 175 52.51 -8.30 -8.63
N ALA B 176 53.50 -9.03 -9.13
CA ALA B 176 53.91 -8.97 -10.53
C ALA B 176 52.79 -9.41 -11.48
N SER B 177 52.01 -10.41 -11.07
CA SER B 177 50.84 -10.85 -11.82
C SER B 177 49.72 -9.80 -11.83
N ILE B 178 49.53 -9.03 -10.75
CA ILE B 178 48.65 -7.86 -10.68
C ILE B 178 49.16 -6.72 -11.59
N GLN B 179 50.48 -6.52 -11.68
CA GLN B 179 51.08 -5.61 -12.65
C GLN B 179 50.81 -6.05 -14.09
N SER B 180 50.68 -7.36 -14.34
CA SER B 180 50.23 -7.91 -15.63
C SER B 180 48.69 -7.84 -15.86
N GLU B 181 47.86 -8.08 -14.84
CA GLU B 181 46.39 -8.19 -14.95
C GLU B 181 45.67 -6.84 -14.72
N ARG B 182 46.23 -5.76 -15.29
CA ARG B 182 45.72 -4.38 -15.24
C ARG B 182 44.24 -4.25 -15.61
N ARG B 183 43.83 -4.99 -16.65
CA ARG B 183 42.52 -4.90 -17.33
C ARG B 183 41.37 -5.63 -16.61
N ASN B 184 41.65 -6.45 -15.60
CA ASN B 184 40.68 -7.40 -15.01
C ASN B 184 40.85 -7.69 -13.51
N THR B 185 41.94 -7.25 -12.85
CA THR B 185 42.21 -7.61 -11.45
C THR B 185 41.05 -7.28 -10.51
N GLU B 186 40.57 -8.32 -9.82
CA GLU B 186 39.66 -8.26 -8.65
C GLU B 186 40.00 -9.35 -7.63
N CYS B 187 40.30 -10.59 -8.04
CA CYS B 187 40.60 -11.70 -7.15
C CYS B 187 42.07 -11.82 -6.74
N LYS B 188 43.04 -11.28 -7.50
CA LYS B 188 44.47 -11.50 -7.20
C LYS B 188 44.89 -10.81 -5.90
N ILE B 189 44.30 -9.65 -5.61
CA ILE B 189 44.38 -9.04 -4.28
C ILE B 189 43.79 -9.97 -3.20
N SER B 190 42.69 -10.67 -3.49
CA SER B 190 42.05 -11.60 -2.56
C SER B 190 42.95 -12.77 -2.20
N ALA B 191 43.75 -13.24 -3.16
CA ALA B 191 44.76 -14.27 -2.94
C ALA B 191 45.86 -13.85 -1.93
N LEU B 192 46.19 -12.55 -1.89
CA LEU B 192 47.07 -12.01 -0.85
C LEU B 192 46.46 -12.12 0.55
N ILE B 193 45.13 -12.08 0.70
CA ILE B 193 44.50 -11.82 2.01
C ILE B 193 44.93 -12.77 3.12
N PRO B 194 44.91 -14.11 2.95
CA PRO B 194 45.38 -15.02 4.00
C PRO B 194 46.87 -14.87 4.28
N LEU B 195 47.67 -14.56 3.26
CA LEU B 195 49.11 -14.36 3.41
C LEU B 195 49.43 -13.19 4.32
N ILE B 196 48.65 -12.11 4.23
CA ILE B 196 48.91 -10.88 4.98
C ILE B 196 48.80 -11.14 6.48
N ALA B 197 47.69 -11.75 6.89
CA ALA B 197 47.40 -12.01 8.30
C ALA B 197 48.41 -12.98 8.91
N GLU B 198 48.74 -14.03 8.17
CA GLU B 198 49.78 -14.97 8.55
C GLU B 198 51.14 -14.30 8.68
N SER B 199 51.50 -13.37 7.78
CA SER B 199 52.83 -12.79 7.74
C SER B 199 53.14 -11.96 9.00
N TYR B 200 52.12 -11.32 9.56
CA TYR B 200 52.24 -10.62 10.85
C TYR B 200 52.32 -11.59 12.04
N GLY B 201 51.51 -12.65 12.05
CA GLY B 201 51.50 -13.66 13.12
C GLY B 201 52.79 -14.48 13.18
N ILE B 202 53.30 -14.91 12.03
CA ILE B 202 54.55 -15.63 11.89
C ILE B 202 55.75 -14.75 12.28
N TYR B 203 55.71 -13.45 11.93
CA TYR B 203 56.67 -12.46 12.44
C TYR B 203 56.61 -12.38 13.98
N LYS B 204 55.43 -12.31 14.60
CA LYS B 204 55.30 -12.21 16.06
C LYS B 204 55.88 -13.46 16.74
N PHE B 205 55.55 -14.62 16.17
CA PHE B 205 55.94 -15.92 16.68
C PHE B 205 57.46 -16.10 16.67
N ILE B 206 58.10 -15.81 15.53
CA ILE B 206 59.55 -15.92 15.44
C ILE B 206 60.22 -14.83 16.26
N THR B 207 59.73 -13.59 16.29
CA THR B 207 60.37 -12.51 17.05
C THR B 207 60.46 -12.84 18.53
N SER B 208 59.38 -13.37 19.09
CA SER B 208 59.33 -13.82 20.49
C SER B 208 60.26 -15.00 20.74
N MET B 209 60.25 -16.00 19.85
CA MET B 209 61.09 -17.19 19.99
C MET B 209 62.59 -16.92 19.77
N LEU B 210 62.95 -16.04 18.83
CA LEU B 210 64.33 -15.62 18.56
C LEU B 210 64.90 -14.85 19.75
N ARG B 211 64.12 -13.95 20.37
CA ARG B 211 64.56 -13.17 21.53
C ARG B 211 64.73 -14.02 22.78
N ALA B 212 63.76 -14.88 23.08
CA ALA B 212 63.84 -15.83 24.19
C ALA B 212 64.98 -16.85 24.04
N MET B 213 65.18 -17.38 22.83
CA MET B 213 66.30 -18.26 22.54
C MET B 213 67.63 -17.55 22.67
N HIS B 214 67.80 -16.37 22.10
CA HIS B 214 69.10 -15.69 22.09
C HIS B 214 69.54 -15.31 23.49
N ARG B 215 68.66 -14.70 24.28
CA ARG B 215 69.02 -14.22 25.61
C ARG B 215 69.28 -15.34 26.59
N GLN B 216 68.46 -16.39 26.56
CA GLN B 216 68.65 -17.51 27.49
C GLN B 216 69.85 -18.40 27.13
N LEU B 217 70.04 -18.76 25.85
CA LEU B 217 71.21 -19.50 25.40
C LEU B 217 72.46 -18.61 25.32
N GLN B 227 75.06 -14.15 17.28
CA GLN B 227 74.61 -12.79 16.87
C GLN B 227 73.81 -12.73 15.57
N PRO B 228 74.28 -13.22 14.40
CA PRO B 228 73.68 -12.86 13.11
C PRO B 228 72.20 -13.26 12.92
N LEU B 229 71.60 -14.09 13.78
CA LEU B 229 70.14 -14.24 13.86
C LEU B 229 69.40 -12.90 14.07
N LYS B 230 70.00 -11.92 14.77
CA LYS B 230 69.50 -10.52 14.80
C LYS B 230 69.52 -9.85 13.42
N GLU B 231 70.52 -10.14 12.57
CA GLU B 231 70.57 -9.65 11.19
C GLU B 231 69.51 -10.35 10.32
N ARG B 232 69.33 -11.67 10.48
CA ARG B 232 68.23 -12.43 9.84
C ARG B 232 66.87 -11.88 10.23
N TYR B 233 66.66 -11.62 11.52
CA TYR B 233 65.46 -10.99 12.09
C TYR B 233 65.21 -9.61 11.47
N GLU B 234 66.22 -8.73 11.36
CA GLU B 234 66.05 -7.44 10.71
C GLU B 234 65.76 -7.57 9.20
N LEU B 235 66.35 -8.53 8.48
CA LEU B 235 65.99 -8.77 7.07
C LEU B 235 64.51 -9.12 6.91
N GLN B 236 63.94 -9.92 7.82
CA GLN B 236 62.51 -10.22 7.85
C GLN B 236 61.66 -9.02 8.29
N HIS B 237 62.16 -8.18 9.22
CA HIS B 237 61.54 -6.92 9.63
C HIS B 237 61.38 -5.99 8.42
N ALA B 238 62.47 -5.81 7.65
CA ALA B 238 62.49 -5.05 6.41
C ALA B 238 61.58 -5.64 5.34
N ARG B 239 61.53 -6.96 5.20
CA ARG B 239 60.60 -7.63 4.27
C ARG B 239 59.13 -7.44 4.63
N LEU B 240 58.79 -7.34 5.92
CA LEU B 240 57.44 -6.96 6.34
C LEU B 240 57.12 -5.55 5.87
N PHE B 241 58.01 -4.58 6.09
CA PHE B 241 57.75 -3.20 5.63
C PHE B 241 57.68 -3.08 4.10
N GLU B 242 58.49 -3.86 3.38
CA GLU B 242 58.37 -4.01 1.92
C GLU B 242 57.01 -4.56 1.49
N PHE B 243 56.48 -5.54 2.20
CA PHE B 243 55.17 -6.11 1.91
C PHE B 243 54.04 -5.11 2.23
N TYR B 244 54.12 -4.39 3.35
CA TYR B 244 53.13 -3.40 3.80
C TYR B 244 53.04 -2.22 2.82
N ALA B 245 54.18 -1.78 2.28
CA ALA B 245 54.22 -0.80 1.20
C ALA B 245 53.62 -1.36 -0.11
N ASP B 246 53.99 -2.58 -0.51
CA ASP B 246 53.46 -3.19 -1.73
C ASP B 246 51.94 -3.38 -1.69
N CYS B 247 51.37 -3.88 -0.58
CA CYS B 247 49.92 -4.08 -0.43
C CYS B 247 49.14 -2.75 -0.35
N SER B 248 49.71 -1.72 0.27
CA SER B 248 49.17 -0.36 0.22
C SER B 248 49.11 0.21 -1.20
N SER B 249 50.08 -0.10 -2.08
CA SER B 249 50.04 0.35 -3.48
C SER B 249 48.86 -0.23 -4.30
N VAL B 250 48.47 -1.48 -4.02
CA VAL B 250 47.28 -2.13 -4.62
C VAL B 250 46.00 -1.79 -3.83
N LYS B 251 45.79 -0.50 -3.52
CA LYS B 251 44.87 -0.01 -2.48
C LYS B 251 43.42 -0.53 -2.57
N TYR B 252 42.96 -1.03 -3.72
CA TYR B 252 41.67 -1.71 -3.87
C TYR B 252 41.52 -2.92 -2.90
N LEU B 253 42.61 -3.60 -2.51
CA LEU B 253 42.60 -4.66 -1.48
C LEU B 253 41.98 -4.21 -0.16
N THR B 254 42.24 -2.97 0.25
CA THR B 254 41.66 -2.34 1.45
C THR B 254 40.14 -2.27 1.44
N THR B 255 39.49 -2.28 0.26
CA THR B 255 38.02 -2.34 0.18
C THR B 255 37.43 -3.71 0.58
N LEU B 256 38.25 -4.78 0.63
CA LEU B 256 37.87 -6.13 1.08
C LEU B 256 38.22 -6.35 2.56
N VAL B 257 39.51 -6.19 2.88
CA VAL B 257 40.15 -6.45 4.19
C VAL B 257 39.98 -5.25 5.14
N THR B 258 40.62 -5.29 6.30
CA THR B 258 41.05 -4.08 7.02
C THR B 258 42.14 -3.37 6.19
N ILE B 259 42.84 -2.36 6.74
CA ILE B 259 44.19 -2.05 6.25
C ILE B 259 45.14 -3.20 6.66
N PRO B 260 46.00 -3.73 5.78
CA PRO B 260 47.07 -4.66 6.13
C PRO B 260 48.01 -4.16 7.23
N LYS B 261 48.40 -5.00 8.19
CA LYS B 261 49.17 -4.58 9.37
C LYS B 261 49.98 -5.70 10.00
N MET C 6 -6.75 -18.49 -6.57
CA MET C 6 -5.73 -18.02 -7.55
C MET C 6 -4.58 -17.30 -6.88
N SER C 7 -4.83 -16.34 -5.97
CA SER C 7 -3.76 -15.48 -5.45
C SER C 7 -2.59 -16.25 -4.82
N LYS C 8 -2.81 -17.39 -4.15
CA LYS C 8 -1.72 -18.26 -3.64
C LYS C 8 -0.75 -18.71 -4.74
N GLN C 9 -1.20 -18.90 -5.99
CA GLN C 9 -0.30 -19.18 -7.11
C GLN C 9 0.56 -17.99 -7.55
N PHE C 10 0.01 -16.77 -7.48
CA PHE C 10 0.85 -15.60 -7.67
C PHE C 10 1.82 -15.39 -6.50
N VAL C 11 1.34 -15.46 -5.26
CA VAL C 11 2.14 -15.27 -4.05
C VAL C 11 3.26 -16.30 -3.96
N ARG C 12 2.98 -17.57 -4.24
CA ARG C 12 4.00 -18.62 -4.28
C ARG C 12 5.10 -18.33 -5.30
N SER C 13 4.72 -17.82 -6.47
CA SER C 13 5.70 -17.36 -7.47
C SER C 13 6.50 -16.15 -7.00
N ALA C 14 5.90 -15.26 -6.19
CA ALA C 14 6.59 -14.14 -5.55
C ALA C 14 7.60 -14.61 -4.50
N LYS C 15 7.22 -15.56 -3.65
CA LYS C 15 8.16 -16.11 -2.64
C LYS C 15 9.30 -16.84 -3.34
N ASN C 16 9.09 -17.54 -4.44
CA ASN C 16 10.14 -18.20 -5.21
C ASN C 16 11.13 -17.23 -5.85
N LEU C 17 10.69 -16.02 -6.22
CA LEU C 17 11.63 -14.94 -6.56
C LEU C 17 12.37 -14.44 -5.31
N VAL C 18 11.68 -14.12 -4.23
CA VAL C 18 12.28 -13.38 -3.10
C VAL C 18 13.43 -14.15 -2.46
N LYS C 19 13.24 -15.44 -2.23
CA LYS C 19 14.26 -16.30 -1.59
C LYS C 19 15.34 -16.63 -2.62
N GLY C 20 15.08 -16.45 -3.92
CA GLY C 20 16.07 -16.62 -4.97
C GLY C 20 16.35 -18.06 -5.40
N TYR C 21 15.43 -18.99 -5.15
CA TYR C 21 15.64 -20.42 -5.39
C TYR C 21 16.00 -20.73 -6.84
N SER C 22 16.99 -21.61 -7.04
CA SER C 22 17.37 -22.14 -8.35
C SER C 22 16.21 -22.84 -9.05
N SER C 23 16.21 -22.86 -10.38
CA SER C 23 15.15 -23.50 -11.17
C SER C 23 14.94 -24.98 -10.80
N THR C 24 15.99 -25.72 -10.43
CA THR C 24 15.83 -27.08 -9.90
C THR C 24 15.10 -27.13 -8.56
N GLN C 25 15.37 -26.19 -7.65
CA GLN C 25 14.60 -26.06 -6.41
C GLN C 25 13.17 -25.64 -6.70
N VAL C 26 12.93 -24.70 -7.60
CA VAL C 26 11.57 -24.26 -7.94
C VAL C 26 10.76 -25.39 -8.59
N LEU C 27 11.39 -26.26 -9.38
CA LEU C 27 10.77 -27.50 -9.83
C LEU C 27 10.32 -28.39 -8.66
N VAL C 28 11.17 -28.65 -7.67
CA VAL C 28 10.78 -29.50 -6.52
C VAL C 28 9.74 -28.80 -5.63
N ARG C 29 9.97 -27.54 -5.33
CA ARG C 29 9.10 -26.82 -4.39
C ARG C 29 7.80 -26.42 -5.08
N ASN C 30 7.67 -26.62 -6.39
CA ASN C 30 6.38 -26.39 -7.12
C ASN C 30 5.74 -27.76 -7.28
N ALA C 31 6.56 -28.81 -7.34
CA ALA C 31 6.06 -30.18 -7.51
C ALA C 31 5.44 -30.76 -6.24
N THR C 32 6.14 -30.66 -5.11
CA THR C 32 5.66 -31.17 -3.81
C THR C 32 5.06 -29.98 -3.11
N SER C 33 3.84 -29.57 -3.45
CA SER C 33 3.25 -28.32 -2.93
C SER C 33 1.80 -28.50 -2.56
N ASN C 34 1.22 -27.61 -1.74
CA ASN C 34 -0.16 -27.68 -1.19
C ASN C 34 -1.34 -27.68 -2.18
N ASP C 35 -1.18 -27.71 -3.51
CA ASP C 35 -2.22 -27.84 -4.54
C ASP C 35 -2.95 -29.21 -4.54
N ASN C 36 -2.40 -30.20 -3.83
CA ASN C 36 -3.00 -31.50 -3.49
C ASN C 36 -3.44 -32.40 -4.66
N HIS C 37 -3.10 -32.07 -5.90
CA HIS C 37 -3.16 -33.01 -7.03
C HIS C 37 -1.95 -33.94 -6.93
N GLN C 38 -2.15 -35.25 -7.03
CA GLN C 38 -1.05 -36.22 -6.93
C GLN C 38 0.07 -35.88 -7.95
N VAL C 39 1.32 -35.98 -7.50
CA VAL C 39 2.50 -35.43 -8.19
C VAL C 39 2.75 -36.06 -9.58
N SER C 40 3.10 -35.24 -10.57
CA SER C 40 2.99 -35.63 -11.98
C SER C 40 4.12 -36.56 -12.46
N LYS C 41 3.76 -37.58 -13.23
CA LYS C 41 4.68 -38.68 -13.62
C LYS C 41 5.86 -38.19 -14.49
N ASP C 42 5.63 -37.16 -15.28
CA ASP C 42 6.66 -36.44 -16.04
C ASP C 42 7.66 -35.66 -15.14
N SER C 43 7.18 -35.04 -14.05
CA SER C 43 8.06 -34.36 -13.11
C SER C 43 8.92 -35.36 -12.35
N LEU C 44 8.36 -36.50 -11.95
CA LEU C 44 9.13 -37.56 -11.29
C LEU C 44 10.27 -38.08 -12.15
N ILE C 45 10.04 -38.39 -13.43
CA ILE C 45 11.12 -38.86 -14.31
C ILE C 45 12.15 -37.77 -14.66
N GLU C 46 11.73 -36.50 -14.74
CA GLU C 46 12.66 -35.36 -14.87
C GLU C 46 13.58 -35.21 -13.65
N LEU C 47 13.07 -35.39 -12.43
CA LEU C 47 13.90 -35.36 -11.23
C LEU C 47 14.85 -36.55 -11.21
N ALA C 48 14.39 -37.73 -11.62
CA ALA C 48 15.23 -38.91 -11.74
C ALA C 48 16.35 -38.77 -12.78
N GLU C 49 16.10 -38.11 -13.91
CA GLU C 49 17.15 -37.76 -14.86
C GLU C 49 18.11 -36.70 -14.31
N LYS C 50 17.60 -35.63 -13.69
CA LYS C 50 18.42 -34.55 -13.13
C LYS C 50 19.37 -35.01 -12.04
N SER C 51 18.96 -36.02 -11.27
CA SER C 51 19.73 -36.62 -10.19
C SER C 51 21.12 -37.10 -10.63
N TYR C 52 21.30 -37.49 -11.89
CA TYR C 52 22.61 -37.85 -12.45
C TYR C 52 23.60 -36.69 -12.59
N ASP C 53 23.17 -35.42 -12.56
CA ASP C 53 24.07 -34.26 -12.50
C ASP C 53 24.53 -34.00 -11.07
N SER C 54 25.74 -34.41 -10.77
CA SER C 54 26.33 -34.41 -9.43
C SER C 54 26.43 -33.03 -8.76
N ALA C 55 26.40 -31.91 -9.50
CA ALA C 55 26.32 -30.57 -8.93
C ALA C 55 24.88 -30.19 -8.54
N ASP C 56 23.93 -30.48 -9.43
CA ASP C 56 22.50 -30.17 -9.32
C ASP C 56 21.72 -31.15 -8.42
N PHE C 57 22.39 -32.23 -7.99
CA PHE C 57 21.84 -33.28 -7.11
C PHE C 57 21.41 -32.72 -5.76
N PHE C 58 22.29 -31.93 -5.15
CA PHE C 58 22.08 -31.36 -3.83
C PHE C 58 20.88 -30.43 -3.82
N GLU C 59 20.62 -29.69 -4.88
CA GLU C 59 19.45 -28.83 -4.93
C GLU C 59 18.16 -29.62 -4.80
N ILE C 60 18.06 -30.81 -5.41
CA ILE C 60 16.86 -31.64 -5.25
C ILE C 60 16.79 -32.17 -3.82
N MET C 61 17.86 -32.80 -3.34
CA MET C 61 17.79 -33.51 -2.07
C MET C 61 17.73 -32.59 -0.86
N ASP C 62 18.36 -31.43 -0.90
CA ASP C 62 18.24 -30.43 0.15
C ASP C 62 16.85 -29.81 0.21
N MET C 63 16.14 -29.66 -0.92
CA MET C 63 14.76 -29.22 -0.84
C MET C 63 13.83 -30.29 -0.28
N LEU C 64 14.04 -31.55 -0.64
CA LEU C 64 13.29 -32.65 -0.03
C LEU C 64 13.60 -32.79 1.47
N ASP C 65 14.81 -32.48 1.92
CA ASP C 65 15.07 -32.40 3.36
C ASP C 65 14.32 -31.26 4.04
N LYS C 66 14.09 -30.12 3.37
CA LYS C 66 13.26 -29.04 3.91
C LYS C 66 11.82 -29.48 3.98
N ARG C 67 11.31 -30.11 2.93
CA ARG C 67 9.90 -30.56 2.86
C ARG C 67 9.61 -31.74 3.81
N LEU C 68 10.54 -32.67 4.09
CA LEU C 68 10.38 -33.72 5.12
C LEU C 68 10.49 -33.19 6.55
N ASN C 69 11.27 -32.15 6.78
CA ASN C 69 11.42 -31.47 8.07
C ASN C 69 10.15 -30.71 8.47
N ASP C 70 9.38 -30.27 7.48
CA ASP C 70 8.41 -29.17 7.54
C ASP C 70 7.27 -29.26 8.58
N LYS C 71 6.59 -28.14 8.84
CA LYS C 71 5.56 -28.04 9.90
C LYS C 71 4.44 -29.06 9.73
N GLY C 72 3.66 -29.33 10.78
CA GLY C 72 2.49 -30.23 10.73
C GLY C 72 1.35 -29.69 9.86
N LYS C 73 1.11 -28.38 9.86
CA LYS C 73 0.05 -27.74 9.04
C LYS C 73 0.12 -28.21 7.61
N TYR C 74 1.32 -28.49 7.06
CA TYR C 74 1.52 -28.92 5.69
C TYR C 74 1.81 -30.41 5.60
N TRP C 75 0.94 -31.24 6.15
CA TRP C 75 1.08 -32.71 5.99
C TRP C 75 1.17 -33.08 4.51
N ARG C 76 0.56 -32.26 3.65
CA ARG C 76 0.55 -32.32 2.19
C ARG C 76 1.97 -32.36 1.62
N HIS C 77 2.89 -31.58 2.17
CA HIS C 77 4.28 -31.55 1.75
C HIS C 77 4.96 -32.85 2.09
N ILE C 78 4.72 -33.37 3.29
CA ILE C 78 5.42 -34.53 3.80
C ILE C 78 4.99 -35.77 3.04
N ALA C 79 3.70 -35.89 2.73
CA ALA C 79 3.19 -36.96 1.90
C ALA C 79 3.79 -36.95 0.49
N LYS C 80 3.81 -35.80 -0.19
CA LYS C 80 4.38 -35.72 -1.52
C LYS C 80 5.90 -35.89 -1.49
N ALA C 81 6.60 -35.34 -0.52
CA ALA C 81 8.03 -35.52 -0.40
C ALA C 81 8.39 -36.99 -0.20
N LEU C 82 7.61 -37.75 0.57
CA LEU C 82 7.78 -39.20 0.68
C LEU C 82 7.49 -39.93 -0.65
N THR C 83 6.56 -39.42 -1.46
CA THR C 83 6.29 -39.95 -2.81
C THR C 83 7.44 -39.70 -3.76
N VAL C 84 8.00 -38.49 -3.77
CA VAL C 84 9.11 -38.09 -4.63
C VAL C 84 10.36 -38.88 -4.27
N ILE C 85 10.61 -39.13 -2.98
CA ILE C 85 11.72 -39.99 -2.56
C ILE C 85 11.50 -41.43 -3.02
N ASP C 86 10.30 -41.96 -2.87
CA ASP C 86 9.98 -43.34 -3.26
C ASP C 86 10.21 -43.58 -4.77
N TYR C 87 9.79 -42.63 -5.61
CA TYR C 87 10.14 -42.68 -7.02
C TYR C 87 11.66 -42.58 -7.24
N LEU C 88 12.33 -41.64 -6.58
CA LEU C 88 13.77 -41.43 -6.78
C LEU C 88 14.62 -42.64 -6.37
N ILE C 89 14.28 -43.39 -5.34
CA ILE C 89 14.97 -44.66 -5.08
C ILE C 89 14.63 -45.77 -6.07
N ARG C 90 13.40 -45.83 -6.61
CA ARG C 90 13.04 -46.81 -7.64
C ARG C 90 13.66 -46.55 -9.03
N PHE C 91 13.70 -45.29 -9.47
CA PHE C 91 13.97 -44.90 -10.87
C PHE C 91 15.02 -43.80 -11.05
N GLY C 92 15.45 -43.14 -9.98
CA GLY C 92 16.55 -42.17 -10.00
C GLY C 92 17.92 -42.81 -9.87
N SER C 93 18.94 -41.96 -9.81
CA SER C 93 20.33 -42.36 -9.64
C SER C 93 20.59 -43.08 -8.33
N GLU C 94 21.57 -43.97 -8.31
CA GLU C 94 22.06 -44.61 -7.09
C GLU C 94 22.50 -43.61 -6.02
N ASN C 95 22.97 -42.42 -6.40
CA ASN C 95 23.27 -41.34 -5.47
C ASN C 95 22.06 -40.92 -4.62
N CYS C 96 20.83 -41.01 -5.12
CA CYS C 96 19.66 -40.79 -4.29
C CYS C 96 19.46 -41.89 -3.26
N VAL C 97 19.75 -43.16 -3.57
CA VAL C 97 19.70 -44.22 -2.57
C VAL C 97 20.81 -44.05 -1.54
N LEU C 98 22.03 -43.74 -1.93
CA LEU C 98 23.10 -43.58 -0.95
C LEU C 98 22.80 -42.41 0.01
N TRP C 99 22.26 -41.30 -0.49
CA TRP C 99 21.81 -40.21 0.37
C TRP C 99 20.69 -40.64 1.30
N CYS C 100 19.68 -41.31 0.76
CA CYS C 100 18.50 -41.68 1.51
C CYS C 100 18.78 -42.74 2.57
N ARG C 101 19.72 -43.64 2.31
CA ARG C 101 20.22 -44.61 3.28
C ARG C 101 20.97 -43.94 4.42
N GLU C 102 21.84 -42.98 4.14
CA GLU C 102 22.70 -42.38 5.17
C GLU C 102 21.88 -41.61 6.21
N ASN C 103 20.91 -40.80 5.78
CA ASN C 103 19.95 -40.17 6.66
C ASN C 103 18.54 -40.75 6.50
N LEU C 104 18.40 -42.03 6.81
CA LEU C 104 17.12 -42.74 6.88
C LEU C 104 16.23 -42.20 8.00
N TYR C 105 16.83 -41.78 9.11
CA TYR C 105 16.13 -41.37 10.31
C TYR C 105 15.10 -40.28 10.06
N ILE C 106 15.30 -39.39 9.09
CA ILE C 106 14.35 -38.32 8.77
C ILE C 106 12.97 -38.87 8.39
N ILE C 107 12.92 -39.89 7.54
CA ILE C 107 11.72 -40.67 7.20
C ILE C 107 11.31 -41.61 8.33
N LYS C 108 12.24 -42.38 8.88
CA LYS C 108 11.91 -43.42 9.86
C LYS C 108 11.22 -42.87 11.10
N THR C 109 11.56 -41.65 11.49
CA THR C 109 10.90 -40.91 12.58
C THR C 109 9.48 -40.47 12.23
N LEU C 110 9.16 -40.23 10.95
CA LEU C 110 7.80 -39.94 10.47
C LEU C 110 6.77 -41.05 10.69
N LYS C 111 7.14 -42.34 10.78
CA LYS C 111 6.17 -43.43 10.94
C LYS C 111 5.10 -43.21 12.02
N GLU C 112 5.39 -42.43 13.05
CA GLU C 112 4.50 -42.12 14.16
C GLU C 112 3.82 -40.74 14.04
N PHE C 113 3.99 -40.04 12.92
CA PHE C 113 3.51 -38.68 12.70
C PHE C 113 2.00 -38.56 12.90
N ARG C 114 1.51 -37.39 13.31
CA ARG C 114 0.13 -37.19 13.72
C ARG C 114 -0.30 -35.74 13.53
N HIS C 115 -1.38 -35.51 12.80
CA HIS C 115 -2.02 -34.19 12.64
C HIS C 115 -3.53 -34.26 12.85
N GLU C 116 -4.19 -33.19 13.31
CA GLU C 116 -5.62 -33.21 13.63
C GLU C 116 -6.33 -31.86 13.40
N ASP C 117 -7.50 -31.89 12.77
CA ASP C 117 -8.43 -30.75 12.58
C ASP C 117 -9.91 -31.18 12.73
N ASP C 118 -10.12 -32.29 13.45
CA ASP C 118 -11.23 -33.20 13.34
C ASP C 118 -11.23 -33.95 11.99
N GLU C 119 -11.17 -35.27 12.03
CA GLU C 119 -10.82 -36.18 10.92
C GLU C 119 -9.36 -36.09 10.41
N GLY C 120 -8.51 -35.21 10.95
CA GLY C 120 -7.14 -35.01 10.48
C GLY C 120 -6.24 -36.24 10.67
N ILE C 121 -6.64 -37.16 11.54
CA ILE C 121 -6.06 -38.51 11.67
C ILE C 121 -6.01 -39.26 10.32
N ASP C 122 -6.93 -38.98 9.39
CA ASP C 122 -6.89 -39.54 8.03
C ASP C 122 -5.70 -38.99 7.21
N GLN C 123 -5.34 -37.72 7.41
CA GLN C 123 -4.20 -37.07 6.78
C GLN C 123 -2.90 -37.62 7.39
N GLY C 124 -2.85 -37.77 8.71
CA GLY C 124 -1.73 -38.47 9.34
C GLY C 124 -1.55 -39.88 8.79
N GLN C 125 -2.63 -40.58 8.45
CA GLN C 125 -2.53 -41.92 7.90
C GLN C 125 -1.80 -41.96 6.55
N ILE C 126 -2.01 -41.01 5.63
CA ILE C 126 -1.27 -41.02 4.36
C ILE C 126 0.24 -40.83 4.56
N VAL C 127 0.62 -39.94 5.49
CA VAL C 127 2.03 -39.75 5.84
C VAL C 127 2.62 -41.04 6.39
N ARG C 128 1.93 -41.66 7.36
CA ARG C 128 2.44 -42.85 8.03
C ARG C 128 2.60 -44.04 7.10
N VAL C 129 1.63 -44.31 6.22
CA VAL C 129 1.74 -45.45 5.32
C VAL C 129 2.83 -45.26 4.27
N LYS C 130 3.05 -44.04 3.78
CA LYS C 130 4.16 -43.81 2.85
C LYS C 130 5.51 -43.91 3.55
N ALA C 131 5.64 -43.42 4.77
CA ALA C 131 6.88 -43.60 5.52
C ALA C 131 7.19 -45.06 5.81
N LYS C 132 6.16 -45.87 6.13
CA LYS C 132 6.29 -47.30 6.39
C LYS C 132 6.66 -48.10 5.14
N GLU C 133 6.01 -47.83 4.02
CA GLU C 133 6.35 -48.49 2.76
C GLU C 133 7.76 -48.10 2.32
N LEU C 134 8.12 -46.82 2.46
CA LEU C 134 9.43 -46.33 2.07
C LEU C 134 10.55 -46.96 2.92
N THR C 135 10.40 -47.05 4.25
CA THR C 135 11.40 -47.76 5.06
C THR C 135 11.44 -49.26 4.80
N ALA C 136 10.31 -49.90 4.48
CA ALA C 136 10.31 -51.29 4.02
C ALA C 136 11.11 -51.46 2.73
N LEU C 137 11.04 -50.49 1.81
CA LEU C 137 11.81 -50.51 0.57
C LEU C 137 13.32 -50.28 0.78
N LEU C 138 13.76 -49.39 1.67
CA LEU C 138 15.19 -49.28 1.98
C LEU C 138 15.74 -50.52 2.67
N SER C 139 14.94 -51.15 3.53
CA SER C 139 15.36 -52.30 4.32
C SER C 139 15.40 -53.62 3.53
N ASP C 140 14.49 -53.88 2.59
CA ASP C 140 14.55 -55.05 1.71
C ASP C 140 15.58 -54.89 0.58
N ASP C 141 16.86 -55.12 0.87
CA ASP C 141 17.96 -54.92 -0.09
C ASP C 141 17.81 -55.76 -1.38
N GLU C 142 17.34 -57.00 -1.28
CA GLU C 142 17.06 -57.88 -2.42
C GLU C 142 15.89 -57.39 -3.27
N ARG C 143 14.88 -56.75 -2.64
CA ARG C 143 13.80 -56.08 -3.35
C ARG C 143 14.34 -54.85 -4.07
N LEU C 144 15.10 -54.01 -3.38
CA LEU C 144 15.53 -52.74 -3.94
C LEU C 144 16.55 -52.93 -5.06
N ASN C 145 17.50 -53.86 -4.95
CA ASN C 145 18.40 -54.14 -6.06
C ASN C 145 17.72 -54.92 -7.22
N GLU C 146 16.73 -55.78 -6.98
CA GLU C 146 15.92 -56.35 -8.07
C GLU C 146 15.12 -55.26 -8.81
N GLU C 147 14.47 -54.39 -8.04
CA GLU C 147 13.61 -53.30 -8.50
C GLU C 147 14.41 -52.30 -9.33
N ARG C 148 15.57 -51.85 -8.81
CA ARG C 148 16.47 -50.97 -9.52
C ARG C 148 17.10 -51.59 -10.75
N ASN C 149 17.50 -52.86 -10.73
CA ASN C 149 18.04 -53.51 -11.92
C ASN C 149 17.02 -53.56 -13.07
N MET C 150 15.76 -53.85 -12.76
CA MET C 150 14.68 -53.86 -13.75
C MET C 150 14.33 -52.45 -14.23
N ASN C 151 14.20 -51.49 -13.31
CA ASN C 151 13.79 -50.12 -13.59
C ASN C 151 14.82 -49.30 -14.37
N ILE C 152 16.11 -49.51 -14.13
CA ILE C 152 17.21 -48.94 -14.91
C ILE C 152 17.26 -49.60 -16.28
N MET D 6 27.73 -24.49 27.45
CA MET D 6 26.72 -24.49 26.37
C MET D 6 27.32 -23.97 25.08
N SER D 7 26.81 -24.40 23.92
CA SER D 7 27.29 -23.96 22.61
C SER D 7 26.13 -23.78 21.63
N ARG D 8 26.29 -23.01 20.55
CA ARG D 8 25.18 -22.60 19.67
C ARG D 8 24.36 -23.74 19.04
N ILE D 9 24.96 -24.89 18.75
CA ILE D 9 24.23 -26.08 18.27
C ILE D 9 23.28 -26.68 19.32
N ASP D 10 23.64 -26.65 20.59
CA ASP D 10 22.76 -27.03 21.71
C ASP D 10 21.52 -26.12 21.80
N SER D 11 21.65 -24.85 21.42
CA SER D 11 20.54 -23.90 21.42
C SER D 11 19.43 -24.30 20.46
N ASP D 12 19.77 -24.93 19.34
CA ASP D 12 18.77 -25.43 18.39
C ASP D 12 17.90 -26.56 19.01
N LEU D 13 18.53 -27.48 19.75
CA LEU D 13 17.86 -28.55 20.49
C LEU D 13 17.07 -28.05 21.70
N GLN D 14 17.60 -27.09 22.43
CA GLN D 14 16.96 -26.53 23.61
C GLN D 14 15.61 -25.90 23.31
N LYS D 15 15.41 -25.28 22.14
CA LYS D 15 14.09 -24.80 21.71
C LYS D 15 13.08 -25.95 21.69
N ALA D 16 13.43 -27.07 21.06
CA ALA D 16 12.51 -28.21 21.04
C ALA D 16 12.23 -28.79 22.43
N LEU D 17 13.24 -29.02 23.26
CA LEU D 17 13.01 -29.55 24.60
C LEU D 17 12.09 -28.70 25.48
N LYS D 18 12.04 -27.37 25.33
CA LYS D 18 11.03 -26.58 26.09
C LYS D 18 9.61 -26.95 25.69
N LYS D 19 9.39 -27.06 24.37
CA LYS D 19 8.07 -27.35 23.83
C LYS D 19 7.62 -28.80 24.00
N ALA D 20 8.53 -29.78 24.00
CA ALA D 20 8.19 -31.16 24.28
C ALA D 20 7.81 -31.40 25.75
N CYS D 21 8.50 -30.76 26.69
CA CYS D 21 8.12 -30.73 28.10
C CYS D 21 7.14 -29.60 28.42
N SER D 22 6.12 -29.39 27.57
CA SER D 22 5.23 -28.22 27.68
C SER D 22 4.48 -28.14 29.00
N VAL D 23 4.10 -26.91 29.37
CA VAL D 23 3.75 -26.52 30.74
C VAL D 23 2.63 -27.31 31.41
N GLU D 24 1.79 -28.04 30.68
CA GLU D 24 0.68 -28.78 31.29
C GLU D 24 0.34 -30.15 30.66
N GLU D 25 -0.55 -30.88 31.35
CA GLU D 25 -0.94 -32.28 31.17
C GLU D 25 -1.75 -32.60 29.88
N THR D 26 -1.38 -31.96 28.77
CA THR D 26 -1.63 -32.46 27.41
C THR D 26 -0.46 -33.32 26.91
N ALA D 27 -0.57 -33.98 25.77
CA ALA D 27 0.47 -34.85 25.21
C ALA D 27 1.78 -34.08 24.93
N PRO D 28 2.96 -34.73 24.96
CA PRO D 28 4.20 -34.18 24.40
C PRO D 28 4.19 -34.30 22.88
N LYS D 29 4.18 -33.20 22.13
CA LYS D 29 3.91 -33.26 20.68
C LYS D 29 4.95 -34.08 19.95
N ARG D 30 4.55 -34.95 19.03
CA ARG D 30 5.51 -35.73 18.22
C ARG D 30 6.45 -34.83 17.44
N LYS D 31 6.01 -33.62 17.08
CA LYS D 31 6.84 -32.66 16.32
C LYS D 31 8.07 -32.23 17.11
N HIS D 32 7.99 -31.96 18.41
CA HIS D 32 9.12 -31.59 19.26
C HIS D 32 9.94 -32.77 19.75
N VAL D 33 9.32 -33.92 19.98
CA VAL D 33 10.07 -35.15 20.24
C VAL D 33 10.90 -35.57 19.03
N ARG D 34 10.34 -35.42 17.83
CA ARG D 34 11.05 -35.67 16.56
C ARG D 34 12.20 -34.71 16.40
N ALA D 35 12.06 -33.45 16.75
CA ALA D 35 13.17 -32.52 16.59
C ALA D 35 14.38 -32.91 17.45
N CYS D 36 14.17 -33.47 18.63
CA CYS D 36 15.24 -34.03 19.48
C CYS D 36 15.85 -35.33 18.94
N ILE D 37 15.02 -36.24 18.47
CA ILE D 37 15.48 -37.49 17.88
C ILE D 37 16.30 -37.22 16.62
N VAL D 38 15.80 -36.40 15.71
CA VAL D 38 16.49 -36.07 14.47
C VAL D 38 17.78 -35.30 14.75
N TYR D 39 17.84 -34.47 15.79
CA TYR D 39 19.10 -33.90 16.26
C TYR D 39 20.05 -35.01 16.69
N THR D 40 19.57 -35.98 17.45
CA THR D 40 20.43 -36.99 18.06
C THR D 40 21.11 -37.88 17.03
N TRP D 41 20.45 -38.17 15.93
CA TRP D 41 21.10 -38.77 14.77
C TRP D 41 22.05 -37.80 14.04
N ASP D 42 21.68 -36.54 13.84
CA ASP D 42 22.53 -35.57 13.11
C ASP D 42 23.89 -35.37 13.76
N HIS D 43 23.92 -35.13 15.06
CA HIS D 43 25.14 -34.88 15.80
C HIS D 43 25.76 -36.14 16.38
N GLN D 44 25.32 -37.30 15.91
CA GLN D 44 25.94 -38.61 16.11
C GLN D 44 26.07 -39.06 17.58
N SER D 45 25.65 -38.24 18.51
CA SER D 45 25.91 -38.34 19.94
C SER D 45 24.86 -37.55 20.71
N SER D 46 24.71 -37.82 22.00
CA SER D 46 23.55 -37.36 22.77
C SER D 46 23.90 -36.63 24.05
N LYS D 47 25.18 -36.33 24.32
CA LYS D 47 25.54 -35.66 25.57
C LYS D 47 24.84 -34.32 25.73
N ALA D 48 24.59 -33.62 24.64
CA ALA D 48 23.83 -32.37 24.67
C ALA D 48 22.39 -32.53 25.17
N VAL D 49 21.71 -33.64 24.85
CA VAL D 49 20.32 -33.83 25.27
C VAL D 49 20.21 -34.11 26.77
N PHE D 50 21.10 -34.94 27.33
CA PHE D 50 21.13 -35.12 28.79
C PHE D 50 21.62 -33.86 29.50
N THR D 51 22.65 -33.20 29.01
CA THR D 51 23.14 -31.95 29.60
C THR D 51 22.06 -30.87 29.60
N THR D 52 21.20 -30.87 28.60
CA THR D 52 20.02 -30.02 28.62
C THR D 52 19.01 -30.44 29.69
N LEU D 53 18.65 -31.71 29.83
CA LEU D 53 17.69 -32.13 30.86
C LEU D 53 18.19 -31.87 32.30
N LYS D 54 19.51 -31.99 32.55
CA LYS D 54 20.14 -31.65 33.83
C LYS D 54 20.05 -30.16 34.16
N THR D 55 20.07 -29.28 33.15
CA THR D 55 20.07 -27.81 33.32
C THR D 55 18.69 -27.15 33.07
N LEU D 56 17.70 -27.89 32.58
CA LEU D 56 16.29 -27.50 32.43
C LEU D 56 15.66 -27.10 33.77
N PRO D 57 14.64 -26.20 33.81
CA PRO D 57 13.69 -26.03 34.91
C PRO D 57 12.82 -27.29 35.18
N LEU D 58 13.46 -28.44 35.38
CA LEU D 58 12.86 -29.76 35.35
C LEU D 58 11.96 -30.03 36.56
N ALA D 59 12.55 -30.16 37.75
CA ALA D 59 11.83 -30.49 38.99
C ALA D 59 11.02 -29.30 39.56
N ASN D 60 10.61 -28.35 38.72
CA ASN D 60 9.76 -27.24 39.12
C ASN D 60 8.34 -27.71 39.49
N ASP D 61 7.75 -28.63 38.71
CA ASP D 61 6.48 -29.27 39.05
C ASP D 61 6.32 -30.63 38.37
N GLU D 62 5.63 -31.54 39.08
CA GLU D 62 5.50 -32.95 38.72
C GLU D 62 4.89 -33.20 37.33
N VAL D 63 3.99 -32.34 36.85
CA VAL D 63 3.44 -32.49 35.48
C VAL D 63 4.50 -32.45 34.38
N GLN D 64 5.45 -31.52 34.44
CA GLN D 64 6.55 -31.46 33.49
C GLN D 64 7.58 -32.56 33.70
N LEU D 65 7.82 -33.04 34.93
CA LEU D 65 8.74 -34.15 35.17
C LEU D 65 8.20 -35.50 34.62
N PHE D 66 6.90 -35.76 34.67
CA PHE D 66 6.37 -36.93 33.97
C PHE D 66 6.52 -36.73 32.46
N LYS D 67 6.22 -35.55 31.90
CA LYS D 67 6.41 -35.30 30.45
C LYS D 67 7.85 -35.57 30.05
N MET D 68 8.81 -35.10 30.84
CA MET D 68 10.23 -35.30 30.58
C MET D 68 10.63 -36.76 30.54
N LEU D 69 10.05 -37.61 31.38
CA LEU D 69 10.27 -39.05 31.34
C LEU D 69 9.64 -39.73 30.11
N ILE D 70 8.49 -39.27 29.62
CA ILE D 70 7.94 -39.75 28.34
C ILE D 70 8.89 -39.38 27.21
N VAL D 71 9.32 -38.11 27.13
CA VAL D 71 10.22 -37.63 26.08
C VAL D 71 11.55 -38.35 26.14
N LEU D 72 12.12 -38.51 27.33
CA LEU D 72 13.39 -39.19 27.52
C LEU D 72 13.33 -40.67 27.19
N HIS D 73 12.21 -41.34 27.46
CA HIS D 73 12.03 -42.69 26.98
C HIS D 73 11.99 -42.70 25.46
N LYS D 74 11.21 -41.84 24.79
CA LYS D 74 11.15 -41.85 23.32
C LYS D 74 12.52 -41.56 22.71
N ILE D 75 13.30 -40.63 23.26
CA ILE D 75 14.66 -40.34 22.77
C ILE D 75 15.61 -41.52 22.93
N ILE D 76 15.57 -42.24 24.05
CA ILE D 76 16.40 -43.45 24.20
C ILE D 76 15.96 -44.53 23.23
N GLN D 77 14.65 -44.69 23.07
CA GLN D 77 14.08 -45.77 22.29
C GLN D 77 14.27 -45.57 20.78
N GLU D 78 13.88 -44.41 20.27
CA GLU D 78 13.96 -44.02 18.86
C GLU D 78 15.34 -43.59 18.37
N GLY D 79 16.11 -42.92 19.24
CA GLY D 79 17.33 -42.21 18.86
C GLY D 79 18.50 -43.11 18.53
N HIS D 80 19.59 -42.46 18.11
CA HIS D 80 20.87 -43.10 17.81
C HIS D 80 21.38 -43.93 18.99
N PRO D 81 22.12 -45.03 18.81
CA PRO D 81 22.66 -45.85 19.90
C PRO D 81 23.43 -45.09 21.00
N SER D 82 23.94 -43.89 20.72
CA SER D 82 24.49 -43.00 21.75
C SER D 82 23.46 -42.58 22.78
N ALA D 83 22.18 -42.38 22.46
CA ALA D 83 21.20 -41.96 23.46
C ALA D 83 21.09 -42.98 24.59
N LEU D 84 21.01 -44.26 24.23
CA LEU D 84 21.07 -45.36 25.19
C LEU D 84 22.43 -45.48 25.86
N ALA D 85 23.55 -45.32 25.15
CA ALA D 85 24.86 -45.43 25.80
C ALA D 85 25.07 -44.35 26.87
N GLU D 86 24.66 -43.12 26.61
CA GLU D 86 24.67 -42.08 27.64
C GLU D 86 23.66 -42.37 28.76
N ALA D 87 22.51 -42.97 28.47
CA ALA D 87 21.56 -43.37 29.51
C ALA D 87 22.11 -44.52 30.40
N ILE D 88 22.90 -45.43 29.84
CA ILE D 88 23.63 -46.46 30.58
C ILE D 88 24.63 -45.82 31.52
N ARG D 89 25.31 -44.74 31.13
CA ARG D 89 26.20 -44.02 32.04
C ARG D 89 25.43 -43.25 33.12
N ASP D 90 24.34 -42.61 32.77
CA ASP D 90 23.64 -41.64 33.64
C ASP D 90 22.33 -42.17 34.25
N ARG D 91 22.18 -43.50 34.35
CA ARG D 91 21.02 -44.14 34.99
C ARG D 91 20.85 -43.73 36.45
N ASP D 92 21.92 -43.32 37.11
CA ASP D 92 21.90 -42.74 38.46
C ASP D 92 21.32 -41.33 38.51
N TRP D 93 21.50 -40.51 37.46
CA TRP D 93 20.77 -39.24 37.37
C TRP D 93 19.29 -39.52 37.21
N ILE D 94 18.93 -40.46 36.35
CA ILE D 94 17.53 -40.87 36.17
C ILE D 94 16.93 -41.34 37.51
N ARG D 95 17.68 -42.14 38.27
CA ARG D 95 17.29 -42.62 39.60
C ARG D 95 17.06 -41.46 40.57
N SER D 96 17.89 -40.42 40.51
CA SER D 96 17.70 -39.22 41.33
C SER D 96 16.35 -38.54 41.05
N LEU D 97 15.85 -38.57 39.80
CA LEU D 97 14.51 -38.07 39.47
C LEU D 97 13.39 -38.83 40.17
N GLY D 98 13.58 -40.12 40.45
CA GLY D 98 12.64 -40.93 41.22
C GLY D 98 12.41 -40.40 42.64
N ARG D 99 13.46 -39.84 43.27
CA ARG D 99 13.35 -39.19 44.58
C ARG D 99 12.67 -37.82 44.59
N VAL D 100 12.91 -36.94 43.62
CA VAL D 100 12.69 -35.49 43.79
C VAL D 100 11.24 -35.07 44.11
N HIS D 101 10.23 -35.82 43.68
CA HIS D 101 8.87 -35.76 44.23
C HIS D 101 8.54 -37.08 44.93
N SER D 102 8.29 -37.03 46.23
CA SER D 102 8.24 -38.19 47.14
C SER D 102 6.86 -38.86 47.21
N GLY D 103 6.27 -39.22 46.06
CA GLY D 103 5.15 -40.15 45.97
C GLY D 103 3.82 -39.74 46.63
N GLY D 104 3.65 -38.45 46.97
CA GLY D 104 2.50 -37.90 47.72
C GLY D 104 1.16 -37.90 46.99
N SER D 105 0.82 -36.78 46.35
CA SER D 105 -0.35 -36.67 45.47
C SER D 105 -0.24 -37.66 44.29
N SER D 106 -1.35 -38.17 43.80
CA SER D 106 -1.42 -39.31 42.85
C SER D 106 -0.45 -39.21 41.68
N TYR D 107 -0.30 -38.03 41.05
CA TYR D 107 0.55 -37.83 39.89
C TYR D 107 2.03 -38.19 40.17
N SER D 108 2.53 -37.94 41.37
CA SER D 108 3.88 -38.34 41.79
C SER D 108 4.10 -39.86 41.76
N LYS D 109 3.09 -40.69 42.03
CA LYS D 109 3.25 -42.16 41.99
C LYS D 109 3.52 -42.68 40.57
N LEU D 110 2.92 -42.05 39.56
CA LEU D 110 3.20 -42.34 38.16
C LEU D 110 4.67 -42.09 37.84
N ILE D 111 5.22 -40.98 38.32
CA ILE D 111 6.64 -40.69 38.14
C ILE D 111 7.50 -41.78 38.77
N ARG D 112 7.24 -42.17 40.03
CA ARG D 112 8.13 -43.14 40.71
C ARG D 112 8.13 -44.51 40.06
N GLU D 113 6.97 -45.00 39.63
CA GLU D 113 6.94 -46.27 38.88
C GLU D 113 7.57 -46.18 37.49
N TYR D 114 7.52 -45.04 36.79
CA TYR D 114 8.25 -44.90 35.53
C TYR D 114 9.77 -44.88 35.74
N VAL D 115 10.25 -44.18 36.76
CA VAL D 115 11.70 -44.16 37.07
C VAL D 115 12.19 -45.56 37.40
N ARG D 116 11.45 -46.33 38.20
CA ARG D 116 11.78 -47.73 38.49
C ARG D 116 11.81 -48.59 37.22
N TYR D 117 10.94 -48.33 36.27
CA TYR D 117 10.96 -49.06 34.99
C TYR D 117 12.18 -48.73 34.12
N LEU D 118 12.51 -47.44 33.95
CA LEU D 118 13.68 -46.98 33.21
C LEU D 118 14.96 -47.46 33.87
N VAL D 119 15.10 -47.35 35.20
CA VAL D 119 16.28 -47.86 35.91
C VAL D 119 16.42 -49.38 35.76
N LEU D 120 15.33 -50.13 35.71
CA LEU D 120 15.38 -51.57 35.40
C LEU D 120 15.82 -51.83 33.95
N LYS D 121 15.32 -51.08 32.97
CA LYS D 121 15.72 -51.23 31.57
C LYS D 121 17.21 -50.94 31.37
N LEU D 122 17.68 -49.83 31.92
CA LEU D 122 19.05 -49.38 31.79
C LEU D 122 20.02 -50.26 32.57
N ASP D 123 19.61 -50.75 33.75
CA ASP D 123 20.36 -51.80 34.45
C ASP D 123 20.51 -53.05 33.59
N PHE D 124 19.45 -53.47 32.91
CA PHE D 124 19.48 -54.67 32.08
C PHE D 124 20.40 -54.54 30.86
N HIS D 125 20.40 -53.39 30.16
CA HIS D 125 21.34 -53.18 29.05
C HIS D 125 22.80 -53.20 29.52
N ALA D 126 23.13 -52.53 30.62
CA ALA D 126 24.47 -52.50 31.17
C ALA D 126 24.95 -53.87 31.68
N HIS D 127 24.11 -54.56 32.43
CA HIS D 127 24.43 -55.81 33.09
C HIS D 127 24.56 -56.98 32.11
N HIS D 128 23.57 -57.15 31.23
CA HIS D 128 23.26 -58.47 30.68
C HIS D 128 23.63 -58.62 29.21
N ARG D 129 23.00 -57.84 28.34
CA ARG D 129 23.12 -58.01 26.88
C ARG D 129 24.39 -57.36 26.34
N GLY D 130 24.97 -57.97 25.31
CA GLY D 130 25.82 -57.27 24.33
C GLY D 130 24.97 -56.60 23.24
N PHE D 131 23.92 -55.88 23.62
CA PHE D 131 22.97 -55.26 22.68
C PHE D 131 22.61 -53.85 23.15
N ASN D 132 22.70 -52.89 22.24
CA ASN D 132 22.59 -51.47 22.54
C ASN D 132 21.75 -50.74 21.47
N ASN D 133 20.48 -51.13 21.34
CA ASN D 133 19.44 -50.36 20.66
C ASN D 133 18.29 -50.11 21.63
N GLY D 134 17.60 -48.99 21.47
CA GLY D 134 16.59 -48.54 22.42
C GLY D 134 15.37 -49.46 22.47
N THR D 135 14.66 -49.55 21.35
CA THR D 135 13.80 -50.70 21.02
C THR D 135 14.66 -51.94 20.87
N PHE D 136 14.21 -53.10 21.34
CA PHE D 136 14.85 -54.37 21.02
C PHE D 136 14.52 -54.83 19.60
N GLU D 137 15.46 -55.49 18.94
CA GLU D 137 15.28 -56.08 17.62
C GLU D 137 16.17 -57.33 17.50
N TYR D 138 15.85 -58.24 16.58
CA TYR D 138 16.51 -59.55 16.48
C TYR D 138 17.93 -59.48 15.90
N GLU D 139 18.88 -58.99 16.69
CA GLU D 139 20.29 -59.02 16.37
C GLU D 139 20.80 -60.47 16.27
N GLU D 140 21.22 -60.83 15.07
CA GLU D 140 21.58 -62.19 14.72
C GLU D 140 22.82 -62.66 15.49
N TYR D 141 23.85 -61.83 15.62
CA TYR D 141 25.08 -62.23 16.32
C TYR D 141 24.83 -62.43 17.82
N VAL D 142 24.07 -61.55 18.46
CA VAL D 142 23.70 -61.68 19.88
C VAL D 142 22.82 -62.91 20.13
N SER D 143 21.90 -63.20 19.20
CA SER D 143 21.05 -64.38 19.27
C SER D 143 21.84 -65.68 19.09
N LEU D 144 22.71 -65.76 18.07
CA LEU D 144 23.61 -66.90 17.85
C LEU D 144 24.53 -67.16 19.05
N VAL D 145 25.16 -66.13 19.60
CA VAL D 145 26.03 -66.25 20.79
C VAL D 145 25.26 -66.67 22.05
N SER D 146 23.99 -66.24 22.18
CA SER D 146 23.11 -66.65 23.29
C SER D 146 22.66 -68.12 23.19
N VAL D 147 22.23 -68.59 22.02
CA VAL D 147 21.83 -70.00 21.82
C VAL D 147 23.02 -70.96 21.87
N SER D 148 24.20 -70.50 21.47
CA SER D 148 25.48 -71.18 21.68
C SER D 148 25.92 -71.27 23.16
N ASP D 149 25.20 -70.65 24.08
CA ASP D 149 25.47 -70.54 25.53
C ASP D 149 24.18 -70.75 26.38
N PRO D 150 23.42 -71.86 26.20
CA PRO D 150 21.97 -71.89 26.49
C PRO D 150 21.54 -71.85 27.96
N ASP D 151 22.40 -72.13 28.95
CA ASP D 151 22.06 -71.87 30.36
C ASP D 151 22.01 -70.35 30.66
N GLU D 152 22.94 -69.57 30.10
CA GLU D 152 22.83 -68.12 30.01
C GLU D 152 21.72 -67.69 29.05
N GLY D 153 21.42 -68.48 28.00
CA GLY D 153 20.28 -68.27 27.12
C GLY D 153 18.93 -68.32 27.85
N TYR D 154 18.72 -69.33 28.70
CA TYR D 154 17.58 -69.39 29.62
C TYR D 154 17.55 -68.18 30.55
N GLU D 155 18.68 -67.82 31.17
CA GLU D 155 18.74 -66.62 32.00
C GLU D 155 18.43 -65.34 31.24
N THR D 156 18.77 -65.26 29.94
CA THR D 156 18.46 -64.13 29.08
C THR D 156 16.97 -64.00 28.84
N ILE D 157 16.25 -65.07 28.46
CA ILE D 157 14.81 -64.96 28.28
C ILE D 157 14.08 -64.76 29.61
N LEU D 158 14.53 -65.35 30.72
CA LEU D 158 13.88 -65.14 32.02
C LEU D 158 14.13 -63.73 32.58
N ASP D 159 15.32 -63.16 32.36
CA ASP D 159 15.59 -61.78 32.71
C ASP D 159 14.85 -60.79 31.79
N LEU D 160 14.79 -61.05 30.49
CA LEU D 160 14.03 -60.23 29.55
C LEU D 160 12.52 -60.31 29.82
N MET D 161 12.02 -61.47 30.21
CA MET D 161 10.68 -61.63 30.78
C MET D 161 10.51 -60.84 32.08
N SER D 162 11.52 -60.71 32.94
CA SER D 162 11.38 -59.89 34.16
C SER D 162 11.19 -58.39 33.84
N LEU D 163 11.76 -57.89 32.74
CA LEU D 163 11.37 -56.57 32.21
C LEU D 163 9.94 -56.56 31.69
N GLN D 164 9.49 -57.54 30.91
CA GLN D 164 8.09 -57.55 30.45
C GLN D 164 7.07 -57.65 31.59
N ASP D 165 7.42 -58.34 32.69
CA ASP D 165 6.63 -58.33 33.92
C ASP D 165 6.52 -56.92 34.51
N SER D 166 7.64 -56.19 34.62
CA SER D 166 7.60 -54.83 35.18
C SER D 166 6.93 -53.83 34.24
N LEU D 167 7.08 -54.02 32.93
CA LEU D 167 6.35 -53.30 31.89
C LEU D 167 4.83 -53.48 32.07
N ASP D 168 4.40 -54.72 32.30
CA ASP D 168 2.99 -55.03 32.52
C ASP D 168 2.48 -54.48 33.86
N GLU D 169 3.25 -54.57 34.94
CA GLU D 169 2.80 -54.07 36.25
C GLU D 169 2.64 -52.55 36.20
N PHE D 170 3.60 -51.85 35.59
CA PHE D 170 3.53 -50.41 35.41
C PHE D 170 2.35 -50.01 34.51
N SER D 171 2.04 -50.78 33.48
CA SER D 171 0.86 -50.47 32.66
C SER D 171 -0.44 -50.49 33.48
N GLN D 172 -0.56 -51.41 34.45
CA GLN D 172 -1.71 -51.43 35.35
C GLN D 172 -1.71 -50.25 36.34
N ILE D 173 -0.55 -49.75 36.78
CA ILE D 173 -0.50 -48.50 37.56
C ILE D 173 -1.06 -47.34 36.72
N ILE D 174 -0.64 -47.21 35.47
CA ILE D 174 -1.16 -46.14 34.60
C ILE D 174 -2.66 -46.33 34.34
N PHE D 175 -3.14 -47.54 34.08
CA PHE D 175 -4.57 -47.77 33.82
C PHE D 175 -5.45 -47.50 35.05
N ALA D 176 -5.05 -47.95 36.24
CA ALA D 176 -5.79 -47.64 37.45
C ALA D 176 -5.77 -46.14 37.77
N SER D 177 -4.64 -45.47 37.59
CA SER D 177 -4.52 -44.03 37.80
C SER D 177 -5.36 -43.23 36.80
N ILE D 178 -5.42 -43.68 35.54
CA ILE D 178 -6.33 -43.13 34.52
C ILE D 178 -7.78 -43.24 34.97
N GLN D 179 -8.19 -44.43 35.39
CA GLN D 179 -9.60 -44.69 35.69
C GLN D 179 -10.11 -44.03 36.96
N SER D 180 -9.26 -43.93 37.98
CA SER D 180 -9.56 -43.22 39.23
C SER D 180 -9.61 -41.70 39.07
N GLU D 181 -8.73 -41.11 38.25
CA GLU D 181 -8.78 -39.68 37.88
C GLU D 181 -9.94 -39.32 36.91
N ARG D 182 -10.37 -40.26 36.05
CA ARG D 182 -11.51 -40.18 35.11
C ARG D 182 -11.36 -39.22 33.92
N ARG D 183 -10.66 -38.10 34.07
CA ARG D 183 -10.46 -37.08 33.02
C ARG D 183 -9.06 -36.47 33.06
N ASN D 184 -8.65 -35.76 32.00
CA ASN D 184 -7.24 -35.40 31.75
C ASN D 184 -6.32 -36.64 31.74
N THR D 185 -6.52 -37.46 30.72
CA THR D 185 -5.77 -38.68 30.44
C THR D 185 -4.54 -38.49 29.55
N GLU D 186 -4.41 -37.34 28.89
CA GLU D 186 -3.62 -37.21 27.66
C GLU D 186 -2.13 -37.51 27.85
N CYS D 187 -1.49 -36.98 28.89
CA CYS D 187 -0.10 -37.32 29.17
C CYS D 187 0.05 -38.77 29.65
N LYS D 188 -0.90 -39.30 30.42
CA LYS D 188 -0.82 -40.68 30.92
C LYS D 188 -0.91 -41.67 29.78
N ILE D 189 -1.85 -41.50 28.87
CA ILE D 189 -1.95 -42.34 27.67
C ILE D 189 -0.72 -42.13 26.75
N SER D 190 -0.19 -40.92 26.65
CA SER D 190 1.05 -40.71 25.89
C SER D 190 2.19 -41.56 26.44
N ALA D 191 2.29 -41.70 27.77
CA ALA D 191 3.23 -42.61 28.41
C ALA D 191 3.00 -44.09 28.04
N LEU D 192 1.77 -44.51 27.77
CA LEU D 192 1.52 -45.84 27.21
C LEU D 192 2.14 -46.02 25.81
N ILE D 193 2.23 -44.99 24.95
CA ILE D 193 2.72 -45.15 23.56
C ILE D 193 4.13 -45.79 23.43
N PRO D 194 5.17 -45.32 24.13
CA PRO D 194 6.49 -45.93 24.04
C PRO D 194 6.53 -47.31 24.72
N LEU D 195 5.79 -47.50 25.81
CA LEU D 195 5.61 -48.79 26.46
C LEU D 195 4.94 -49.79 25.51
N ILE D 196 4.02 -49.36 24.65
CA ILE D 196 3.42 -50.24 23.63
C ILE D 196 4.48 -50.67 22.62
N ALA D 197 5.28 -49.76 22.09
CA ALA D 197 6.30 -50.12 21.10
C ALA D 197 7.36 -51.03 21.71
N GLU D 198 7.84 -50.75 22.92
CA GLU D 198 8.72 -51.67 23.63
C GLU D 198 8.05 -53.01 23.93
N SER D 199 6.76 -53.03 24.27
CA SER D 199 6.06 -54.29 24.58
C SER D 199 6.04 -55.22 23.39
N TYR D 200 5.84 -54.69 22.19
CA TYR D 200 5.92 -55.46 20.97
C TYR D 200 7.36 -55.82 20.62
N GLY D 201 8.30 -54.91 20.82
CA GLY D 201 9.72 -55.14 20.53
C GLY D 201 10.34 -56.21 21.42
N ILE D 202 10.03 -56.18 22.71
CA ILE D 202 10.49 -57.20 23.64
C ILE D 202 9.81 -58.55 23.37
N TYR D 203 8.52 -58.53 23.01
CA TYR D 203 7.78 -59.71 22.61
C TYR D 203 8.35 -60.38 21.36
N LYS D 204 8.67 -59.59 20.32
CA LYS D 204 9.33 -60.09 19.12
C LYS D 204 10.71 -60.65 19.40
N PHE D 205 11.45 -60.05 20.33
CA PHE D 205 12.74 -60.59 20.68
C PHE D 205 12.62 -61.91 21.43
N ILE D 206 11.80 -62.02 22.48
CA ILE D 206 11.62 -63.32 23.15
C ILE D 206 11.10 -64.33 22.16
N THR D 207 10.12 -64.01 21.31
CA THR D 207 9.59 -64.97 20.34
C THR D 207 10.67 -65.53 19.40
N SER D 208 11.52 -64.65 18.87
CA SER D 208 12.60 -65.01 17.95
C SER D 208 13.76 -65.74 18.63
N MET D 209 14.09 -65.37 19.86
CA MET D 209 15.10 -66.04 20.67
C MET D 209 14.65 -67.41 21.17
N LEU D 210 13.40 -67.51 21.61
CA LEU D 210 12.75 -68.74 22.02
C LEU D 210 12.65 -69.71 20.85
N ARG D 211 12.22 -69.28 19.66
CA ARG D 211 12.21 -70.10 18.46
C ARG D 211 13.61 -70.64 18.14
N ALA D 212 14.60 -69.76 18.14
CA ALA D 212 15.97 -70.17 17.87
C ALA D 212 16.46 -71.21 18.88
N MET D 213 16.25 -70.97 20.17
CA MET D 213 16.70 -71.86 21.25
C MET D 213 15.94 -73.19 21.29
N HIS D 214 14.64 -73.17 20.96
CA HIS D 214 13.75 -74.33 20.87
C HIS D 214 14.20 -75.28 19.75
N ARG D 215 14.47 -74.77 18.55
CA ARG D 215 15.02 -75.58 17.46
C ARG D 215 16.50 -75.97 17.64
N GLN D 216 17.32 -75.12 18.25
CA GLN D 216 18.73 -75.42 18.57
C GLN D 216 18.92 -76.54 19.61
N LEU D 217 18.03 -76.64 20.60
CA LEU D 217 17.87 -77.81 21.45
C LEU D 217 17.19 -78.95 20.67
N GLN D 227 11.03 -76.50 26.27
CA GLN D 227 9.92 -77.04 27.11
C GLN D 227 9.21 -75.96 27.97
N PRO D 228 9.57 -75.62 29.23
CA PRO D 228 8.69 -74.82 30.10
C PRO D 228 8.54 -73.35 29.70
N LEU D 229 9.53 -72.80 28.97
CA LEU D 229 9.47 -71.45 28.41
C LEU D 229 8.26 -71.21 27.49
N LYS D 230 7.71 -72.25 26.84
CA LYS D 230 6.44 -72.15 26.10
C LYS D 230 5.22 -71.85 26.99
N GLU D 231 5.17 -72.39 28.22
CA GLU D 231 4.12 -72.04 29.19
C GLU D 231 4.25 -70.59 29.71
N ARG D 232 5.49 -70.15 29.93
CA ARG D 232 5.80 -68.76 30.30
C ARG D 232 5.46 -67.82 29.15
N TYR D 233 5.83 -68.16 27.93
CA TYR D 233 5.48 -67.45 26.70
C TYR D 233 3.96 -67.34 26.52
N GLU D 234 3.17 -68.36 26.84
CA GLU D 234 1.70 -68.25 26.75
C GLU D 234 1.13 -67.23 27.76
N LEU D 235 1.66 -67.16 28.99
CA LEU D 235 1.27 -66.11 29.94
C LEU D 235 1.68 -64.71 29.47
N GLN D 236 2.92 -64.54 28.98
CA GLN D 236 3.36 -63.25 28.44
C GLN D 236 2.55 -62.82 27.21
N HIS D 237 2.26 -63.75 26.30
CA HIS D 237 1.39 -63.55 25.14
C HIS D 237 -0.04 -63.21 25.54
N ALA D 238 -0.59 -63.86 26.57
CA ALA D 238 -1.89 -63.53 27.11
C ALA D 238 -1.92 -62.09 27.62
N ARG D 239 -0.89 -61.65 28.36
CA ARG D 239 -0.72 -60.26 28.82
C ARG D 239 -0.55 -59.29 27.65
N LEU D 240 0.10 -59.68 26.56
CA LEU D 240 0.26 -58.87 25.36
C LEU D 240 -1.10 -58.56 24.71
N PHE D 241 -1.90 -59.60 24.50
CA PHE D 241 -3.23 -59.48 23.90
C PHE D 241 -4.24 -58.80 24.84
N GLU D 242 -4.12 -58.99 26.15
CA GLU D 242 -4.84 -58.19 27.13
C GLU D 242 -4.46 -56.71 27.08
N PHE D 243 -3.18 -56.37 26.99
CA PHE D 243 -2.74 -54.99 26.95
C PHE D 243 -3.24 -54.25 25.70
N TYR D 244 -3.23 -54.88 24.54
CA TYR D 244 -3.75 -54.27 23.32
C TYR D 244 -5.28 -54.15 23.28
N ALA D 245 -6.00 -55.08 23.90
CA ALA D 245 -7.42 -54.87 24.19
C ALA D 245 -7.66 -53.66 25.12
N ASP D 246 -6.90 -53.53 26.20
CA ASP D 246 -7.01 -52.39 27.13
C ASP D 246 -6.73 -51.05 26.42
N CYS D 247 -5.70 -50.99 25.57
CA CYS D 247 -5.40 -49.83 24.73
C CYS D 247 -6.52 -49.54 23.71
N SER D 248 -7.15 -50.56 23.13
CA SER D 248 -8.26 -50.39 22.18
C SER D 248 -9.43 -49.58 22.75
N SER D 249 -9.66 -49.65 24.06
CA SER D 249 -10.66 -48.80 24.75
C SER D 249 -10.36 -47.29 24.63
N VAL D 250 -9.09 -46.90 24.55
CA VAL D 250 -8.62 -45.52 24.73
C VAL D 250 -8.83 -44.69 23.45
N LYS D 251 -9.76 -43.74 23.49
CA LYS D 251 -10.33 -43.13 22.29
C LYS D 251 -9.40 -42.16 21.55
N TYR D 252 -8.50 -41.43 22.22
CA TYR D 252 -7.37 -40.76 21.54
C TYR D 252 -6.18 -41.65 21.13
N LEU D 253 -5.64 -42.46 22.06
CA LEU D 253 -4.37 -43.17 21.84
C LEU D 253 -4.44 -44.08 20.61
N THR D 254 -5.59 -44.71 20.42
CA THR D 254 -5.86 -45.59 19.28
C THR D 254 -5.65 -44.93 17.92
N THR D 255 -5.87 -43.61 17.82
CA THR D 255 -5.88 -42.92 16.51
C THR D 255 -4.55 -42.97 15.75
N LEU D 256 -3.43 -42.71 16.45
CA LEU D 256 -2.13 -42.32 15.87
C LEU D 256 -1.16 -43.47 15.57
N VAL D 257 -1.18 -44.55 16.38
CA VAL D 257 -0.17 -45.63 16.34
C VAL D 257 -0.30 -46.50 15.10
N THR D 258 -1.41 -46.40 14.36
CA THR D 258 -1.82 -47.34 13.28
C THR D 258 -1.83 -48.78 13.84
N ILE D 259 -2.78 -48.99 14.77
CA ILE D 259 -2.93 -50.16 15.63
C ILE D 259 -1.82 -50.29 16.70
N PRO D 260 -2.15 -50.30 18.01
CA PRO D 260 -1.27 -50.88 19.01
C PRO D 260 -1.12 -52.39 18.78
N LYS D 261 -0.11 -52.74 17.99
CA LYS D 261 0.06 -53.98 17.20
C LYS D 261 -0.38 -55.26 17.93
N MET E 6 -12.14 1.70 -4.53
CA MET E 6 -11.43 3.02 -4.52
C MET E 6 -10.05 2.96 -5.15
N SER E 7 -9.24 1.95 -4.84
CA SER E 7 -7.88 1.84 -5.39
C SER E 7 -7.86 1.80 -6.92
N LYS E 8 -8.76 1.04 -7.57
CA LYS E 8 -8.80 0.97 -9.04
C LYS E 8 -9.14 2.32 -9.69
N GLN E 9 -10.05 3.11 -9.12
CA GLN E 9 -10.42 4.40 -9.69
C GLN E 9 -9.23 5.39 -9.75
N PHE E 10 -8.41 5.43 -8.70
CA PHE E 10 -7.16 6.20 -8.76
C PHE E 10 -6.15 5.54 -9.71
N VAL E 11 -5.88 4.24 -9.60
CA VAL E 11 -4.80 3.61 -10.37
C VAL E 11 -5.07 3.67 -11.87
N ARG E 12 -6.33 3.49 -12.32
CA ARG E 12 -6.71 3.72 -13.72
C ARG E 12 -6.50 5.15 -14.15
N SER E 13 -6.78 6.12 -13.29
CA SER E 13 -6.47 7.53 -13.60
C SER E 13 -4.97 7.77 -13.77
N ALA E 14 -4.11 7.06 -13.03
CA ALA E 14 -2.67 7.11 -13.23
C ALA E 14 -2.23 6.46 -14.55
N LYS E 15 -2.78 5.29 -14.92
CA LYS E 15 -2.44 4.59 -16.20
C LYS E 15 -2.88 5.43 -17.38
N ASN E 16 -3.95 6.21 -17.31
CA ASN E 16 -4.38 7.18 -18.32
C ASN E 16 -3.35 8.29 -18.54
N LEU E 17 -2.74 8.80 -17.47
CA LEU E 17 -1.67 9.78 -17.58
C LEU E 17 -0.40 9.17 -18.20
N VAL E 18 0.00 7.97 -17.77
CA VAL E 18 1.24 7.30 -18.17
C VAL E 18 1.28 6.96 -19.66
N LYS E 19 0.17 6.46 -20.21
CA LYS E 19 0.08 6.12 -21.65
C LYS E 19 -0.19 7.39 -22.45
N GLY E 20 -0.57 8.49 -21.81
CA GLY E 20 -0.74 9.80 -22.44
C GLY E 20 -2.10 10.09 -23.06
N TYR E 21 -3.15 9.38 -22.68
CA TYR E 21 -4.36 9.28 -23.49
C TYR E 21 -5.07 10.60 -23.80
N SER E 22 -5.51 10.70 -25.06
CA SER E 22 -6.40 11.72 -25.59
C SER E 22 -7.74 11.74 -24.86
N SER E 23 -8.39 12.90 -24.78
CA SER E 23 -9.76 12.99 -24.24
C SER E 23 -10.75 12.07 -24.98
N THR E 24 -10.56 11.83 -26.28
CA THR E 24 -11.38 10.87 -27.00
C THR E 24 -11.09 9.45 -26.53
N GLN E 25 -9.82 9.06 -26.39
CA GLN E 25 -9.44 7.75 -25.88
C GLN E 25 -9.95 7.56 -24.45
N VAL E 26 -9.75 8.52 -23.55
CA VAL E 26 -10.21 8.45 -22.16
C VAL E 26 -11.72 8.30 -22.06
N LEU E 27 -12.51 8.95 -22.93
CA LEU E 27 -13.95 8.71 -22.94
C LEU E 27 -14.29 7.25 -23.31
N VAL E 28 -13.75 6.84 -24.45
CA VAL E 28 -13.99 5.48 -24.99
C VAL E 28 -13.49 4.57 -23.92
N ARG E 29 -12.34 4.83 -23.32
CA ARG E 29 -11.76 3.92 -22.33
C ARG E 29 -12.60 3.83 -21.05
N ASN E 30 -13.18 4.92 -20.57
CA ASN E 30 -14.05 4.93 -19.35
C ASN E 30 -15.34 4.21 -19.69
N ALA E 31 -15.88 4.40 -20.90
CA ALA E 31 -17.03 3.64 -21.38
C ALA E 31 -16.78 2.12 -21.37
N THR E 32 -15.66 1.64 -21.84
CA THR E 32 -15.43 0.18 -21.94
C THR E 32 -14.40 -0.11 -20.87
N SER E 33 -14.78 -0.47 -19.65
CA SER E 33 -13.85 -0.63 -18.50
C SER E 33 -14.28 -1.77 -17.61
N ASN E 34 -13.42 -2.61 -17.00
CA ASN E 34 -13.81 -3.83 -16.20
C ASN E 34 -15.01 -3.58 -15.29
N ASP E 35 -15.21 -2.39 -14.74
CA ASP E 35 -16.36 -1.88 -14.00
C ASP E 35 -17.66 -2.62 -14.36
N ASN E 36 -18.36 -3.18 -13.37
CA ASN E 36 -19.57 -3.96 -13.58
C ASN E 36 -20.83 -3.14 -13.99
N HIS E 37 -20.75 -1.81 -14.02
CA HIS E 37 -21.90 -0.97 -14.38
C HIS E 37 -22.19 -1.03 -15.89
N GLN E 38 -23.47 -1.02 -16.29
CA GLN E 38 -23.85 -0.90 -17.69
C GLN E 38 -23.35 0.44 -18.29
N VAL E 39 -22.97 0.42 -19.56
CA VAL E 39 -22.51 1.60 -20.28
C VAL E 39 -23.66 2.60 -20.45
N SER E 40 -23.46 3.85 -20.02
CA SER E 40 -24.55 4.82 -19.88
C SER E 40 -24.98 5.42 -21.21
N LYS E 41 -26.28 5.73 -21.35
CA LYS E 41 -26.86 6.21 -22.61
C LYS E 41 -26.21 7.53 -23.11
N ASP E 42 -25.88 8.46 -22.21
CA ASP E 42 -25.15 9.68 -22.55
C ASP E 42 -23.72 9.40 -23.07
N SER E 43 -23.06 8.34 -22.61
CA SER E 43 -21.74 7.94 -23.12
C SER E 43 -21.85 7.41 -24.54
N LEU E 44 -22.82 6.52 -24.79
CA LEU E 44 -23.05 5.94 -26.12
C LEU E 44 -23.39 6.99 -27.17
N ILE E 45 -24.29 7.91 -26.84
CA ILE E 45 -24.70 9.00 -27.74
C ILE E 45 -23.59 10.04 -27.92
N GLU E 46 -22.72 10.29 -26.93
CA GLU E 46 -21.54 11.12 -27.18
C GLU E 46 -20.55 10.46 -28.15
N LEU E 47 -20.31 9.15 -28.12
CA LEU E 47 -19.41 8.50 -29.08
C LEU E 47 -20.02 8.48 -30.48
N ALA E 48 -21.33 8.28 -30.60
CA ALA E 48 -22.05 8.44 -31.87
C ALA E 48 -21.92 9.88 -32.40
N GLU E 49 -22.14 10.90 -31.57
CA GLU E 49 -21.99 12.32 -31.94
C GLU E 49 -20.56 12.66 -32.41
N LYS E 50 -19.54 12.08 -31.76
CA LYS E 50 -18.13 12.21 -32.14
C LYS E 50 -17.81 11.60 -33.50
N SER E 51 -18.53 10.57 -33.93
CA SER E 51 -18.21 9.80 -35.14
C SER E 51 -18.08 10.63 -36.42
N TYR E 52 -18.81 11.74 -36.54
CA TYR E 52 -18.76 12.68 -37.66
C TYR E 52 -17.48 13.55 -37.70
N ASP E 53 -16.32 12.98 -37.39
CA ASP E 53 -15.04 13.67 -37.39
C ASP E 53 -13.92 12.70 -37.72
N SER E 54 -13.35 12.82 -38.92
CA SER E 54 -12.25 11.98 -39.42
C SER E 54 -10.98 11.99 -38.54
N ALA E 55 -10.82 12.96 -37.61
CA ALA E 55 -9.74 12.97 -36.63
C ALA E 55 -10.02 12.17 -35.35
N ASP E 56 -11.29 12.11 -34.89
CA ASP E 56 -11.72 11.35 -33.70
C ASP E 56 -12.17 9.93 -34.02
N PHE E 57 -12.71 9.69 -35.20
CA PHE E 57 -13.23 8.39 -35.60
C PHE E 57 -12.15 7.29 -35.63
N PHE E 58 -10.94 7.65 -36.05
CA PHE E 58 -9.78 6.80 -35.89
C PHE E 58 -9.53 6.45 -34.42
N GLU E 59 -9.52 7.40 -33.49
CA GLU E 59 -9.20 7.11 -32.08
C GLU E 59 -10.29 6.27 -31.41
N ILE E 60 -11.55 6.49 -31.76
CA ILE E 60 -12.66 5.70 -31.24
C ILE E 60 -12.56 4.26 -31.75
N MET E 61 -12.41 4.05 -33.05
CA MET E 61 -12.38 2.69 -33.58
C MET E 61 -11.11 1.97 -33.21
N ASP E 62 -9.99 2.66 -33.08
CA ASP E 62 -8.77 2.05 -32.62
C ASP E 62 -8.83 1.60 -31.16
N MET E 63 -9.47 2.34 -30.25
CA MET E 63 -9.61 1.88 -28.86
C MET E 63 -10.60 0.73 -28.72
N LEU E 64 -11.72 0.77 -29.45
CA LEU E 64 -12.66 -0.35 -29.48
C LEU E 64 -12.01 -1.60 -30.07
N ASP E 65 -11.15 -1.49 -31.09
CA ASP E 65 -10.38 -2.62 -31.64
C ASP E 65 -9.33 -3.16 -30.68
N LYS E 66 -8.74 -2.34 -29.80
CA LYS E 66 -7.90 -2.86 -28.73
C LYS E 66 -8.75 -3.62 -27.73
N ARG E 67 -9.89 -3.07 -27.29
CA ARG E 67 -10.77 -3.68 -26.27
C ARG E 67 -11.45 -4.95 -26.79
N LEU E 68 -11.86 -5.07 -28.06
CA LEU E 68 -12.36 -6.32 -28.65
C LEU E 68 -11.29 -7.40 -28.68
N ASN E 69 -10.02 -7.05 -28.80
CA ASN E 69 -8.94 -8.02 -28.74
C ASN E 69 -8.67 -8.61 -27.34
N ASP E 70 -8.99 -7.88 -26.26
CA ASP E 70 -8.45 -8.10 -24.92
C ASP E 70 -8.49 -9.51 -24.32
N LYS E 71 -7.60 -9.73 -23.35
CA LYS E 71 -7.40 -11.06 -22.74
C LYS E 71 -8.69 -11.60 -22.14
N GLY E 72 -8.74 -12.92 -21.86
CA GLY E 72 -9.92 -13.59 -21.30
C GLY E 72 -10.26 -13.07 -19.92
N LYS E 73 -9.29 -12.62 -19.15
CA LYS E 73 -9.50 -12.11 -17.79
C LYS E 73 -10.51 -10.98 -17.86
N TYR E 74 -10.51 -10.16 -18.92
CA TYR E 74 -11.41 -8.99 -19.10
C TYR E 74 -12.54 -9.25 -20.10
N TRP E 75 -13.42 -10.22 -19.90
CA TRP E 75 -14.67 -10.42 -20.65
C TRP E 75 -15.61 -9.21 -20.49
N ARG E 76 -15.52 -8.52 -19.36
CA ARG E 76 -16.23 -7.25 -19.12
C ARG E 76 -15.92 -6.18 -20.17
N HIS E 77 -14.69 -6.09 -20.68
CA HIS E 77 -14.35 -5.14 -21.75
C HIS E 77 -15.05 -5.53 -23.02
N ILE E 78 -14.94 -6.80 -23.39
CA ILE E 78 -15.40 -7.30 -24.65
C ILE E 78 -16.92 -7.15 -24.74
N ALA E 79 -17.62 -7.48 -23.66
CA ALA E 79 -19.07 -7.31 -23.58
C ALA E 79 -19.50 -5.85 -23.79
N LYS E 80 -18.82 -4.89 -23.17
CA LYS E 80 -19.15 -3.49 -23.42
C LYS E 80 -18.75 -3.05 -24.82
N ALA E 81 -17.60 -3.46 -25.32
CA ALA E 81 -17.12 -3.04 -26.62
C ALA E 81 -18.10 -3.46 -27.73
N LEU E 82 -18.63 -4.68 -27.65
CA LEU E 82 -19.70 -5.14 -28.55
C LEU E 82 -20.99 -4.32 -28.36
N THR E 83 -21.30 -3.91 -27.14
CA THR E 83 -22.43 -2.98 -26.88
C THR E 83 -22.24 -1.63 -27.57
N VAL E 84 -21.05 -1.04 -27.48
CA VAL E 84 -20.74 0.25 -28.10
C VAL E 84 -20.79 0.14 -29.62
N ILE E 85 -20.29 -0.95 -30.19
CA ILE E 85 -20.33 -1.15 -31.64
C ILE E 85 -21.77 -1.28 -32.13
N ASP E 86 -22.65 -1.97 -31.42
CA ASP E 86 -24.07 -2.02 -31.79
C ASP E 86 -24.69 -0.62 -31.83
N TYR E 87 -24.39 0.18 -30.82
CA TYR E 87 -24.94 1.53 -30.76
C TYR E 87 -24.39 2.39 -31.88
N LEU E 88 -23.08 2.33 -32.13
CA LEU E 88 -22.43 3.09 -33.18
C LEU E 88 -22.92 2.71 -34.56
N ILE E 89 -23.21 1.45 -34.87
CA ILE E 89 -23.76 1.16 -36.19
C ILE E 89 -25.21 1.62 -36.34
N ARG E 90 -26.06 1.62 -35.31
CA ARG E 90 -27.41 2.19 -35.46
C ARG E 90 -27.46 3.72 -35.52
N PHE E 91 -26.85 4.38 -34.54
CA PHE E 91 -26.79 5.83 -34.38
C PHE E 91 -25.75 6.59 -35.21
N GLY E 92 -24.60 5.98 -35.46
CA GLY E 92 -23.37 6.68 -35.83
C GLY E 92 -23.20 6.92 -37.32
N SER E 93 -22.08 7.50 -37.67
CA SER E 93 -21.76 7.86 -39.05
C SER E 93 -21.59 6.63 -39.93
N GLU E 94 -21.73 6.81 -41.24
CA GLU E 94 -21.51 5.78 -42.24
C GLU E 94 -20.10 5.18 -42.14
N ASN E 95 -19.09 5.99 -41.77
CA ASN E 95 -17.74 5.49 -41.51
C ASN E 95 -17.70 4.37 -40.47
N CYS E 96 -18.58 4.39 -39.45
CA CYS E 96 -18.63 3.34 -38.44
C CYS E 96 -19.04 2.00 -39.05
N VAL E 97 -20.02 2.04 -39.95
CA VAL E 97 -20.52 0.86 -40.65
C VAL E 97 -19.50 0.37 -41.66
N LEU E 98 -18.93 1.24 -42.50
CA LEU E 98 -17.91 0.83 -43.45
C LEU E 98 -16.70 0.23 -42.74
N TRP E 99 -16.26 0.80 -41.62
CA TRP E 99 -15.17 0.22 -40.84
C TRP E 99 -15.55 -1.15 -40.32
N CYS E 100 -16.73 -1.26 -39.72
CA CYS E 100 -17.12 -2.49 -39.06
C CYS E 100 -17.39 -3.63 -40.04
N ARG E 101 -17.90 -3.31 -41.23
CA ARG E 101 -18.05 -4.25 -42.35
C ARG E 101 -16.71 -4.66 -42.94
N GLU E 102 -15.74 -3.77 -43.04
CA GLU E 102 -14.44 -4.04 -43.66
C GLU E 102 -13.46 -4.80 -42.74
N ASN E 103 -13.64 -4.74 -41.43
CA ASN E 103 -13.04 -5.72 -40.52
C ASN E 103 -14.07 -6.33 -39.56
N LEU E 104 -15.05 -7.00 -40.14
CA LEU E 104 -16.04 -7.84 -39.47
C LEU E 104 -15.41 -9.02 -38.73
N TYR E 105 -14.33 -9.58 -39.26
CA TYR E 105 -13.79 -10.84 -38.80
C TYR E 105 -13.44 -10.84 -37.33
N ILE E 106 -13.00 -9.75 -36.72
CA ILE E 106 -12.74 -9.74 -35.27
C ILE E 106 -14.00 -9.89 -34.43
N ILE E 107 -15.14 -9.33 -34.87
CA ILE E 107 -16.45 -9.54 -34.23
C ILE E 107 -16.93 -10.96 -34.47
N LYS E 108 -16.90 -11.45 -35.71
CA LYS E 108 -17.36 -12.80 -36.01
C LYS E 108 -16.53 -13.88 -35.33
N THR E 109 -15.25 -13.66 -35.15
CA THR E 109 -14.33 -14.56 -34.42
C THR E 109 -14.56 -14.52 -32.91
N LEU E 110 -14.98 -13.40 -32.34
CA LEU E 110 -15.34 -13.33 -30.92
C LEU E 110 -16.47 -14.28 -30.57
N LYS E 111 -17.34 -14.58 -31.52
CA LYS E 111 -18.56 -15.36 -31.33
C LYS E 111 -18.36 -16.71 -30.65
N GLU E 112 -17.17 -17.27 -30.61
CA GLU E 112 -16.85 -18.51 -29.88
C GLU E 112 -16.21 -18.30 -28.49
N PHE E 113 -16.07 -17.06 -28.03
CA PHE E 113 -15.30 -16.70 -26.83
C PHE E 113 -15.79 -17.42 -25.57
N ARG E 114 -14.90 -17.63 -24.58
CA ARG E 114 -15.07 -18.60 -23.50
C ARG E 114 -14.12 -18.31 -22.34
N HIS E 115 -14.57 -17.68 -21.25
CA HIS E 115 -13.84 -17.67 -19.97
C HIS E 115 -14.54 -18.55 -18.92
N GLU E 116 -13.84 -19.33 -18.09
CA GLU E 116 -14.47 -20.39 -17.28
C GLU E 116 -13.75 -20.67 -15.94
N ASP E 117 -14.49 -21.16 -14.94
CA ASP E 117 -14.01 -21.48 -13.58
C ASP E 117 -13.36 -20.31 -12.82
N ASP E 118 -13.90 -19.12 -13.07
CA ASP E 118 -13.73 -17.87 -12.34
C ASP E 118 -14.12 -18.02 -10.85
N GLU E 119 -15.34 -18.51 -10.59
CA GLU E 119 -15.84 -19.01 -9.32
C GLU E 119 -16.48 -20.39 -9.50
N GLY E 120 -16.65 -20.84 -10.74
CA GLY E 120 -17.19 -22.14 -11.10
C GLY E 120 -18.01 -22.14 -12.39
N ILE E 121 -18.67 -21.02 -12.69
CA ILE E 121 -19.53 -20.84 -13.87
C ILE E 121 -18.71 -20.69 -15.18
N ASP E 122 -19.42 -20.77 -16.29
CA ASP E 122 -18.94 -20.61 -17.66
C ASP E 122 -19.41 -19.23 -18.15
N GLN E 123 -18.48 -18.33 -18.46
CA GLN E 123 -18.72 -16.88 -18.48
C GLN E 123 -18.80 -16.25 -19.88
N GLY E 124 -18.57 -17.04 -20.93
CA GLY E 124 -18.57 -16.52 -22.30
C GLY E 124 -19.93 -16.18 -22.89
N GLN E 125 -21.04 -16.76 -22.43
CA GLN E 125 -22.30 -16.71 -23.18
C GLN E 125 -22.77 -15.27 -23.45
N ILE E 126 -22.49 -14.33 -22.55
CA ILE E 126 -22.82 -12.91 -22.72
C ILE E 126 -22.12 -12.29 -23.94
N VAL E 127 -20.85 -12.62 -24.15
CA VAL E 127 -20.06 -12.22 -25.33
C VAL E 127 -20.60 -12.90 -26.57
N ARG E 128 -20.89 -14.20 -26.49
CA ARG E 128 -21.35 -14.99 -27.63
C ARG E 128 -22.73 -14.60 -28.13
N VAL E 129 -23.67 -14.24 -27.26
CA VAL E 129 -24.97 -13.72 -27.70
C VAL E 129 -24.85 -12.35 -28.35
N LYS E 130 -24.04 -11.45 -27.77
CA LYS E 130 -23.85 -10.11 -28.36
C LYS E 130 -23.17 -10.22 -29.71
N ALA E 131 -22.09 -10.97 -29.81
CA ALA E 131 -21.35 -11.15 -31.04
C ALA E 131 -22.18 -11.81 -32.13
N LYS E 132 -23.04 -12.77 -31.78
CA LYS E 132 -23.94 -13.46 -32.73
C LYS E 132 -24.99 -12.52 -33.29
N GLU E 133 -25.68 -11.77 -32.44
CA GLU E 133 -26.69 -10.83 -32.92
C GLU E 133 -26.07 -9.63 -33.63
N LEU E 134 -24.92 -9.14 -33.18
CA LEU E 134 -24.18 -8.09 -33.85
C LEU E 134 -23.68 -8.54 -35.23
N THR E 135 -23.09 -9.73 -35.37
CA THR E 135 -22.67 -10.21 -36.69
C THR E 135 -23.86 -10.47 -37.61
N ALA E 136 -24.98 -10.97 -37.07
CA ALA E 136 -26.21 -11.05 -37.82
C ALA E 136 -26.67 -9.67 -38.29
N LEU E 137 -26.64 -8.64 -37.45
CA LEU E 137 -27.02 -7.27 -37.80
C LEU E 137 -26.10 -6.63 -38.85
N LEU E 138 -24.79 -6.90 -38.84
CA LEU E 138 -23.89 -6.47 -39.92
C LEU E 138 -24.24 -7.19 -41.22
N SER E 139 -24.51 -8.50 -41.17
CA SER E 139 -24.82 -9.30 -42.36
C SER E 139 -26.18 -8.96 -42.98
N ASP E 140 -27.17 -8.65 -42.15
CA ASP E 140 -28.50 -8.13 -42.53
C ASP E 140 -28.40 -6.65 -42.94
N ASP E 141 -27.64 -6.37 -43.99
CA ASP E 141 -27.43 -5.02 -44.52
C ASP E 141 -28.75 -4.23 -44.74
N GLU E 142 -29.81 -4.91 -45.16
CA GLU E 142 -31.16 -4.36 -45.36
C GLU E 142 -31.90 -4.01 -44.05
N ARG E 143 -31.69 -4.79 -42.98
CA ARG E 143 -32.16 -4.46 -41.63
C ARG E 143 -31.36 -3.31 -41.04
N LEU E 144 -30.06 -3.30 -41.24
CA LEU E 144 -29.19 -2.24 -40.72
C LEU E 144 -29.45 -0.91 -41.42
N ASN E 145 -29.51 -0.85 -42.75
CA ASN E 145 -29.75 0.42 -43.41
C ASN E 145 -31.16 0.96 -43.12
N GLU E 146 -32.16 0.09 -42.96
CA GLU E 146 -33.48 0.47 -42.43
C GLU E 146 -33.40 1.08 -41.03
N GLU E 147 -32.68 0.42 -40.12
CA GLU E 147 -32.56 0.83 -38.72
C GLU E 147 -31.88 2.21 -38.59
N ARG E 148 -30.78 2.37 -39.34
CA ARG E 148 -30.02 3.62 -39.43
C ARG E 148 -30.86 4.76 -39.97
N ASN E 149 -31.57 4.54 -41.08
CA ASN E 149 -32.32 5.61 -41.73
C ASN E 149 -33.45 6.17 -40.86
N MET E 150 -34.06 5.34 -40.01
CA MET E 150 -35.02 5.83 -39.03
C MET E 150 -34.36 6.60 -37.88
N ASN E 151 -33.31 6.03 -37.27
CA ASN E 151 -32.69 6.60 -36.08
C ASN E 151 -31.89 7.89 -36.31
N ILE E 152 -31.23 8.00 -37.47
CA ILE E 152 -30.53 9.21 -37.89
C ILE E 152 -31.55 10.31 -38.24
N MET F 6 12.43 -15.62 -41.80
CA MET F 6 11.05 -15.10 -41.98
C MET F 6 10.91 -13.71 -41.35
N SER F 7 10.01 -12.88 -41.89
CA SER F 7 9.86 -11.47 -41.52
C SER F 7 9.27 -11.22 -40.11
N ARG F 8 9.32 -9.97 -39.60
CA ARG F 8 8.87 -9.65 -38.23
C ARG F 8 7.37 -9.78 -37.93
N ILE F 9 6.47 -9.50 -38.87
CA ILE F 9 5.00 -9.65 -38.63
C ILE F 9 4.60 -11.10 -38.33
N ASP F 10 5.30 -12.03 -38.97
CA ASP F 10 5.18 -13.46 -38.76
C ASP F 10 5.51 -13.85 -37.32
N SER F 11 6.35 -13.11 -36.59
CA SER F 11 6.54 -13.31 -35.15
C SER F 11 5.26 -13.22 -34.35
N ASP F 12 4.27 -12.40 -34.75
CA ASP F 12 2.98 -12.38 -34.03
C ASP F 12 2.33 -13.79 -34.04
N LEU F 13 2.27 -14.38 -35.23
CA LEU F 13 1.66 -15.69 -35.42
C LEU F 13 2.48 -16.83 -34.81
N GLN F 14 3.81 -16.76 -34.87
CA GLN F 14 4.67 -17.78 -34.31
C GLN F 14 4.60 -17.88 -32.80
N LYS F 15 4.34 -16.78 -32.06
CA LYS F 15 4.00 -16.86 -30.63
C LYS F 15 2.70 -17.62 -30.40
N ALA F 16 1.66 -17.29 -31.16
CA ALA F 16 0.34 -17.86 -30.96
C ALA F 16 0.31 -19.37 -31.21
N LEU F 17 0.84 -19.86 -32.34
CA LEU F 17 0.93 -21.30 -32.58
C LEU F 17 1.79 -22.03 -31.55
N LYS F 18 2.82 -21.42 -30.98
CA LYS F 18 3.55 -22.06 -29.88
C LYS F 18 2.68 -22.31 -28.67
N LYS F 19 1.72 -21.42 -28.39
CA LYS F 19 0.83 -21.54 -27.21
C LYS F 19 -0.31 -22.51 -27.52
N ALA F 20 -0.85 -22.50 -28.74
CA ALA F 20 -1.85 -23.47 -29.18
C ALA F 20 -1.29 -24.91 -29.18
N CYS F 21 -0.08 -25.11 -29.70
CA CYS F 21 0.61 -26.39 -29.73
C CYS F 21 1.54 -26.61 -28.51
N SER F 22 1.07 -26.28 -27.31
CA SER F 22 1.74 -26.59 -26.03
C SER F 22 1.77 -28.09 -25.69
N VAL F 23 2.43 -28.47 -24.59
CA VAL F 23 2.52 -29.89 -24.13
C VAL F 23 1.36 -30.35 -23.24
N GLU F 24 0.42 -29.46 -22.90
CA GLU F 24 -0.82 -29.83 -22.19
C GLU F 24 -1.84 -30.50 -23.14
N GLU F 25 -2.57 -31.49 -22.66
CA GLU F 25 -3.49 -32.35 -23.44
C GLU F 25 -4.96 -31.89 -23.36
N THR F 26 -5.19 -30.68 -22.85
CA THR F 26 -6.45 -29.93 -22.98
C THR F 26 -6.65 -29.43 -24.42
N ALA F 27 -7.77 -28.76 -24.71
CA ALA F 27 -7.95 -28.00 -25.96
C ALA F 27 -6.81 -26.98 -26.19
N PRO F 28 -6.57 -26.52 -27.43
CA PRO F 28 -5.85 -25.25 -27.64
C PRO F 28 -6.71 -24.12 -27.08
N LYS F 29 -6.15 -23.19 -26.31
CA LYS F 29 -6.97 -22.10 -25.73
C LYS F 29 -7.59 -21.40 -26.93
N ARG F 30 -8.83 -20.93 -26.83
CA ARG F 30 -9.50 -20.24 -27.95
C ARG F 30 -8.83 -18.94 -28.36
N LYS F 31 -8.22 -18.23 -27.41
CA LYS F 31 -7.53 -16.94 -27.66
C LYS F 31 -6.37 -17.09 -28.62
N HIS F 32 -5.62 -18.19 -28.64
CA HIS F 32 -4.55 -18.43 -29.59
C HIS F 32 -5.07 -18.81 -30.98
N VAL F 33 -6.20 -19.52 -31.06
CA VAL F 33 -6.80 -19.80 -32.36
C VAL F 33 -7.42 -18.53 -32.96
N ARG F 34 -7.99 -17.63 -32.15
CA ARG F 34 -8.38 -16.30 -32.61
C ARG F 34 -7.17 -15.54 -33.13
N ALA F 35 -6.02 -15.60 -32.49
CA ALA F 35 -4.82 -14.90 -32.97
C ALA F 35 -4.37 -15.41 -34.33
N CYS F 36 -4.47 -16.72 -34.60
CA CYS F 36 -4.14 -17.31 -35.90
C CYS F 36 -5.17 -17.01 -36.99
N ILE F 37 -6.45 -17.07 -36.67
CA ILE F 37 -7.51 -16.68 -37.60
C ILE F 37 -7.46 -15.19 -37.89
N VAL F 38 -7.30 -14.32 -36.90
CA VAL F 38 -7.27 -12.88 -37.11
C VAL F 38 -6.01 -12.46 -37.86
N TYR F 39 -4.86 -13.10 -37.62
CA TYR F 39 -3.69 -12.87 -38.47
C TYR F 39 -4.03 -13.18 -39.92
N THR F 40 -4.68 -14.31 -40.16
CA THR F 40 -4.98 -14.77 -41.51
C THR F 40 -5.89 -13.79 -42.23
N TRP F 41 -6.85 -13.19 -41.54
CA TRP F 41 -7.68 -12.15 -42.14
C TRP F 41 -6.94 -10.84 -42.35
N ASP F 42 -6.07 -10.43 -41.43
CA ASP F 42 -5.35 -9.16 -41.53
C ASP F 42 -4.39 -9.11 -42.71
N HIS F 43 -3.61 -10.16 -42.92
CA HIS F 43 -2.59 -10.18 -43.95
C HIS F 43 -3.08 -10.71 -45.29
N GLN F 44 -4.38 -10.98 -45.45
CA GLN F 44 -5.07 -11.20 -46.72
C GLN F 44 -4.46 -12.32 -47.60
N SER F 45 -3.60 -13.12 -46.99
CA SER F 45 -2.76 -14.15 -47.58
C SER F 45 -2.14 -14.89 -46.40
N SER F 46 -2.08 -16.21 -46.47
CA SER F 46 -1.89 -17.05 -45.29
C SER F 46 -0.61 -17.88 -45.29
N LYS F 47 0.30 -17.74 -46.27
CA LYS F 47 1.43 -18.70 -46.46
C LYS F 47 2.29 -18.86 -45.21
N ALA F 48 2.44 -17.82 -44.39
CA ALA F 48 3.17 -17.90 -43.13
C ALA F 48 2.58 -18.88 -42.12
N VAL F 49 1.26 -19.10 -42.10
CA VAL F 49 0.68 -20.12 -41.21
C VAL F 49 1.12 -21.52 -41.65
N PHE F 50 1.03 -21.85 -42.94
CA PHE F 50 1.49 -23.14 -43.44
C PHE F 50 2.99 -23.35 -43.25
N THR F 51 3.80 -22.30 -43.42
CA THR F 51 5.23 -22.36 -43.16
C THR F 51 5.51 -22.65 -41.70
N THR F 52 4.86 -21.92 -40.80
CA THR F 52 5.06 -22.08 -39.35
C THR F 52 4.68 -23.48 -38.88
N LEU F 53 3.61 -24.05 -39.45
CA LEU F 53 3.18 -25.41 -39.15
C LEU F 53 4.23 -26.48 -39.54
N LYS F 54 5.03 -26.26 -40.59
CA LYS F 54 6.21 -27.10 -40.88
C LYS F 54 7.36 -26.91 -39.89
N THR F 55 7.61 -25.68 -39.45
CA THR F 55 8.72 -25.37 -38.53
C THR F 55 8.55 -25.98 -37.12
N LEU F 56 7.31 -26.12 -36.65
CA LEU F 56 6.95 -26.73 -35.35
C LEU F 56 7.50 -28.19 -35.25
N PRO F 57 8.03 -28.64 -34.09
CA PRO F 57 8.33 -30.04 -33.85
C PRO F 57 7.04 -30.87 -33.65
N LEU F 58 6.71 -31.73 -34.61
CA LEU F 58 5.51 -32.56 -34.65
C LEU F 58 5.81 -34.06 -34.49
N ALA F 59 4.76 -34.88 -34.30
CA ALA F 59 4.74 -36.34 -34.04
C ALA F 59 5.45 -36.82 -32.74
N ASN F 60 6.56 -36.20 -32.37
CA ASN F 60 7.47 -36.59 -31.28
C ASN F 60 6.80 -36.61 -29.89
N ASP F 61 5.79 -35.76 -29.67
CA ASP F 61 4.78 -35.94 -28.63
C ASP F 61 3.42 -35.67 -29.28
N GLU F 62 2.58 -36.70 -29.37
CA GLU F 62 1.37 -36.68 -30.20
C GLU F 62 0.37 -35.60 -29.81
N VAL F 63 0.40 -35.04 -28.60
CA VAL F 63 -0.48 -33.91 -28.24
C VAL F 63 -0.23 -32.68 -29.10
N GLN F 64 1.01 -32.46 -29.55
CA GLN F 64 1.26 -31.42 -30.54
C GLN F 64 0.59 -31.74 -31.85
N LEU F 65 0.76 -32.94 -32.41
CA LEU F 65 0.20 -33.22 -33.74
C LEU F 65 -1.33 -33.33 -33.73
N PHE F 66 -1.88 -33.90 -32.67
CA PHE F 66 -3.31 -34.02 -32.53
C PHE F 66 -3.97 -32.65 -32.50
N LYS F 67 -3.48 -31.73 -31.65
CA LYS F 67 -4.03 -30.37 -31.61
C LYS F 67 -3.74 -29.60 -32.87
N MET F 68 -2.56 -29.73 -33.45
CA MET F 68 -2.16 -29.01 -34.65
C MET F 68 -3.11 -29.27 -35.82
N LEU F 69 -3.59 -30.50 -35.95
CA LEU F 69 -4.61 -30.86 -36.93
C LEU F 69 -5.97 -30.19 -36.63
N ILE F 70 -6.36 -30.04 -35.37
CA ILE F 70 -7.59 -29.27 -35.02
C ILE F 70 -7.40 -27.80 -35.43
N VAL F 71 -6.27 -27.21 -35.04
CA VAL F 71 -5.99 -25.80 -35.18
C VAL F 71 -5.97 -25.44 -36.65
N LEU F 72 -5.32 -26.26 -37.48
CA LEU F 72 -5.30 -26.08 -38.92
C LEU F 72 -6.68 -26.26 -39.55
N HIS F 73 -7.51 -27.17 -39.04
CA HIS F 73 -8.86 -27.32 -39.54
C HIS F 73 -9.69 -26.05 -39.27
N LYS F 74 -9.62 -25.51 -38.05
CA LYS F 74 -10.30 -24.24 -37.70
C LYS F 74 -9.83 -23.10 -38.58
N ILE F 75 -8.52 -22.97 -38.77
CA ILE F 75 -7.92 -21.93 -39.60
C ILE F 75 -8.40 -22.01 -41.05
N ILE F 76 -8.48 -23.20 -41.64
CA ILE F 76 -8.99 -23.37 -43.01
C ILE F 76 -10.45 -22.96 -43.10
N GLN F 77 -11.22 -23.30 -42.07
CA GLN F 77 -12.66 -23.07 -42.04
C GLN F 77 -13.03 -21.60 -41.83
N GLU F 78 -12.49 -20.99 -40.79
CA GLU F 78 -12.69 -19.58 -40.39
C GLU F 78 -11.92 -18.53 -41.18
N GLY F 79 -10.69 -18.83 -41.58
CA GLY F 79 -9.72 -17.86 -42.09
C GLY F 79 -10.08 -17.26 -43.45
N HIS F 80 -9.27 -16.29 -43.87
CA HIS F 80 -9.36 -15.69 -45.21
C HIS F 80 -9.31 -16.79 -46.28
N PRO F 81 -10.03 -16.68 -47.41
CA PRO F 81 -10.01 -17.68 -48.49
C PRO F 81 -8.63 -18.18 -48.96
N SER F 82 -7.54 -17.42 -48.78
CA SER F 82 -6.18 -17.93 -49.01
C SER F 82 -5.87 -19.18 -48.15
N ALA F 83 -6.39 -19.34 -46.94
CA ALA F 83 -6.11 -20.53 -46.13
C ALA F 83 -6.59 -21.81 -46.82
N LEU F 84 -7.70 -21.72 -47.56
CA LEU F 84 -8.20 -22.80 -48.40
C LEU F 84 -7.29 -23.02 -49.62
N ALA F 85 -6.86 -21.94 -50.27
CA ALA F 85 -6.00 -22.06 -51.46
C ALA F 85 -4.62 -22.68 -51.14
N GLU F 86 -4.01 -22.27 -50.04
CA GLU F 86 -2.78 -22.88 -49.52
C GLU F 86 -3.01 -24.33 -49.09
N ALA F 87 -4.11 -24.66 -48.41
CA ALA F 87 -4.42 -26.06 -48.09
C ALA F 87 -4.63 -26.94 -49.35
N ILE F 88 -5.21 -26.40 -50.42
CA ILE F 88 -5.34 -27.07 -51.71
C ILE F 88 -3.96 -27.42 -52.29
N ARG F 89 -2.96 -26.53 -52.17
CA ARG F 89 -1.57 -26.87 -52.54
C ARG F 89 -0.91 -27.84 -51.56
N ASP F 90 -0.98 -27.57 -50.26
CA ASP F 90 -0.18 -28.30 -49.25
C ASP F 90 -0.84 -29.59 -48.73
N ARG F 91 -1.94 -30.03 -49.35
CA ARG F 91 -2.54 -31.36 -49.22
C ARG F 91 -1.53 -32.52 -49.21
N ASP F 92 -0.44 -32.41 -49.97
CA ASP F 92 0.67 -33.38 -49.94
C ASP F 92 1.50 -33.32 -48.65
N TRP F 93 1.71 -32.15 -48.07
CA TRP F 93 2.29 -32.05 -46.74
C TRP F 93 1.30 -32.57 -45.68
N ILE F 94 0.01 -32.24 -45.77
CA ILE F 94 -1.00 -32.76 -44.84
C ILE F 94 -1.01 -34.30 -44.85
N ARG F 95 -0.99 -34.90 -46.03
CA ARG F 95 -0.85 -36.35 -46.21
C ARG F 95 0.42 -36.90 -45.53
N SER F 96 1.55 -36.20 -45.61
CA SER F 96 2.76 -36.59 -44.88
C SER F 96 2.57 -36.65 -43.37
N LEU F 97 1.74 -35.78 -42.79
CA LEU F 97 1.42 -35.83 -41.35
C LEU F 97 0.78 -37.16 -40.96
N GLY F 98 -0.02 -37.76 -41.84
CA GLY F 98 -0.63 -39.07 -41.58
C GLY F 98 0.39 -40.20 -41.54
N ARG F 99 1.40 -40.16 -42.42
CA ARG F 99 2.48 -41.16 -42.45
C ARG F 99 3.41 -41.10 -41.23
N VAL F 100 3.84 -39.90 -40.81
CA VAL F 100 4.98 -39.76 -39.88
C VAL F 100 4.81 -40.45 -38.53
N HIS F 101 3.60 -40.58 -38.00
CA HIS F 101 3.34 -41.38 -36.79
C HIS F 101 2.32 -42.52 -37.02
N SER F 102 2.62 -43.39 -37.99
CA SER F 102 1.87 -44.63 -38.23
C SER F 102 2.01 -45.59 -37.04
N GLY F 103 0.89 -46.10 -36.52
CA GLY F 103 0.88 -46.99 -35.34
C GLY F 103 1.52 -46.37 -34.10
N GLY F 104 1.98 -47.22 -33.18
CA GLY F 104 2.91 -46.85 -32.10
C GLY F 104 2.43 -45.73 -31.17
N SER F 105 1.12 -45.62 -30.95
CA SER F 105 0.46 -44.55 -30.18
C SER F 105 -0.90 -45.02 -29.64
N SER F 106 -1.38 -44.38 -28.57
CA SER F 106 -2.72 -44.59 -28.03
C SER F 106 -3.86 -44.18 -28.99
N TYR F 107 -3.61 -43.30 -29.97
CA TYR F 107 -4.65 -42.72 -30.83
C TYR F 107 -4.21 -42.41 -32.27
N SER F 108 -3.22 -43.11 -32.83
CA SER F 108 -2.74 -42.87 -34.21
C SER F 108 -3.85 -43.00 -35.28
N LYS F 109 -4.83 -43.87 -35.06
CA LYS F 109 -6.02 -43.97 -35.94
C LYS F 109 -6.77 -42.63 -36.05
N LEU F 110 -6.87 -41.85 -34.98
CA LEU F 110 -7.50 -40.53 -35.01
C LEU F 110 -6.66 -39.55 -35.82
N ILE F 111 -5.33 -39.56 -35.62
CA ILE F 111 -4.40 -38.67 -36.29
C ILE F 111 -4.55 -38.85 -37.82
N ARG F 112 -4.57 -40.11 -38.25
CA ARG F 112 -4.81 -40.50 -39.64
C ARG F 112 -6.22 -40.20 -40.10
N GLU F 113 -7.23 -40.32 -39.24
CA GLU F 113 -8.60 -39.97 -39.61
C GLU F 113 -8.82 -38.47 -39.81
N TYR F 114 -8.15 -37.56 -39.09
CA TYR F 114 -8.13 -36.15 -39.53
C TYR F 114 -7.53 -36.05 -40.93
N VAL F 115 -6.39 -36.70 -41.17
CA VAL F 115 -5.69 -36.56 -42.45
C VAL F 115 -6.57 -37.03 -43.60
N ARG F 116 -7.21 -38.19 -43.46
CA ARG F 116 -8.15 -38.75 -44.45
C ARG F 116 -9.34 -37.83 -44.67
N TYR F 117 -9.92 -37.30 -43.60
CA TYR F 117 -11.03 -36.37 -43.71
C TYR F 117 -10.63 -35.09 -44.43
N LEU F 118 -9.51 -34.49 -44.05
CA LEU F 118 -9.01 -33.23 -44.60
C LEU F 118 -8.64 -33.35 -46.06
N VAL F 119 -7.96 -34.43 -46.42
CA VAL F 119 -7.62 -34.72 -47.81
C VAL F 119 -8.87 -34.86 -48.67
N LEU F 120 -9.89 -35.59 -48.22
CA LEU F 120 -11.17 -35.67 -48.94
C LEU F 120 -11.88 -34.31 -49.02
N LYS F 121 -11.83 -33.51 -47.95
CA LYS F 121 -12.41 -32.15 -47.91
C LYS F 121 -11.76 -31.29 -48.98
N LEU F 122 -10.44 -31.27 -49.05
CA LEU F 122 -9.68 -30.48 -50.00
C LEU F 122 -9.88 -30.96 -51.44
N ASP F 123 -10.01 -32.27 -51.66
CA ASP F 123 -10.37 -32.80 -52.98
C ASP F 123 -11.69 -32.23 -53.49
N PHE F 124 -12.70 -32.16 -52.61
CA PHE F 124 -13.98 -31.57 -52.95
C PHE F 124 -13.87 -30.08 -53.26
N HIS F 125 -13.14 -29.32 -52.44
CA HIS F 125 -12.94 -27.89 -52.70
C HIS F 125 -12.26 -27.62 -54.05
N ALA F 126 -11.31 -28.44 -54.46
CA ALA F 126 -10.58 -28.25 -55.71
C ALA F 126 -11.44 -28.49 -56.95
N HIS F 127 -12.21 -29.59 -57.00
CA HIS F 127 -12.88 -30.03 -58.23
C HIS F 127 -14.37 -29.72 -58.29
N HIS F 128 -15.14 -30.12 -57.30
CA HIS F 128 -16.60 -30.24 -57.41
C HIS F 128 -17.37 -28.91 -57.46
N ARG F 129 -16.76 -27.78 -57.08
CA ARG F 129 -17.34 -26.43 -57.19
C ARG F 129 -16.34 -25.42 -57.71
N GLY F 130 -16.83 -24.32 -58.28
CA GLY F 130 -16.03 -23.12 -58.62
C GLY F 130 -15.88 -22.10 -57.48
N PHE F 131 -16.53 -22.30 -56.33
CA PHE F 131 -16.43 -21.44 -55.15
C PHE F 131 -15.06 -21.57 -54.43
N ASN F 132 -14.86 -20.79 -53.37
CA ASN F 132 -13.70 -20.90 -52.48
C ASN F 132 -14.04 -20.39 -51.07
N ASN F 133 -14.72 -21.19 -50.24
CA ASN F 133 -14.97 -20.85 -48.83
C ASN F 133 -14.74 -22.06 -47.90
N GLY F 134 -14.43 -21.82 -46.63
CA GLY F 134 -14.02 -22.83 -45.66
C GLY F 134 -15.18 -23.61 -45.07
N THR F 135 -16.07 -22.94 -44.34
CA THR F 135 -17.42 -23.44 -44.06
C THR F 135 -18.25 -23.40 -45.34
N PHE F 136 -18.84 -24.53 -45.74
CA PHE F 136 -19.70 -24.59 -46.92
C PHE F 136 -20.97 -23.75 -46.72
N GLU F 137 -21.34 -22.97 -47.73
CA GLU F 137 -22.45 -22.00 -47.68
C GLU F 137 -22.97 -21.64 -49.08
N TYR F 138 -24.15 -21.00 -49.13
CA TYR F 138 -24.83 -20.57 -50.35
C TYR F 138 -24.10 -19.41 -51.07
N GLU F 139 -23.04 -19.75 -51.82
CA GLU F 139 -22.54 -18.94 -52.93
C GLU F 139 -23.62 -18.91 -54.03
N GLU F 140 -24.16 -17.74 -54.33
CA GLU F 140 -25.38 -17.57 -55.11
C GLU F 140 -25.22 -17.96 -56.60
N TYR F 141 -24.16 -17.47 -57.25
CA TYR F 141 -23.91 -17.78 -58.66
C TYR F 141 -23.49 -19.23 -58.86
N VAL F 142 -22.59 -19.74 -58.01
CA VAL F 142 -22.14 -21.14 -58.09
C VAL F 142 -23.30 -22.12 -57.88
N SER F 143 -24.27 -21.79 -57.04
CA SER F 143 -25.51 -22.57 -56.90
C SER F 143 -26.33 -22.60 -58.19
N LEU F 144 -26.53 -21.45 -58.84
CA LEU F 144 -27.23 -21.37 -60.14
C LEU F 144 -26.48 -22.15 -61.22
N VAL F 145 -25.15 -22.11 -61.27
CA VAL F 145 -24.37 -22.95 -62.19
C VAL F 145 -24.60 -24.44 -61.93
N SER F 146 -24.72 -24.84 -60.67
CA SER F 146 -24.90 -26.24 -60.30
C SER F 146 -26.27 -26.80 -60.73
N VAL F 147 -27.37 -26.03 -60.69
CA VAL F 147 -28.64 -26.41 -61.36
C VAL F 147 -28.61 -26.31 -62.89
N SER F 148 -27.84 -25.38 -63.46
CA SER F 148 -27.61 -25.29 -64.92
C SER F 148 -26.90 -26.53 -65.50
N ASP F 149 -26.06 -27.16 -64.68
CA ASP F 149 -25.28 -28.38 -64.97
C ASP F 149 -25.73 -29.54 -64.05
N PRO F 150 -26.98 -30.01 -64.16
CA PRO F 150 -27.70 -30.65 -63.06
C PRO F 150 -27.07 -31.97 -62.58
N ASP F 151 -26.63 -32.85 -63.49
CA ASP F 151 -26.03 -34.13 -63.10
C ASP F 151 -24.67 -33.93 -62.41
N GLU F 152 -23.90 -32.90 -62.77
CA GLU F 152 -22.69 -32.52 -62.03
C GLU F 152 -23.04 -31.91 -60.66
N GLY F 153 -24.18 -31.24 -60.52
CA GLY F 153 -24.74 -30.84 -59.23
C GLY F 153 -25.22 -32.03 -58.36
N TYR F 154 -25.91 -33.02 -58.95
CA TYR F 154 -26.27 -34.28 -58.29
C TYR F 154 -25.01 -35.00 -57.79
N GLU F 155 -23.97 -35.13 -58.63
CA GLU F 155 -22.71 -35.74 -58.20
C GLU F 155 -21.99 -34.89 -57.15
N THR F 156 -22.08 -33.56 -57.23
CA THR F 156 -21.49 -32.69 -56.22
C THR F 156 -22.12 -32.96 -54.86
N ILE F 157 -23.45 -32.94 -54.76
CA ILE F 157 -24.12 -33.13 -53.46
C ILE F 157 -24.09 -34.57 -52.96
N LEU F 158 -24.23 -35.59 -53.82
CA LEU F 158 -24.14 -36.99 -53.40
C LEU F 158 -22.70 -37.40 -53.01
N ASP F 159 -21.68 -36.86 -53.68
CA ASP F 159 -20.30 -37.04 -53.20
C ASP F 159 -20.07 -36.24 -51.91
N LEU F 160 -20.62 -35.03 -51.80
CA LEU F 160 -20.52 -34.25 -50.56
C LEU F 160 -21.22 -34.95 -49.39
N MET F 161 -22.33 -35.65 -49.64
CA MET F 161 -22.92 -36.60 -48.70
C MET F 161 -21.95 -37.73 -48.34
N SER F 162 -21.18 -38.29 -49.28
CA SER F 162 -20.16 -39.31 -48.95
C SER F 162 -19.01 -38.76 -48.08
N LEU F 163 -18.69 -37.47 -48.25
CA LEU F 163 -17.86 -36.70 -47.33
C LEU F 163 -18.56 -36.52 -45.96
N GLN F 164 -19.85 -36.17 -45.91
CA GLN F 164 -20.63 -36.01 -44.68
C GLN F 164 -20.79 -37.34 -43.90
N ASP F 165 -20.88 -38.46 -44.63
CA ASP F 165 -20.81 -39.80 -44.06
C ASP F 165 -19.41 -40.09 -43.50
N SER F 166 -18.35 -39.60 -44.14
CA SER F 166 -16.99 -39.67 -43.63
C SER F 166 -16.70 -38.73 -42.44
N LEU F 167 -17.35 -37.57 -42.37
CA LEU F 167 -17.39 -36.65 -41.24
C LEU F 167 -18.06 -37.29 -40.02
N ASP F 168 -19.21 -37.94 -40.26
CA ASP F 168 -19.98 -38.66 -39.25
C ASP F 168 -19.24 -39.92 -38.77
N GLU F 169 -18.65 -40.71 -39.66
CA GLU F 169 -17.88 -41.89 -39.27
C GLU F 169 -16.60 -41.50 -38.53
N PHE F 170 -15.99 -40.35 -38.86
CA PHE F 170 -14.90 -39.75 -38.09
C PHE F 170 -15.39 -39.33 -36.69
N SER F 171 -16.59 -38.77 -36.58
CA SER F 171 -17.16 -38.43 -35.26
C SER F 171 -17.41 -39.70 -34.42
N GLN F 172 -17.95 -40.76 -35.01
CA GLN F 172 -18.14 -42.05 -34.32
C GLN F 172 -16.81 -42.64 -33.89
N ILE F 173 -15.75 -42.52 -34.70
CA ILE F 173 -14.40 -42.91 -34.32
C ILE F 173 -13.93 -42.16 -33.07
N ILE F 174 -14.11 -40.84 -33.02
CA ILE F 174 -13.68 -40.09 -31.85
C ILE F 174 -14.58 -40.37 -30.64
N PHE F 175 -15.90 -40.53 -30.81
CA PHE F 175 -16.78 -40.92 -29.71
C PHE F 175 -16.36 -42.26 -29.11
N ALA F 176 -16.10 -43.28 -29.92
CA ALA F 176 -15.62 -44.58 -29.44
C ALA F 176 -14.26 -44.47 -28.74
N SER F 177 -13.39 -43.60 -29.25
CA SER F 177 -12.11 -43.32 -28.61
C SER F 177 -12.26 -42.58 -27.27
N ILE F 178 -13.26 -41.70 -27.12
CA ILE F 178 -13.66 -41.08 -25.85
C ILE F 178 -14.23 -42.13 -24.87
N GLN F 179 -14.99 -43.11 -25.37
CA GLN F 179 -15.43 -44.27 -24.57
C GLN F 179 -14.23 -45.10 -24.08
N SER F 180 -13.13 -45.15 -24.85
CA SER F 180 -11.86 -45.75 -24.41
C SER F 180 -11.02 -44.86 -23.47
N GLU F 181 -10.95 -43.53 -23.68
CA GLU F 181 -10.08 -42.60 -22.95
C GLU F 181 -10.77 -41.98 -21.71
N ARG F 182 -11.50 -42.80 -20.96
CA ARG F 182 -12.23 -42.46 -19.73
C ARG F 182 -11.38 -41.71 -18.69
N ARG F 183 -10.12 -42.15 -18.54
CA ARG F 183 -9.17 -41.75 -17.48
C ARG F 183 -8.46 -40.40 -17.75
N ASN F 184 -8.55 -39.84 -18.96
CA ASN F 184 -7.71 -38.72 -19.40
C ASN F 184 -8.37 -37.74 -20.40
N THR F 185 -9.56 -38.03 -20.95
CA THR F 185 -10.17 -37.19 -21.99
C THR F 185 -10.29 -35.73 -21.59
N GLU F 186 -9.69 -34.86 -22.41
CA GLU F 186 -9.89 -33.40 -22.43
C GLU F 186 -9.83 -32.85 -23.88
N CYS F 187 -8.91 -33.32 -24.72
CA CYS F 187 -8.75 -32.84 -26.10
C CYS F 187 -9.63 -33.56 -27.13
N LYS F 188 -10.09 -34.79 -26.89
CA LYS F 188 -10.82 -35.56 -27.93
C LYS F 188 -12.18 -34.93 -28.24
N ILE F 189 -12.83 -34.35 -27.24
CA ILE F 189 -13.98 -33.47 -27.45
C ILE F 189 -13.60 -32.25 -28.32
N SER F 190 -12.41 -31.68 -28.12
CA SER F 190 -11.92 -30.54 -28.89
C SER F 190 -11.75 -30.86 -30.37
N ALA F 191 -11.34 -32.10 -30.67
CA ALA F 191 -11.25 -32.60 -32.04
C ALA F 191 -12.62 -32.64 -32.77
N LEU F 192 -13.71 -32.88 -32.02
CA LEU F 192 -15.06 -32.76 -32.56
C LEU F 192 -15.40 -31.33 -32.98
N ILE F 193 -14.83 -30.30 -32.33
CA ILE F 193 -15.37 -28.93 -32.42
C ILE F 193 -15.50 -28.39 -33.84
N PRO F 194 -14.48 -28.46 -34.72
CA PRO F 194 -14.63 -28.00 -36.10
C PRO F 194 -15.63 -28.82 -36.90
N LEU F 195 -15.72 -30.12 -36.61
CA LEU F 195 -16.67 -31.02 -37.28
C LEU F 195 -18.11 -30.61 -37.03
N ILE F 196 -18.41 -30.18 -35.80
CA ILE F 196 -19.78 -29.86 -35.39
C ILE F 196 -20.31 -28.70 -36.21
N ALA F 197 -19.55 -27.61 -36.27
CA ALA F 197 -19.95 -26.39 -36.95
C ALA F 197 -20.10 -26.61 -38.46
N GLU F 198 -19.16 -27.34 -39.05
CA GLU F 198 -19.23 -27.75 -40.44
C GLU F 198 -20.45 -28.62 -40.71
N SER F 199 -20.80 -29.55 -39.81
CA SER F 199 -21.87 -30.52 -40.07
C SER F 199 -23.24 -29.85 -40.21
N TYR F 200 -23.47 -28.76 -39.48
CA TYR F 200 -24.67 -27.94 -39.63
C TYR F 200 -24.65 -27.09 -40.92
N GLY F 201 -23.52 -26.50 -41.27
CA GLY F 201 -23.37 -25.68 -42.49
C GLY F 201 -23.48 -26.50 -43.77
N ILE F 202 -22.85 -27.67 -43.81
CA ILE F 202 -22.91 -28.62 -44.92
C ILE F 202 -24.33 -29.20 -45.07
N TYR F 203 -25.02 -29.46 -43.96
CA TYR F 203 -26.46 -29.78 -43.99
C TYR F 203 -27.28 -28.64 -44.60
N LYS F 204 -27.05 -27.38 -44.22
CA LYS F 204 -27.81 -26.24 -44.76
C LYS F 204 -27.59 -26.10 -46.27
N PHE F 205 -26.33 -26.26 -46.68
CA PHE F 205 -25.89 -26.11 -48.05
C PHE F 205 -26.52 -27.17 -48.96
N ILE F 206 -26.45 -28.43 -48.56
CA ILE F 206 -27.07 -29.50 -49.34
C ILE F 206 -28.59 -29.41 -49.28
N THR F 207 -29.21 -29.09 -48.14
CA THR F 207 -30.68 -29.02 -48.05
C THR F 207 -31.26 -28.00 -49.02
N SER F 208 -30.63 -26.83 -49.10
CA SER F 208 -31.02 -25.77 -50.05
C SER F 208 -30.80 -26.20 -51.49
N MET F 209 -29.65 -26.81 -51.80
CA MET F 209 -29.32 -27.25 -53.15
C MET F 209 -30.15 -28.45 -53.63
N LEU F 210 -30.46 -29.41 -52.75
CA LEU F 210 -31.30 -30.56 -53.03
C LEU F 210 -32.75 -30.13 -53.32
N ARG F 211 -33.29 -29.17 -52.56
CA ARG F 211 -34.65 -28.66 -52.75
C ARG F 211 -34.79 -27.84 -54.04
N ALA F 212 -33.86 -26.93 -54.29
CA ALA F 212 -33.82 -26.16 -55.53
C ALA F 212 -33.62 -27.02 -56.78
N MET F 213 -32.72 -28.01 -56.71
CA MET F 213 -32.53 -28.97 -57.79
C MET F 213 -33.77 -29.82 -58.03
N HIS F 214 -34.37 -30.39 -57.00
CA HIS F 214 -35.49 -31.31 -57.18
C HIS F 214 -36.70 -30.62 -57.78
N ARG F 215 -37.08 -29.46 -57.24
CA ARG F 215 -38.28 -28.77 -57.69
C ARG F 215 -38.15 -28.20 -59.09
N GLN F 216 -36.99 -27.62 -59.42
CA GLN F 216 -36.79 -27.04 -60.75
C GLN F 216 -36.60 -28.11 -61.83
N LEU F 217 -35.79 -29.15 -61.61
CA LEU F 217 -35.63 -30.26 -62.54
C LEU F 217 -36.84 -31.21 -62.50
N GLN F 227 -37.09 -38.95 -56.91
CA GLN F 227 -37.59 -38.99 -55.51
C GLN F 227 -36.56 -39.37 -54.46
N PRO F 228 -35.85 -40.53 -54.52
CA PRO F 228 -35.13 -41.05 -53.35
C PRO F 228 -34.01 -40.15 -52.79
N LEU F 229 -33.58 -39.09 -53.48
CA LEU F 229 -32.77 -38.02 -52.86
C LEU F 229 -33.44 -37.40 -51.61
N LYS F 230 -34.77 -37.35 -51.53
CA LYS F 230 -35.51 -37.02 -50.29
C LYS F 230 -35.27 -38.06 -49.18
N GLU F 231 -35.14 -39.34 -49.51
CA GLU F 231 -34.79 -40.39 -48.54
C GLU F 231 -33.32 -40.27 -48.10
N ARG F 232 -32.40 -39.98 -49.03
CA ARG F 232 -30.98 -39.66 -48.72
C ARG F 232 -30.88 -38.45 -47.80
N TYR F 233 -31.62 -37.39 -48.10
CA TYR F 233 -31.75 -36.17 -47.29
C TYR F 233 -32.24 -36.49 -45.87
N GLU F 234 -33.31 -37.29 -45.73
CA GLU F 234 -33.79 -37.69 -44.39
C GLU F 234 -32.77 -38.57 -43.64
N LEU F 235 -32.03 -39.47 -44.31
CA LEU F 235 -30.95 -40.23 -43.65
C LEU F 235 -29.88 -39.31 -43.06
N GLN F 236 -29.51 -38.24 -43.76
CA GLN F 236 -28.59 -37.22 -43.25
C GLN F 236 -29.22 -36.34 -42.16
N HIS F 237 -30.53 -36.06 -42.24
CA HIS F 237 -31.30 -35.37 -41.19
C HIS F 237 -31.24 -36.17 -39.88
N ALA F 238 -31.52 -37.48 -39.96
CA ALA F 238 -31.42 -38.41 -38.85
C ALA F 238 -29.99 -38.54 -38.31
N ARG F 239 -28.98 -38.55 -39.17
CA ARG F 239 -27.57 -38.57 -38.75
C ARG F 239 -27.14 -37.29 -38.02
N LEU F 240 -27.71 -36.13 -38.36
CA LEU F 240 -27.50 -34.91 -37.59
C LEU F 240 -28.08 -35.07 -36.19
N PHE F 241 -29.31 -35.56 -36.05
CA PHE F 241 -29.90 -35.76 -34.71
C PHE F 241 -29.15 -36.82 -33.88
N GLU F 242 -28.65 -37.88 -34.52
CA GLU F 242 -27.74 -38.84 -33.90
C GLU F 242 -26.44 -38.19 -33.40
N PHE F 243 -25.86 -37.28 -34.16
CA PHE F 243 -24.66 -36.56 -33.76
C PHE F 243 -24.94 -35.58 -32.60
N TYR F 244 -26.06 -34.84 -32.65
CA TYR F 244 -26.47 -33.88 -31.62
C TYR F 244 -26.74 -34.56 -30.27
N ALA F 245 -27.34 -35.75 -30.29
CA ALA F 245 -27.48 -36.59 -29.11
C ALA F 245 -26.12 -37.11 -28.60
N ASP F 246 -25.25 -37.61 -29.49
CA ASP F 246 -23.94 -38.10 -29.09
C ASP F 246 -23.05 -37.02 -28.46
N CYS F 247 -22.99 -35.81 -29.04
CA CYS F 247 -22.20 -34.69 -28.51
C CYS F 247 -22.77 -34.13 -27.18
N SER F 248 -24.08 -34.11 -27.02
CA SER F 248 -24.73 -33.82 -25.73
C SER F 248 -24.37 -34.83 -24.64
N SER F 249 -24.18 -36.13 -24.96
CA SER F 249 -23.75 -37.12 -23.96
C SER F 249 -22.33 -36.88 -23.40
N VAL F 250 -21.41 -36.36 -24.23
CA VAL F 250 -20.05 -35.95 -23.80
C VAL F 250 -20.05 -34.51 -23.26
N LYS F 251 -20.99 -34.18 -22.37
CA LYS F 251 -21.40 -32.81 -22.01
C LYS F 251 -20.26 -31.85 -21.61
N TYR F 252 -19.09 -32.35 -21.19
CA TYR F 252 -17.89 -31.55 -20.96
C TYR F 252 -17.48 -30.70 -22.20
N LEU F 253 -17.76 -31.15 -23.43
CA LEU F 253 -17.55 -30.37 -24.66
C LEU F 253 -18.24 -29.00 -24.63
N THR F 254 -19.44 -28.92 -24.05
CA THR F 254 -20.20 -27.68 -23.86
C THR F 254 -19.47 -26.63 -23.01
N THR F 255 -18.53 -27.04 -22.14
CA THR F 255 -17.69 -26.08 -21.39
C THR F 255 -16.65 -25.33 -22.27
N LEU F 256 -16.36 -25.83 -23.48
CA LEU F 256 -15.47 -25.21 -24.46
C LEU F 256 -16.26 -24.37 -25.49
N VAL F 257 -17.19 -25.03 -26.19
CA VAL F 257 -18.01 -24.52 -27.30
C VAL F 257 -19.24 -23.76 -26.79
N THR F 258 -20.13 -23.36 -27.68
CA THR F 258 -21.56 -23.19 -27.37
C THR F 258 -22.18 -24.56 -27.03
N ILE F 259 -23.51 -24.68 -26.91
CA ILE F 259 -24.15 -25.97 -27.17
C ILE F 259 -24.05 -26.29 -28.68
N PRO F 260 -23.66 -27.51 -29.09
CA PRO F 260 -23.75 -27.96 -30.48
C PRO F 260 -25.13 -27.84 -31.11
N LYS F 261 -25.24 -27.39 -32.36
CA LYS F 261 -26.53 -27.09 -33.00
C LYS F 261 -26.51 -27.15 -34.52
N MET G 6 19.59 0.54 -6.83
CA MET G 6 19.25 -0.89 -6.57
C MET G 6 17.82 -1.23 -6.95
N SER G 7 16.82 -0.43 -6.55
CA SER G 7 15.41 -0.82 -6.72
C SER G 7 15.03 -1.15 -8.17
N LYS G 8 15.59 -0.48 -9.19
CA LYS G 8 15.37 -0.84 -10.61
C LYS G 8 15.76 -2.28 -10.93
N GLN G 9 16.76 -2.87 -10.26
CA GLN G 9 17.09 -4.29 -10.41
C GLN G 9 16.05 -5.24 -9.79
N PHE G 10 15.46 -4.84 -8.66
CA PHE G 10 14.32 -5.61 -8.16
C PHE G 10 13.07 -5.45 -9.04
N VAL G 11 12.73 -4.22 -9.42
CA VAL G 11 11.56 -3.90 -10.26
C VAL G 11 11.66 -4.57 -11.62
N ARG G 12 12.83 -4.54 -12.27
CA ARG G 12 13.07 -5.24 -13.53
C ARG G 12 12.83 -6.74 -13.41
N SER G 13 13.27 -7.35 -12.32
CA SER G 13 12.98 -8.76 -12.02
C SER G 13 11.49 -9.01 -11.78
N ALA G 14 10.76 -8.05 -11.20
CA ALA G 14 9.32 -8.09 -11.04
C ALA G 14 8.58 -8.02 -12.39
N LYS G 15 8.99 -7.11 -13.28
CA LYS G 15 8.37 -7.02 -14.62
C LYS G 15 8.66 -8.29 -15.42
N ASN G 16 9.82 -8.91 -15.30
CA ASN G 16 10.14 -10.17 -15.96
C ASN G 16 9.30 -11.35 -15.48
N LEU G 17 8.87 -11.36 -14.21
CA LEU G 17 7.83 -12.29 -13.76
C LEU G 17 6.47 -11.91 -14.35
N VAL G 18 6.04 -10.66 -14.27
CA VAL G 18 4.64 -10.29 -14.57
C VAL G 18 4.26 -10.59 -16.01
N LYS G 19 5.14 -10.25 -16.94
CA LYS G 19 4.88 -10.47 -18.39
C LYS G 19 5.09 -11.95 -18.71
N GLY G 20 5.77 -12.71 -17.85
CA GLY G 20 5.93 -14.15 -18.00
C GLY G 20 7.01 -14.61 -18.98
N TYR G 21 7.99 -13.76 -19.29
CA TYR G 21 8.98 -14.03 -20.32
C TYR G 21 9.78 -15.31 -20.06
N SER G 22 9.98 -16.11 -21.11
CA SER G 22 10.83 -17.30 -21.10
C SER G 22 12.27 -16.99 -20.67
N SER G 23 12.97 -17.94 -20.08
CA SER G 23 14.35 -17.76 -19.63
C SER G 23 15.29 -17.30 -20.75
N THR G 24 15.09 -17.73 -22.00
CA THR G 24 15.83 -17.20 -23.15
C THR G 24 15.54 -15.72 -23.42
N GLN G 25 14.29 -15.28 -23.30
CA GLN G 25 13.94 -13.86 -23.39
C GLN G 25 14.53 -13.09 -22.21
N VAL G 26 14.46 -13.61 -20.99
CA VAL G 26 15.02 -12.93 -19.82
C VAL G 26 16.54 -12.80 -19.91
N LEU G 27 17.24 -13.77 -20.51
CA LEU G 27 18.64 -13.63 -20.87
C LEU G 27 18.88 -12.46 -21.81
N VAL G 28 18.12 -12.31 -22.91
CA VAL G 28 18.31 -11.18 -23.84
C VAL G 28 17.89 -9.85 -23.21
N ARG G 29 16.74 -9.83 -22.56
CA ARG G 29 16.21 -8.56 -22.03
C ARG G 29 16.95 -8.19 -20.75
N ASN G 30 17.83 -9.04 -20.22
CA ASN G 30 18.69 -8.68 -19.05
C ASN G 30 20.05 -8.31 -19.64
N ALA G 31 20.39 -8.88 -20.79
CA ALA G 31 21.67 -8.62 -21.45
C ALA G 31 21.73 -7.25 -22.13
N THR G 32 20.73 -6.92 -22.93
CA THR G 32 20.65 -5.63 -23.66
C THR G 32 19.77 -4.75 -22.81
N SER G 33 20.28 -4.17 -21.73
CA SER G 33 19.45 -3.43 -20.77
C SER G 33 20.12 -2.15 -20.31
N ASN G 34 19.37 -1.19 -19.75
CA ASN G 34 19.83 0.17 -19.34
C ASN G 34 20.94 0.27 -18.28
N ASP G 35 21.56 -0.80 -17.77
CA ASP G 35 22.72 -0.82 -16.85
C ASP G 35 24.02 -0.27 -17.47
N ASN G 36 24.07 -0.10 -18.79
CA ASN G 36 25.10 0.60 -19.57
C ASN G 36 26.54 0.08 -19.46
N HIS G 37 26.79 -1.06 -18.82
CA HIS G 37 28.05 -1.80 -18.95
C HIS G 37 28.03 -2.53 -20.29
N GLN G 38 29.08 -2.42 -21.09
CA GLN G 38 29.15 -3.08 -22.40
C GLN G 38 28.88 -4.60 -22.27
N VAL G 39 28.08 -5.14 -23.19
CA VAL G 39 27.46 -6.47 -23.08
C VAL G 39 28.49 -7.62 -23.03
N SER G 40 28.25 -8.61 -22.16
CA SER G 40 29.31 -9.53 -21.73
C SER G 40 29.62 -10.63 -22.76
N LYS G 41 30.91 -10.91 -22.96
CA LYS G 41 31.40 -11.79 -24.04
C LYS G 41 30.92 -13.25 -23.90
N ASP G 42 30.73 -13.70 -22.67
CA ASP G 42 30.10 -14.98 -22.34
C ASP G 42 28.60 -15.04 -22.71
N SER G 43 27.85 -13.95 -22.51
CA SER G 43 26.44 -13.89 -22.92
C SER G 43 26.31 -13.91 -24.42
N LEU G 44 27.17 -13.20 -25.15
CA LEU G 44 27.18 -13.22 -26.61
C LEU G 44 27.40 -14.61 -27.18
N ILE G 45 28.40 -15.37 -26.70
CA ILE G 45 28.64 -16.73 -27.18
C ILE G 45 27.54 -17.73 -26.76
N GLU G 46 26.91 -17.54 -25.59
CA GLU G 46 25.72 -18.31 -25.20
C GLU G 46 24.52 -18.08 -26.12
N LEU G 47 24.28 -16.84 -26.55
CA LEU G 47 23.21 -16.54 -27.51
C LEU G 47 23.54 -17.14 -28.88
N ALA G 48 24.81 -17.09 -29.30
CA ALA G 48 25.26 -17.72 -30.53
C ALA G 48 25.14 -19.25 -30.52
N GLU G 49 25.38 -19.92 -29.39
CA GLU G 49 25.11 -21.34 -29.25
C GLU G 49 23.60 -21.64 -29.24
N LYS G 50 22.80 -20.87 -28.48
CA LYS G 50 21.35 -21.07 -28.38
C LYS G 50 20.62 -20.92 -29.71
N SER G 51 21.13 -20.06 -30.58
CA SER G 51 20.60 -19.79 -31.91
C SER G 51 20.45 -21.05 -32.77
N TYR G 52 21.29 -22.07 -32.56
CA TYR G 52 21.17 -23.36 -33.24
C TYR G 52 19.93 -24.20 -32.85
N ASP G 53 19.26 -23.91 -31.73
CA ASP G 53 17.97 -24.53 -31.38
C ASP G 53 16.81 -23.82 -32.09
N SER G 54 16.33 -24.43 -33.15
CA SER G 54 15.34 -23.88 -34.07
C SER G 54 13.99 -23.50 -33.44
N ALA G 55 13.62 -24.05 -32.27
CA ALA G 55 12.42 -23.63 -31.53
C ALA G 55 12.70 -22.37 -30.68
N ASP G 56 13.84 -22.34 -29.99
CA ASP G 56 14.29 -21.29 -29.09
C ASP G 56 14.90 -20.06 -29.81
N PHE G 57 15.10 -20.18 -31.13
CA PHE G 57 15.63 -19.14 -32.01
C PHE G 57 14.77 -17.88 -32.01
N PHE G 58 13.47 -18.07 -32.17
CA PHE G 58 12.49 -17.00 -32.26
C PHE G 58 12.45 -16.19 -30.98
N GLU G 59 12.62 -16.80 -29.82
CA GLU G 59 12.64 -16.05 -28.57
C GLU G 59 13.78 -15.03 -28.53
N ILE G 60 14.96 -15.37 -29.06
CA ILE G 60 16.06 -14.41 -29.11
C ILE G 60 15.72 -13.30 -30.12
N MET G 61 15.37 -13.67 -31.35
CA MET G 61 15.24 -12.69 -32.41
C MET G 61 14.01 -11.80 -32.27
N ASP G 62 12.92 -12.30 -31.74
CA ASP G 62 11.74 -11.49 -31.45
C ASP G 62 11.99 -10.51 -30.31
N MET G 63 12.82 -10.85 -29.31
CA MET G 63 13.17 -9.85 -28.31
C MET G 63 14.09 -8.76 -28.86
N LEU G 64 15.05 -9.12 -29.73
CA LEU G 64 15.87 -8.13 -30.41
C LEU G 64 15.04 -7.26 -31.36
N ASP G 65 13.98 -7.78 -31.97
CA ASP G 65 13.05 -6.93 -32.71
C ASP G 65 12.28 -5.95 -31.82
N LYS G 66 11.96 -6.32 -30.56
CA LYS G 66 11.35 -5.38 -29.60
C LYS G 66 12.36 -4.32 -29.21
N ARG G 67 13.59 -4.71 -28.92
CA ARG G 67 14.65 -3.77 -28.48
C ARG G 67 15.12 -2.84 -29.63
N LEU G 68 15.15 -3.25 -30.91
CA LEU G 68 15.42 -2.37 -32.06
C LEU G 68 14.26 -1.42 -32.39
N ASN G 69 13.03 -1.84 -32.15
CA ASN G 69 11.82 -1.03 -32.33
C ASN G 69 11.73 0.11 -31.31
N ASP G 70 12.34 -0.08 -30.14
CA ASP G 70 12.03 0.59 -28.87
C ASP G 70 12.12 2.14 -28.82
N LYS G 71 11.56 2.76 -27.79
CA LYS G 71 11.46 4.23 -27.67
C LYS G 71 12.83 4.92 -27.75
N GLY G 72 12.86 6.22 -28.03
CA GLY G 72 14.11 7.02 -28.05
C GLY G 72 14.75 7.16 -26.68
N LYS G 73 13.98 7.29 -25.60
CA LYS G 73 14.49 7.41 -24.22
C LYS G 73 15.52 6.34 -23.94
N TYR G 74 15.39 5.13 -24.50
CA TYR G 74 16.29 4.01 -24.28
C TYR G 74 17.22 3.79 -25.47
N TRP G 75 17.95 4.82 -25.87
CA TRP G 75 18.98 4.66 -26.92
C TRP G 75 19.95 3.53 -26.56
N ARG G 76 20.13 3.32 -25.26
CA ARG G 76 20.93 2.27 -24.62
C ARG G 76 20.54 0.87 -25.12
N HIS G 77 19.25 0.61 -25.29
CA HIS G 77 18.74 -0.66 -25.79
C HIS G 77 19.12 -0.83 -27.23
N ILE G 78 18.99 0.21 -28.03
CA ILE G 78 19.17 0.14 -29.47
C ILE G 78 20.64 -0.08 -29.80
N ALA G 79 21.53 0.60 -29.08
CA ALA G 79 22.96 0.39 -29.20
C ALA G 79 23.38 -1.04 -28.85
N LYS G 80 22.92 -1.59 -27.71
CA LYS G 80 23.27 -2.95 -27.34
C LYS G 80 22.60 -3.97 -28.25
N ALA G 81 21.36 -3.77 -28.67
CA ALA G 81 20.71 -4.67 -29.59
C ALA G 81 21.44 -4.73 -30.94
N LEU G 82 21.96 -3.61 -31.43
CA LEU G 82 22.82 -3.59 -32.62
C LEU G 82 24.15 -4.32 -32.38
N THR G 83 24.69 -4.29 -31.16
CA THR G 83 25.89 -5.05 -30.78
C THR G 83 25.63 -6.55 -30.76
N VAL G 84 24.51 -6.97 -30.16
CA VAL G 84 24.12 -8.38 -30.06
C VAL G 84 23.85 -8.96 -31.44
N ILE G 85 23.23 -8.20 -32.33
CA ILE G 85 23.04 -8.63 -33.73
C ILE G 85 24.37 -8.76 -34.45
N ASP G 86 25.29 -7.80 -34.28
CA ASP G 86 26.60 -7.82 -34.92
C ASP G 86 27.42 -9.06 -34.52
N TYR G 87 27.42 -9.41 -33.23
CA TYR G 87 28.00 -10.67 -32.80
C TYR G 87 27.28 -11.88 -33.41
N LEU G 88 25.94 -11.90 -33.39
CA LEU G 88 25.18 -13.04 -33.88
C LEU G 88 25.37 -13.30 -35.38
N ILE G 89 25.53 -12.29 -36.23
CA ILE G 89 25.92 -12.54 -37.62
C ILE G 89 27.38 -12.98 -37.78
N ARG G 90 28.32 -12.52 -36.94
CA ARG G 90 29.72 -12.98 -36.99
C ARG G 90 29.94 -14.42 -36.48
N PHE G 91 29.27 -14.81 -35.39
CA PHE G 91 29.59 -16.02 -34.60
C PHE G 91 28.39 -16.92 -34.27
N GLY G 92 27.16 -16.46 -34.51
CA GLY G 92 25.95 -17.26 -34.37
C GLY G 92 25.63 -18.10 -35.60
N SER G 93 24.49 -18.78 -35.53
CA SER G 93 23.98 -19.63 -36.61
C SER G 93 23.67 -18.82 -37.87
N GLU G 94 23.78 -19.46 -39.03
CA GLU G 94 23.34 -18.90 -40.31
C GLU G 94 21.88 -18.46 -40.30
N ASN G 95 21.02 -19.10 -39.52
CA ASN G 95 19.64 -18.67 -39.32
C ASN G 95 19.52 -17.23 -38.79
N CYS G 96 20.46 -16.74 -37.99
CA CYS G 96 20.47 -15.34 -37.60
C CYS G 96 20.80 -14.42 -38.77
N VAL G 97 21.69 -14.81 -39.69
CA VAL G 97 21.94 -14.02 -40.90
C VAL G 97 20.73 -14.04 -41.81
N LEU G 98 20.10 -15.18 -42.05
CA LEU G 98 18.94 -15.22 -42.94
C LEU G 98 17.79 -14.35 -42.39
N TRP G 99 17.55 -14.38 -41.07
CA TRP G 99 16.57 -13.49 -40.45
C TRP G 99 16.96 -12.02 -40.61
N CYS G 100 18.22 -11.69 -40.32
CA CYS G 100 18.68 -10.32 -40.32
C CYS G 100 18.73 -9.72 -41.72
N ARG G 101 19.01 -10.53 -42.73
CA ARG G 101 18.93 -10.14 -44.14
C ARG G 101 17.50 -9.86 -44.57
N GLU G 102 16.54 -10.69 -44.21
CA GLU G 102 15.16 -10.56 -44.69
C GLU G 102 14.50 -9.27 -44.19
N ASN G 103 14.66 -8.94 -42.90
CA ASN G 103 14.25 -7.66 -42.36
C ASN G 103 15.45 -6.78 -41.97
N LEU G 104 16.25 -6.42 -42.97
CA LEU G 104 17.34 -5.46 -42.86
C LEU G 104 16.85 -4.05 -42.52
N TYR G 105 15.69 -3.68 -43.04
CA TYR G 105 15.12 -2.34 -42.93
C TYR G 105 15.02 -1.85 -41.50
N ILE G 106 14.80 -2.72 -40.52
CA ILE G 106 14.71 -2.33 -39.11
C ILE G 106 15.98 -1.63 -38.62
N ILE G 107 17.16 -2.17 -38.94
CA ILE G 107 18.48 -1.56 -38.73
C ILE G 107 18.75 -0.43 -39.71
N LYS G 108 18.53 -0.65 -41.00
CA LYS G 108 18.91 0.31 -42.03
C LYS G 108 18.24 1.66 -41.84
N THR G 109 17.02 1.68 -41.32
CA THR G 109 16.28 2.89 -40.96
C THR G 109 16.88 3.61 -39.75
N LEU G 110 17.53 2.90 -38.81
CA LEU G 110 18.27 3.48 -37.68
C LEU G 110 19.45 4.39 -38.05
N LYS G 111 20.10 4.25 -39.21
CA LYS G 111 21.27 5.07 -39.58
C LYS G 111 21.09 6.58 -39.37
N GLU G 112 19.86 7.09 -39.43
CA GLU G 112 19.54 8.50 -39.25
C GLU G 112 18.99 8.84 -37.85
N PHE G 113 19.00 7.89 -36.91
CA PHE G 113 18.41 8.01 -35.58
C PHE G 113 18.99 9.20 -34.81
N ARG G 114 18.22 9.80 -33.90
CA ARG G 114 18.57 11.04 -33.23
C ARG G 114 17.88 11.15 -31.88
N HIS G 115 18.64 11.37 -30.82
CA HIS G 115 18.14 11.65 -29.46
C HIS G 115 18.84 12.85 -28.83
N GLU G 116 18.20 13.60 -27.93
CA GLU G 116 18.77 14.82 -27.35
C GLU G 116 18.31 15.10 -25.91
N ASP G 117 19.25 15.45 -25.03
CA ASP G 117 19.03 15.92 -23.64
C ASP G 117 20.00 17.07 -23.27
N ASP G 118 20.50 17.77 -24.29
CA ASP G 118 21.75 18.49 -24.32
C ASP G 118 22.97 17.54 -24.24
N GLU G 119 23.83 17.57 -25.24
CA GLU G 119 24.85 16.56 -25.56
C GLU G 119 24.32 15.18 -26.02
N GLY G 120 23.00 14.95 -26.07
CA GLY G 120 22.41 13.65 -26.42
C GLY G 120 22.71 13.21 -27.86
N ILE G 121 23.09 14.15 -28.72
CA ILE G 121 23.67 13.88 -30.05
C ILE G 121 24.86 12.91 -29.99
N ASP G 122 25.61 12.85 -28.89
CA ASP G 122 26.67 11.87 -28.69
C ASP G 122 26.12 10.43 -28.53
N GLN G 123 24.96 10.29 -27.88
CA GLN G 123 24.25 9.02 -27.72
C GLN G 123 23.66 8.58 -29.07
N GLY G 124 23.06 9.50 -29.81
CA GLY G 124 22.65 9.21 -31.18
C GLY G 124 23.83 8.73 -32.04
N GLN G 125 25.03 9.26 -31.82
CA GLN G 125 26.18 8.83 -32.59
C GLN G 125 26.53 7.36 -32.38
N ILE G 126 26.46 6.81 -31.16
CA ILE G 126 26.76 5.38 -30.96
C ILE G 126 25.76 4.48 -31.69
N VAL G 127 24.47 4.85 -31.67
CA VAL G 127 23.44 4.12 -32.43
C VAL G 127 23.75 4.16 -33.92
N ARG G 128 24.03 5.35 -34.46
CA ARG G 128 24.25 5.53 -35.89
C ARG G 128 25.47 4.78 -36.40
N VAL G 129 26.60 4.83 -35.69
CA VAL G 129 27.80 4.13 -36.15
C VAL G 129 27.66 2.62 -36.10
N LYS G 130 26.96 2.07 -35.10
CA LYS G 130 26.71 0.62 -35.07
C LYS G 130 25.74 0.20 -36.17
N ALA G 131 24.70 0.97 -36.45
CA ALA G 131 23.82 0.67 -37.56
C ALA G 131 24.52 0.71 -38.91
N LYS G 132 25.43 1.69 -39.11
CA LYS G 132 26.23 1.83 -40.33
C LYS G 132 27.24 0.69 -40.52
N GLU G 133 27.96 0.33 -39.48
CA GLU G 133 28.89 -0.80 -39.55
C GLU G 133 28.13 -2.11 -39.79
N LEU G 134 27.00 -2.29 -39.12
CA LEU G 134 26.19 -3.50 -39.27
C LEU G 134 25.63 -3.63 -40.69
N THR G 135 25.08 -2.57 -41.29
CA THR G 135 24.63 -2.65 -42.70
C THR G 135 25.80 -2.82 -43.67
N ALA G 136 26.98 -2.25 -43.40
CA ALA G 136 28.17 -2.53 -44.19
C ALA G 136 28.55 -4.01 -44.13
N LEU G 137 28.39 -4.66 -42.98
CA LEU G 137 28.65 -6.09 -42.82
C LEU G 137 27.63 -6.99 -43.52
N LEU G 138 26.33 -6.68 -43.52
CA LEU G 138 25.36 -7.45 -44.32
C LEU G 138 25.59 -7.29 -45.82
N SER G 139 25.98 -6.09 -46.26
CA SER G 139 26.16 -5.77 -47.67
C SER G 139 27.46 -6.33 -48.27
N ASP G 140 28.59 -6.37 -47.56
CA ASP G 140 29.82 -7.01 -48.03
C ASP G 140 29.77 -8.54 -47.92
N ASP G 141 29.14 -9.21 -48.89
CA ASP G 141 28.94 -10.67 -48.86
C ASP G 141 30.26 -11.47 -48.80
N GLU G 142 31.30 -11.03 -49.50
CA GLU G 142 32.64 -11.63 -49.45
C GLU G 142 33.34 -11.44 -48.11
N ARG G 143 33.08 -10.32 -47.42
CA ARG G 143 33.52 -10.10 -46.05
C ARG G 143 32.77 -11.03 -45.12
N LEU G 144 31.45 -11.10 -45.22
CA LEU G 144 30.65 -11.84 -44.26
C LEU G 144 30.84 -13.35 -44.41
N ASN G 145 30.95 -13.89 -45.62
CA ASN G 145 31.26 -15.31 -45.77
C ASN G 145 32.74 -15.65 -45.46
N GLU G 146 33.71 -14.76 -45.68
CA GLU G 146 35.07 -14.97 -45.16
C GLU G 146 35.11 -14.98 -43.62
N GLU G 147 34.43 -14.01 -43.01
CA GLU G 147 34.35 -13.79 -41.57
C GLU G 147 33.68 -14.97 -40.88
N ARG G 148 32.52 -15.40 -41.39
CA ARG G 148 31.81 -16.58 -40.90
C ARG G 148 32.58 -17.87 -41.09
N ASN G 149 33.24 -18.10 -42.23
CA ASN G 149 34.02 -19.31 -42.43
C ASN G 149 35.17 -19.42 -41.40
N MET G 150 35.85 -18.32 -41.11
CA MET G 150 36.91 -18.30 -40.11
C MET G 150 36.35 -18.45 -38.69
N ASN G 151 35.29 -17.72 -38.35
CA ASN G 151 34.69 -17.69 -37.03
C ASN G 151 34.01 -18.99 -36.60
N ILE G 152 33.38 -19.70 -37.53
CA ILE G 152 32.82 -21.04 -37.33
C ILE G 152 33.98 -22.04 -37.19
N MET H 6 -11.25 1.45 -44.65
CA MET H 6 -10.18 1.37 -43.63
C MET H 6 -10.18 0.01 -42.97
N SER H 7 -9.03 -0.47 -42.48
CA SER H 7 -8.90 -1.75 -41.80
C SER H 7 -7.93 -1.67 -40.62
N ARG H 8 -7.99 -2.58 -39.65
CA ARG H 8 -7.26 -2.46 -38.38
C ARG H 8 -5.73 -2.32 -38.49
N ILE H 9 -5.09 -2.91 -39.50
CA ILE H 9 -3.65 -2.71 -39.75
C ILE H 9 -3.29 -1.27 -40.18
N ASP H 10 -4.16 -0.60 -40.93
CA ASP H 10 -4.02 0.83 -41.26
C ASP H 10 -4.07 1.71 -40.01
N SER H 11 -4.82 1.32 -38.99
CA SER H 11 -4.92 2.05 -37.73
C SER H 11 -3.58 2.14 -37.01
N ASP H 12 -2.74 1.11 -37.12
CA ASP H 12 -1.40 1.14 -36.53
C ASP H 12 -0.50 2.22 -37.17
N LEU H 13 -0.56 2.35 -38.50
CA LEU H 13 0.13 3.38 -39.28
C LEU H 13 -0.44 4.79 -39.07
N GLN H 14 -1.75 4.92 -38.98
CA GLN H 14 -2.41 6.19 -38.79
C GLN H 14 -2.02 6.88 -37.50
N LYS H 15 -1.74 6.16 -36.41
CA LYS H 15 -1.18 6.75 -35.19
C LYS H 15 0.13 7.47 -35.48
N ALA H 16 1.06 6.81 -36.18
CA ALA H 16 2.33 7.47 -36.52
C ALA H 16 2.15 8.68 -37.44
N LEU H 17 1.36 8.59 -38.51
CA LEU H 17 1.16 9.74 -39.40
C LEU H 17 0.58 10.98 -38.70
N LYS H 18 -0.24 10.87 -37.66
CA LYS H 18 -0.66 12.08 -36.92
C LYS H 18 0.52 12.78 -36.26
N LYS H 19 1.38 12.00 -35.62
CA LYS H 19 2.53 12.52 -34.88
C LYS H 19 3.67 13.00 -35.79
N ALA H 20 3.89 12.41 -36.97
CA ALA H 20 4.88 12.89 -37.92
C ALA H 20 4.46 14.22 -38.58
N CYS H 21 3.19 14.40 -38.90
CA CYS H 21 2.63 15.68 -39.34
C CYS H 21 2.19 16.55 -38.15
N SER H 22 2.99 16.64 -37.09
CA SER H 22 2.59 17.29 -35.83
C SER H 22 2.22 18.77 -36.01
N VAL H 23 1.39 19.25 -35.08
CA VAL H 23 0.58 20.47 -35.26
C VAL H 23 1.34 21.76 -35.55
N GLU H 24 2.65 21.84 -35.31
CA GLU H 24 3.41 23.07 -35.56
C GLU H 24 4.85 22.89 -36.09
N GLU H 25 5.45 24.02 -36.46
CA GLU H 25 6.70 24.21 -37.19
C GLU H 25 8.00 23.85 -36.41
N THR H 26 7.95 22.77 -35.63
CA THR H 26 9.12 21.98 -35.23
C THR H 26 9.37 20.84 -36.23
N ALA H 27 10.49 20.12 -36.12
CA ALA H 27 10.85 19.02 -37.02
C ALA H 27 9.80 17.88 -37.02
N PRO H 28 9.64 17.11 -38.11
CA PRO H 28 8.92 15.84 -38.09
C PRO H 28 9.79 14.75 -37.47
N LYS H 29 9.42 14.18 -36.33
CA LYS H 29 10.34 13.32 -35.56
C LYS H 29 10.76 12.09 -36.35
N ARG H 30 12.04 11.74 -36.35
CA ARG H 30 12.52 10.52 -37.03
C ARG H 30 11.82 9.28 -36.51
N LYS H 31 11.39 9.29 -35.25
CA LYS H 31 10.70 8.13 -34.63
C LYS H 31 9.37 7.83 -35.31
N HIS H 32 8.55 8.82 -35.68
CA HIS H 32 7.29 8.64 -36.39
C HIS H 32 7.44 8.46 -37.89
N VAL H 33 8.43 9.10 -38.51
CA VAL H 33 8.76 8.81 -39.90
C VAL H 33 9.26 7.38 -40.07
N ARG H 34 10.06 6.88 -39.13
CA ARG H 34 10.53 5.50 -39.09
C ARG H 34 9.37 4.55 -38.91
N ALA H 35 8.38 4.85 -38.09
CA ALA H 35 7.26 3.94 -37.92
C ALA H 35 6.48 3.74 -39.22
N CYS H 36 6.36 4.76 -40.07
CA CYS H 36 5.77 4.65 -41.41
C CYS H 36 6.64 3.88 -42.41
N ILE H 37 7.93 4.15 -42.43
CA ILE H 37 8.87 3.44 -43.30
C ILE H 37 8.92 1.96 -42.94
N VAL H 38 9.07 1.62 -41.67
CA VAL H 38 9.13 0.23 -41.22
C VAL H 38 7.80 -0.48 -41.46
N TYR H 39 6.66 0.20 -41.37
CA TYR H 39 5.39 -0.35 -41.83
C TYR H 39 5.45 -0.66 -43.31
N THR H 40 5.97 0.25 -44.12
CA THR H 40 5.92 0.13 -45.57
C THR H 40 6.72 -1.05 -46.09
N TRP H 41 7.83 -1.38 -45.45
CA TRP H 41 8.52 -2.65 -45.68
C TRP H 41 7.75 -3.86 -45.13
N ASP H 42 7.16 -3.80 -43.93
CA ASP H 42 6.43 -4.94 -43.35
C ASP H 42 5.27 -5.42 -44.20
N HIS H 43 4.42 -4.51 -44.65
CA HIS H 43 3.25 -4.83 -45.43
C HIS H 43 3.50 -4.79 -46.93
N GLN H 44 4.77 -4.80 -47.33
CA GLN H 44 5.26 -5.03 -48.69
C GLN H 44 4.75 -4.05 -49.76
N SER H 45 3.92 -3.10 -49.37
CA SER H 45 3.10 -2.26 -50.24
C SER H 45 2.71 -1.00 -49.48
N SER H 46 2.30 0.04 -50.19
CA SER H 46 2.17 1.38 -49.62
C SER H 46 0.83 2.04 -49.87
N LYS H 47 -0.16 1.35 -50.44
CA LYS H 47 -1.46 1.98 -50.71
C LYS H 47 -2.11 2.52 -49.46
N ALA H 48 -1.90 1.89 -48.31
CA ALA H 48 -2.40 2.40 -47.04
C ALA H 48 -1.82 3.76 -46.65
N VAL H 49 -0.56 4.04 -46.95
CA VAL H 49 0.08 5.31 -46.56
C VAL H 49 -0.45 6.47 -47.40
N PHE H 50 -0.62 6.29 -48.71
CA PHE H 50 -1.26 7.33 -49.53
C PHE H 50 -2.74 7.47 -49.21
N THR H 51 -3.47 6.37 -49.03
CA THR H 51 -4.89 6.42 -48.66
C THR H 51 -5.09 7.13 -47.32
N THR H 52 -4.14 7.00 -46.41
CA THR H 52 -4.14 7.81 -45.20
C THR H 52 -3.89 9.29 -45.48
N LEU H 53 -2.90 9.69 -46.27
CA LEU H 53 -2.66 11.10 -46.56
C LEU H 53 -3.84 11.79 -47.29
N LYS H 54 -4.54 11.06 -48.17
CA LYS H 54 -5.76 11.54 -48.84
C LYS H 54 -6.91 11.79 -47.87
N THR H 55 -7.01 11.02 -46.78
CA THR H 55 -8.12 11.09 -45.80
C THR H 55 -7.75 11.83 -44.49
N LEU H 56 -6.48 12.19 -44.30
CA LEU H 56 -5.96 13.05 -43.21
C LEU H 56 -6.61 14.44 -43.22
N PRO H 57 -6.73 15.14 -42.06
CA PRO H 57 -6.94 16.59 -41.96
C PRO H 57 -5.77 17.43 -42.53
N LEU H 58 -5.40 17.16 -43.79
CA LEU H 58 -4.17 17.61 -44.42
C LEU H 58 -4.15 19.11 -44.71
N ALA H 59 -4.97 19.57 -45.66
CA ALA H 59 -5.02 20.96 -46.10
C ALA H 59 -5.73 21.90 -45.09
N ASN H 60 -5.74 21.55 -43.79
CA ASN H 60 -6.29 22.39 -42.74
C ASN H 60 -5.44 23.65 -42.53
N ASP H 61 -4.10 23.53 -42.52
CA ASP H 61 -3.19 24.67 -42.49
C ASP H 61 -1.82 24.34 -43.07
N GLU H 62 -1.21 25.35 -43.69
CA GLU H 62 0.02 25.23 -44.48
C GLU H 62 1.22 24.66 -43.70
N VAL H 63 1.33 24.90 -42.40
CA VAL H 63 2.41 24.30 -41.60
C VAL H 63 2.42 22.78 -41.62
N GLN H 64 1.27 22.13 -41.45
CA GLN H 64 1.16 20.68 -41.53
C GLN H 64 1.29 20.16 -42.96
N LEU H 65 0.86 20.90 -43.99
CA LEU H 65 1.05 20.47 -45.38
C LEU H 65 2.53 20.49 -45.82
N PHE H 66 3.34 21.44 -45.37
CA PHE H 66 4.78 21.33 -45.61
C PHE H 66 5.35 20.13 -44.85
N LYS H 67 4.98 19.89 -43.58
CA LYS H 67 5.45 18.71 -42.83
C LYS H 67 5.12 17.43 -43.58
N MET H 68 3.90 17.33 -44.10
CA MET H 68 3.46 16.16 -44.86
C MET H 68 4.28 15.91 -46.10
N LEU H 69 4.74 16.95 -46.80
CA LEU H 69 5.63 16.80 -47.94
C LEU H 69 7.05 16.38 -47.54
N ILE H 70 7.57 16.81 -46.38
CA ILE H 70 8.84 16.28 -45.86
C ILE H 70 8.69 14.79 -45.56
N VAL H 71 7.63 14.40 -44.83
CA VAL H 71 7.39 13.00 -44.47
C VAL H 71 7.19 12.15 -45.70
N LEU H 72 6.39 12.61 -46.66
CA LEU H 72 6.12 11.90 -47.89
C LEU H 72 7.35 11.76 -48.77
N HIS H 73 8.24 12.74 -48.80
CA HIS H 73 9.51 12.57 -49.46
C HIS H 73 10.32 11.49 -48.75
N LYS H 74 10.47 11.53 -47.42
CA LYS H 74 11.26 10.50 -46.72
C LYS H 74 10.68 9.11 -46.93
N ILE H 75 9.37 8.94 -46.92
CA ILE H 75 8.73 7.63 -47.18
C ILE H 75 8.98 7.13 -48.60
N ILE H 76 8.92 7.99 -49.61
CA ILE H 76 9.25 7.57 -50.98
C ILE H 76 10.73 7.21 -51.09
N GLN H 77 11.59 8.00 -50.47
CA GLN H 77 13.02 7.87 -50.59
C GLN H 77 13.57 6.63 -49.84
N GLU H 78 13.23 6.50 -48.56
CA GLU H 78 13.64 5.41 -47.68
C GLU H 78 12.89 4.09 -47.85
N GLY H 79 11.60 4.16 -48.16
CA GLY H 79 10.69 3.03 -48.10
C GLY H 79 10.89 2.00 -49.21
N HIS H 80 10.11 0.93 -49.12
CA HIS H 80 10.05 -0.15 -50.09
C HIS H 80 9.76 0.38 -51.50
N PRO H 81 10.24 -0.23 -52.59
CA PRO H 81 9.97 0.21 -53.96
C PRO H 81 8.49 0.45 -54.32
N SER H 82 7.55 -0.15 -53.59
CA SER H 82 6.13 0.19 -53.71
C SER H 82 5.82 1.63 -53.35
N ALA H 83 6.50 2.28 -52.40
CA ALA H 83 6.18 3.66 -52.05
C ALA H 83 6.36 4.59 -53.25
N LEU H 84 7.47 4.43 -53.96
CA LEU H 84 7.71 5.12 -55.23
C LEU H 84 6.75 4.66 -56.33
N ALA H 85 6.45 3.36 -56.46
CA ALA H 85 5.53 2.93 -57.52
C ALA H 85 4.13 3.52 -57.34
N GLU H 86 3.61 3.58 -56.12
CA GLU H 86 2.35 4.29 -55.86
C GLU H 86 2.49 5.80 -56.06
N ALA H 87 3.63 6.41 -55.76
CA ALA H 87 3.86 7.83 -56.04
C ALA H 87 3.91 8.12 -57.56
N ILE H 88 4.43 7.20 -58.37
CA ILE H 88 4.39 7.27 -59.83
C ILE H 88 2.96 7.24 -60.32
N ARG H 89 2.07 6.44 -59.71
CA ARG H 89 0.65 6.47 -60.07
C ARG H 89 -0.05 7.75 -59.62
N ASP H 90 0.24 8.23 -58.43
CA ASP H 90 -0.52 9.31 -57.77
C ASP H 90 0.19 10.68 -57.76
N ARG H 91 1.13 10.89 -58.69
CA ARG H 91 1.83 12.18 -58.84
C ARG H 91 0.88 13.34 -59.13
N ASP H 92 -0.29 13.06 -59.70
CA ASP H 92 -1.37 14.03 -59.89
C ASP H 92 -2.08 14.42 -58.59
N TRP H 93 -2.19 13.51 -57.61
CA TRP H 93 -2.66 13.90 -56.28
C TRP H 93 -1.64 14.82 -55.64
N ILE H 94 -0.35 14.48 -55.73
CA ILE H 94 0.73 15.34 -55.23
C ILE H 94 0.66 16.73 -55.87
N ARG H 95 0.45 16.79 -57.19
CA ARG H 95 0.28 18.03 -57.96
C ARG H 95 -0.90 18.87 -57.45
N SER H 96 -2.01 18.21 -57.09
CA SER H 96 -3.16 18.89 -56.50
C SER H 96 -2.80 19.60 -55.19
N LEU H 97 -1.89 19.05 -54.38
CA LEU H 97 -1.38 19.71 -53.17
C LEU H 97 -0.65 21.02 -53.47
N GLY H 98 0.00 21.13 -54.63
CA GLY H 98 0.64 22.37 -55.08
C GLY H 98 -0.35 23.54 -55.24
N ARG H 99 -1.59 23.24 -55.66
CA ARG H 99 -2.66 24.24 -55.74
C ARG H 99 -3.27 24.68 -54.41
N VAL H 100 -3.49 23.77 -53.45
CA VAL H 100 -4.48 24.00 -52.36
C VAL H 100 -4.20 25.22 -51.46
N HIS H 101 -2.95 25.64 -51.28
CA HIS H 101 -2.59 26.97 -50.79
C HIS H 101 -1.87 27.75 -51.89
N SER H 102 -2.45 28.86 -52.33
CA SER H 102 -2.09 29.59 -53.56
C SER H 102 -0.97 30.61 -53.37
N GLY H 103 0.17 30.21 -52.79
CA GLY H 103 1.44 30.95 -52.84
C GLY H 103 1.48 32.33 -52.17
N GLY H 104 0.50 32.65 -51.30
CA GLY H 104 0.31 33.97 -50.66
C GLY H 104 1.36 34.36 -49.63
N SER H 105 1.09 34.11 -48.35
CA SER H 105 2.06 34.28 -47.26
C SER H 105 3.30 33.37 -47.49
N SER H 106 4.48 33.81 -47.05
CA SER H 106 5.78 33.20 -47.40
C SER H 106 5.83 31.68 -47.28
N TYR H 107 5.26 31.10 -46.24
CA TYR H 107 5.29 29.66 -45.99
C TYR H 107 4.65 28.85 -47.14
N SER H 108 3.60 29.36 -47.77
CA SER H 108 2.99 28.75 -48.95
C SER H 108 3.94 28.63 -50.15
N LYS H 109 4.89 29.54 -50.35
CA LYS H 109 5.84 29.45 -51.47
C LYS H 109 6.79 28.26 -51.34
N LEU H 110 7.18 27.92 -50.11
CA LEU H 110 7.97 26.73 -49.81
C LEU H 110 7.21 25.47 -50.25
N ILE H 111 5.91 25.40 -49.95
CA ILE H 111 5.09 24.28 -50.39
C ILE H 111 5.09 24.18 -51.91
N ARG H 112 4.84 25.28 -52.64
CA ARG H 112 4.71 25.18 -54.11
C ARG H 112 5.99 24.76 -54.80
N GLU H 113 7.14 25.26 -54.36
CA GLU H 113 8.42 24.80 -54.91
C GLU H 113 8.76 23.35 -54.53
N TYR H 114 8.35 22.84 -53.36
CA TYR H 114 8.54 21.42 -53.05
C TYR H 114 7.65 20.52 -53.92
N VAL H 115 6.39 20.90 -54.13
CA VAL H 115 5.49 20.13 -55.00
C VAL H 115 6.03 20.07 -56.43
N ARG H 116 6.53 21.18 -56.97
CA ARG H 116 7.18 21.21 -58.28
C ARG H 116 8.41 20.31 -58.34
N TYR H 117 9.18 20.21 -57.25
CA TYR H 117 10.32 19.30 -57.20
C TYR H 117 9.92 17.81 -57.18
N LEU H 118 8.95 17.42 -56.35
CA LEU H 118 8.43 16.07 -56.28
C LEU H 118 7.77 15.67 -57.60
N VAL H 119 6.94 16.53 -58.20
CA VAL H 119 6.32 16.25 -59.51
C VAL H 119 7.38 16.08 -60.61
N LEU H 120 8.48 16.83 -60.57
CA LEU H 120 9.61 16.62 -61.48
C LEU H 120 10.31 15.28 -61.23
N LYS H 121 10.55 14.89 -59.98
CA LYS H 121 11.18 13.61 -59.64
C LYS H 121 10.33 12.43 -60.11
N LEU H 122 9.04 12.46 -59.81
CA LEU H 122 8.10 11.40 -60.14
C LEU H 122 7.82 11.32 -61.64
N ASP H 123 7.75 12.48 -62.32
CA ASP H 123 7.74 12.50 -63.78
C ASP H 123 8.96 11.81 -64.37
N PHE H 124 10.15 12.08 -63.81
CA PHE H 124 11.39 11.49 -64.31
C PHE H 124 11.47 9.97 -64.13
N HIS H 125 11.04 9.42 -62.98
CA HIS H 125 10.99 7.97 -62.80
C HIS H 125 10.02 7.30 -63.78
N ALA H 126 8.82 7.84 -63.97
CA ALA H 126 7.82 7.31 -64.90
C ALA H 126 8.28 7.39 -66.37
N HIS H 127 8.79 8.54 -66.78
CA HIS H 127 9.16 8.84 -68.16
C HIS H 127 10.40 8.08 -68.61
N HIS H 128 11.48 8.13 -67.82
CA HIS H 128 12.82 7.98 -68.36
C HIS H 128 13.51 6.68 -67.98
N ARG H 129 13.74 6.47 -66.68
CA ARG H 129 14.53 5.33 -66.20
C ARG H 129 13.73 4.04 -66.13
N GLY H 130 14.39 2.91 -66.40
CA GLY H 130 13.99 1.60 -65.88
C GLY H 130 14.51 1.38 -64.46
N PHE H 131 14.35 2.35 -63.56
CA PHE H 131 14.88 2.32 -62.20
C PHE H 131 13.86 2.86 -61.21
N ASN H 132 13.61 2.10 -60.14
CA ASN H 132 12.53 2.35 -59.20
C ASN H 132 13.00 2.14 -57.75
N ASN H 133 13.98 2.93 -57.32
CA ASN H 133 14.33 3.13 -55.90
C ASN H 133 14.23 4.62 -55.58
N GLY H 134 13.89 4.94 -54.34
CA GLY H 134 13.60 6.32 -53.93
C GLY H 134 14.83 7.22 -53.99
N THR H 135 15.83 6.91 -53.17
CA THR H 135 17.23 7.31 -53.40
C THR H 135 17.72 6.64 -54.68
N PHE H 136 18.52 7.33 -55.50
CA PHE H 136 19.23 6.70 -56.60
C PHE H 136 20.45 5.92 -56.11
N GLU H 137 20.77 4.81 -56.76
CA GLU H 137 21.96 4.00 -56.49
C GLU H 137 22.43 3.35 -57.80
N TYR H 138 23.69 2.93 -57.86
CA TYR H 138 24.32 2.45 -59.10
C TYR H 138 23.86 1.05 -59.52
N GLU H 139 22.64 0.95 -60.02
CA GLU H 139 22.09 -0.26 -60.62
C GLU H 139 22.90 -0.64 -61.88
N GLU H 140 23.55 -1.78 -61.80
CA GLU H 140 24.49 -2.24 -62.81
C GLU H 140 23.79 -2.52 -64.14
N TYR H 141 22.62 -3.17 -64.14
CA TYR H 141 21.93 -3.51 -65.38
C TYR H 141 21.41 -2.24 -66.09
N VAL H 142 20.86 -1.28 -65.35
CA VAL H 142 20.39 0.00 -65.92
C VAL H 142 21.57 0.83 -66.46
N SER H 143 22.71 0.80 -65.78
CA SER H 143 23.93 1.48 -66.21
C SER H 143 24.51 0.85 -67.48
N LEU H 144 24.65 -0.48 -67.52
CA LEU H 144 25.10 -1.23 -68.70
C LEU H 144 24.20 -0.99 -69.92
N VAL H 145 22.88 -1.06 -69.76
CA VAL H 145 21.92 -0.81 -70.84
C VAL H 145 21.95 0.65 -71.32
N SER H 146 22.21 1.61 -70.42
CA SER H 146 22.38 3.03 -70.78
C SER H 146 23.67 3.32 -71.56
N VAL H 147 24.82 2.79 -71.13
CA VAL H 147 26.10 2.97 -71.85
C VAL H 147 26.13 2.22 -73.18
N SER H 148 25.43 1.09 -73.27
CA SER H 148 25.14 0.38 -74.52
C SER H 148 24.22 1.14 -75.50
N ASP H 149 23.67 2.30 -75.10
CA ASP H 149 22.71 3.15 -75.83
C ASP H 149 23.07 4.67 -75.71
N PRO H 150 24.32 5.09 -76.03
CA PRO H 150 24.92 6.30 -75.44
C PRO H 150 24.36 7.66 -75.88
N ASP H 151 23.61 7.79 -76.97
CA ASP H 151 22.87 9.03 -77.26
C ASP H 151 21.69 9.23 -76.28
N GLU H 152 20.97 8.16 -75.94
CA GLU H 152 20.06 8.12 -74.79
C GLU H 152 20.83 8.19 -73.46
N GLY H 153 22.06 7.66 -73.39
CA GLY H 153 22.95 7.80 -72.25
C GLY H 153 23.29 9.27 -71.93
N TYR H 154 23.66 10.06 -72.94
CA TYR H 154 23.81 11.52 -72.82
C TYR H 154 22.50 12.16 -72.35
N GLU H 155 21.36 11.82 -72.97
CA GLU H 155 20.07 12.34 -72.51
C GLU H 155 19.73 11.96 -71.07
N THR H 156 20.18 10.79 -70.60
CA THR H 156 20.00 10.34 -69.22
C THR H 156 20.79 11.20 -68.25
N ILE H 157 22.07 11.45 -68.48
CA ILE H 157 22.83 12.32 -67.57
C ILE H 157 22.37 13.78 -67.66
N LEU H 158 21.99 14.29 -68.83
CA LEU H 158 21.50 15.66 -68.95
C LEU H 158 20.11 15.85 -68.32
N ASP H 159 19.22 14.85 -68.42
CA ASP H 159 17.94 14.87 -67.72
C ASP H 159 18.11 14.69 -66.20
N LEU H 160 19.00 13.80 -65.76
CA LEU H 160 19.30 13.61 -64.34
C LEU H 160 19.98 14.86 -63.74
N MET H 161 20.83 15.52 -64.50
CA MET H 161 21.33 16.87 -64.19
C MET H 161 20.20 17.90 -64.14
N SER H 162 19.15 17.82 -64.95
CA SER H 162 18.02 18.76 -64.86
C SER H 162 17.25 18.62 -63.52
N LEU H 163 17.18 17.41 -62.95
CA LEU H 163 16.73 17.25 -61.56
C LEU H 163 17.72 17.87 -60.56
N GLN H 164 19.04 17.65 -60.69
CA GLN H 164 19.98 18.27 -59.75
C GLN H 164 19.98 19.82 -59.83
N ASP H 165 19.72 20.38 -61.01
CA ASP H 165 19.47 21.83 -61.17
C ASP H 165 18.25 22.28 -60.37
N SER H 166 17.12 21.56 -60.47
CA SER H 166 15.91 21.94 -59.72
C SER H 166 16.05 21.70 -58.23
N LEU H 167 16.77 20.66 -57.83
CA LEU H 167 17.18 20.38 -56.46
C LEU H 167 17.98 21.56 -55.89
N ASP H 168 18.94 22.07 -56.67
CA ASP H 168 19.75 23.22 -56.26
C ASP H 168 18.94 24.52 -56.22
N GLU H 169 18.05 24.77 -57.18
CA GLU H 169 17.26 26.01 -57.19
C GLU H 169 16.32 26.04 -55.99
N PHE H 170 15.66 24.91 -55.70
CA PHE H 170 14.79 24.78 -54.54
C PHE H 170 15.57 24.93 -53.23
N SER H 171 16.80 24.43 -53.14
CA SER H 171 17.61 24.65 -51.93
C SER H 171 17.85 26.14 -51.66
N GLN H 172 18.05 26.95 -52.71
CA GLN H 172 18.17 28.40 -52.54
C GLN H 172 16.86 29.07 -52.15
N ILE H 173 15.70 28.57 -52.59
CA ILE H 173 14.40 29.06 -52.07
C ILE H 173 14.31 28.80 -50.56
N ILE H 174 14.66 27.60 -50.10
CA ILE H 174 14.63 27.30 -48.67
C ILE H 174 15.65 28.15 -47.91
N PHE H 175 16.87 28.34 -48.41
CA PHE H 175 17.88 29.15 -47.72
C PHE H 175 17.51 30.63 -47.64
N ALA H 176 17.00 31.23 -48.72
CA ALA H 176 16.54 32.61 -48.67
C ALA H 176 15.33 32.78 -47.75
N SER H 177 14.38 31.84 -47.77
CA SER H 177 13.22 31.86 -46.88
C SER H 177 13.61 31.69 -45.41
N ILE H 178 14.60 30.84 -45.12
CA ILE H 178 15.20 30.71 -43.79
C ILE H 178 15.78 32.05 -43.32
N GLN H 179 16.60 32.68 -44.16
CA GLN H 179 17.35 33.88 -43.76
C GLN H 179 16.48 35.12 -43.62
N SER H 180 15.44 35.26 -44.45
CA SER H 180 14.47 36.35 -44.36
C SER H 180 13.53 36.22 -43.16
N GLU H 181 13.10 35.00 -42.81
CA GLU H 181 12.32 34.73 -41.58
C GLU H 181 13.17 34.81 -40.28
N ARG H 182 14.48 34.52 -40.34
CA ARG H 182 15.48 34.63 -39.25
C ARG H 182 15.36 33.63 -38.09
N ARG H 183 14.15 33.22 -37.71
CA ARG H 183 13.88 32.29 -36.59
C ARG H 183 12.73 31.32 -36.90
N ASN H 184 12.58 30.26 -36.11
CA ASN H 184 11.76 29.09 -36.46
C ASN H 184 12.15 28.49 -37.82
N THR H 185 13.34 27.91 -37.83
CA THR H 185 13.95 27.23 -38.98
C THR H 185 13.66 25.74 -39.07
N GLU H 186 13.14 25.13 -38.00
CA GLU H 186 13.28 23.69 -37.74
C GLU H 186 12.64 22.81 -38.82
N CYS H 187 11.41 23.10 -39.25
CA CYS H 187 10.80 22.36 -40.34
C CYS H 187 11.48 22.64 -41.69
N LYS H 188 11.93 23.88 -41.93
CA LYS H 188 12.58 24.23 -43.20
C LYS H 188 13.90 23.50 -43.35
N ILE H 189 14.73 23.49 -42.31
CA ILE H 189 15.97 22.72 -42.32
C ILE H 189 15.69 21.20 -42.37
N SER H 190 14.64 20.72 -41.73
CA SER H 190 14.26 19.31 -41.86
C SER H 190 13.98 18.95 -43.32
N ALA H 191 13.34 19.84 -44.09
CA ALA H 191 13.17 19.68 -45.53
C ALA H 191 14.49 19.62 -46.30
N LEU H 192 15.55 20.28 -45.84
CA LEU H 192 16.88 20.10 -46.42
C LEU H 192 17.42 18.67 -46.22
N ILE H 193 17.10 17.95 -45.13
CA ILE H 193 17.68 16.62 -44.86
C ILE H 193 17.48 15.57 -45.99
N PRO H 194 16.26 15.33 -46.51
CA PRO H 194 16.07 14.38 -47.59
C PRO H 194 16.65 14.88 -48.92
N LEU H 195 16.59 16.19 -49.17
CA LEU H 195 17.24 16.83 -50.31
C LEU H 195 18.76 16.64 -50.26
N ILE H 196 19.39 16.65 -49.08
CA ILE H 196 20.81 16.35 -48.92
C ILE H 196 21.10 14.91 -49.32
N ALA H 197 20.34 13.94 -48.83
CA ALA H 197 20.58 12.53 -49.15
C ALA H 197 20.36 12.26 -50.65
N GLU H 198 19.30 12.80 -51.25
CA GLU H 198 19.12 12.73 -52.70
C GLU H 198 20.23 13.46 -53.45
N SER H 199 20.73 14.60 -52.96
CA SER H 199 21.78 15.35 -53.65
C SER H 199 23.05 14.53 -53.76
N TYR H 200 23.40 13.79 -52.72
CA TYR H 200 24.53 12.87 -52.75
C TYR H 200 24.23 11.64 -53.60
N GLY H 201 23.02 11.10 -53.52
CA GLY H 201 22.62 9.92 -54.28
C GLY H 201 22.58 10.16 -55.78
N ILE H 202 22.05 11.31 -56.20
CA ILE H 202 22.04 11.70 -57.61
C ILE H 202 23.46 12.02 -58.10
N TYR H 203 24.28 12.65 -57.25
CA TYR H 203 25.68 12.92 -57.54
C TYR H 203 26.50 11.64 -57.74
N LYS H 204 26.33 10.64 -56.86
CA LYS H 204 26.96 9.33 -57.00
C LYS H 204 26.51 8.60 -58.25
N PHE H 205 25.23 8.74 -58.62
CA PHE H 205 24.78 8.12 -59.85
C PHE H 205 25.36 8.79 -61.08
N ILE H 206 25.31 10.12 -61.22
CA ILE H 206 25.95 10.77 -62.38
C ILE H 206 27.43 10.44 -62.38
N THR H 207 28.14 10.50 -61.25
CA THR H 207 29.58 10.20 -61.22
C THR H 207 29.90 8.79 -61.75
N SER H 208 29.13 7.80 -61.31
CA SER H 208 29.31 6.39 -61.70
C SER H 208 28.88 6.10 -63.15
N MET H 209 27.82 6.75 -63.61
CA MET H 209 27.36 6.66 -64.99
C MET H 209 28.28 7.38 -65.98
N LEU H 210 28.75 8.56 -65.61
CA LEU H 210 29.71 9.35 -66.35
C LEU H 210 31.04 8.61 -66.46
N ARG H 211 31.57 8.03 -65.37
CA ARG H 211 32.78 7.19 -65.41
C ARG H 211 32.60 6.02 -66.37
N ALA H 212 31.48 5.30 -66.25
CA ALA H 212 31.22 4.17 -67.13
C ALA H 212 31.17 4.60 -68.60
N MET H 213 30.44 5.66 -68.91
CA MET H 213 30.27 6.16 -70.28
C MET H 213 31.55 6.77 -70.87
N HIS H 214 32.37 7.42 -70.03
CA HIS H 214 33.67 8.01 -70.37
C HIS H 214 34.68 6.93 -70.77
N ARG H 215 34.81 5.85 -69.99
CA ARG H 215 35.65 4.71 -70.36
C ARG H 215 35.08 3.84 -71.48
N GLN H 216 33.76 3.68 -71.57
CA GLN H 216 33.09 2.94 -72.67
C GLN H 216 33.23 3.60 -74.05
N LEU H 217 33.24 4.93 -74.12
CA LEU H 217 33.69 5.69 -75.28
C LEU H 217 35.22 5.65 -75.39
N GLN H 227 33.76 13.87 -73.03
CA GLN H 227 34.26 15.25 -73.22
C GLN H 227 33.43 16.33 -72.47
N PRO H 228 32.36 16.98 -73.00
CA PRO H 228 31.80 18.19 -72.37
C PRO H 228 31.07 17.96 -71.04
N LEU H 229 30.56 16.73 -70.82
CA LEU H 229 29.95 16.32 -69.56
C LEU H 229 30.87 16.49 -68.34
N LYS H 230 32.20 16.43 -68.50
CA LYS H 230 33.16 16.76 -67.44
C LYS H 230 33.11 18.25 -67.01
N GLU H 231 32.87 19.18 -67.93
CA GLU H 231 32.66 20.60 -67.59
C GLU H 231 31.33 20.84 -66.85
N ARG H 232 30.28 20.12 -67.26
CA ARG H 232 28.97 20.13 -66.59
C ARG H 232 29.09 19.51 -65.21
N TYR H 233 29.77 18.38 -65.08
CA TYR H 233 30.09 17.71 -63.83
C TYR H 233 30.87 18.63 -62.88
N GLU H 234 31.81 19.44 -63.35
CA GLU H 234 32.52 20.38 -62.48
C GLU H 234 31.58 21.48 -61.91
N LEU H 235 30.63 21.99 -62.70
CA LEU H 235 29.62 22.92 -62.18
C LEU H 235 28.68 22.24 -61.17
N GLN H 236 28.20 21.03 -61.46
CA GLN H 236 27.36 20.30 -60.51
C GLN H 236 28.10 19.95 -59.21
N HIS H 237 29.36 19.53 -59.31
CA HIS H 237 30.26 19.28 -58.18
C HIS H 237 30.54 20.56 -57.38
N ALA H 238 30.74 21.69 -58.04
CA ALA H 238 30.89 22.97 -57.38
C ALA H 238 29.64 23.31 -56.56
N ARG H 239 28.44 23.12 -57.12
CA ARG H 239 27.15 23.28 -56.42
C ARG H 239 27.00 22.29 -55.26
N LEU H 240 27.50 21.08 -55.38
CA LEU H 240 27.48 20.07 -54.32
C LEU H 240 28.29 20.53 -53.10
N PHE H 241 29.53 20.96 -53.33
CA PHE H 241 30.43 21.45 -52.29
C PHE H 241 29.98 22.80 -51.71
N GLU H 242 29.38 23.67 -52.51
CA GLU H 242 28.68 24.85 -52.01
C GLU H 242 27.49 24.49 -51.11
N PHE H 243 26.66 23.54 -51.50
CA PHE H 243 25.49 23.17 -50.70
C PHE H 243 25.88 22.58 -49.34
N TYR H 244 26.91 21.76 -49.27
CA TYR H 244 27.39 21.22 -47.99
C TYR H 244 28.09 22.25 -47.09
N ALA H 245 28.78 23.22 -47.68
CA ALA H 245 29.21 24.40 -46.93
C ALA H 245 28.01 25.20 -46.37
N ASP H 246 26.97 25.45 -47.16
CA ASP H 246 25.77 26.16 -46.71
C ASP H 246 25.06 25.40 -45.56
N CYS H 247 24.94 24.09 -45.66
CA CYS H 247 24.43 23.23 -44.58
C CYS H 247 25.31 23.25 -43.32
N SER H 248 26.64 23.31 -43.47
CA SER H 248 27.57 23.38 -42.34
C SER H 248 27.31 24.58 -41.41
N SER H 249 26.79 25.69 -41.95
CA SER H 249 26.36 26.84 -41.14
C SER H 249 25.23 26.50 -40.15
N VAL H 250 24.35 25.55 -40.48
CA VAL H 250 23.07 25.31 -39.81
C VAL H 250 23.26 24.50 -38.52
N LYS H 251 23.05 25.15 -37.37
CA LYS H 251 23.54 24.65 -36.08
C LYS H 251 22.79 23.45 -35.52
N TYR H 252 21.47 23.28 -35.77
CA TYR H 252 20.79 21.98 -35.55
C TYR H 252 21.02 20.90 -36.62
N LEU H 253 20.82 21.22 -37.91
CA LEU H 253 20.80 20.22 -38.98
C LEU H 253 22.08 19.41 -39.03
N THR H 254 23.20 20.08 -38.81
CA THR H 254 24.53 19.48 -38.78
C THR H 254 24.67 18.33 -37.78
N THR H 255 23.92 18.35 -36.67
CA THR H 255 24.12 17.40 -35.56
C THR H 255 23.88 15.93 -35.93
N LEU H 256 22.77 15.66 -36.64
CA LEU H 256 22.15 14.32 -36.76
C LEU H 256 22.61 13.48 -37.96
N VAL H 257 22.94 14.10 -39.10
CA VAL H 257 23.19 13.42 -40.38
C VAL H 257 24.51 12.63 -40.37
N THR H 258 25.39 12.87 -39.39
CA THR H 258 26.80 12.41 -39.36
C THR H 258 27.51 12.87 -40.64
N ILE H 259 27.66 14.20 -40.74
CA ILE H 259 28.10 14.97 -41.90
C ILE H 259 27.07 14.98 -43.06
N PRO H 260 26.57 16.15 -43.50
CA PRO H 260 26.00 16.28 -44.84
C PRO H 260 27.10 16.07 -45.89
N LYS H 261 27.23 14.81 -46.31
CA LYS H 261 28.42 14.16 -46.93
C LYS H 261 29.15 15.03 -47.96
N MET I 6 -8.04 -8.97 -5.06
CA MET I 6 -7.00 -9.67 -4.24
C MET I 6 -6.82 -9.04 -2.86
N SER I 7 -6.75 -7.71 -2.76
CA SER I 7 -6.55 -7.04 -1.47
C SER I 7 -7.63 -7.39 -0.44
N LYS I 8 -8.92 -7.41 -0.83
CA LYS I 8 -10.01 -7.74 0.10
C LYS I 8 -9.91 -9.18 0.63
N GLN I 9 -9.52 -10.16 -0.17
CA GLN I 9 -9.41 -11.54 0.27
C GLN I 9 -8.36 -11.73 1.39
N PHE I 10 -7.21 -11.06 1.28
CA PHE I 10 -6.25 -11.03 2.39
C PHE I 10 -6.79 -10.20 3.56
N VAL I 11 -7.27 -8.98 3.35
CA VAL I 11 -7.63 -8.09 4.46
C VAL I 11 -8.79 -8.66 5.29
N ARG I 12 -9.79 -9.30 4.66
CA ARG I 12 -10.83 -10.04 5.39
C ARG I 12 -10.27 -11.19 6.18
N SER I 13 -9.28 -11.91 5.66
CA SER I 13 -8.61 -12.96 6.43
C SER I 13 -7.89 -12.40 7.67
N ALA I 14 -7.33 -11.18 7.59
CA ALA I 14 -6.76 -10.51 8.75
C ALA I 14 -7.83 -10.08 9.77
N LYS I 15 -8.97 -9.52 9.33
CA LYS I 15 -10.08 -9.10 10.25
C LYS I 15 -10.67 -10.31 10.94
N ASN I 16 -10.71 -11.49 10.34
CA ASN I 16 -11.11 -12.76 10.96
C ASN I 16 -10.18 -13.17 12.11
N LEU I 17 -8.87 -12.99 11.95
CA LEU I 17 -7.92 -13.24 13.02
C LEU I 17 -8.08 -12.23 14.17
N VAL I 18 -8.22 -10.93 13.86
CA VAL I 18 -8.27 -9.84 14.83
C VAL I 18 -9.48 -9.92 15.77
N LYS I 19 -10.65 -10.24 15.23
CA LYS I 19 -11.88 -10.37 16.03
C LYS I 19 -11.90 -11.75 16.70
N GLY I 20 -11.04 -12.68 16.29
CA GLY I 20 -10.87 -13.99 16.92
C GLY I 20 -11.80 -15.10 16.46
N TYR I 21 -12.41 -14.99 15.28
CA TYR I 21 -13.61 -15.75 14.95
C TYR I 21 -13.46 -17.27 14.99
N SER I 22 -14.50 -17.91 15.55
CA SER I 22 -14.76 -19.34 15.53
C SER I 22 -14.87 -19.88 14.11
N SER I 23 -14.51 -21.15 13.90
CA SER I 23 -14.73 -21.81 12.60
C SER I 23 -16.20 -21.78 12.17
N THR I 24 -17.15 -21.82 13.11
CA THR I 24 -18.56 -21.66 12.78
C THR I 24 -18.85 -20.23 12.31
N GLN I 25 -18.36 -19.21 13.01
CA GLN I 25 -18.51 -17.81 12.59
C GLN I 25 -17.86 -17.58 11.24
N VAL I 26 -16.62 -18.02 11.02
CA VAL I 26 -15.90 -17.85 9.75
C VAL I 26 -16.62 -18.51 8.59
N LEU I 27 -17.26 -19.67 8.78
CA LEU I 27 -18.09 -20.25 7.72
C LEU I 27 -19.28 -19.35 7.36
N VAL I 28 -20.04 -19.02 8.40
CA VAL I 28 -21.26 -18.18 8.24
C VAL I 28 -20.75 -16.90 7.66
N ARG I 29 -19.65 -16.36 8.12
CA ARG I 29 -19.16 -15.06 7.63
C ARG I 29 -18.72 -15.10 6.17
N ASN I 30 -18.07 -16.18 5.72
CA ASN I 30 -17.63 -16.35 4.31
C ASN I 30 -18.86 -16.53 3.44
N ALA I 31 -19.86 -17.28 3.91
CA ALA I 31 -21.15 -17.40 3.24
C ALA I 31 -21.83 -16.04 3.02
N THR I 32 -21.89 -15.17 4.00
CA THR I 32 -22.62 -13.89 3.86
C THR I 32 -21.54 -12.84 3.79
N SER I 33 -21.05 -12.44 2.62
CA SER I 33 -19.89 -11.52 2.47
C SER I 33 -20.07 -10.61 1.28
N ASN I 34 -19.68 -9.32 1.26
CA ASN I 34 -19.96 -8.33 0.15
C ASN I 34 -19.75 -8.95 -1.24
N ASP I 35 -18.84 -9.88 -1.44
CA ASP I 35 -18.59 -10.71 -2.61
C ASP I 35 -19.85 -10.90 -3.47
N ASN I 36 -19.79 -10.56 -4.75
CA ASN I 36 -20.93 -10.63 -5.67
C ASN I 36 -21.38 -12.07 -6.06
N HIS I 37 -20.66 -13.11 -5.66
CA HIS I 37 -21.01 -14.49 -6.01
C HIS I 37 -22.23 -14.97 -5.22
N GLN I 38 -23.11 -15.76 -5.86
CA GLN I 38 -24.22 -16.42 -5.15
C GLN I 38 -23.69 -17.38 -4.06
N VAL I 39 -24.41 -17.49 -2.96
CA VAL I 39 -24.07 -18.39 -1.85
C VAL I 39 -24.19 -19.85 -2.30
N SER I 40 -23.14 -20.64 -2.13
CA SER I 40 -23.05 -21.97 -2.74
C SER I 40 -23.87 -23.02 -2.00
N LYS I 41 -24.41 -23.99 -2.74
CA LYS I 41 -25.31 -25.01 -2.19
C LYS I 41 -24.66 -25.86 -1.07
N ASP I 42 -23.38 -26.21 -1.20
CA ASP I 42 -22.62 -26.89 -0.15
C ASP I 42 -22.45 -26.04 1.12
N SER I 43 -22.38 -24.71 1.02
CA SER I 43 -22.32 -23.82 2.18
C SER I 43 -23.65 -23.80 2.91
N LEU I 44 -24.76 -23.66 2.18
CA LEU I 44 -26.11 -23.65 2.76
C LEU I 44 -26.45 -24.95 3.49
N ILE I 45 -26.16 -26.09 2.87
CA ILE I 45 -26.40 -27.41 3.46
C ILE I 45 -25.45 -27.71 4.62
N GLU I 46 -24.21 -27.20 4.62
CA GLU I 46 -23.38 -27.30 5.83
C GLU I 46 -23.94 -26.49 7.01
N LEU I 47 -24.50 -25.29 6.81
CA LEU I 47 -25.09 -24.54 7.93
C LEU I 47 -26.38 -25.20 8.43
N ALA I 48 -27.19 -25.76 7.54
CA ALA I 48 -28.33 -26.59 7.92
C ALA I 48 -27.88 -27.82 8.73
N GLU I 49 -26.86 -28.56 8.27
CA GLU I 49 -26.30 -29.71 9.00
C GLU I 49 -25.77 -29.34 10.39
N LYS I 50 -25.14 -28.17 10.53
CA LYS I 50 -24.66 -27.62 11.80
C LYS I 50 -25.79 -27.30 12.78
N SER I 51 -26.98 -26.96 12.30
CA SER I 51 -28.08 -26.48 13.14
C SER I 51 -28.47 -27.40 14.29
N TYR I 52 -28.32 -28.72 14.14
CA TYR I 52 -28.58 -29.74 15.16
C TYR I 52 -27.54 -29.77 16.30
N ASP I 53 -27.07 -28.62 16.77
CA ASP I 53 -26.10 -28.50 17.84
C ASP I 53 -26.31 -27.19 18.60
N SER I 54 -26.82 -27.29 19.83
CA SER I 54 -27.09 -26.15 20.73
C SER I 54 -25.86 -25.27 21.03
N ALA I 55 -24.63 -25.72 20.77
CA ALA I 55 -23.42 -24.92 20.88
C ALA I 55 -23.08 -24.10 19.62
N ASP I 56 -23.39 -24.60 18.41
CA ASP I 56 -23.17 -23.92 17.12
C ASP I 56 -24.36 -23.09 16.66
N PHE I 57 -25.57 -23.49 17.02
CA PHE I 57 -26.79 -22.81 16.58
C PHE I 57 -26.88 -21.35 17.08
N PHE I 58 -26.41 -21.11 18.30
CA PHE I 58 -26.20 -19.76 18.79
C PHE I 58 -25.23 -18.98 17.90
N GLU I 59 -24.07 -19.51 17.52
CA GLU I 59 -23.09 -18.74 16.74
C GLU I 59 -23.58 -18.47 15.32
N ILE I 60 -24.31 -19.41 14.72
CA ILE I 60 -24.89 -19.23 13.40
C ILE I 60 -25.97 -18.14 13.44
N MET I 61 -26.92 -18.22 14.36
CA MET I 61 -28.00 -17.24 14.39
C MET I 61 -27.52 -15.89 14.85
N ASP I 62 -26.53 -15.82 15.73
CA ASP I 62 -25.95 -14.56 16.12
C ASP I 62 -25.20 -13.86 14.99
N MET I 63 -24.46 -14.57 14.12
CA MET I 63 -23.80 -13.91 12.99
C MET I 63 -24.79 -13.48 11.91
N LEU I 64 -25.81 -14.29 11.61
CA LEU I 64 -26.87 -13.89 10.69
C LEU I 64 -27.64 -12.69 11.23
N ASP I 65 -27.89 -12.58 12.54
CA ASP I 65 -28.51 -11.40 13.16
C ASP I 65 -27.62 -10.15 13.12
N LYS I 66 -26.29 -10.28 13.16
CA LYS I 66 -25.42 -9.15 12.89
C LYS I 66 -25.53 -8.73 11.44
N ARG I 67 -25.46 -9.67 10.49
CA ARG I 67 -25.49 -9.38 9.03
C ARG I 67 -26.86 -8.85 8.59
N LEU I 68 -28.01 -9.29 9.11
CA LEU I 68 -29.32 -8.69 8.84
C LEU I 68 -29.41 -7.26 9.34
N ASN I 69 -28.70 -6.90 10.40
CA ASN I 69 -28.66 -5.53 10.87
C ASN I 69 -27.86 -4.56 9.97
N ASP I 70 -26.87 -5.04 9.21
CA ASP I 70 -25.79 -4.24 8.65
C ASP I 70 -26.14 -2.97 7.86
N LYS I 71 -25.16 -2.07 7.79
CA LYS I 71 -25.34 -0.74 7.18
C LYS I 71 -25.82 -0.83 5.74
N GLY I 72 -26.34 0.28 5.19
CA GLY I 72 -26.87 0.33 3.81
C GLY I 72 -25.79 0.08 2.78
N LYS I 73 -24.55 0.44 3.06
CA LYS I 73 -23.43 0.25 2.14
C LYS I 73 -23.35 -1.23 1.77
N TYR I 74 -23.66 -2.15 2.69
CA TYR I 74 -23.59 -3.62 2.47
C TYR I 74 -24.97 -4.26 2.27
N TRP I 75 -25.76 -3.90 1.28
CA TRP I 75 -26.99 -4.59 0.85
C TRP I 75 -26.68 -6.02 0.39
N ARG I 76 -25.48 -6.26 -0.13
CA ARG I 76 -24.97 -7.60 -0.46
C ARG I 76 -24.99 -8.56 0.73
N HIS I 77 -24.71 -8.11 1.95
CA HIS I 77 -24.80 -8.96 3.14
C HIS I 77 -26.23 -9.34 3.40
N ILE I 78 -27.11 -8.35 3.40
CA ILE I 78 -28.48 -8.51 3.79
C ILE I 78 -29.19 -9.46 2.83
N ALA I 79 -28.94 -9.31 1.53
CA ALA I 79 -29.48 -10.18 0.51
C ALA I 79 -29.06 -11.64 0.72
N LYS I 80 -27.79 -11.90 1.02
CA LYS I 80 -27.38 -13.28 1.31
C LYS I 80 -27.94 -13.77 2.63
N ALA I 81 -27.96 -12.95 3.67
CA ALA I 81 -28.42 -13.36 4.98
C ALA I 81 -29.88 -13.82 4.93
N LEU I 82 -30.73 -13.11 4.19
CA LEU I 82 -32.11 -13.52 3.93
C LEU I 82 -32.16 -14.83 3.10
N THR I 83 -31.23 -15.02 2.17
CA THR I 83 -31.09 -16.30 1.44
C THR I 83 -30.77 -17.47 2.38
N VAL I 84 -29.83 -17.29 3.30
CA VAL I 84 -29.42 -18.32 4.26
C VAL I 84 -30.57 -18.64 5.21
N ILE I 85 -31.31 -17.64 5.67
CA ILE I 85 -32.45 -17.87 6.55
C ILE I 85 -33.56 -18.66 5.84
N ASP I 86 -33.84 -18.39 4.57
CA ASP I 86 -34.81 -19.19 3.81
C ASP I 86 -34.38 -20.67 3.75
N TYR I 87 -33.10 -20.90 3.50
CA TYR I 87 -32.60 -22.26 3.40
C TYR I 87 -32.67 -22.95 4.76
N LEU I 88 -32.26 -22.27 5.83
CA LEU I 88 -32.28 -22.80 7.18
C LEU I 88 -33.69 -23.10 7.66
N ILE I 89 -34.71 -22.32 7.34
CA ILE I 89 -36.05 -22.70 7.77
C ILE I 89 -36.60 -23.89 6.97
N ARG I 90 -36.28 -24.08 5.68
CA ARG I 90 -36.73 -25.30 4.99
C ARG I 90 -35.98 -26.58 5.38
N PHE I 91 -34.65 -26.54 5.31
CA PHE I 91 -33.74 -27.64 5.61
C PHE I 91 -33.42 -27.91 7.08
N GLY I 92 -33.38 -26.86 7.91
CA GLY I 92 -32.68 -26.87 9.19
C GLY I 92 -33.52 -27.36 10.37
N SER I 93 -32.92 -27.32 11.54
CA SER I 93 -33.55 -27.79 12.77
C SER I 93 -34.74 -26.93 13.17
N GLU I 94 -35.62 -27.48 13.98
CA GLU I 94 -36.77 -26.78 14.54
C GLU I 94 -36.34 -25.52 15.31
N ASN I 95 -35.17 -25.54 15.98
CA ASN I 95 -34.61 -24.36 16.62
C ASN I 95 -34.46 -23.16 15.67
N CYS I 96 -34.16 -23.39 14.39
CA CYS I 96 -34.04 -22.31 13.41
C CYS I 96 -35.36 -21.60 13.20
N VAL I 97 -36.44 -22.38 13.12
CA VAL I 97 -37.80 -21.87 12.94
C VAL I 97 -38.28 -21.19 14.20
N LEU I 98 -38.13 -21.80 15.38
CA LEU I 98 -38.54 -21.17 16.63
C LEU I 98 -37.78 -19.86 16.85
N TRP I 99 -36.49 -19.80 16.55
CA TRP I 99 -35.73 -18.55 16.66
C TRP I 99 -36.28 -17.52 15.70
N CYS I 100 -36.47 -17.91 14.43
CA CYS I 100 -36.85 -16.96 13.41
C CYS I 100 -38.27 -16.43 13.60
N ARG I 101 -39.18 -17.25 14.10
CA ARG I 101 -40.53 -16.86 14.51
C ARG I 101 -40.53 -15.95 15.75
N GLU I 102 -39.66 -16.19 16.71
CA GLU I 102 -39.62 -15.44 17.97
C GLU I 102 -38.92 -14.07 17.85
N ASN I 103 -38.04 -13.89 16.86
CA ASN I 103 -37.65 -12.54 16.43
C ASN I 103 -37.78 -12.36 14.91
N LEU I 104 -39.03 -12.47 14.45
CA LEU I 104 -39.46 -12.16 13.09
C LEU I 104 -39.28 -10.69 12.74
N TYR I 105 -39.43 -9.79 13.71
CA TYR I 105 -39.52 -8.37 13.46
C TYR I 105 -38.33 -7.81 12.73
N ILE I 106 -37.10 -8.30 12.90
CA ILE I 106 -35.97 -7.79 12.13
C ILE I 106 -36.05 -8.15 10.64
N ILE I 107 -36.60 -9.31 10.28
CA ILE I 107 -36.89 -9.68 8.88
C ILE I 107 -38.04 -8.85 8.34
N LYS I 108 -39.15 -8.75 9.07
CA LYS I 108 -40.30 -7.97 8.61
C LYS I 108 -40.00 -6.48 8.46
N THR I 109 -39.15 -5.94 9.30
CA THR I 109 -38.68 -4.54 9.23
C THR I 109 -37.71 -4.31 8.07
N LEU I 110 -36.91 -5.30 7.68
CA LEU I 110 -36.06 -5.19 6.50
C LEU I 110 -36.85 -4.93 5.23
N LYS I 111 -38.09 -5.39 5.18
CA LYS I 111 -38.95 -5.36 4.00
C LYS I 111 -39.10 -3.99 3.35
N GLU I 112 -38.80 -2.89 4.01
CA GLU I 112 -38.79 -1.54 3.44
C GLU I 112 -37.40 -1.02 3.01
N PHE I 113 -36.36 -1.83 3.11
CA PHE I 113 -34.96 -1.41 2.94
C PHE I 113 -34.69 -0.77 1.58
N ARG I 114 -33.69 0.12 1.50
CA ARG I 114 -33.53 1.09 0.41
C ARG I 114 -32.10 1.65 0.37
N HIS I 115 -31.22 1.18 -0.51
CA HIS I 115 -29.96 1.88 -0.85
C HIS I 115 -30.03 2.49 -2.27
N GLU I 116 -29.53 3.71 -2.52
CA GLU I 116 -29.83 4.43 -3.77
C GLU I 116 -28.70 5.38 -4.23
N ASP I 117 -28.61 5.62 -5.54
CA ASP I 117 -27.60 6.49 -6.19
C ASP I 117 -26.13 6.08 -5.95
N ASP I 118 -25.93 4.77 -5.86
CA ASP I 118 -24.67 4.03 -5.92
C ASP I 118 -23.89 4.32 -7.22
N GLU I 119 -24.55 4.14 -8.36
CA GLU I 119 -24.17 4.59 -9.69
C GLU I 119 -25.33 5.33 -10.37
N GLY I 120 -26.52 5.29 -9.77
CA GLY I 120 -27.73 5.96 -10.24
C GLY I 120 -29.02 5.19 -9.96
N ILE I 121 -28.95 3.86 -9.93
CA ILE I 121 -30.08 2.97 -9.71
C ILE I 121 -30.53 2.95 -8.23
N ASP I 122 -31.69 2.35 -8.00
CA ASP I 122 -32.34 2.14 -6.71
C ASP I 122 -32.17 0.64 -6.36
N GLN I 123 -31.47 0.33 -5.28
CA GLN I 123 -30.82 -0.97 -5.07
C GLN I 123 -31.51 -1.87 -4.03
N GLY I 124 -32.56 -1.38 -3.37
CA GLY I 124 -33.24 -2.15 -2.32
C GLY I 124 -34.12 -3.30 -2.80
N GLN I 125 -34.64 -3.29 -4.03
CA GLN I 125 -35.73 -4.20 -4.40
C GLN I 125 -35.38 -5.68 -4.18
N ILE I 126 -34.12 -6.06 -4.35
CA ILE I 126 -33.64 -7.44 -4.11
C ILE I 126 -33.82 -7.88 -2.66
N VAL I 127 -33.55 -6.97 -1.70
CA VAL I 127 -33.79 -7.18 -0.27
C VAL I 127 -35.28 -7.23 0.02
N ARG I 128 -36.05 -6.31 -0.57
CA ARG I 128 -37.49 -6.21 -0.33
C ARG I 128 -38.29 -7.39 -0.86
N VAL I 129 -37.93 -7.95 -2.01
CA VAL I 129 -38.58 -9.18 -2.50
C VAL I 129 -38.26 -10.39 -1.63
N LYS I 130 -36.99 -10.54 -1.23
CA LYS I 130 -36.59 -11.67 -0.37
C LYS I 130 -37.27 -11.56 0.98
N ALA I 131 -37.24 -10.40 1.62
CA ALA I 131 -37.84 -10.17 2.91
C ALA I 131 -39.35 -10.36 2.89
N LYS I 132 -40.02 -9.94 1.81
CA LYS I 132 -41.47 -10.11 1.64
C LYS I 132 -41.87 -11.56 1.51
N GLU I 133 -41.21 -12.33 0.65
CA GLU I 133 -41.52 -13.74 0.50
C GLU I 133 -41.09 -14.57 1.71
N LEU I 134 -39.98 -14.23 2.35
CA LEU I 134 -39.53 -14.87 3.58
C LEU I 134 -40.49 -14.58 4.73
N THR I 135 -40.94 -13.35 4.94
CA THR I 135 -41.92 -13.06 5.99
C THR I 135 -43.27 -13.71 5.70
N ALA I 136 -43.70 -13.77 4.44
CA ALA I 136 -44.85 -14.55 4.04
C ALA I 136 -44.67 -16.03 4.39
N LEU I 137 -43.51 -16.63 4.11
CA LEU I 137 -43.21 -18.03 4.42
C LEU I 137 -43.17 -18.33 5.93
N LEU I 138 -42.68 -17.41 6.77
CA LEU I 138 -42.79 -17.55 8.23
C LEU I 138 -44.24 -17.49 8.68
N SER I 139 -45.03 -16.56 8.12
CA SER I 139 -46.43 -16.37 8.49
C SER I 139 -47.34 -17.53 8.04
N ASP I 140 -47.07 -18.10 6.87
CA ASP I 140 -47.69 -19.32 6.33
C ASP I 140 -47.14 -20.57 7.04
N ASP I 141 -47.37 -20.66 8.35
CA ASP I 141 -46.91 -21.77 9.18
C ASP I 141 -47.28 -23.16 8.61
N GLU I 142 -48.44 -23.29 7.97
CA GLU I 142 -48.93 -24.50 7.30
C GLU I 142 -48.18 -24.84 5.99
N ARG I 143 -47.74 -23.83 5.23
CA ARG I 143 -46.84 -24.00 4.09
C ARG I 143 -45.44 -24.36 4.54
N LEU I 144 -44.96 -23.72 5.60
CA LEU I 144 -43.62 -23.99 6.12
C LEU I 144 -43.52 -25.38 6.74
N ASN I 145 -44.45 -25.80 7.60
CA ASN I 145 -44.35 -27.12 8.20
C ASN I 145 -44.54 -28.23 7.15
N GLU I 146 -45.36 -28.02 6.12
CA GLU I 146 -45.41 -28.90 4.94
C GLU I 146 -44.06 -29.00 4.21
N GLU I 147 -43.43 -27.85 3.95
CA GLU I 147 -42.18 -27.76 3.20
C GLU I 147 -41.04 -28.48 3.94
N ARG I 148 -40.95 -28.22 5.25
CA ARG I 148 -39.99 -28.84 6.15
C ARG I 148 -40.16 -30.35 6.21
N ASN I 149 -41.40 -30.83 6.41
CA ASN I 149 -41.64 -32.26 6.58
C ASN I 149 -41.27 -33.09 5.35
N MET I 150 -41.40 -32.53 4.15
CA MET I 150 -40.91 -33.19 2.95
C MET I 150 -39.38 -33.18 2.83
N ASN I 151 -38.76 -32.00 3.02
CA ASN I 151 -37.32 -31.83 2.80
C ASN I 151 -36.43 -32.50 3.85
N ILE I 152 -36.86 -32.53 5.11
CA ILE I 152 -36.18 -33.25 6.18
C ILE I 152 -36.32 -34.76 5.98
N MET J 6 -31.70 8.67 32.64
CA MET J 6 -32.21 7.48 31.92
C MET J 6 -31.09 6.44 31.76
N SER J 7 -31.46 5.15 31.69
CA SER J 7 -30.52 4.03 31.69
C SER J 7 -29.68 3.87 30.41
N ARG J 8 -28.64 3.01 30.42
CA ARG J 8 -27.72 2.86 29.28
C ARG J 8 -28.29 2.24 27.99
N ILE J 9 -29.23 1.30 28.05
CA ILE J 9 -29.84 0.70 26.83
C ILE J 9 -30.59 1.74 25.98
N ASP J 10 -31.20 2.69 26.66
CA ASP J 10 -31.87 3.84 26.08
C ASP J 10 -30.91 4.70 25.25
N SER J 11 -29.60 4.73 25.54
CA SER J 11 -28.62 5.37 24.67
C SER J 11 -28.60 4.81 23.25
N ASP J 12 -28.92 3.52 23.03
CA ASP J 12 -29.02 3.00 21.65
C ASP J 12 -30.09 3.78 20.85
N LEU J 13 -31.26 3.93 21.45
CA LEU J 13 -32.39 4.62 20.82
C LEU J 13 -32.18 6.13 20.70
N GLN J 14 -31.55 6.76 21.69
CA GLN J 14 -31.28 8.19 21.66
C GLN J 14 -30.31 8.62 20.58
N LYS J 15 -29.34 7.78 20.19
CA LYS J 15 -28.53 8.02 18.97
C LYS J 15 -29.39 8.00 17.71
N ALA J 16 -30.24 6.99 17.57
CA ALA J 16 -31.04 6.81 16.37
C ALA J 16 -32.03 7.94 16.14
N LEU J 17 -32.83 8.33 17.14
CA LEU J 17 -33.72 9.48 17.00
C LEU J 17 -32.98 10.79 16.72
N LYS J 18 -31.76 10.99 17.22
CA LYS J 18 -30.98 12.17 16.84
C LYS J 18 -30.67 12.21 15.35
N LYS J 19 -30.47 11.06 14.72
CA LYS J 19 -30.13 10.98 13.28
C LYS J 19 -31.40 11.08 12.45
N ALA J 20 -32.51 10.48 12.89
CA ALA J 20 -33.81 10.62 12.23
C ALA J 20 -34.31 12.08 12.26
N CYS J 21 -34.21 12.75 13.41
CA CYS J 21 -34.58 14.15 13.58
C CYS J 21 -33.40 15.13 13.37
N SER J 22 -32.61 14.92 12.32
CA SER J 22 -31.56 15.85 11.85
C SER J 22 -32.10 17.16 11.27
N VAL J 23 -31.22 18.10 10.91
CA VAL J 23 -31.60 19.41 10.31
C VAL J 23 -31.78 19.39 8.78
N GLU J 24 -31.51 18.26 8.12
CA GLU J 24 -31.80 18.07 6.69
C GLU J 24 -33.31 17.83 6.44
N GLU J 25 -33.85 18.38 5.34
CA GLU J 25 -35.28 18.38 5.01
C GLU J 25 -35.68 17.24 4.05
N THR J 26 -34.80 16.27 3.85
CA THR J 26 -35.09 14.96 3.24
C THR J 26 -35.93 14.09 4.18
N ALA J 27 -36.31 12.88 3.77
CA ALA J 27 -36.86 11.86 4.66
C ALA J 27 -35.94 11.59 5.87
N PRO J 28 -36.45 11.02 6.99
CA PRO J 28 -35.58 10.33 7.95
C PRO J 28 -35.00 9.09 7.26
N LYS J 29 -33.70 8.83 7.37
CA LYS J 29 -33.10 7.67 6.69
C LYS J 29 -33.86 6.46 7.23
N ARG J 30 -34.13 5.45 6.42
CA ARG J 30 -34.87 4.26 6.86
C ARG J 30 -34.15 3.45 7.94
N LYS J 31 -32.82 3.45 7.91
CA LYS J 31 -31.98 2.70 8.89
C LYS J 31 -32.18 3.20 10.31
N HIS J 32 -32.42 4.48 10.56
CA HIS J 32 -32.71 5.01 11.89
C HIS J 32 -34.12 4.68 12.35
N VAL J 33 -35.10 4.64 11.43
CA VAL J 33 -36.44 4.21 11.80
C VAL J 33 -36.48 2.71 12.09
N ARG J 34 -35.71 1.88 11.39
CA ARG J 34 -35.51 0.48 11.75
C ARG J 34 -34.89 0.38 13.14
N ALA J 35 -33.93 1.20 13.50
CA ALA J 35 -33.33 1.15 14.84
C ALA J 35 -34.34 1.46 15.93
N CYS J 36 -35.27 2.40 15.72
CA CYS J 36 -36.33 2.73 16.66
C CYS J 36 -37.43 1.66 16.74
N ILE J 37 -37.85 1.11 15.61
CA ILE J 37 -38.80 0.00 15.59
C ILE J 37 -38.18 -1.26 16.20
N VAL J 38 -36.95 -1.62 15.87
CA VAL J 38 -36.32 -2.83 16.39
C VAL J 38 -36.02 -2.69 17.88
N TYR J 39 -35.65 -1.49 18.37
CA TYR J 39 -35.56 -1.27 19.82
C TYR J 39 -36.91 -1.57 20.47
N THR J 40 -37.99 -1.06 19.88
CA THR J 40 -39.32 -1.19 20.46
C THR J 40 -39.74 -2.65 20.55
N TRP J 41 -39.39 -3.47 19.57
CA TRP J 41 -39.65 -4.90 19.65
C TRP J 41 -38.75 -5.62 20.64
N ASP J 42 -37.48 -5.26 20.74
CA ASP J 42 -36.53 -5.92 21.63
C ASP J 42 -36.87 -5.76 23.10
N HIS J 43 -37.20 -4.55 23.52
CA HIS J 43 -37.45 -4.25 24.92
C HIS J 43 -38.91 -4.42 25.33
N GLN J 44 -39.78 -4.93 24.46
CA GLN J 44 -41.12 -5.44 24.77
C GLN J 44 -42.04 -4.44 25.50
N SER J 45 -41.63 -3.18 25.50
CA SER J 45 -42.19 -2.05 26.22
C SER J 45 -41.46 -0.82 25.68
N SER J 46 -42.18 0.26 25.43
CA SER J 46 -41.71 1.34 24.57
C SER J 46 -41.55 2.70 25.26
N LYS J 47 -41.73 2.81 26.58
CA LYS J 47 -41.83 4.14 27.26
C LYS J 47 -40.63 5.05 26.99
N ALA J 48 -39.44 4.49 26.81
CA ALA J 48 -38.24 5.26 26.46
C ALA J 48 -38.34 6.00 25.12
N VAL J 49 -39.07 5.48 24.13
CA VAL J 49 -39.27 6.23 22.88
C VAL J 49 -40.11 7.47 23.12
N PHE J 50 -41.23 7.37 23.83
CA PHE J 50 -42.05 8.53 24.17
C PHE J 50 -41.31 9.55 25.03
N THR J 51 -40.49 9.08 25.98
CA THR J 51 -39.66 9.96 26.80
C THR J 51 -38.66 10.71 25.94
N THR J 52 -37.94 10.00 25.07
CA THR J 52 -36.92 10.60 24.21
C THR J 52 -37.52 11.64 23.28
N LEU J 53 -38.72 11.40 22.76
CA LEU J 53 -39.44 12.35 21.92
C LEU J 53 -39.78 13.67 22.64
N LYS J 54 -40.02 13.65 23.96
CA LYS J 54 -40.12 14.88 24.77
C LYS J 54 -38.77 15.59 24.96
N THR J 55 -37.69 14.84 25.15
CA THR J 55 -36.35 15.42 25.38
C THR J 55 -35.77 16.17 24.18
N LEU J 56 -36.10 15.75 22.97
CA LEU J 56 -35.69 16.38 21.70
C LEU J 56 -36.13 17.87 21.64
N PRO J 57 -35.31 18.81 21.13
CA PRO J 57 -35.74 20.17 20.82
C PRO J 57 -36.65 20.20 19.57
N LEU J 58 -37.94 20.48 19.77
CA LEU J 58 -38.98 20.50 18.74
C LEU J 58 -39.53 21.91 18.46
N ALA J 59 -40.33 22.06 17.39
CA ALA J 59 -40.93 23.30 16.84
C ALA J 59 -39.94 24.39 16.35
N ASN J 60 -38.82 24.57 17.04
CA ASN J 60 -37.83 25.65 16.85
C ASN J 60 -37.19 25.66 15.45
N ASP J 61 -37.05 24.49 14.81
CA ASP J 61 -36.91 24.37 13.37
C ASP J 61 -37.86 23.26 12.91
N GLU J 62 -38.87 23.62 12.12
CA GLU J 62 -40.02 22.75 11.84
C GLU J 62 -39.65 21.45 11.14
N VAL J 63 -38.49 21.32 10.50
CA VAL J 63 -38.05 20.03 9.93
C VAL J 63 -37.88 18.95 10.99
N GLN J 64 -37.49 19.32 12.21
CA GLN J 64 -37.51 18.36 13.31
C GLN J 64 -38.92 17.92 13.63
N LEU J 65 -39.87 18.85 13.82
CA LEU J 65 -41.22 18.45 14.24
C LEU J 65 -41.99 17.72 13.14
N PHE J 66 -41.82 18.15 11.91
CA PHE J 66 -42.46 17.52 10.78
C PHE J 66 -42.03 16.07 10.64
N LYS J 67 -40.71 15.81 10.65
CA LYS J 67 -40.22 14.43 10.58
C LYS J 67 -40.56 13.64 11.82
N MET J 68 -40.47 14.23 13.00
CA MET J 68 -40.74 13.55 14.26
C MET J 68 -42.15 12.96 14.31
N LEU J 69 -43.13 13.67 13.75
CA LEU J 69 -44.48 13.17 13.60
C LEU J 69 -44.57 11.99 12.62
N ILE J 70 -43.79 11.97 11.54
CA ILE J 70 -43.72 10.78 10.65
C ILE J 70 -43.13 9.60 11.41
N VAL J 71 -42.01 9.82 12.09
CA VAL J 71 -41.23 8.79 12.74
C VAL J 71 -42.06 8.13 13.83
N LEU J 72 -42.76 8.94 14.63
CA LEU J 72 -43.67 8.44 15.65
C LEU J 72 -44.86 7.68 15.05
N HIS J 73 -45.38 8.11 13.90
CA HIS J 73 -46.45 7.39 13.25
C HIS J 73 -45.98 5.99 12.81
N LYS J 74 -44.81 5.89 12.18
CA LYS J 74 -44.22 4.60 11.79
C LYS J 74 -44.00 3.71 13.00
N ILE J 75 -43.44 4.25 14.08
CA ILE J 75 -43.18 3.52 15.31
C ILE J 75 -44.47 2.96 15.92
N ILE J 76 -45.56 3.73 15.96
CA ILE J 76 -46.85 3.25 16.47
C ILE J 76 -47.39 2.12 15.62
N GLN J 77 -47.22 2.25 14.30
CA GLN J 77 -47.76 1.31 13.33
C GLN J 77 -47.00 -0.03 13.30
N GLU J 78 -45.68 0.02 13.13
CA GLU J 78 -44.76 -1.12 13.09
C GLU J 78 -44.39 -1.76 14.42
N GLY J 79 -44.24 -0.96 15.48
CA GLY J 79 -43.63 -1.36 16.74
C GLY J 79 -44.43 -2.38 17.55
N HIS J 80 -43.82 -2.84 18.64
CA HIS J 80 -44.49 -3.71 19.62
C HIS J 80 -45.80 -3.06 20.09
N PRO J 81 -46.88 -3.82 20.37
CA PRO J 81 -48.15 -3.29 20.86
C PRO J 81 -48.09 -2.26 22.01
N SER J 82 -47.05 -2.25 22.84
CA SER J 82 -46.83 -1.17 23.81
C SER J 82 -46.75 0.22 23.15
N ALA J 83 -46.23 0.39 21.94
CA ALA J 83 -46.16 1.70 21.29
C ALA J 83 -47.55 2.31 21.09
N LEU J 84 -48.55 1.46 20.83
CA LEU J 84 -49.95 1.85 20.77
C LEU J 84 -50.49 2.20 22.16
N ALA J 85 -50.18 1.40 23.18
CA ALA J 85 -50.65 1.65 24.53
C ALA J 85 -50.10 2.96 25.13
N GLU J 86 -48.83 3.23 24.93
CA GLU J 86 -48.20 4.51 25.29
C GLU J 86 -48.78 5.68 24.47
N ALA J 87 -49.00 5.53 23.17
CA ALA J 87 -49.67 6.57 22.39
C ALA J 87 -51.11 6.85 22.86
N ILE J 88 -51.85 5.84 23.30
CA ILE J 88 -53.19 5.99 23.90
C ILE J 88 -53.12 6.85 25.16
N ARG J 89 -52.09 6.69 26.01
CA ARG J 89 -51.87 7.62 27.14
C ARG J 89 -51.38 9.00 26.71
N ASP J 90 -50.36 9.08 25.86
CA ASP J 90 -49.66 10.34 25.56
C ASP J 90 -50.30 11.17 24.43
N ARG J 91 -51.48 10.78 23.97
CA ARG J 91 -52.39 11.57 23.12
C ARG J 91 -52.51 13.05 23.53
N ASP J 92 -52.47 13.35 24.82
CA ASP J 92 -52.44 14.72 25.34
C ASP J 92 -51.11 15.45 25.08
N TRP J 93 -49.98 14.76 25.14
CA TRP J 93 -48.71 15.32 24.67
C TRP J 93 -48.72 15.48 23.14
N ILE J 94 -49.22 14.51 22.38
CA ILE J 94 -49.32 14.62 20.91
C ILE J 94 -50.16 15.86 20.53
N ARG J 95 -51.30 16.07 21.19
CA ARG J 95 -52.13 17.27 21.04
C ARG J 95 -51.33 18.55 21.33
N SER J 96 -50.48 18.57 22.35
CA SER J 96 -49.60 19.72 22.62
C SER J 96 -48.67 20.04 21.46
N LEU J 97 -48.19 19.04 20.71
CA LEU J 97 -47.36 19.28 19.52
C LEU J 97 -48.10 20.11 18.47
N GLY J 98 -49.42 19.95 18.35
CA GLY J 98 -50.22 20.75 17.42
C GLY J 98 -50.30 22.21 17.82
N ARG J 99 -50.42 22.49 19.12
CA ARG J 99 -50.46 23.87 19.65
C ARG J 99 -49.13 24.62 19.50
N VAL J 100 -48.00 24.00 19.81
CA VAL J 100 -46.73 24.72 20.05
C VAL J 100 -46.23 25.53 18.85
N HIS J 101 -46.51 25.12 17.61
CA HIS J 101 -46.21 25.94 16.42
C HIS J 101 -47.46 26.25 15.57
N SER J 102 -48.45 26.88 16.21
CA SER J 102 -49.64 27.42 15.53
C SER J 102 -49.25 28.57 14.59
N GLY J 103 -49.69 28.52 13.33
CA GLY J 103 -49.34 29.53 12.31
C GLY J 103 -47.83 29.69 12.09
N GLY J 104 -47.42 30.85 11.59
CA GLY J 104 -46.02 31.31 11.61
C GLY J 104 -45.00 30.38 10.93
N SER J 105 -45.42 29.66 9.90
CA SER J 105 -44.62 28.64 9.20
C SER J 105 -45.14 28.43 7.76
N SER J 106 -44.28 27.93 6.87
CA SER J 106 -44.65 27.52 5.52
C SER J 106 -45.65 26.35 5.47
N TYR J 107 -45.74 25.52 6.52
CA TYR J 107 -46.53 24.28 6.50
C TYR J 107 -47.17 23.89 7.85
N SER J 108 -47.47 24.84 8.74
CA SER J 108 -48.07 24.56 10.06
C SER J 108 -49.42 23.80 9.96
N LYS J 109 -50.20 24.04 8.91
CA LYS J 109 -51.42 23.27 8.64
C LYS J 109 -51.15 21.76 8.53
N LEU J 110 -50.04 21.35 7.94
CA LEU J 110 -49.65 19.94 7.85
C LEU J 110 -49.31 19.39 9.23
N ILE J 111 -48.53 20.15 10.02
CA ILE J 111 -48.09 19.76 11.35
C ILE J 111 -49.33 19.44 12.21
N ARG J 112 -50.31 20.34 12.17
CA ARG J 112 -51.60 20.17 12.84
C ARG J 112 -52.44 19.07 12.22
N GLU J 113 -52.38 18.84 10.92
CA GLU J 113 -53.10 17.74 10.28
C GLU J 113 -52.55 16.35 10.64
N TYR J 114 -51.25 16.16 10.86
CA TYR J 114 -50.79 14.92 11.53
C TYR J 114 -51.44 14.80 12.91
N VAL J 115 -51.41 15.87 13.70
CA VAL J 115 -51.90 15.80 15.08
C VAL J 115 -53.38 15.43 15.11
N ARG J 116 -54.20 16.07 14.28
CA ARG J 116 -55.63 15.77 14.14
C ARG J 116 -55.87 14.34 13.69
N TYR J 117 -55.11 13.87 12.69
CA TYR J 117 -55.22 12.50 12.21
C TYR J 117 -54.85 11.49 13.31
N LEU J 118 -53.73 11.70 13.99
CA LEU J 118 -53.21 10.81 15.03
C LEU J 118 -54.13 10.74 16.23
N VAL J 119 -54.63 11.88 16.68
CA VAL J 119 -55.60 11.94 17.77
C VAL J 119 -56.87 11.17 17.43
N LEU J 120 -57.43 11.34 16.23
CA LEU J 120 -58.58 10.54 15.79
C LEU J 120 -58.25 9.04 15.68
N LYS J 121 -57.05 8.69 15.21
CA LYS J 121 -56.58 7.29 15.13
C LYS J 121 -56.57 6.67 16.51
N LEU J 122 -55.97 7.35 17.48
CA LEU J 122 -55.85 6.87 18.86
C LEU J 122 -57.21 6.79 19.55
N ASP J 123 -58.13 7.72 19.27
CA ASP J 123 -59.51 7.62 19.78
C ASP J 123 -60.19 6.33 19.33
N PHE J 124 -60.01 5.96 18.06
CA PHE J 124 -60.55 4.72 17.52
C PHE J 124 -59.92 3.49 18.20
N HIS J 125 -58.60 3.47 18.36
CA HIS J 125 -57.92 2.36 19.02
C HIS J 125 -58.40 2.16 20.46
N ALA J 126 -58.67 3.23 21.20
CA ALA J 126 -59.11 3.15 22.59
C ALA J 126 -60.51 2.56 22.76
N HIS J 127 -61.50 3.04 21.97
CA HIS J 127 -62.91 2.73 22.21
C HIS J 127 -63.49 1.66 21.29
N HIS J 128 -63.38 1.83 19.98
CA HIS J 128 -64.22 1.12 19.01
C HIS J 128 -63.91 -0.37 18.83
N ARG J 129 -62.75 -0.86 19.29
CA ARG J 129 -62.39 -2.29 19.30
C ARG J 129 -61.73 -2.71 20.60
N GLY J 130 -61.79 -4.00 20.92
CA GLY J 130 -61.01 -4.63 22.01
C GLY J 130 -59.59 -5.10 21.61
N PHE J 131 -59.20 -4.99 20.33
CA PHE J 131 -57.87 -5.33 19.84
C PHE J 131 -56.79 -4.32 20.28
N ASN J 132 -55.53 -4.57 19.92
CA ASN J 132 -54.42 -3.64 20.11
C ASN J 132 -53.31 -3.88 19.06
N ASN J 133 -53.48 -3.38 17.83
CA ASN J 133 -52.43 -3.43 16.80
C ASN J 133 -52.32 -2.10 16.03
N GLY J 134 -51.15 -1.81 15.47
CA GLY J 134 -50.81 -0.53 14.85
C GLY J 134 -51.36 -0.36 13.44
N THR J 135 -50.92 -1.20 12.50
CA THR J 135 -51.63 -1.44 11.24
C THR J 135 -52.90 -2.23 11.52
N PHE J 136 -54.06 -1.74 11.10
CA PHE J 136 -55.33 -2.45 11.26
C PHE J 136 -55.35 -3.74 10.45
N GLU J 137 -55.82 -4.83 11.06
CA GLU J 137 -55.79 -6.18 10.49
C GLU J 137 -56.83 -7.10 11.14
N TYR J 138 -57.08 -8.27 10.52
CA TYR J 138 -58.03 -9.28 10.97
C TYR J 138 -57.58 -10.02 12.26
N GLU J 139 -57.78 -9.37 13.41
CA GLU J 139 -57.89 -10.04 14.71
C GLU J 139 -59.16 -10.91 14.69
N GLU J 140 -59.00 -12.22 14.81
CA GLU J 140 -60.04 -13.21 14.52
C GLU J 140 -61.21 -13.18 15.52
N TYR J 141 -60.91 -13.18 16.83
CA TYR J 141 -61.94 -13.15 17.86
C TYR J 141 -62.65 -11.81 17.92
N VAL J 142 -61.90 -10.70 17.86
CA VAL J 142 -62.49 -9.35 17.87
C VAL J 142 -63.41 -9.12 16.67
N SER J 143 -63.11 -9.69 15.51
CA SER J 143 -64.02 -9.69 14.35
C SER J 143 -65.32 -10.43 14.63
N LEU J 144 -65.26 -11.63 15.22
CA LEU J 144 -66.46 -12.39 15.61
C LEU J 144 -67.29 -11.63 16.66
N VAL J 145 -66.66 -10.97 17.63
CA VAL J 145 -67.39 -10.11 18.59
C VAL J 145 -68.10 -8.97 17.87
N SER J 146 -67.49 -8.38 16.85
CA SER J 146 -68.06 -7.26 16.12
C SER J 146 -69.31 -7.64 15.31
N VAL J 147 -69.39 -8.84 14.71
CA VAL J 147 -70.67 -9.37 14.16
C VAL J 147 -71.67 -9.82 15.23
N SER J 148 -71.22 -10.31 16.39
CA SER J 148 -72.08 -10.63 17.54
C SER J 148 -72.81 -9.39 18.12
N ASP J 149 -72.18 -8.23 18.00
CA ASP J 149 -72.65 -6.91 18.43
C ASP J 149 -72.84 -5.97 17.21
N PRO J 150 -73.76 -6.28 16.28
CA PRO J 150 -73.67 -5.87 14.88
C PRO J 150 -73.74 -4.35 14.67
N ASP J 151 -74.63 -3.63 15.36
CA ASP J 151 -74.75 -2.18 15.20
C ASP J 151 -73.52 -1.43 15.75
N GLU J 152 -72.86 -1.96 16.78
CA GLU J 152 -71.56 -1.44 17.24
C GLU J 152 -70.44 -1.76 16.23
N GLY J 153 -70.53 -2.88 15.51
CA GLY J 153 -69.68 -3.18 14.36
C GLY J 153 -69.93 -2.25 13.14
N TYR J 154 -71.19 -1.97 12.80
CA TYR J 154 -71.57 -0.97 11.79
C TYR J 154 -71.01 0.40 12.16
N GLU J 155 -71.17 0.85 13.41
CA GLU J 155 -70.59 2.12 13.86
C GLU J 155 -69.07 2.09 13.88
N THR J 156 -68.46 0.94 14.20
CA THR J 156 -67.01 0.81 14.17
C THR J 156 -66.50 1.03 12.75
N ILE J 157 -67.04 0.33 11.75
CA ILE J 157 -66.56 0.46 10.37
C ILE J 157 -66.95 1.77 9.69
N LEU J 158 -68.17 2.30 9.91
CA LEU J 158 -68.58 3.58 9.34
C LEU J 158 -67.84 4.78 9.99
N ASP J 159 -67.53 4.72 11.28
CA ASP J 159 -66.63 5.71 11.89
C ASP J 159 -65.20 5.52 11.38
N LEU J 160 -64.74 4.28 11.24
CA LEU J 160 -63.41 4.01 10.68
C LEU J 160 -63.29 4.50 9.23
N MET J 161 -64.36 4.42 8.44
CA MET J 161 -64.49 5.11 7.16
C MET J 161 -64.38 6.63 7.31
N SER J 162 -64.97 7.25 8.34
CA SER J 162 -64.80 8.70 8.58
C SER J 162 -63.35 9.08 8.94
N LEU J 163 -62.63 8.18 9.61
CA LEU J 163 -61.17 8.22 9.77
C LEU J 163 -60.46 8.05 8.41
N GLN J 164 -60.85 7.10 7.56
CA GLN J 164 -60.27 6.86 6.23
C GLN J 164 -60.51 8.05 5.28
N ASP J 165 -61.66 8.72 5.40
CA ASP J 165 -61.94 9.99 4.74
C ASP J 165 -61.03 11.11 5.26
N SER J 166 -60.72 11.11 6.56
CA SER J 166 -59.75 12.02 7.16
C SER J 166 -58.28 11.72 6.80
N LEU J 167 -57.92 10.45 6.60
CA LEU J 167 -56.66 9.96 6.05
C LEU J 167 -56.46 10.43 4.59
N ASP J 168 -57.53 10.30 3.80
CA ASP J 168 -57.56 10.72 2.40
C ASP J 168 -57.54 12.25 2.28
N GLU J 169 -58.32 12.98 3.08
CA GLU J 169 -58.30 14.44 3.07
C GLU J 169 -56.96 15.00 3.57
N PHE J 170 -56.29 14.31 4.51
CA PHE J 170 -54.92 14.60 4.90
C PHE J 170 -53.94 14.35 3.74
N SER J 171 -54.13 13.29 2.97
CA SER J 171 -53.30 13.04 1.77
C SER J 171 -53.51 14.14 0.72
N GLN J 172 -54.74 14.57 0.46
CA GLN J 172 -55.04 15.68 -0.45
C GLN J 172 -54.41 16.98 0.04
N ILE J 173 -54.42 17.24 1.35
CA ILE J 173 -53.71 18.37 1.95
C ILE J 173 -52.22 18.32 1.64
N ILE J 174 -51.56 17.18 1.81
CA ILE J 174 -50.14 17.09 1.52
C ILE J 174 -49.87 17.15 0.01
N PHE J 175 -50.70 16.54 -0.84
CA PHE J 175 -50.56 16.66 -2.29
C PHE J 175 -50.65 18.12 -2.74
N ALA J 176 -51.63 18.88 -2.27
CA ALA J 176 -51.76 20.30 -2.58
C ALA J 176 -50.56 21.11 -2.07
N SER J 177 -50.05 20.75 -0.90
CA SER J 177 -48.84 21.36 -0.35
C SER J 177 -47.59 21.02 -1.17
N ILE J 178 -47.48 19.82 -1.75
CA ILE J 178 -46.45 19.43 -2.72
C ILE J 178 -46.60 20.22 -4.03
N GLN J 179 -47.83 20.48 -4.48
CA GLN J 179 -48.09 21.38 -5.62
C GLN J 179 -47.62 22.81 -5.31
N SER J 180 -47.66 23.24 -4.04
CA SER J 180 -47.07 24.51 -3.59
C SER J 180 -45.53 24.48 -3.41
N GLU J 181 -44.95 23.40 -2.88
CA GLU J 181 -43.53 23.28 -2.52
C GLU J 181 -42.65 22.73 -3.68
N ARG J 182 -42.91 23.20 -4.90
CA ARG J 182 -42.21 22.85 -6.15
C ARG J 182 -40.69 22.96 -6.05
N ARG J 183 -40.21 24.02 -5.38
CA ARG J 183 -38.80 24.46 -5.32
C ARG J 183 -37.94 23.69 -4.30
N ASN J 184 -38.53 22.88 -3.42
CA ASN J 184 -37.85 22.30 -2.24
C ASN J 184 -38.34 20.91 -1.80
N THR J 185 -39.45 20.37 -2.34
CA THR J 185 -40.02 19.11 -1.86
C THR J 185 -39.02 17.96 -1.85
N GLU J 186 -38.84 17.37 -0.67
CA GLU J 186 -38.18 16.08 -0.41
C GLU J 186 -38.87 15.31 0.73
N CYS J 187 -39.28 15.96 1.83
CA CYS J 187 -39.91 15.31 2.97
C CYS J 187 -41.44 15.16 2.86
N LYS J 188 -42.14 15.97 2.06
CA LYS J 188 -43.63 15.95 2.05
C LYS J 188 -44.16 14.63 1.47
N ILE J 189 -43.46 14.07 0.48
CA ILE J 189 -43.68 12.70 0.05
C ILE J 189 -43.46 11.69 1.20
N SER J 190 -42.45 11.91 2.05
CA SER J 190 -42.15 11.05 3.19
C SER J 190 -43.28 11.04 4.21
N ALA J 191 -43.96 12.17 4.40
CA ALA J 191 -45.14 12.28 5.24
C ALA J 191 -46.32 11.41 4.76
N LEU J 192 -46.45 11.21 3.44
CA LEU J 192 -47.40 10.26 2.88
C LEU J 192 -47.09 8.81 3.28
N ILE J 193 -45.82 8.44 3.50
CA ILE J 193 -45.40 7.02 3.53
C ILE J 193 -46.18 6.17 4.53
N PRO J 194 -46.36 6.54 5.81
CA PRO J 194 -47.14 5.74 6.74
C PRO J 194 -48.62 5.67 6.37
N LEU J 195 -49.15 6.75 5.78
CA LEU J 195 -50.55 6.81 5.34
C LEU J 195 -50.84 5.78 4.25
N ILE J 196 -49.89 5.57 3.34
CA ILE J 196 -50.08 4.69 2.19
C ILE J 196 -50.30 3.26 2.66
N ALA J 197 -49.40 2.77 3.50
CA ALA J 197 -49.42 1.40 3.99
C ALA J 197 -50.66 1.10 4.83
N GLU J 198 -51.01 2.06 5.70
CA GLU J 198 -52.24 2.00 6.47
C GLU J 198 -53.48 1.98 5.58
N SER J 199 -53.51 2.78 4.50
CA SER J 199 -54.71 2.93 3.67
C SER J 199 -55.10 1.62 2.98
N TYR J 200 -54.12 0.81 2.60
CA TYR J 200 -54.36 -0.53 2.07
C TYR J 200 -54.81 -1.54 3.16
N GLY J 201 -54.19 -1.50 4.34
CA GLY J 201 -54.55 -2.39 5.46
C GLY J 201 -55.94 -2.10 6.04
N ILE J 202 -56.29 -0.84 6.20
CA ILE J 202 -57.60 -0.39 6.66
C ILE J 202 -58.69 -0.72 5.63
N TYR J 203 -58.37 -0.58 4.33
CA TYR J 203 -59.24 -1.09 3.25
C TYR J 203 -59.47 -2.61 3.39
N LYS J 204 -58.42 -3.42 3.60
CA LYS J 204 -58.54 -4.87 3.72
C LYS J 204 -59.43 -5.25 4.92
N PHE J 205 -59.20 -4.56 6.03
CA PHE J 205 -59.87 -4.79 7.29
C PHE J 205 -61.37 -4.50 7.19
N ILE J 206 -61.73 -3.34 6.64
CA ILE J 206 -63.14 -3.01 6.47
C ILE J 206 -63.77 -3.87 5.38
N THR J 207 -63.10 -4.17 4.27
CA THR J 207 -63.69 -4.98 3.20
C THR J 207 -64.11 -6.36 3.70
N SER J 208 -63.24 -6.99 4.49
CA SER J 208 -63.53 -8.29 5.11
C SER J 208 -64.67 -8.19 6.12
N MET J 209 -64.65 -7.17 6.98
CA MET J 209 -65.68 -6.98 8.00
C MET J 209 -67.05 -6.58 7.43
N LEU J 210 -67.09 -5.74 6.39
CA LEU J 210 -68.30 -5.34 5.69
C LEU J 210 -68.96 -6.52 4.99
N ARG J 211 -68.18 -7.39 4.34
CA ARG J 211 -68.69 -8.57 3.64
C ARG J 211 -69.22 -9.63 4.60
N ALA J 212 -68.47 -9.93 5.66
CA ALA J 212 -68.91 -10.86 6.70
C ALA J 212 -70.15 -10.37 7.47
N MET J 213 -70.20 -9.07 7.80
CA MET J 213 -71.37 -8.47 8.41
C MET J 213 -72.59 -8.50 7.48
N HIS J 214 -72.45 -8.10 6.23
CA HIS J 214 -73.60 -8.00 5.33
C HIS J 214 -74.23 -9.34 5.07
N ARG J 215 -73.42 -10.35 4.73
CA ARG J 215 -73.93 -11.66 4.36
C ARG J 215 -74.55 -12.41 5.53
N GLN J 216 -73.92 -12.34 6.71
CA GLN J 216 -74.45 -13.04 7.88
C GLN J 216 -75.69 -12.35 8.47
N LEU J 217 -75.70 -11.02 8.63
CA LEU J 217 -76.87 -10.27 9.08
C LEU J 217 -77.92 -10.14 7.96
N GLN J 227 -78.24 -2.60 2.11
CA GLN J 227 -77.51 -2.48 0.81
C GLN J 227 -76.49 -1.36 0.74
N PRO J 228 -76.80 -0.06 0.98
CA PRO J 228 -75.92 1.04 0.57
C PRO J 228 -74.52 1.06 1.22
N LEU J 229 -74.23 0.25 2.24
CA LEU J 229 -72.85 -0.03 2.67
C LEU J 229 -71.96 -0.57 1.52
N LYS J 230 -72.52 -1.31 0.55
CA LYS J 230 -71.82 -1.65 -0.71
C LYS J 230 -71.47 -0.40 -1.55
N GLU J 231 -72.32 0.63 -1.56
CA GLU J 231 -72.04 1.90 -2.23
C GLU J 231 -70.97 2.70 -1.46
N ARG J 232 -71.03 2.72 -0.12
CA ARG J 232 -69.97 3.29 0.75
C ARG J 232 -68.63 2.60 0.51
N TYR J 233 -68.63 1.27 0.46
CA TYR J 233 -67.47 0.42 0.14
C TYR J 233 -66.89 0.77 -1.24
N GLU J 234 -67.71 0.90 -2.29
CA GLU J 234 -67.22 1.30 -3.61
C GLU J 234 -66.67 2.74 -3.61
N LEU J 235 -67.27 3.69 -2.88
CA LEU J 235 -66.70 5.05 -2.76
C LEU J 235 -65.29 5.03 -2.16
N GLN J 236 -65.03 4.17 -1.17
CA GLN J 236 -63.70 3.96 -0.61
C GLN J 236 -62.76 3.20 -1.56
N HIS J 237 -63.29 2.25 -2.35
CA HIS J 237 -62.56 1.55 -3.41
C HIS J 237 -62.03 2.56 -4.45
N ALA J 238 -62.92 3.45 -4.92
CA ALA J 238 -62.59 4.54 -5.83
C ALA J 238 -61.60 5.54 -5.21
N ARG J 239 -61.73 5.87 -3.94
CA ARG J 239 -60.77 6.74 -3.23
C ARG J 239 -59.38 6.12 -3.10
N LEU J 240 -59.28 4.79 -2.97
CA LEU J 240 -57.99 4.11 -3.04
C LEU J 240 -57.36 4.29 -4.41
N PHE J 241 -58.10 4.06 -5.49
CA PHE J 241 -57.55 4.25 -6.85
C PHE J 241 -57.18 5.71 -7.15
N GLU J 242 -57.96 6.67 -6.63
CA GLU J 242 -57.60 8.09 -6.65
C GLU J 242 -56.28 8.39 -5.92
N PHE J 243 -56.06 7.76 -4.77
CA PHE J 243 -54.82 7.92 -4.01
C PHE J 243 -53.63 7.27 -4.74
N TYR J 244 -53.80 6.08 -5.31
CA TYR J 244 -52.76 5.33 -6.03
C TYR J 244 -52.31 6.08 -7.29
N ALA J 245 -53.23 6.72 -8.01
CA ALA J 245 -52.92 7.62 -9.10
C ALA J 245 -52.19 8.89 -8.62
N ASP J 246 -52.67 9.54 -7.54
CA ASP J 246 -52.02 10.74 -7.01
C ASP J 246 -50.59 10.49 -6.54
N CYS J 247 -50.32 9.39 -5.80
CA CYS J 247 -48.98 9.05 -5.32
C CYS J 247 -48.02 8.63 -6.46
N SER J 248 -48.52 7.95 -7.48
CA SER J 248 -47.78 7.70 -8.72
C SER J 248 -47.37 8.98 -9.45
N SER J 249 -48.19 10.05 -9.44
CA SER J 249 -47.82 11.34 -10.05
C SER J 249 -46.62 12.03 -9.37
N VAL J 250 -46.49 11.90 -8.04
CA VAL J 250 -45.33 12.39 -7.27
C VAL J 250 -44.18 11.37 -7.26
N LYS J 251 -43.83 10.83 -8.44
CA LYS J 251 -43.05 9.59 -8.62
C LYS J 251 -41.71 9.52 -7.84
N TYR J 252 -41.13 10.65 -7.43
CA TYR J 252 -39.96 10.71 -6.54
C TYR J 252 -40.19 9.93 -5.21
N LEU J 253 -41.43 9.83 -4.70
CA LEU J 253 -41.78 8.99 -3.53
C LEU J 253 -41.35 7.53 -3.69
N THR J 254 -41.47 6.98 -4.89
CA THR J 254 -41.04 5.62 -5.25
C THR J 254 -39.55 5.37 -5.03
N THR J 255 -38.70 6.42 -5.06
CA THR J 255 -37.27 6.28 -4.73
C THR J 255 -36.99 6.01 -3.23
N LEU J 256 -37.97 6.26 -2.34
CA LEU J 256 -37.90 5.97 -0.90
C LEU J 256 -38.55 4.62 -0.56
N VAL J 257 -39.84 4.49 -0.92
CA VAL J 257 -40.74 3.36 -0.61
C VAL J 257 -40.56 2.21 -1.62
N THR J 258 -41.40 1.19 -1.56
CA THR J 258 -41.76 0.37 -2.72
C THR J 258 -42.55 1.24 -3.73
N ILE J 259 -43.16 0.66 -4.77
CA ILE J 259 -44.33 1.30 -5.38
C ILE J 259 -45.51 1.22 -4.39
N PRO J 260 -46.26 2.31 -4.14
CA PRO J 260 -47.52 2.29 -3.38
C PRO J 260 -48.56 1.29 -3.91
N LYS J 261 -49.24 0.55 -3.03
CA LYS J 261 -50.15 -0.54 -3.44
C LYS J 261 -51.24 -0.86 -2.42
N MET K 6 4.81 8.25 18.42
CA MET K 6 4.07 9.29 17.66
C MET K 6 2.95 8.71 16.82
N SER K 7 3.17 7.63 16.05
CA SER K 7 2.18 7.16 15.08
C SER K 7 0.81 6.86 15.69
N LYS K 8 0.71 6.35 16.93
CA LYS K 8 -0.58 6.17 17.64
C LYS K 8 -1.38 7.46 17.76
N GLN K 9 -0.75 8.63 17.87
CA GLN K 9 -1.46 9.92 17.84
C GLN K 9 -2.02 10.29 16.46
N PHE K 10 -1.30 9.95 15.38
CA PHE K 10 -1.90 10.08 14.06
C PHE K 10 -3.02 9.07 13.82
N VAL K 11 -2.80 7.79 14.14
CA VAL K 11 -3.76 6.71 13.96
C VAL K 11 -5.03 6.96 14.77
N ARG K 12 -4.91 7.39 16.03
CA ARG K 12 -6.06 7.76 16.86
C ARG K 12 -6.89 8.89 16.24
N SER K 13 -6.23 9.88 15.66
CA SER K 13 -6.91 10.94 14.91
C SER K 13 -7.59 10.41 13.63
N ALA K 14 -7.02 9.40 12.98
CA ALA K 14 -7.62 8.71 11.85
C ALA K 14 -8.87 7.91 12.25
N LYS K 15 -8.81 7.17 13.35
CA LYS K 15 -10.00 6.43 13.85
C LYS K 15 -11.10 7.41 14.26
N ASN K 16 -10.80 8.56 14.84
CA ASN K 16 -11.78 9.58 15.19
C ASN K 16 -12.46 10.21 13.98
N LEU K 17 -11.79 10.30 12.82
CA LEU K 17 -12.46 10.62 11.56
C LEU K 17 -13.32 9.44 11.10
N VAL K 18 -12.80 8.23 11.05
CA VAL K 18 -13.47 7.10 10.37
C VAL K 18 -14.83 6.78 10.99
N LYS K 19 -14.88 6.74 12.32
CA LYS K 19 -16.13 6.42 13.04
C LYS K 19 -17.05 7.64 13.03
N GLY K 20 -16.53 8.84 12.74
CA GLY K 20 -17.32 10.05 12.59
C GLY K 20 -17.74 10.74 13.88
N TYR K 21 -17.04 10.50 14.99
CA TYR K 21 -17.44 10.98 16.31
C TYR K 21 -17.56 12.51 16.36
N SER K 22 -18.62 12.99 17.01
CA SER K 22 -18.83 14.42 17.29
C SER K 22 -17.69 15.03 18.10
N SER K 23 -17.45 16.32 17.95
CA SER K 23 -16.38 17.03 18.66
C SER K 23 -16.48 16.87 20.19
N THR K 24 -17.68 16.80 20.77
CA THR K 24 -17.84 16.47 22.19
C THR K 24 -17.39 15.05 22.54
N GLN K 25 -17.67 14.06 21.69
CA GLN K 25 -17.14 12.71 21.87
C GLN K 25 -15.63 12.69 21.69
N VAL K 26 -15.08 13.39 20.70
CA VAL K 26 -13.63 13.43 20.48
C VAL K 26 -12.90 14.11 21.64
N LEU K 27 -13.51 15.12 22.28
CA LEU K 27 -13.02 15.66 23.54
C LEU K 27 -12.94 14.59 24.65
N VAL K 28 -14.00 13.80 24.87
CA VAL K 28 -13.96 12.75 25.91
C VAL K 28 -13.01 11.61 25.53
N ARG K 29 -13.09 11.15 24.30
CA ARG K 29 -12.29 9.98 23.89
C ARG K 29 -10.85 10.39 23.65
N ASN K 30 -10.51 11.67 23.70
CA ASN K 30 -9.10 12.15 23.62
C ASN K 30 -8.66 12.41 25.05
N ALA K 31 -9.60 12.76 25.92
CA ALA K 31 -9.32 13.07 27.32
C ALA K 31 -9.04 11.82 28.17
N THR K 32 -9.91 10.82 28.08
CA THR K 32 -9.76 9.55 28.83
C THR K 32 -9.12 8.58 27.87
N SER K 33 -7.81 8.67 27.65
CA SER K 33 -7.14 7.86 26.62
C SER K 33 -5.82 7.30 27.11
N ASN K 34 -5.27 6.27 26.45
CA ASN K 34 -4.05 5.52 26.84
C ASN K 34 -2.71 6.29 26.93
N ASP K 35 -2.63 7.62 26.76
CA ASP K 35 -1.45 8.48 26.95
C ASP K 35 -0.97 8.58 28.42
N ASN K 36 -1.79 8.13 29.38
CA ASN K 36 -1.48 7.91 30.80
C ASN K 36 -0.98 9.13 31.61
N HIS K 37 -1.02 10.34 31.06
CA HIS K 37 -0.91 11.58 31.85
C HIS K 37 -2.25 11.82 32.54
N GLN K 38 -2.25 12.09 33.84
CA GLN K 38 -3.49 12.32 34.60
C GLN K 38 -4.33 13.44 33.93
N VAL K 39 -5.65 13.22 33.85
CA VAL K 39 -6.57 14.00 33.01
C VAL K 39 -6.65 15.49 33.40
N SER K 40 -6.68 16.38 32.41
CA SER K 40 -6.38 17.80 32.63
C SER K 40 -7.53 18.59 33.26
N LYS K 41 -7.21 19.45 34.23
CA LYS K 41 -8.20 20.15 35.07
C LYS K 41 -9.11 21.11 34.27
N ASP K 42 -8.57 21.68 33.20
CA ASP K 42 -9.31 22.46 32.21
C ASP K 42 -10.32 21.63 31.39
N SER K 43 -9.97 20.39 31.01
CA SER K 43 -10.88 19.50 30.31
C SER K 43 -12.02 19.06 31.22
N LEU K 44 -11.73 18.77 32.48
CA LEU K 44 -12.76 18.41 33.46
C LEU K 44 -13.80 19.51 33.64
N ILE K 45 -13.39 20.78 33.83
CA ILE K 45 -14.34 21.88 33.98
C ILE K 45 -15.10 22.21 32.67
N GLU K 46 -14.48 22.02 31.50
CA GLU K 46 -15.17 22.12 30.21
C GLU K 46 -16.27 21.05 30.04
N LEU K 47 -16.03 19.81 30.47
CA LEU K 47 -17.05 18.76 30.44
C LEU K 47 -18.17 19.08 31.42
N ALA K 48 -17.83 19.60 32.62
CA ALA K 48 -18.82 20.04 33.59
C ALA K 48 -19.68 21.22 33.11
N GLU K 49 -19.13 22.16 32.37
CA GLU K 49 -19.92 23.21 31.72
C GLU K 49 -20.78 22.65 30.57
N LYS K 50 -20.22 21.80 29.70
CA LYS K 50 -20.95 21.21 28.57
C LYS K 50 -22.15 20.37 28.98
N SER K 51 -22.06 19.72 30.14
CA SER K 51 -23.10 18.88 30.72
C SER K 51 -24.44 19.61 30.88
N TYR K 52 -24.45 20.93 31.06
CA TYR K 52 -25.67 21.74 31.10
C TYR K 52 -26.42 21.86 29.76
N ASP K 53 -25.80 21.56 28.62
CA ASP K 53 -26.51 21.47 27.33
C ASP K 53 -27.17 20.09 27.17
N SER K 54 -28.47 20.06 27.38
CA SER K 54 -29.29 18.85 27.44
C SER K 54 -29.29 17.99 26.16
N ALA K 55 -28.94 18.53 24.99
CA ALA K 55 -28.76 17.75 23.76
C ALA K 55 -27.37 17.08 23.71
N ASP K 56 -26.33 17.84 24.06
CA ASP K 56 -24.92 17.45 24.04
C ASP K 56 -24.48 16.61 25.26
N PHE K 57 -25.37 16.48 26.24
CA PHE K 57 -25.18 15.70 27.47
C PHE K 57 -24.92 14.22 27.18
N PHE K 58 -25.76 13.64 26.33
CA PHE K 58 -25.72 12.23 25.97
C PHE K 58 -24.40 11.88 25.30
N GLU K 59 -23.84 12.76 24.49
CA GLU K 59 -22.55 12.48 23.86
C GLU K 59 -21.44 12.27 24.89
N ILE K 60 -21.44 13.04 25.99
CA ILE K 60 -20.44 12.83 27.03
C ILE K 60 -20.72 11.50 27.75
N MET K 61 -21.95 11.30 28.23
CA MET K 61 -22.23 10.17 29.09
C MET K 61 -22.24 8.84 28.36
N ASP K 62 -22.66 8.79 27.11
CA ASP K 62 -22.58 7.59 26.30
C ASP K 62 -21.14 7.22 25.96
N MET K 63 -20.22 8.18 25.80
CA MET K 63 -18.82 7.81 25.63
C MET K 63 -18.20 7.28 26.91
N LEU K 64 -18.54 7.87 28.07
CA LEU K 64 -18.10 7.32 29.35
C LEU K 64 -18.70 5.94 29.62
N ASP K 65 -19.91 5.64 29.16
CA ASP K 65 -20.42 4.28 29.21
C ASP K 65 -19.64 3.30 28.33
N LYS K 66 -19.10 3.74 27.17
CA LYS K 66 -18.22 2.91 26.34
C LYS K 66 -16.91 2.68 27.05
N ARG K 67 -16.32 3.73 27.62
CA ARG K 67 -15.01 3.64 28.31
C ARG K 67 -15.10 2.85 29.64
N LEU K 68 -16.19 2.86 30.40
CA LEU K 68 -16.40 2.01 31.59
C LEU K 68 -16.69 0.55 31.24
N ASN K 69 -17.32 0.29 30.11
CA ASN K 69 -17.59 -1.05 29.59
C ASN K 69 -16.31 -1.77 29.13
N ASP K 70 -15.31 -0.99 28.72
CA ASP K 70 -14.21 -1.38 27.83
C ASP K 70 -13.31 -2.56 28.27
N LYS K 71 -12.53 -3.10 27.33
CA LYS K 71 -11.70 -4.32 27.56
C LYS K 71 -10.75 -4.17 28.74
N GLY K 72 -10.23 -5.27 29.28
CA GLY K 72 -9.23 -5.26 30.37
C GLY K 72 -7.88 -4.69 29.94
N LYS K 73 -7.43 -4.93 28.71
CA LYS K 73 -6.16 -4.41 28.18
C LYS K 73 -6.04 -2.92 28.44
N TYR K 74 -7.13 -2.16 28.41
CA TYR K 74 -7.15 -0.72 28.62
C TYR K 74 -7.65 -0.35 30.01
N TRP K 75 -7.04 -0.89 31.06
CA TRP K 75 -7.38 -0.48 32.43
C TRP K 75 -7.26 1.04 32.60
N ARG K 76 -6.37 1.64 31.79
CA ARG K 76 -6.11 3.08 31.67
C ARG K 76 -7.38 3.87 31.37
N HIS K 77 -8.26 3.35 30.51
CA HIS K 77 -9.52 3.98 30.17
C HIS K 77 -10.45 3.96 31.36
N ILE K 78 -10.52 2.84 32.06
CA ILE K 78 -11.48 2.64 33.12
C ILE K 78 -11.12 3.51 34.32
N ALA K 79 -9.83 3.62 34.64
CA ALA K 79 -9.35 4.51 35.67
C ALA K 79 -9.67 5.98 35.36
N LYS K 80 -9.38 6.46 34.15
CA LYS K 80 -9.68 7.84 33.80
C LYS K 80 -11.18 8.08 33.68
N ALA K 81 -11.95 7.16 33.14
CA ALA K 81 -13.39 7.30 33.07
C ALA K 81 -14.01 7.40 34.46
N LEU K 82 -13.52 6.64 35.45
CA LEU K 82 -13.94 6.79 36.84
C LEU K 82 -13.52 8.15 37.43
N THR K 83 -12.39 8.72 37.00
CA THR K 83 -11.96 10.07 37.40
C THR K 83 -12.87 11.15 36.82
N VAL K 84 -13.21 11.05 35.54
CA VAL K 84 -14.07 12.00 34.84
C VAL K 84 -15.47 11.98 35.42
N ILE K 85 -15.98 10.81 35.78
CA ILE K 85 -17.28 10.70 36.46
C ILE K 85 -17.23 11.34 37.84
N ASP K 86 -16.16 11.10 38.61
CA ASP K 86 -16.00 11.64 39.96
C ASP K 86 -15.98 13.18 39.96
N TYR K 87 -15.27 13.79 39.00
CA TYR K 87 -15.36 15.22 38.80
C TYR K 87 -16.77 15.66 38.41
N LEU K 88 -17.41 14.98 37.45
CA LEU K 88 -18.72 15.37 36.95
C LEU K 88 -19.81 15.30 38.02
N ILE K 89 -19.80 14.36 38.95
CA ILE K 89 -20.72 14.42 40.09
C ILE K 89 -20.38 15.51 41.11
N ARG K 90 -19.10 15.85 41.33
CA ARG K 90 -18.71 16.95 42.22
C ARG K 90 -19.01 18.36 41.67
N PHE K 91 -18.78 18.59 40.38
CA PHE K 91 -18.71 19.94 39.77
C PHE K 91 -19.52 20.11 38.48
N GLY K 92 -20.03 19.03 37.90
CA GLY K 92 -20.94 19.07 36.75
C GLY K 92 -22.39 19.26 37.13
N SER K 93 -23.26 19.23 36.12
CA SER K 93 -24.70 19.36 36.28
C SER K 93 -25.30 18.23 37.09
N GLU K 94 -26.41 18.51 37.78
CA GLU K 94 -27.22 17.51 38.47
C GLU K 94 -27.67 16.37 37.55
N ASN K 95 -27.87 16.63 36.26
CA ASN K 95 -28.16 15.60 35.27
C ASN K 95 -27.08 14.51 35.20
N CYS K 96 -25.81 14.82 35.45
CA CYS K 96 -24.79 13.79 35.55
C CYS K 96 -24.96 12.92 36.80
N VAL K 97 -25.38 13.47 37.93
CA VAL K 97 -25.70 12.67 39.12
C VAL K 97 -26.93 11.81 38.87
N LEU K 98 -28.00 12.33 38.29
CA LEU K 98 -29.19 11.52 38.06
C LEU K 98 -28.89 10.36 37.11
N TRP K 99 -28.10 10.58 36.06
CA TRP K 99 -27.65 9.50 35.18
C TRP K 99 -26.80 8.48 35.93
N CYS K 100 -25.82 8.95 36.70
CA CYS K 100 -24.88 8.09 37.38
C CYS K 100 -25.51 7.27 38.50
N ARG K 101 -26.52 7.82 39.17
CA ARG K 101 -27.34 7.11 40.15
C ARG K 101 -28.17 6.01 39.51
N GLU K 102 -28.82 6.27 38.37
CA GLU K 102 -29.74 5.31 37.76
C GLU K 102 -29.02 4.04 37.29
N ASN K 103 -27.87 4.18 36.63
CA ASN K 103 -26.99 3.06 36.30
C ASN K 103 -25.69 3.09 37.11
N LEU K 104 -25.81 2.97 38.42
CA LEU K 104 -24.71 2.81 39.35
C LEU K 104 -23.96 1.49 39.14
N TYR K 105 -24.67 0.44 38.77
CA TYR K 105 -24.16 -0.91 38.64
C TYR K 105 -22.94 -1.01 37.74
N ILE K 106 -22.83 -0.16 36.71
CA ILE K 106 -21.67 -0.18 35.81
C ILE K 106 -20.35 0.05 36.55
N ILE K 107 -20.30 1.04 37.45
CA ILE K 107 -19.20 1.30 38.38
C ILE K 107 -19.16 0.29 39.51
N LYS K 108 -20.28 0.02 40.16
CA LYS K 108 -20.32 -0.82 41.36
C LYS K 108 -19.79 -2.22 41.12
N THR K 109 -19.99 -2.75 39.91
CA THR K 109 -19.44 -4.03 39.45
C THR K 109 -17.93 -3.99 39.25
N LEU K 110 -17.34 -2.83 38.90
CA LEU K 110 -15.88 -2.63 38.81
C LEU K 110 -15.10 -2.83 40.11
N LYS K 111 -15.68 -2.66 41.31
CA LYS K 111 -14.95 -2.79 42.58
C LYS K 111 -14.08 -4.05 42.70
N GLU K 112 -14.44 -5.13 42.01
CA GLU K 112 -13.71 -6.41 42.02
C GLU K 112 -12.82 -6.61 40.78
N PHE K 113 -12.66 -5.60 39.93
CA PHE K 113 -11.94 -5.68 38.66
C PHE K 113 -10.49 -6.14 38.85
N ARG K 114 -9.90 -6.80 37.85
CA ARG K 114 -8.60 -7.45 37.97
C ARG K 114 -7.93 -7.57 36.61
N HIS K 115 -6.71 -7.07 36.50
CA HIS K 115 -5.84 -7.22 35.31
C HIS K 115 -4.43 -7.65 35.68
N GLU K 116 -3.70 -8.37 34.82
CA GLU K 116 -2.38 -8.92 35.14
C GLU K 116 -1.44 -9.02 33.93
N ASP K 117 -0.19 -8.58 34.10
CA ASP K 117 0.93 -8.73 33.13
C ASP K 117 2.26 -9.05 33.85
N ASP K 118 2.16 -9.60 35.05
CA ASP K 118 3.12 -9.53 36.14
C ASP K 118 3.25 -8.10 36.69
N GLU K 119 2.97 -7.92 37.98
CA GLU K 119 2.69 -6.63 38.65
C GLU K 119 1.38 -5.92 38.23
N GLY K 120 0.60 -6.45 37.29
CA GLY K 120 -0.61 -5.80 36.78
C GLY K 120 -1.72 -5.65 37.83
N ILE K 121 -1.64 -6.42 38.91
CA ILE K 121 -2.44 -6.23 40.14
C ILE K 121 -2.35 -4.80 40.69
N ASP K 122 -1.25 -4.08 40.47
CA ASP K 122 -1.13 -2.66 40.83
C ASP K 122 -2.04 -1.75 39.97
N GLN K 123 -2.22 -2.09 38.69
CA GLN K 123 -3.11 -1.41 37.77
C GLN K 123 -4.57 -1.70 38.14
N GLY K 124 -4.89 -2.95 38.44
CA GLY K 124 -6.20 -3.28 39.00
C GLY K 124 -6.49 -2.49 40.27
N GLN K 125 -5.50 -2.22 41.11
CA GLN K 125 -5.71 -1.45 42.32
C GLN K 125 -6.18 -0.02 42.05
N ILE K 126 -5.65 0.69 41.05
CA ILE K 126 -6.13 2.05 40.76
C ILE K 126 -7.60 2.06 40.32
N VAL K 127 -8.00 1.08 39.50
CA VAL K 127 -9.41 0.93 39.10
C VAL K 127 -10.28 0.69 40.32
N ARG K 128 -9.89 -0.26 41.18
CA ARG K 128 -10.70 -0.65 42.33
C ARG K 128 -10.87 0.48 43.34
N VAL K 129 -9.82 1.22 43.66
CA VAL K 129 -9.94 2.30 44.64
C VAL K 129 -10.77 3.46 44.12
N LYS K 130 -10.69 3.79 42.83
CA LYS K 130 -11.56 4.83 42.28
C LYS K 130 -13.02 4.38 42.22
N ALA K 131 -13.30 3.14 41.87
CA ALA K 131 -14.66 2.63 41.91
C ALA K 131 -15.25 2.63 43.32
N LYS K 132 -14.44 2.28 44.34
CA LYS K 132 -14.84 2.27 45.75
C LYS K 132 -15.09 3.68 46.29
N GLU K 133 -14.22 4.62 46.01
CA GLU K 133 -14.42 6.01 46.42
C GLU K 133 -15.64 6.61 45.72
N LEU K 134 -15.82 6.32 44.44
CA LEU K 134 -16.94 6.83 43.66
C LEU K 134 -18.27 6.28 44.18
N THR K 135 -18.39 4.98 44.46
CA THR K 135 -19.64 4.45 45.07
C THR K 135 -19.85 4.96 46.50
N ALA K 136 -18.80 5.19 47.29
CA ALA K 136 -18.94 5.85 48.58
C ALA K 136 -19.50 7.27 48.43
N LEU K 137 -19.11 8.00 47.38
CA LEU K 137 -19.64 9.34 47.10
C LEU K 137 -21.10 9.34 46.63
N LEU K 138 -21.55 8.40 45.79
CA LEU K 138 -22.98 8.31 45.45
C LEU K 138 -23.84 7.92 46.65
N SER K 139 -23.32 7.05 47.52
CA SER K 139 -24.05 6.53 48.67
C SER K 139 -24.16 7.52 49.85
N ASP K 140 -23.14 8.33 50.15
CA ASP K 140 -23.23 9.39 51.17
C ASP K 140 -23.99 10.62 50.67
N ASP K 141 -25.32 10.58 50.70
CA ASP K 141 -26.17 11.66 50.17
C ASP K 141 -25.93 13.02 50.86
N GLU K 142 -25.69 13.05 52.17
CA GLU K 142 -25.34 14.26 52.92
C GLU K 142 -23.96 14.82 52.57
N ARG K 143 -23.01 13.94 52.21
CA ARG K 143 -21.72 14.36 51.66
C ARG K 143 -21.92 14.95 50.27
N LEU K 144 -22.65 14.26 49.40
CA LEU K 144 -22.76 14.68 48.01
C LEU K 144 -23.57 15.97 47.86
N ASN K 145 -24.66 16.16 48.60
CA ASN K 145 -25.37 17.43 48.57
C ASN K 145 -24.63 18.57 49.31
N GLU K 146 -23.85 18.32 50.36
CA GLU K 146 -22.95 19.33 50.92
C GLU K 146 -21.86 19.75 49.92
N GLU K 147 -21.24 18.76 49.28
CA GLU K 147 -20.15 18.91 48.32
C GLU K 147 -20.61 19.68 47.09
N ARG K 148 -21.75 19.28 46.51
CA ARG K 148 -22.37 19.98 45.39
C ARG K 148 -22.82 21.39 45.73
N ASN K 149 -23.43 21.63 46.89
CA ASN K 149 -23.84 22.98 47.27
C ASN K 149 -22.63 23.94 47.36
N MET K 150 -21.52 23.48 47.92
CA MET K 150 -20.30 24.28 48.00
C MET K 150 -19.65 24.46 46.63
N ASN K 151 -19.54 23.39 45.84
CA ASN K 151 -18.87 23.39 44.54
C ASN K 151 -19.60 24.19 43.45
N ILE K 152 -20.92 24.19 43.45
CA ILE K 152 -21.76 25.03 42.59
C ILE K 152 -21.64 26.49 43.05
N MET L 6 -35.88 -18.43 22.25
CA MET L 6 -34.71 -17.53 22.30
C MET L 6 -34.96 -16.27 21.51
N SER L 7 -34.32 -15.16 21.88
CA SER L 7 -34.47 -13.87 21.19
C SER L 7 -33.14 -13.13 21.11
N ARG L 8 -32.97 -12.18 20.18
CA ARG L 8 -31.66 -11.56 19.88
C ARG L 8 -30.94 -10.90 21.06
N ILE L 9 -31.65 -10.33 22.03
CA ILE L 9 -31.05 -9.79 23.26
C ILE L 9 -30.41 -10.87 24.17
N ASP L 10 -30.99 -12.07 24.23
CA ASP L 10 -30.40 -13.23 24.90
C ASP L 10 -29.08 -13.66 24.26
N SER L 11 -28.93 -13.48 22.95
CA SER L 11 -27.70 -13.81 22.22
C SER L 11 -26.51 -12.98 22.71
N ASP L 12 -26.74 -11.73 23.11
CA ASP L 12 -25.67 -10.89 23.66
C ASP L 12 -25.12 -11.45 25.00
N LEU L 13 -26.01 -11.92 25.87
CA LEU L 13 -25.68 -12.59 27.14
C LEU L 13 -25.05 -13.97 26.95
N GLN L 14 -25.55 -14.75 26.01
CA GLN L 14 -25.05 -16.08 25.74
C GLN L 14 -23.59 -16.11 25.33
N LYS L 15 -23.08 -15.10 24.62
CA LYS L 15 -21.65 -14.98 24.34
C LYS L 15 -20.85 -14.93 25.64
N ALA L 16 -21.24 -14.08 26.59
CA ALA L 16 -20.53 -14.03 27.87
C ALA L 16 -20.61 -15.33 28.66
N LEU L 17 -21.79 -15.95 28.80
CA LEU L 17 -21.89 -17.20 29.54
C LEU L 17 -21.02 -18.34 28.99
N LYS L 18 -20.74 -18.42 27.68
CA LYS L 18 -19.78 -19.44 27.20
C LYS L 18 -18.38 -19.22 27.77
N LYS L 19 -17.93 -17.97 27.74
CA LYS L 19 -16.60 -17.59 28.21
C LYS L 19 -16.44 -17.60 29.73
N ALA L 20 -17.47 -17.30 30.51
CA ALA L 20 -17.42 -17.41 31.96
C ALA L 20 -17.36 -18.87 32.45
N CYS L 21 -18.10 -19.77 31.81
CA CYS L 21 -17.99 -21.22 32.04
C CYS L 21 -16.91 -21.86 31.16
N SER L 22 -15.74 -21.23 31.04
CA SER L 22 -14.70 -21.66 30.08
C SER L 22 -14.21 -23.08 30.30
N VAL L 23 -13.70 -23.69 29.23
CA VAL L 23 -13.56 -25.15 29.09
C VAL L 23 -12.72 -25.87 30.14
N GLU L 24 -11.89 -25.17 30.92
CA GLU L 24 -11.05 -25.82 31.93
C GLU L 24 -10.83 -25.04 33.24
N GLU L 25 -10.21 -25.74 34.20
CA GLU L 25 -10.02 -25.40 35.61
C GLU L 25 -9.05 -24.23 35.91
N THR L 26 -9.10 -23.19 35.08
CA THR L 26 -8.68 -21.82 35.44
C THR L 26 -9.87 -21.02 35.99
N ALA L 27 -9.65 -19.82 36.52
CA ALA L 27 -10.69 -18.97 37.10
C ALA L 27 -11.79 -18.60 36.07
N PRO L 28 -13.04 -18.34 36.49
CA PRO L 28 -14.05 -17.69 35.65
C PRO L 28 -13.78 -16.19 35.58
N LYS L 29 -13.46 -15.63 34.41
CA LYS L 29 -12.94 -14.25 34.33
C LYS L 29 -13.94 -13.24 34.85
N ARG L 30 -13.53 -12.27 35.65
CA ARG L 30 -14.42 -11.21 36.13
C ARG L 30 -15.05 -10.45 34.98
N LYS L 31 -14.36 -10.36 33.84
CA LYS L 31 -14.87 -9.63 32.65
C LYS L 31 -16.14 -10.27 32.10
N HIS L 32 -16.27 -11.59 32.02
CA HIS L 32 -17.46 -12.30 31.55
C HIS L 32 -18.53 -12.46 32.62
N VAL L 33 -18.15 -12.60 33.89
CA VAL L 33 -19.13 -12.54 34.97
C VAL L 33 -19.77 -11.16 35.07
N ARG L 34 -18.99 -10.10 34.88
CA ARG L 34 -19.48 -8.72 34.84
C ARG L 34 -20.41 -8.53 33.66
N ALA L 35 -20.14 -9.09 32.50
CA ALA L 35 -21.04 -8.90 31.37
C ALA L 35 -22.44 -9.49 31.64
N CYS L 36 -22.54 -10.59 32.38
CA CYS L 36 -23.82 -11.15 32.83
C CYS L 36 -24.52 -10.33 33.91
N ILE L 37 -23.77 -9.85 34.90
CA ILE L 37 -24.31 -9.00 35.96
C ILE L 37 -24.83 -7.69 35.38
N VAL L 38 -24.05 -7.01 34.55
CA VAL L 38 -24.44 -5.75 33.94
C VAL L 38 -25.62 -5.94 33.00
N TYR L 39 -25.73 -7.07 32.31
CA TYR L 39 -26.95 -7.42 31.58
C TYR L 39 -28.13 -7.51 32.54
N THR L 40 -27.96 -8.17 33.67
CA THR L 40 -29.06 -8.47 34.57
C THR L 40 -29.67 -7.22 35.18
N TRP L 41 -28.87 -6.20 35.45
CA TRP L 41 -29.39 -4.87 35.77
C TRP L 41 -30.01 -4.16 34.56
N ASP L 42 -29.42 -4.22 33.36
CA ASP L 42 -29.96 -3.54 32.16
C ASP L 42 -31.36 -3.98 31.80
N HIS L 43 -31.60 -5.28 31.73
CA HIS L 43 -32.88 -5.85 31.35
C HIS L 43 -33.79 -6.12 32.54
N GLN L 44 -33.46 -5.55 33.69
CA GLN L 44 -34.31 -5.44 34.88
C GLN L 44 -34.78 -6.76 35.49
N SER L 45 -34.41 -7.88 34.88
CA SER L 45 -34.95 -9.21 35.11
C SER L 45 -33.94 -10.25 34.64
N SER L 46 -34.08 -11.49 35.10
CA SER L 46 -33.02 -12.50 34.96
C SER L 46 -33.48 -13.81 34.35
N LYS L 47 -34.72 -13.91 33.86
CA LYS L 47 -35.20 -15.18 33.29
C LYS L 47 -34.34 -15.66 32.13
N ALA L 48 -33.77 -14.75 31.36
CA ALA L 48 -32.85 -15.10 30.29
C ALA L 48 -31.57 -15.79 30.78
N VAL L 49 -31.04 -15.41 31.94
CA VAL L 49 -29.78 -16.01 32.44
C VAL L 49 -30.01 -17.43 32.93
N PHE L 50 -31.11 -17.72 33.64
CA PHE L 50 -31.43 -19.11 34.00
C PHE L 50 -31.83 -19.93 32.77
N THR L 51 -32.64 -19.38 31.87
CA THR L 51 -33.02 -20.08 30.64
C THR L 51 -31.81 -20.43 29.79
N THR L 52 -30.78 -19.59 29.82
CA THR L 52 -29.51 -19.93 29.21
C THR L 52 -28.80 -21.06 29.94
N LEU L 53 -28.67 -21.06 31.27
CA LEU L 53 -28.00 -22.15 31.98
C LEU L 53 -28.71 -23.51 31.82
N LYS L 54 -30.05 -23.52 31.73
CA LYS L 54 -30.85 -24.73 31.45
C LYS L 54 -30.58 -25.30 30.05
N THR L 55 -30.28 -24.46 29.06
CA THR L 55 -30.07 -24.85 27.65
C THR L 55 -28.58 -24.93 27.23
N LEU L 56 -27.65 -24.49 28.08
CA LEU L 56 -26.19 -24.63 27.93
C LEU L 56 -25.77 -26.11 27.83
N PRO L 57 -24.64 -26.45 27.15
CA PRO L 57 -23.90 -27.70 27.31
C PRO L 57 -23.30 -27.90 28.72
N LEU L 58 -24.15 -27.81 29.75
CA LEU L 58 -23.76 -27.67 31.15
C LEU L 58 -23.16 -28.95 31.73
N ALA L 59 -23.97 -29.99 31.90
CA ALA L 59 -23.56 -31.26 32.51
C ALA L 59 -22.69 -32.14 31.57
N ASN L 60 -21.98 -31.54 30.62
CA ASN L 60 -21.06 -32.24 29.75
C ASN L 60 -19.83 -32.76 30.52
N ASP L 61 -19.26 -31.94 31.42
CA ASP L 61 -18.19 -32.38 32.33
C ASP L 61 -18.13 -31.52 33.59
N GLU L 62 -17.74 -32.17 34.69
CA GLU L 62 -17.76 -31.63 36.05
C GLU L 62 -16.95 -30.33 36.23
N VAL L 63 -15.86 -30.14 35.49
CA VAL L 63 -15.10 -28.87 35.56
C VAL L 63 -15.92 -27.64 35.19
N GLN L 64 -16.69 -27.69 34.12
CA GLN L 64 -17.58 -26.60 33.73
C GLN L 64 -18.79 -26.47 34.64
N LEU L 65 -19.33 -27.55 35.22
CA LEU L 65 -20.44 -27.46 36.17
C LEU L 65 -20.03 -26.80 37.51
N PHE L 66 -18.82 -27.02 38.01
CA PHE L 66 -18.37 -26.22 39.15
C PHE L 66 -18.20 -24.76 38.74
N LYS L 67 -17.62 -24.45 37.58
CA LYS L 67 -17.49 -23.05 37.11
C LYS L 67 -18.86 -22.38 37.05
N MET L 68 -19.86 -23.07 36.52
CA MET L 68 -21.22 -22.56 36.42
C MET L 68 -21.83 -22.23 37.76
N LEU L 69 -21.55 -23.01 38.81
CA LEU L 69 -22.00 -22.70 40.16
C LEU L 69 -21.27 -21.50 40.78
N ILE L 70 -19.99 -21.28 40.48
CA ILE L 70 -19.30 -20.04 40.89
C ILE L 70 -19.95 -18.85 40.20
N VAL L 71 -20.15 -18.91 38.88
CA VAL L 71 -20.75 -17.82 38.12
C VAL L 71 -22.16 -17.55 38.58
N LEU L 72 -22.97 -18.59 38.78
CA LEU L 72 -24.34 -18.47 39.23
C LEU L 72 -24.45 -17.92 40.64
N HIS L 73 -23.52 -18.25 41.53
CA HIS L 73 -23.48 -17.60 42.82
C HIS L 73 -23.17 -16.12 42.64
N LYS L 74 -22.15 -15.73 41.87
CA LYS L 74 -21.82 -14.31 41.70
C LYS L 74 -22.98 -13.54 41.08
N ILE L 75 -23.69 -14.10 40.11
CA ILE L 75 -24.87 -13.45 39.51
C ILE L 75 -26.02 -13.27 40.50
N ILE L 76 -26.30 -14.25 41.35
CA ILE L 76 -27.33 -14.08 42.40
C ILE L 76 -26.89 -13.03 43.41
N GLN L 77 -25.62 -13.05 43.79
CA GLN L 77 -25.10 -12.22 44.85
C GLN L 77 -24.97 -10.74 44.42
N GLU L 78 -24.31 -10.49 43.30
CA GLU L 78 -24.07 -9.17 42.72
C GLU L 78 -25.25 -8.54 41.98
N GLY L 79 -26.04 -9.36 41.30
CA GLY L 79 -27.03 -8.92 40.34
C GLY L 79 -28.26 -8.26 40.96
N HIS L 80 -29.14 -7.78 40.07
CA HIS L 80 -30.42 -7.19 40.41
C HIS L 80 -31.27 -8.13 41.28
N PRO L 81 -32.13 -7.65 42.19
CA PRO L 81 -32.99 -8.50 43.02
C PRO L 81 -33.81 -9.57 42.28
N SER L 82 -34.07 -9.40 40.99
CA SER L 82 -34.64 -10.46 40.15
C SER L 82 -33.77 -11.70 40.07
N ALA L 83 -32.44 -11.62 40.07
CA ALA L 83 -31.61 -12.82 39.97
C ALA L 83 -31.87 -13.78 41.13
N LEU L 84 -31.93 -13.24 42.34
CA LEU L 84 -32.34 -13.99 43.53
C LEU L 84 -33.81 -14.41 43.47
N ALA L 85 -34.74 -13.55 43.02
CA ALA L 85 -36.14 -13.96 42.97
C ALA L 85 -36.37 -15.14 42.02
N GLU L 86 -35.73 -15.16 40.86
CA GLU L 86 -35.76 -16.32 39.98
C GLU L 86 -35.03 -17.53 40.58
N ALA L 87 -33.96 -17.33 41.34
CA ALA L 87 -33.30 -18.43 42.05
C ALA L 87 -34.18 -19.03 43.18
N ILE L 88 -34.99 -18.21 43.85
CA ILE L 88 -36.00 -18.66 44.81
C ILE L 88 -37.04 -19.52 44.12
N ARG L 89 -37.46 -19.19 42.90
CA ARG L 89 -38.37 -20.06 42.14
C ARG L 89 -37.71 -21.35 41.68
N ASP L 90 -36.47 -21.29 41.20
CA ASP L 90 -35.81 -22.40 40.50
C ASP L 90 -34.73 -23.12 41.35
N ARG L 91 -34.82 -23.03 42.68
CA ARG L 91 -33.91 -23.74 43.60
C ARG L 91 -33.95 -25.25 43.42
N ASP L 92 -35.05 -25.79 42.90
CA ASP L 92 -35.19 -27.20 42.52
C ASP L 92 -34.40 -27.56 41.25
N TRP L 93 -34.26 -26.64 40.29
CA TRP L 93 -33.34 -26.86 39.18
C TRP L 93 -31.91 -26.91 39.70
N ILE L 94 -31.55 -25.98 40.58
CA ILE L 94 -30.22 -25.97 41.21
C ILE L 94 -29.96 -27.29 41.95
N ARG L 95 -30.96 -27.78 42.69
CA ARG L 95 -30.91 -29.07 43.40
C ARG L 95 -30.68 -30.23 42.44
N SER L 96 -31.30 -30.21 41.26
CA SER L 96 -31.08 -31.22 40.23
C SER L 96 -29.61 -31.28 39.79
N LEU L 97 -28.90 -30.14 39.75
CA LEU L 97 -27.46 -30.10 39.46
C LEU L 97 -26.62 -30.85 40.50
N GLY L 98 -27.07 -30.88 41.76
CA GLY L 98 -26.42 -31.65 42.82
C GLY L 98 -26.38 -33.16 42.53
N ARG L 99 -27.43 -33.69 41.87
CA ARG L 99 -27.46 -35.10 41.42
C ARG L 99 -26.58 -35.43 40.21
N VAL L 100 -26.50 -34.58 39.19
CA VAL L 100 -26.08 -35.01 37.84
C VAL L 100 -24.67 -35.62 37.74
N HIS L 101 -23.73 -35.25 38.60
CA HIS L 101 -22.51 -36.01 38.86
C HIS L 101 -22.52 -36.53 40.30
N SER L 102 -22.51 -37.86 40.47
CA SER L 102 -22.82 -38.56 41.72
C SER L 102 -21.60 -38.75 42.64
N GLY L 103 -20.87 -37.66 42.95
CA GLY L 103 -19.92 -37.61 44.06
C GLY L 103 -18.69 -38.53 43.99
N GLY L 104 -18.38 -39.09 42.80
CA GLY L 104 -17.32 -40.09 42.58
C GLY L 104 -15.88 -39.59 42.73
N SER L 105 -15.25 -39.21 41.62
CA SER L 105 -13.94 -38.54 41.62
C SER L 105 -13.99 -37.22 42.41
N SER L 106 -12.89 -36.84 43.05
CA SER L 106 -12.84 -35.74 44.05
C SER L 106 -13.54 -34.47 43.63
N TYR L 107 -13.39 -34.02 42.37
CA TYR L 107 -13.97 -32.78 41.87
C TYR L 107 -15.51 -32.76 41.98
N SER L 108 -16.18 -33.89 41.80
CA SER L 108 -17.62 -34.02 42.00
C SER L 108 -18.07 -33.72 43.43
N LYS L 109 -17.27 -34.00 44.46
CA LYS L 109 -17.66 -33.71 45.86
C LYS L 109 -17.75 -32.20 46.13
N LEU L 110 -16.87 -31.41 45.50
CA LEU L 110 -16.93 -29.96 45.55
C LEU L 110 -18.26 -29.45 45.00
N ILE L 111 -18.71 -30.01 43.87
CA ILE L 111 -20.00 -29.65 43.30
C ILE L 111 -21.13 -29.96 44.29
N ARG L 112 -21.17 -31.16 44.88
CA ARG L 112 -22.31 -31.53 45.74
C ARG L 112 -22.41 -30.68 47.00
N GLU L 113 -21.29 -30.36 47.63
CA GLU L 113 -21.32 -29.44 48.78
C GLU L 113 -21.66 -28.00 48.40
N TYR L 114 -21.30 -27.51 47.20
CA TYR L 114 -21.75 -26.18 46.77
C TYR L 114 -23.26 -26.15 46.50
N VAL L 115 -23.81 -27.17 45.86
CA VAL L 115 -25.26 -27.25 45.61
C VAL L 115 -26.03 -27.27 46.93
N ARG L 116 -25.58 -28.05 47.91
CA ARG L 116 -26.18 -28.05 49.25
C ARG L 116 -26.11 -26.68 49.93
N TYR L 117 -25.04 -25.92 49.72
CA TYR L 117 -24.94 -24.57 50.25
C TYR L 117 -25.91 -23.57 49.59
N LEU L 118 -25.99 -23.57 48.25
CA LEU L 118 -26.91 -22.73 47.50
C LEU L 118 -28.36 -23.09 47.81
N VAL L 119 -28.72 -24.38 47.85
CA VAL L 119 -30.08 -24.81 48.22
C VAL L 119 -30.43 -24.39 49.65
N LEU L 120 -29.49 -24.40 50.58
CA LEU L 120 -29.71 -23.86 51.93
C LEU L 120 -29.91 -22.34 51.92
N LYS L 121 -29.12 -21.58 51.16
CA LYS L 121 -29.27 -20.13 51.05
C LYS L 121 -30.63 -19.74 50.46
N LEU L 122 -31.01 -20.38 49.37
CA LEU L 122 -32.25 -20.10 48.66
C LEU L 122 -33.48 -20.57 49.44
N ASP L 123 -33.38 -21.71 50.14
CA ASP L 123 -34.40 -22.10 51.11
C ASP L 123 -34.59 -21.05 52.19
N PHE L 124 -33.50 -20.49 52.72
CA PHE L 124 -33.57 -19.48 53.77
C PHE L 124 -34.21 -18.16 53.32
N HIS L 125 -33.90 -17.66 52.11
CA HIS L 125 -34.57 -16.47 51.59
C HIS L 125 -36.08 -16.69 51.40
N ALA L 126 -36.49 -17.81 50.82
CA ALA L 126 -37.90 -18.15 50.60
C ALA L 126 -38.67 -18.34 51.93
N HIS L 127 -38.10 -19.10 52.85
CA HIS L 127 -38.74 -19.49 54.11
C HIS L 127 -38.87 -18.33 55.09
N HIS L 128 -37.77 -17.60 55.32
CA HIS L 128 -37.59 -16.91 56.59
C HIS L 128 -37.69 -15.39 56.48
N ARG L 129 -36.79 -14.77 55.73
CA ARG L 129 -36.68 -13.31 55.68
C ARG L 129 -37.69 -12.67 54.75
N GLY L 130 -38.16 -11.48 55.10
CA GLY L 130 -38.69 -10.50 54.14
C GLY L 130 -37.56 -9.68 53.50
N PHE L 131 -36.50 -10.33 53.05
CA PHE L 131 -35.31 -9.67 52.49
C PHE L 131 -34.81 -10.41 51.25
N ASN L 132 -34.58 -9.66 50.18
CA ASN L 132 -34.30 -10.19 48.86
C ASN L 132 -33.17 -9.40 48.16
N ASN L 133 -31.98 -9.42 48.76
CA ASN L 133 -30.72 -9.04 48.12
C ASN L 133 -29.74 -10.21 48.20
N GLY L 134 -28.87 -10.34 47.22
CA GLY L 134 -27.99 -11.50 47.09
C GLY L 134 -26.97 -11.60 48.22
N THR L 135 -26.08 -10.61 48.30
CA THR L 135 -25.37 -10.24 49.53
C THR L 135 -26.38 -9.76 50.57
N PHE L 136 -26.21 -10.11 51.84
CA PHE L 136 -26.98 -9.49 52.92
C PHE L 136 -26.47 -8.09 53.25
N GLU L 137 -27.37 -7.19 53.63
CA GLU L 137 -27.04 -5.84 54.07
C GLU L 137 -28.08 -5.38 55.11
N TYR L 138 -27.75 -4.39 55.94
CA TYR L 138 -28.58 -3.98 57.08
C TYR L 138 -29.83 -3.20 56.68
N GLU L 139 -30.81 -3.90 56.13
CA GLU L 139 -32.14 -3.36 55.85
C GLU L 139 -32.84 -2.95 57.15
N GLU L 140 -33.08 -1.65 57.27
CA GLU L 140 -33.59 -1.04 58.49
C GLU L 140 -35.01 -1.52 58.81
N TYR L 141 -35.90 -1.61 57.83
CA TYR L 141 -37.28 -2.03 58.08
C TYR L 141 -37.35 -3.50 58.52
N VAL L 142 -36.59 -4.38 57.88
CA VAL L 142 -36.52 -5.81 58.25
C VAL L 142 -35.91 -6.00 59.65
N SER L 143 -34.89 -5.19 59.99
CA SER L 143 -34.26 -5.20 61.31
C SER L 143 -35.21 -4.70 62.40
N LEU L 144 -35.88 -3.56 62.18
CA LEU L 144 -36.89 -3.02 63.10
C LEU L 144 -38.05 -4.00 63.34
N VAL L 145 -38.60 -4.60 62.29
CA VAL L 145 -39.68 -5.59 62.40
C VAL L 145 -39.22 -6.89 63.10
N SER L 146 -37.96 -7.29 62.94
CA SER L 146 -37.37 -8.43 63.65
C SER L 146 -37.16 -8.17 65.15
N VAL L 147 -36.59 -7.03 65.54
CA VAL L 147 -36.39 -6.67 66.96
C VAL L 147 -37.71 -6.39 67.68
N SER L 148 -38.71 -5.88 66.96
CA SER L 148 -40.10 -5.77 67.41
C SER L 148 -40.81 -7.12 67.61
N ASP L 149 -40.18 -8.24 67.26
CA ASP L 149 -40.70 -9.63 67.28
C ASP L 149 -39.63 -10.63 67.84
N PRO L 150 -39.04 -10.39 69.03
CA PRO L 150 -37.70 -10.91 69.37
C PRO L 150 -37.55 -12.41 69.60
N ASP L 151 -38.61 -13.19 69.85
CA ASP L 151 -38.50 -14.66 69.83
C ASP L 151 -38.26 -15.21 68.40
N GLU L 152 -38.94 -14.63 67.40
CA GLU L 152 -38.58 -14.80 65.99
C GLU L 152 -37.25 -14.10 65.66
N GLY L 153 -36.90 -13.01 66.34
CA GLY L 153 -35.60 -12.36 66.24
C GLY L 153 -34.43 -13.29 66.63
N TYR L 154 -34.55 -13.98 67.76
CA TYR L 154 -33.62 -15.05 68.15
C TYR L 154 -33.57 -16.15 67.10
N GLU L 155 -34.72 -16.63 66.62
CA GLU L 155 -34.74 -17.63 65.54
C GLU L 155 -34.09 -17.14 64.25
N THR L 156 -34.18 -15.83 63.95
CA THR L 156 -33.53 -15.22 62.79
C THR L 156 -32.02 -15.24 62.91
N ILE L 157 -31.43 -14.83 64.03
CA ILE L 157 -29.97 -14.89 64.17
C ILE L 157 -29.48 -16.34 64.28
N LEU L 158 -30.21 -17.25 64.92
CA LEU L 158 -29.80 -18.65 65.00
C LEU L 158 -29.92 -19.39 63.66
N ASP L 159 -30.94 -19.07 62.85
CA ASP L 159 -31.05 -19.59 61.50
C ASP L 159 -30.00 -18.97 60.55
N LEU L 160 -29.74 -17.67 60.66
CA LEU L 160 -28.70 -17.00 59.87
C LEU L 160 -27.29 -17.50 60.26
N MET L 161 -27.07 -17.77 61.54
CA MET L 161 -25.90 -18.52 62.02
C MET L 161 -25.85 -19.93 61.44
N SER L 162 -26.97 -20.64 61.24
CA SER L 162 -26.93 -21.98 60.62
C SER L 162 -26.44 -21.93 59.16
N LEU L 163 -26.72 -20.84 58.42
CA LEU L 163 -26.04 -20.60 57.13
C LEU L 163 -24.54 -20.32 57.32
N GLN L 164 -24.12 -19.48 58.27
CA GLN L 164 -22.68 -19.25 58.48
C GLN L 164 -21.92 -20.52 58.91
N ASP L 165 -22.57 -21.42 59.66
CA ASP L 165 -22.03 -22.75 59.95
C ASP L 165 -21.81 -23.56 58.68
N SER L 166 -22.79 -23.61 57.77
CA SER L 166 -22.65 -24.37 56.52
C SER L 166 -21.66 -23.72 55.56
N LEU L 167 -21.60 -22.40 55.54
CA LEU L 167 -20.58 -21.61 54.84
C LEU L 167 -19.18 -22.00 55.32
N ASP L 168 -18.99 -22.09 56.64
CA ASP L 168 -17.71 -22.49 57.23
C ASP L 168 -17.38 -23.96 56.96
N GLU L 169 -18.35 -24.88 57.05
CA GLU L 169 -18.07 -26.30 56.81
C GLU L 169 -17.66 -26.52 55.35
N PHE L 170 -18.37 -25.89 54.41
CA PHE L 170 -18.04 -25.95 53.00
C PHE L 170 -16.67 -25.33 52.71
N SER L 171 -16.29 -24.24 53.39
CA SER L 171 -14.94 -23.69 53.20
C SER L 171 -13.84 -24.69 53.56
N GLN L 172 -14.05 -25.51 54.61
CA GLN L 172 -13.11 -26.57 54.95
C GLN L 172 -13.10 -27.72 53.94
N ILE L 173 -14.22 -28.04 53.29
CA ILE L 173 -14.22 -28.99 52.16
C ILE L 173 -13.34 -28.45 51.03
N ILE L 174 -13.49 -27.18 50.66
CA ILE L 174 -12.66 -26.59 49.60
C ILE L 174 -11.19 -26.54 50.03
N PHE L 175 -10.86 -26.17 51.27
CA PHE L 175 -9.47 -26.11 51.72
C PHE L 175 -8.80 -27.49 51.77
N ALA L 176 -9.48 -28.52 52.29
CA ALA L 176 -8.93 -29.86 52.29
C ALA L 176 -8.77 -30.41 50.87
N SER L 177 -9.73 -30.16 49.98
CA SER L 177 -9.65 -30.58 48.58
C SER L 177 -8.53 -29.86 47.83
N ILE L 178 -8.30 -28.57 48.11
CA ILE L 178 -7.15 -27.81 47.62
C ILE L 178 -5.84 -28.46 48.05
N GLN L 179 -5.71 -28.75 49.34
CA GLN L 179 -4.43 -29.22 49.90
C GLN L 179 -4.08 -30.65 49.51
N SER L 180 -5.08 -31.53 49.37
CA SER L 180 -4.90 -32.91 48.91
C SER L 180 -4.58 -32.99 47.41
N GLU L 181 -5.18 -32.15 46.57
CA GLU L 181 -4.83 -32.03 45.14
C GLU L 181 -3.48 -31.31 44.88
N ARG L 182 -3.05 -30.40 45.77
CA ARG L 182 -1.76 -29.68 45.78
C ARG L 182 -1.53 -28.65 44.67
N ARG L 183 -2.06 -28.86 43.46
CA ARG L 183 -1.89 -27.97 42.29
C ARG L 183 -3.17 -27.88 41.45
N ASN L 184 -3.26 -26.90 40.55
CA ASN L 184 -4.51 -26.48 39.90
C ASN L 184 -5.60 -26.13 40.93
N THR L 185 -5.35 -25.04 41.64
CA THR L 185 -6.22 -24.45 42.65
C THR L 185 -7.22 -23.42 42.13
N GLU L 186 -7.04 -22.93 40.90
CA GLU L 186 -7.56 -21.63 40.46
C GLU L 186 -9.08 -21.53 40.51
N CYS L 187 -9.81 -22.53 40.01
CA CYS L 187 -11.26 -22.52 40.12
C CYS L 187 -11.74 -22.73 41.57
N LYS L 188 -11.04 -23.56 42.36
CA LYS L 188 -11.43 -23.82 43.74
C LYS L 188 -11.29 -22.56 44.59
N ILE L 189 -10.18 -21.85 44.48
CA ILE L 189 -10.01 -20.57 45.16
C ILE L 189 -10.98 -19.51 44.61
N SER L 190 -11.29 -19.51 43.32
CA SER L 190 -12.31 -18.61 42.79
C SER L 190 -13.66 -18.83 43.48
N ALA L 191 -14.03 -20.08 43.76
CA ALA L 191 -15.20 -20.41 44.56
C ALA L 191 -15.14 -19.86 45.99
N LEU L 192 -13.97 -19.72 46.60
CA LEU L 192 -13.84 -19.00 47.87
C LEU L 192 -14.21 -17.51 47.75
N ILE L 193 -13.97 -16.83 46.62
CA ILE L 193 -14.21 -15.37 46.51
C ILE L 193 -15.66 -14.91 46.85
N PRO L 194 -16.73 -15.50 46.29
CA PRO L 194 -18.08 -15.10 46.63
C PRO L 194 -18.47 -15.54 48.06
N LEU L 195 -17.98 -16.69 48.51
CA LEU L 195 -18.13 -17.15 49.89
C LEU L 195 -17.47 -16.18 50.87
N ILE L 196 -16.34 -15.55 50.52
CA ILE L 196 -15.72 -14.51 51.34
C ILE L 196 -16.63 -13.30 51.44
N ALA L 197 -17.16 -12.79 50.34
CA ALA L 197 -18.02 -11.61 50.37
C ALA L 197 -19.31 -11.89 51.14
N GLU L 198 -19.95 -13.04 50.94
CA GLU L 198 -21.10 -13.44 51.76
C GLU L 198 -20.71 -13.63 53.23
N SER L 199 -19.52 -14.16 53.53
CA SER L 199 -19.10 -14.38 54.92
C SER L 199 -19.01 -13.07 55.68
N TYR L 200 -18.51 -12.02 55.04
CA TYR L 200 -18.48 -10.70 55.62
C TYR L 200 -19.87 -10.07 55.67
N GLY L 201 -20.68 -10.26 54.63
CA GLY L 201 -22.03 -9.71 54.56
C GLY L 201 -22.98 -10.31 55.60
N ILE L 202 -22.91 -11.62 55.79
CA ILE L 202 -23.69 -12.29 56.82
C ILE L 202 -23.20 -11.92 58.22
N TYR L 203 -21.88 -11.79 58.40
CA TYR L 203 -21.27 -11.33 59.64
C TYR L 203 -21.70 -9.92 60.02
N LYS L 204 -21.69 -8.97 59.06
CA LYS L 204 -22.19 -7.61 59.27
C LYS L 204 -23.67 -7.58 59.60
N PHE L 205 -24.46 -8.47 58.99
CA PHE L 205 -25.86 -8.51 59.32
C PHE L 205 -26.10 -9.05 60.73
N ILE L 206 -25.51 -10.19 61.12
CA ILE L 206 -25.68 -10.67 62.51
C ILE L 206 -25.15 -9.62 63.46
N THR L 207 -23.99 -9.00 63.23
CA THR L 207 -23.45 -7.99 64.14
C THR L 207 -24.41 -6.81 64.36
N SER L 208 -25.00 -6.30 63.28
CA SER L 208 -25.93 -5.18 63.31
C SER L 208 -27.30 -5.53 63.90
N MET L 209 -27.79 -6.74 63.63
CA MET L 209 -29.02 -7.26 64.20
C MET L 209 -28.90 -7.60 65.68
N LEU L 210 -27.79 -8.21 66.07
CA LEU L 210 -27.43 -8.53 67.44
C LEU L 210 -27.26 -7.25 68.25
N ARG L 211 -26.56 -6.23 67.76
CA ARG L 211 -26.46 -4.92 68.41
C ARG L 211 -27.84 -4.30 68.64
N ALA L 212 -28.67 -4.29 67.59
CA ALA L 212 -30.00 -3.73 67.71
C ALA L 212 -30.84 -4.48 68.75
N MET L 213 -30.84 -5.81 68.72
CA MET L 213 -31.61 -6.64 69.64
C MET L 213 -31.09 -6.60 71.09
N HIS L 214 -29.77 -6.49 71.27
CA HIS L 214 -29.08 -6.35 72.55
C HIS L 214 -29.45 -5.05 73.25
N ARG L 215 -29.42 -3.91 72.55
CA ARG L 215 -29.88 -2.63 73.10
C ARG L 215 -31.40 -2.52 73.23
N GLN L 216 -32.18 -3.11 72.32
CA GLN L 216 -33.66 -3.14 72.40
C GLN L 216 -34.21 -3.95 73.58
N LEU L 217 -33.55 -5.04 73.97
CA LEU L 217 -33.74 -5.71 75.25
C LEU L 217 -33.11 -4.89 76.39
N GLN L 227 -27.78 -11.71 75.87
CA GLN L 227 -26.95 -12.62 76.70
C GLN L 227 -26.25 -13.74 75.89
N PRO L 228 -26.78 -14.97 75.66
CA PRO L 228 -25.96 -16.09 75.15
C PRO L 228 -25.50 -15.95 73.69
N LEU L 229 -26.24 -15.17 72.88
CA LEU L 229 -25.86 -14.85 71.50
C LEU L 229 -24.48 -14.18 71.37
N LYS L 230 -23.99 -13.47 72.40
CA LYS L 230 -22.61 -12.96 72.45
C LYS L 230 -21.55 -14.08 72.50
N GLU L 231 -21.81 -15.20 73.19
CA GLU L 231 -20.91 -16.37 73.17
C GLU L 231 -20.90 -17.08 71.80
N ARG L 232 -22.07 -17.17 71.16
CA ARG L 232 -22.22 -17.70 69.80
C ARG L 232 -21.52 -16.79 68.80
N TYR L 233 -21.71 -15.48 68.91
CA TYR L 233 -21.04 -14.45 68.13
C TYR L 233 -19.51 -14.53 68.28
N GLU L 234 -18.96 -14.81 69.46
CA GLU L 234 -17.51 -14.97 69.61
C GLU L 234 -16.98 -16.22 68.85
N LEU L 235 -17.71 -17.34 68.84
CA LEU L 235 -17.34 -18.49 68.01
C LEU L 235 -17.43 -18.19 66.51
N GLN L 236 -18.51 -17.54 66.06
CA GLN L 236 -18.63 -17.15 64.65
C GLN L 236 -17.55 -16.15 64.22
N HIS L 237 -17.24 -15.17 65.06
CA HIS L 237 -16.16 -14.20 64.88
C HIS L 237 -14.79 -14.88 64.87
N ALA L 238 -14.55 -15.86 65.73
CA ALA L 238 -13.33 -16.65 65.72
C ALA L 238 -13.17 -17.38 64.39
N ARG L 239 -14.24 -18.00 63.87
CA ARG L 239 -14.27 -18.64 62.54
C ARG L 239 -14.06 -17.63 61.41
N LEU L 240 -14.55 -16.41 61.53
CA LEU L 240 -14.36 -15.34 60.56
C LEU L 240 -12.87 -14.97 60.43
N PHE L 241 -12.21 -14.73 61.56
CA PHE L 241 -10.79 -14.37 61.62
C PHE L 241 -9.89 -15.56 61.26
N GLU L 242 -10.27 -16.79 61.59
CA GLU L 242 -9.63 -17.99 61.07
C GLU L 242 -9.75 -18.11 59.55
N PHE L 243 -10.92 -17.87 58.97
CA PHE L 243 -11.12 -17.99 57.54
C PHE L 243 -10.28 -16.97 56.74
N TYR L 244 -10.18 -15.73 57.22
CA TYR L 244 -9.35 -14.72 56.56
C TYR L 244 -7.85 -14.94 56.72
N ALA L 245 -7.41 -15.52 57.84
CA ALA L 245 -6.05 -16.06 57.93
C ALA L 245 -5.80 -17.20 56.92
N ASP L 246 -6.72 -18.15 56.79
CA ASP L 246 -6.60 -19.25 55.82
C ASP L 246 -6.53 -18.73 54.37
N CYS L 247 -7.35 -17.74 54.01
CA CYS L 247 -7.30 -17.06 52.72
C CYS L 247 -5.99 -16.29 52.51
N SER L 248 -5.43 -15.66 53.55
CA SER L 248 -4.15 -14.95 53.46
C SER L 248 -2.99 -15.82 52.97
N SER L 249 -3.02 -17.12 53.25
CA SER L 249 -2.05 -18.09 52.69
C SER L 249 -2.07 -18.16 51.15
N VAL L 250 -3.23 -17.94 50.52
CA VAL L 250 -3.49 -18.26 49.11
C VAL L 250 -2.93 -17.17 48.19
N LYS L 251 -1.88 -17.52 47.44
CA LYS L 251 -1.01 -16.53 46.79
C LYS L 251 -1.61 -15.81 45.58
N TYR L 252 -2.49 -16.44 44.79
CA TYR L 252 -3.36 -15.70 43.83
C TYR L 252 -4.58 -14.98 44.43
N LEU L 253 -5.40 -15.66 45.24
CA LEU L 253 -6.70 -15.14 45.68
C LEU L 253 -6.55 -13.81 46.41
N THR L 254 -5.51 -13.71 47.21
CA THR L 254 -5.17 -12.50 47.98
C THR L 254 -5.02 -11.25 47.12
N THR L 255 -4.58 -11.39 45.86
CA THR L 255 -4.22 -10.22 45.02
C THR L 255 -5.38 -9.27 44.72
N LEU L 256 -6.54 -9.81 44.35
CA LEU L 256 -7.63 -9.09 43.66
C LEU L 256 -8.71 -8.47 44.57
N VAL L 257 -9.01 -9.09 45.72
CA VAL L 257 -10.16 -8.72 46.58
C VAL L 257 -9.94 -7.39 47.30
N THR L 258 -8.71 -6.87 47.31
CA THR L 258 -8.26 -5.73 48.17
C THR L 258 -8.58 -6.05 49.64
N ILE L 259 -7.87 -7.07 50.14
CA ILE L 259 -8.07 -7.75 51.42
C ILE L 259 -9.36 -8.60 51.47
N PRO L 260 -9.29 -9.92 51.72
CA PRO L 260 -10.42 -10.67 52.24
C PRO L 260 -10.75 -10.18 53.66
N LYS L 261 -11.66 -9.19 53.72
CA LYS L 261 -11.87 -8.20 54.79
C LYS L 261 -11.78 -8.77 56.21
N MET M 6 12.88 2.20 0.01
CA MET M 6 12.42 2.10 -1.41
C MET M 6 11.17 2.94 -1.68
N SER M 7 10.17 2.93 -0.81
CA SER M 7 8.93 3.70 -1.02
C SER M 7 9.19 5.20 -1.19
N LYS M 8 10.06 5.81 -0.36
CA LYS M 8 10.36 7.24 -0.47
C LYS M 8 11.03 7.61 -1.81
N GLN M 9 11.92 6.79 -2.34
CA GLN M 9 12.60 7.08 -3.60
C GLN M 9 11.62 7.17 -4.79
N PHE M 10 10.63 6.27 -4.85
CA PHE M 10 9.56 6.41 -5.84
C PHE M 10 8.65 7.60 -5.51
N VAL M 11 8.16 7.75 -4.27
CA VAL M 11 7.16 8.76 -3.96
C VAL M 11 7.70 10.18 -4.15
N ARG M 12 8.97 10.44 -3.81
CA ARG M 12 9.64 11.71 -4.14
C ARG M 12 9.74 11.93 -5.63
N SER M 13 10.01 10.90 -6.42
CA SER M 13 9.99 11.03 -7.88
C SER M 13 8.60 11.39 -8.41
N ALA M 14 7.52 10.92 -7.79
CA ALA M 14 6.17 11.33 -8.13
C ALA M 14 5.89 12.80 -7.74
N LYS M 15 6.30 13.25 -6.55
CA LYS M 15 6.10 14.66 -6.09
C LYS M 15 6.88 15.61 -6.98
N ASN M 16 8.04 15.25 -7.53
CA ASN M 16 8.79 16.02 -8.53
C ASN M 16 8.01 16.21 -9.83
N LEU M 17 7.30 15.18 -10.31
CA LEU M 17 6.43 15.31 -11.47
C LEU M 17 5.23 16.22 -11.19
N VAL M 18 4.57 16.05 -10.04
CA VAL M 18 3.33 16.75 -9.68
C VAL M 18 3.51 18.26 -9.54
N LYS M 19 4.61 18.69 -8.92
CA LYS M 19 4.90 20.14 -8.75
C LYS M 19 5.52 20.67 -10.04
N GLY M 20 5.94 19.81 -10.97
CA GLY M 20 6.44 20.19 -12.29
C GLY M 20 7.91 20.54 -12.40
N TYR M 21 8.75 20.11 -11.46
CA TYR M 21 10.06 20.72 -11.24
C TYR M 21 11.02 20.70 -12.43
N SER M 22 11.69 21.84 -12.61
CA SER M 22 12.82 22.05 -13.51
C SER M 22 13.98 21.12 -13.19
N SER M 23 14.78 20.76 -14.19
CA SER M 23 16.03 20.00 -13.95
C SER M 23 16.97 20.70 -12.97
N THR M 24 16.99 22.04 -12.94
CA THR M 24 17.77 22.77 -11.94
C THR M 24 17.17 22.58 -10.55
N GLN M 25 15.85 22.71 -10.39
CA GLN M 25 15.18 22.48 -9.12
C GLN M 25 15.38 21.04 -8.65
N VAL M 26 15.17 20.04 -9.51
CA VAL M 26 15.35 18.62 -9.18
C VAL M 26 16.77 18.31 -8.75
N LEU M 27 17.80 18.92 -9.34
CA LEU M 27 19.16 18.75 -8.84
C LEU M 27 19.32 19.27 -7.41
N VAL M 28 18.95 20.54 -7.25
CA VAL M 28 19.07 21.24 -5.95
C VAL M 28 18.23 20.43 -5.02
N ARG M 29 17.05 19.99 -5.41
CA ARG M 29 16.16 19.25 -4.50
C ARG M 29 16.72 17.90 -4.09
N ASN M 30 17.37 17.16 -4.99
CA ASN M 30 17.99 15.83 -4.68
C ASN M 30 19.19 16.07 -3.78
N ALA M 31 19.97 17.12 -4.02
CA ALA M 31 21.05 17.53 -3.13
C ALA M 31 20.58 17.81 -1.70
N THR M 32 19.49 18.52 -1.50
CA THR M 32 19.05 18.88 -0.13
C THR M 32 17.80 18.05 0.09
N SER M 33 17.89 16.86 0.68
CA SER M 33 16.75 15.92 0.81
C SER M 33 16.82 15.16 2.11
N ASN M 34 15.74 14.83 2.85
CA ASN M 34 15.78 14.19 4.22
C ASN M 34 16.82 13.06 4.30
N ASP M 35 17.10 12.31 3.25
CA ASP M 35 18.16 11.33 3.07
C ASP M 35 19.37 11.58 3.98
N ASN M 36 19.77 10.60 4.78
CA ASN M 36 20.86 10.73 5.74
C ASN M 36 22.28 10.80 5.12
N HIS M 37 22.43 10.63 3.81
CA HIS M 37 23.74 10.66 3.16
C HIS M 37 24.29 12.10 3.07
N GLN M 38 25.61 12.28 3.25
CA GLN M 38 26.25 13.57 3.02
C GLN M 38 26.09 14.02 1.55
N VAL M 39 25.96 15.32 1.34
CA VAL M 39 25.84 15.91 0.01
C VAL M 39 27.15 15.72 -0.78
N SER M 40 27.07 15.15 -1.97
CA SER M 40 28.26 14.68 -2.70
C SER M 40 29.02 15.82 -3.37
N LYS M 41 30.35 15.69 -3.45
CA LYS M 41 31.22 16.75 -3.98
C LYS M 41 30.90 17.14 -5.44
N ASP M 42 30.56 16.17 -6.30
CA ASP M 42 30.11 16.42 -7.67
C ASP M 42 28.77 17.19 -7.73
N SER M 43 27.88 17.02 -6.76
CA SER M 43 26.63 17.80 -6.68
C SER M 43 26.91 19.25 -6.32
N LEU M 44 27.76 19.48 -5.31
CA LEU M 44 28.13 20.83 -4.87
C LEU M 44 28.82 21.62 -5.97
N ILE M 45 29.79 21.02 -6.65
CA ILE M 45 30.52 21.66 -7.75
C ILE M 45 29.65 21.84 -9.00
N GLU M 46 28.66 20.97 -9.27
CA GLU M 46 27.69 21.28 -10.33
C GLU M 46 26.81 22.49 -10.00
N LEU M 47 26.36 22.70 -8.76
CA LEU M 47 25.56 23.88 -8.41
C LEU M 47 26.41 25.16 -8.47
N ALA M 48 27.67 25.09 -8.04
CA ALA M 48 28.62 26.19 -8.22
C ALA M 48 28.83 26.50 -9.72
N GLU M 49 29.06 25.49 -10.57
CA GLU M 49 29.20 25.66 -12.02
C GLU M 49 27.96 26.29 -12.68
N LYS M 50 26.76 25.91 -12.22
CA LYS M 50 25.48 26.48 -12.65
C LYS M 50 25.32 27.96 -12.30
N SER M 51 25.93 28.42 -11.21
CA SER M 51 25.73 29.77 -10.68
C SER M 51 25.97 30.91 -11.68
N TYR M 52 26.88 30.74 -12.64
CA TYR M 52 27.19 31.69 -13.71
C TYR M 52 26.10 31.79 -14.80
N ASP M 53 24.82 31.76 -14.42
CA ASP M 53 23.69 31.86 -15.33
C ASP M 53 22.50 32.52 -14.63
N SER M 54 22.19 33.76 -15.01
CA SER M 54 21.08 34.55 -14.46
C SER M 54 19.70 33.89 -14.59
N ALA M 55 19.52 32.87 -15.43
CA ALA M 55 18.29 32.08 -15.53
C ALA M 55 18.21 30.91 -14.53
N ASP M 56 19.34 30.28 -14.18
CA ASP M 56 19.42 29.16 -13.21
C ASP M 56 19.69 29.63 -11.78
N PHE M 57 20.39 30.73 -11.60
CA PHE M 57 20.76 31.25 -10.28
C PHE M 57 19.54 31.62 -9.42
N PHE M 58 18.50 32.16 -10.05
CA PHE M 58 17.21 32.33 -9.41
C PHE M 58 16.64 30.99 -8.93
N GLU M 59 16.62 29.94 -9.74
CA GLU M 59 15.99 28.67 -9.33
C GLU M 59 16.79 27.97 -8.23
N ILE M 60 18.12 28.07 -8.25
CA ILE M 60 18.97 27.51 -7.21
C ILE M 60 18.74 28.25 -5.89
N MET M 61 18.80 29.58 -5.88
CA MET M 61 18.64 30.31 -4.64
C MET M 61 17.24 30.27 -4.12
N ASP M 62 16.24 30.21 -4.98
CA ASP M 62 14.87 30.05 -4.56
C ASP M 62 14.59 28.70 -3.91
N MET M 63 15.15 27.58 -4.41
CA MET M 63 14.95 26.29 -3.75
C MET M 63 15.71 26.18 -2.43
N LEU M 64 16.94 26.70 -2.35
CA LEU M 64 17.67 26.75 -1.09
C LEU M 64 16.95 27.64 -0.07
N ASP M 65 16.33 28.75 -0.47
CA ASP M 65 15.50 29.58 0.42
C ASP M 65 14.22 28.90 0.88
N LYS M 66 13.61 28.01 0.08
CA LYS M 66 12.52 27.18 0.57
C LYS M 66 13.05 26.20 1.60
N ARG M 67 14.15 25.50 1.32
CA ARG M 67 14.71 24.45 2.22
C ARG M 67 15.27 25.06 3.51
N LEU M 68 15.88 26.24 3.54
CA LEU M 68 16.27 26.94 4.78
C LEU M 68 15.07 27.31 5.62
N ASN M 69 13.92 27.58 5.04
CA ASN M 69 12.70 27.84 5.78
C ASN M 69 12.09 26.61 6.49
N ASP M 70 12.32 25.40 5.98
CA ASP M 70 11.51 24.21 6.26
C ASP M 70 11.21 23.84 7.72
N LYS M 71 10.13 23.08 7.90
CA LYS M 71 9.62 22.72 9.23
C LYS M 71 10.67 22.02 10.08
N GLY M 72 10.45 21.94 11.40
CA GLY M 72 11.39 21.32 12.35
C GLY M 72 11.55 19.84 12.08
N LYS M 73 10.52 19.17 11.56
CA LYS M 73 10.57 17.73 11.28
C LYS M 73 11.74 17.46 10.35
N TYR M 74 12.07 18.37 9.42
CA TYR M 74 13.16 18.21 8.42
C TYR M 74 14.40 19.05 8.76
N TRP M 75 15.06 18.86 9.89
CA TRP M 75 16.38 19.42 10.22
C TRP M 75 17.45 18.93 9.24
N ARG M 76 17.27 17.73 8.69
CA ARG M 76 18.12 17.18 7.61
C ARG M 76 18.18 18.09 6.38
N HIS M 77 17.10 18.76 6.00
CA HIS M 77 17.11 19.71 4.88
C HIS M 77 17.97 20.90 5.22
N ILE M 78 17.72 21.47 6.39
CA ILE M 78 18.33 22.71 6.81
C ILE M 78 19.84 22.53 6.93
N ALA M 79 20.28 21.42 7.51
CA ALA M 79 21.68 21.08 7.63
C ALA M 79 22.37 21.00 6.27
N LYS M 80 21.75 20.34 5.28
CA LYS M 80 22.35 20.31 3.94
C LYS M 80 22.29 21.67 3.26
N ALA M 81 21.20 22.41 3.39
CA ALA M 81 21.04 23.68 2.72
C ALA M 81 22.12 24.67 3.17
N LEU M 82 22.44 24.71 4.46
CA LEU M 82 23.56 25.48 5.00
C LEU M 82 24.91 24.96 4.46
N THR M 83 25.05 23.65 4.27
CA THR M 83 26.25 23.08 3.61
C THR M 83 26.41 23.57 2.17
N VAL M 84 25.33 23.58 1.39
CA VAL M 84 25.35 24.02 -0.01
C VAL M 84 25.66 25.51 -0.08
N ILE M 85 25.11 26.32 0.81
CA ILE M 85 25.39 27.76 0.83
C ILE M 85 26.85 28.03 1.16
N ASP M 86 27.47 27.30 2.08
CA ASP M 86 28.90 27.45 2.35
C ASP M 86 29.74 27.16 1.09
N TYR M 87 29.38 26.10 0.39
CA TYR M 87 30.12 25.74 -0.82
C TYR M 87 29.93 26.79 -1.90
N LEU M 88 28.70 27.25 -2.11
CA LEU M 88 28.38 28.25 -3.11
C LEU M 88 29.06 29.58 -2.82
N ILE M 89 29.19 30.04 -1.58
CA ILE M 89 29.92 31.28 -1.36
C ILE M 89 31.43 31.12 -1.57
N ARG M 90 32.05 29.98 -1.29
CA ARG M 90 33.49 29.83 -1.60
C ARG M 90 33.79 29.63 -3.09
N PHE M 91 33.12 28.66 -3.72
CA PHE M 91 33.27 28.29 -5.12
C PHE M 91 32.54 29.14 -6.16
N GLY M 92 31.37 29.67 -5.81
CA GLY M 92 30.36 30.11 -6.77
C GLY M 92 30.51 31.56 -7.23
N SER M 93 29.58 31.99 -8.05
CA SER M 93 29.59 33.33 -8.64
C SER M 93 29.38 34.40 -7.58
N GLU M 94 29.79 35.62 -7.90
CA GLU M 94 29.60 36.80 -7.06
C GLU M 94 28.12 37.02 -6.73
N ASN M 95 27.20 36.69 -7.65
CA ASN M 95 25.76 36.73 -7.39
C ASN M 95 25.36 35.91 -6.17
N CYS M 96 26.02 34.78 -5.89
CA CYS M 96 25.71 33.95 -4.73
C CYS M 96 26.01 34.69 -3.43
N VAL M 97 27.13 35.40 -3.40
CA VAL M 97 27.56 36.19 -2.25
C VAL M 97 26.68 37.42 -2.09
N LEU M 98 26.42 38.18 -3.15
CA LEU M 98 25.54 39.35 -3.06
C LEU M 98 24.14 38.94 -2.61
N TRP M 99 23.60 37.83 -3.10
CA TRP M 99 22.30 37.34 -2.64
C TRP M 99 22.35 36.99 -1.16
N CYS M 100 23.37 36.22 -0.76
CA CYS M 100 23.43 35.71 0.59
C CYS M 100 23.69 36.81 1.62
N ARG M 101 24.47 37.84 1.26
CA ARG M 101 24.66 39.05 2.05
C ARG M 101 23.40 39.92 2.14
N GLU M 102 22.62 40.01 1.07
CA GLU M 102 21.43 40.87 1.02
C GLU M 102 20.19 40.26 1.69
N ASN M 103 20.14 38.93 1.83
CA ASN M 103 19.23 38.30 2.80
C ASN M 103 19.96 37.29 3.70
N LEU M 104 20.90 37.82 4.47
CA LEU M 104 21.60 37.13 5.55
C LEU M 104 20.67 36.70 6.68
N TYR M 105 19.63 37.48 6.95
CA TYR M 105 18.82 37.32 8.15
C TYR M 105 18.20 35.94 8.26
N ILE M 106 17.84 35.24 7.20
CA ILE M 106 17.31 33.88 7.34
C ILE M 106 18.37 32.87 7.81
N ILE M 107 19.64 33.03 7.43
CA ILE M 107 20.76 32.23 7.96
C ILE M 107 21.04 32.61 9.40
N LYS M 108 21.16 33.90 9.71
CA LYS M 108 21.45 34.34 11.07
C LYS M 108 20.34 33.98 12.06
N THR M 109 19.10 33.97 11.62
CA THR M 109 17.94 33.55 12.43
C THR M 109 17.89 32.04 12.63
N LEU M 110 18.37 31.24 11.68
CA LEU M 110 18.47 29.79 11.86
C LEU M 110 19.34 29.42 13.04
N LYS M 111 20.31 30.25 13.38
CA LYS M 111 21.34 29.99 14.38
C LYS M 111 20.80 29.58 15.75
N GLU M 112 19.55 29.82 16.08
CA GLU M 112 18.91 29.35 17.32
C GLU M 112 18.06 28.07 17.18
N PHE M 113 18.04 27.44 16.01
CA PHE M 113 17.13 26.34 15.67
C PHE M 113 17.26 25.15 16.62
N ARG M 114 16.18 24.37 16.79
CA ARG M 114 16.00 23.44 17.90
C ARG M 114 14.90 22.41 17.59
N HIS M 115 15.24 21.18 17.20
CA HIS M 115 14.29 20.04 17.21
C HIS M 115 14.63 19.04 18.34
N GLU M 116 13.68 18.48 19.08
CA GLU M 116 13.97 17.75 20.33
C GLU M 116 12.99 16.61 20.65
N ASP M 117 13.43 15.59 21.38
CA ASP M 117 12.66 14.40 21.78
C ASP M 117 12.08 13.57 20.61
N ASP M 118 12.84 13.54 19.53
CA ASP M 118 12.74 12.66 18.37
C ASP M 118 12.82 11.17 18.78
N GLU M 119 13.87 10.80 19.51
CA GLU M 119 14.04 9.56 20.26
C GLU M 119 14.48 9.86 21.70
N GLY M 120 14.80 11.11 22.01
CA GLY M 120 15.19 11.58 23.33
C GLY M 120 16.22 12.71 23.31
N ILE M 121 17.09 12.71 22.31
CA ILE M 121 18.17 13.69 22.14
C ILE M 121 17.65 15.07 21.68
N ASP M 122 18.53 16.06 21.74
CA ASP M 122 18.34 17.44 21.32
C ASP M 122 19.11 17.63 20.00
N GLN M 123 18.41 17.94 18.91
CA GLN M 123 18.87 17.68 17.54
C GLN M 123 19.32 18.94 16.77
N GLY M 124 19.16 20.13 17.36
CA GLY M 124 19.49 21.38 16.67
C GLY M 124 20.98 21.68 16.52
N GLN M 125 21.87 21.15 17.35
CA GLN M 125 23.24 21.66 17.44
C GLN M 125 23.97 21.63 16.09
N ILE M 126 23.69 20.65 15.24
CA ILE M 126 24.27 20.54 13.89
C ILE M 126 23.92 21.73 13.00
N VAL M 127 22.67 22.20 13.07
CA VAL M 127 22.19 23.41 12.38
C VAL M 127 22.83 24.64 12.98
N ARG M 128 22.89 24.72 14.31
CA ARG M 128 23.42 25.89 15.01
C ARG M 128 24.91 26.09 14.82
N VAL M 129 25.72 25.03 14.76
CA VAL M 129 27.15 25.17 14.44
C VAL M 129 27.37 25.61 13.00
N LYS M 130 26.63 25.03 12.05
CA LYS M 130 26.76 25.42 10.63
C LYS M 130 26.34 26.86 10.44
N ALA M 131 25.18 27.25 10.96
CA ALA M 131 24.67 28.60 10.84
C ALA M 131 25.57 29.63 11.49
N LYS M 132 26.18 29.30 12.64
CA LYS M 132 27.12 30.19 13.35
C LYS M 132 28.39 30.42 12.56
N GLU M 133 29.02 29.36 12.07
CA GLU M 133 30.24 29.53 11.28
C GLU M 133 29.97 30.13 9.90
N LEU M 134 28.84 29.81 9.28
CA LEU M 134 28.42 30.40 8.02
C LEU M 134 28.12 31.89 8.19
N THR M 135 27.38 32.31 9.22
CA THR M 135 27.14 33.74 9.44
C THR M 135 28.42 34.49 9.80
N ALA M 136 29.32 33.86 10.56
CA ALA M 136 30.65 34.41 10.78
C ALA M 136 31.40 34.58 9.45
N LEU M 137 31.38 33.60 8.55
CA LEU M 137 32.04 33.66 7.25
C LEU M 137 31.44 34.73 6.32
N LEU M 138 30.12 34.97 6.34
CA LEU M 138 29.52 36.10 5.61
C LEU M 138 29.99 37.43 6.21
N SER M 139 30.02 37.54 7.54
CA SER M 139 30.42 38.78 8.23
C SER M 139 31.91 39.11 8.07
N ASP M 140 32.77 38.10 8.06
CA ASP M 140 34.20 38.18 7.75
C ASP M 140 34.43 38.36 6.23
N ASP M 141 33.93 39.46 5.69
CA ASP M 141 34.04 39.78 4.26
C ASP M 141 35.48 39.66 3.71
N GLU M 142 36.48 40.02 4.52
CA GLU M 142 37.92 39.91 4.20
C GLU M 142 38.44 38.46 4.17
N ARG M 143 37.92 37.57 5.02
CA ARG M 143 38.17 36.13 4.96
C ARG M 143 37.47 35.50 3.77
N LEU M 144 36.25 35.91 3.50
CA LEU M 144 35.49 35.37 2.37
C LEU M 144 36.07 35.80 1.03
N ASN M 145 36.39 37.07 0.82
CA ASN M 145 36.95 37.48 -0.46
C ASN M 145 38.35 36.88 -0.69
N GLU M 146 39.15 36.70 0.36
CA GLU M 146 40.39 35.92 0.30
C GLU M 146 40.16 34.46 -0.13
N GLU M 147 39.18 33.80 0.49
CA GLU M 147 38.87 32.39 0.25
C GLU M 147 38.41 32.15 -1.20
N ARG M 148 37.51 33.03 -1.66
CA ARG M 148 36.99 33.04 -3.02
C ARG M 148 38.09 33.25 -4.04
N ASN M 149 38.94 34.26 -3.84
CA ASN M 149 39.96 34.61 -4.83
C ASN M 149 40.98 33.49 -5.05
N MET M 150 41.28 32.70 -4.03
CA MET M 150 42.11 31.50 -4.20
C MET M 150 41.39 30.37 -4.93
N ASN M 151 40.16 30.04 -4.48
CA ASN M 151 39.43 28.88 -5.00
C ASN M 151 38.90 29.04 -6.43
N ILE M 152 38.48 30.25 -6.82
CA ILE M 152 38.09 30.58 -8.18
C ILE M 152 39.31 30.58 -9.11
N MET N 6 -6.81 45.18 7.56
CA MET N 6 -5.36 45.06 7.29
C MET N 6 -5.12 44.21 6.04
N SER N 7 -4.01 44.46 5.33
CA SER N 7 -3.70 43.85 4.03
C SER N 7 -3.36 42.34 4.08
N ARG N 8 -3.30 41.66 2.92
CA ARG N 8 -3.07 40.20 2.86
C ARG N 8 -1.69 39.68 3.31
N ILE N 9 -0.59 40.41 3.08
CA ILE N 9 0.76 39.97 3.53
C ILE N 9 0.86 39.84 5.06
N ASP N 10 0.16 40.72 5.75
CA ASP N 10 0.00 40.73 7.19
C ASP N 10 -0.66 39.43 7.69
N SER N 11 -1.48 38.74 6.91
CA SER N 11 -1.97 37.41 7.26
C SER N 11 -0.86 36.40 7.50
N ASP N 12 0.31 36.50 6.84
CA ASP N 12 1.43 35.59 7.15
C ASP N 12 1.84 35.72 8.64
N LEU N 13 2.02 36.97 9.08
CA LEU N 13 2.44 37.27 10.44
C LEU N 13 1.35 36.98 11.48
N GLN N 14 0.09 37.24 11.15
CA GLN N 14 -1.02 36.99 12.06
C GLN N 14 -1.25 35.52 12.37
N LYS N 15 -0.97 34.60 11.45
CA LYS N 15 -0.91 33.15 11.76
C LYS N 15 0.19 32.84 12.78
N ALA N 16 1.40 33.36 12.54
CA ALA N 16 2.54 33.05 13.37
C ALA N 16 2.38 33.53 14.82
N LEU N 17 1.99 34.79 15.05
CA LEU N 17 1.72 35.27 16.40
C LEU N 17 0.58 34.51 17.10
N LYS N 18 -0.42 34.03 16.38
CA LYS N 18 -1.44 33.18 17.01
C LYS N 18 -0.85 31.89 17.56
N LYS N 19 0.17 31.33 16.91
CA LYS N 19 0.79 30.05 17.35
C LYS N 19 1.79 30.33 18.46
N ALA N 20 2.54 31.43 18.39
CA ALA N 20 3.44 31.85 19.47
C ALA N 20 2.67 32.17 20.77
N CYS N 21 1.57 32.91 20.68
CA CYS N 21 0.70 33.24 21.80
C CYS N 21 -0.47 32.25 21.99
N SER N 22 -0.19 30.94 21.91
CA SER N 22 -1.12 29.85 22.25
C SER N 22 -1.45 29.76 23.75
N VAL N 23 -2.37 28.86 24.14
CA VAL N 23 -2.76 28.65 25.57
C VAL N 23 -1.87 27.67 26.35
N GLU N 24 -0.88 27.05 25.69
CA GLU N 24 0.13 26.22 26.37
C GLU N 24 1.19 27.08 27.09
N GLU N 25 1.65 26.66 28.26
CA GLU N 25 2.55 27.40 29.16
C GLU N 25 4.03 27.02 28.99
N THR N 26 4.36 26.30 27.93
CA THR N 26 5.72 26.10 27.41
C THR N 26 6.27 27.39 26.78
N ALA N 27 7.51 27.40 26.29
CA ALA N 27 8.04 28.46 25.43
C ALA N 27 7.13 28.71 24.19
N PRO N 28 7.20 29.88 23.54
CA PRO N 28 6.75 30.00 22.15
C PRO N 28 7.66 29.14 21.27
N LYS N 29 7.13 28.33 20.36
CA LYS N 29 7.99 27.46 19.53
C LYS N 29 8.92 28.41 18.80
N ARG N 30 10.18 28.05 18.59
CA ARG N 30 11.15 28.92 17.90
C ARG N 30 10.78 29.23 16.45
N LYS N 31 10.13 28.29 15.77
CA LYS N 31 9.71 28.43 14.35
C LYS N 31 8.74 29.58 14.16
N HIS N 32 7.85 29.89 15.10
CA HIS N 32 6.94 31.03 15.01
C HIS N 32 7.65 32.35 15.29
N VAL N 33 8.64 32.36 16.19
CA VAL N 33 9.43 33.57 16.40
C VAL N 33 10.33 33.86 15.20
N ARG N 34 10.88 32.84 14.53
CA ARG N 34 11.56 33.02 13.25
C ARG N 34 10.60 33.59 12.22
N ALA N 35 9.36 33.16 12.15
CA ALA N 35 8.41 33.71 11.19
C ALA N 35 8.13 35.20 11.43
N CYS N 36 8.06 35.65 12.68
CA CYS N 36 7.89 37.06 13.03
C CYS N 36 9.14 37.91 12.79
N ILE N 37 10.31 37.40 13.13
CA ILE N 37 11.57 38.08 12.83
C ILE N 37 11.81 38.14 11.32
N VAL N 38 11.62 37.05 10.58
CA VAL N 38 11.86 37.04 9.14
C VAL N 38 10.84 37.90 8.40
N TYR N 39 9.58 37.96 8.84
CA TYR N 39 8.64 38.93 8.29
C TYR N 39 9.19 40.34 8.47
N THR N 40 9.68 40.65 9.67
CA THR N 40 10.15 41.99 10.00
C THR N 40 11.32 42.39 9.11
N TRP N 41 12.22 41.47 8.80
CA TRP N 41 13.30 41.75 7.86
C TRP N 41 12.83 41.87 6.42
N ASP N 42 11.88 41.05 5.98
CA ASP N 42 11.41 41.07 4.60
C ASP N 42 10.70 42.36 4.21
N HIS N 43 9.82 42.85 5.06
CA HIS N 43 9.02 44.02 4.76
C HIS N 43 9.66 45.34 5.20
N GLN N 44 10.91 45.32 5.69
CA GLN N 44 11.77 46.49 5.87
C GLN N 44 11.17 47.62 6.73
N SER N 45 10.09 47.29 7.43
CA SER N 45 9.23 48.17 8.20
C SER N 45 8.28 47.23 8.95
N SER N 46 8.03 47.51 10.22
CA SER N 46 7.49 46.52 11.16
C SER N 46 6.11 46.87 11.73
N LYS N 47 5.44 47.94 11.30
CA LYS N 47 4.22 48.46 12.00
C LYS N 47 3.13 47.41 12.16
N ALA N 48 3.00 46.46 11.22
CA ALA N 48 2.05 45.36 11.33
C ALA N 48 2.28 44.44 12.53
N VAL N 49 3.51 44.25 12.99
CA VAL N 49 3.74 43.46 14.21
C VAL N 49 3.18 44.17 15.43
N PHE N 50 3.45 45.46 15.60
CA PHE N 50 2.89 46.23 16.71
C PHE N 50 1.37 46.32 16.65
N THR N 51 0.79 46.45 15.46
CA THR N 51 -0.66 46.43 15.29
C THR N 51 -1.24 45.10 15.71
N THR N 52 -0.67 44.00 15.23
CA THR N 52 -1.15 42.65 15.53
C THR N 52 -1.09 42.35 17.03
N LEU N 53 -0.05 42.82 17.71
CA LEU N 53 0.10 42.68 19.16
C LEU N 53 -1.01 43.39 19.95
N LYS N 54 -1.56 44.51 19.45
CA LYS N 54 -2.79 45.12 20.02
C LYS N 54 -4.05 44.31 19.75
N THR N 55 -4.18 43.72 18.55
CA THR N 55 -5.38 42.95 18.17
C THR N 55 -5.57 41.65 18.98
N LEU N 56 -4.49 41.02 19.40
CA LEU N 56 -4.47 39.79 20.23
C LEU N 56 -5.25 40.01 21.56
N PRO N 57 -6.06 39.04 22.05
CA PRO N 57 -6.61 39.07 23.40
C PRO N 57 -5.53 38.80 24.47
N LEU N 58 -5.17 39.82 25.24
CA LEU N 58 -4.13 39.80 26.27
C LEU N 58 -4.69 39.93 27.70
N ALA N 59 -3.84 39.71 28.71
CA ALA N 59 -4.10 39.68 30.17
C ALA N 59 -5.11 38.61 30.67
N ASN N 60 -6.16 38.32 29.91
CA ASN N 60 -7.30 37.47 30.26
C ASN N 60 -6.91 36.01 30.58
N ASP N 61 -5.85 35.50 29.96
CA ASP N 61 -5.08 34.36 30.47
C ASP N 61 -3.60 34.73 30.37
N GLU N 62 -2.93 34.84 31.52
CA GLU N 62 -1.60 35.46 31.61
C GLU N 62 -0.53 34.75 30.80
N VAL N 63 -0.70 33.48 30.40
CA VAL N 63 0.27 32.81 29.52
C VAL N 63 0.39 33.50 28.16
N GLN N 64 -0.70 34.10 27.66
CA GLN N 64 -0.60 34.93 26.46
C GLN N 64 0.26 36.16 26.73
N LEU N 65 0.00 36.92 27.80
CA LEU N 65 0.74 38.17 28.01
C LEU N 65 2.20 37.93 28.40
N PHE N 66 2.45 36.91 29.19
CA PHE N 66 3.80 36.56 29.59
C PHE N 66 4.65 36.20 28.38
N LYS N 67 4.16 35.31 27.51
CA LYS N 67 4.90 34.97 26.29
C LYS N 67 4.99 36.13 25.32
N MET N 68 3.92 36.89 25.16
CA MET N 68 3.87 38.01 24.23
C MET N 68 4.97 39.04 24.50
N LEU N 69 5.26 39.29 25.78
CA LEU N 69 6.37 40.13 26.19
C LEU N 69 7.74 39.52 25.83
N ILE N 70 7.93 38.21 25.92
CA ILE N 70 9.16 37.55 25.44
C ILE N 70 9.29 37.74 23.92
N VAL N 71 8.22 37.45 23.19
CA VAL N 71 8.20 37.41 21.74
C VAL N 71 8.51 38.79 21.19
N LEU N 72 7.89 39.83 21.77
CA LEU N 72 8.17 41.21 21.41
C LEU N 72 9.61 41.63 21.75
N HIS N 73 10.16 41.14 22.86
CA HIS N 73 11.55 41.44 23.20
C HIS N 73 12.50 40.84 22.15
N LYS N 74 12.30 39.58 21.76
CA LYS N 74 13.09 38.93 20.70
C LYS N 74 12.98 39.68 19.39
N ILE N 75 11.76 40.06 18.99
CA ILE N 75 11.50 40.79 17.76
C ILE N 75 12.23 42.14 17.74
N ILE N 76 12.23 42.89 18.84
CA ILE N 76 12.94 44.17 18.93
C ILE N 76 14.44 43.96 18.78
N GLN N 77 14.94 42.89 19.39
CA GLN N 77 16.36 42.59 19.43
C GLN N 77 16.92 42.10 18.10
N GLU N 78 16.31 41.06 17.53
CA GLU N 78 16.65 40.43 16.26
C GLU N 78 16.22 41.15 14.98
N GLY N 79 15.05 41.79 15.00
CA GLY N 79 14.36 42.29 13.81
C GLY N 79 15.04 43.45 13.11
N HIS N 80 14.51 43.84 11.96
CA HIS N 80 14.94 45.04 11.23
C HIS N 80 14.90 46.27 12.16
N PRO N 81 15.83 47.24 12.04
CA PRO N 81 15.86 48.45 12.86
C PRO N 81 14.52 49.21 13.03
N SER N 82 13.56 49.09 12.12
CA SER N 82 12.20 49.60 12.34
C SER N 82 11.54 49.02 13.61
N ALA N 83 11.79 47.78 14.02
CA ALA N 83 11.18 47.23 15.22
C ALA N 83 11.57 48.02 16.48
N LEU N 84 12.80 48.55 16.50
CA LEU N 84 13.26 49.46 17.53
C LEU N 84 12.58 50.83 17.42
N ALA N 85 12.43 51.37 16.21
CA ALA N 85 11.81 52.67 16.01
C ALA N 85 10.32 52.68 16.40
N GLU N 86 9.58 51.64 16.03
CA GLU N 86 8.20 51.43 16.46
C GLU N 86 8.11 51.20 17.98
N ALA N 87 9.00 50.42 18.59
CA ALA N 87 9.02 50.28 20.05
C ALA N 87 9.30 51.61 20.77
N ILE N 88 10.16 52.47 20.22
CA ILE N 88 10.42 53.82 20.74
C ILE N 88 9.14 54.66 20.75
N ARG N 89 8.29 54.56 19.71
CA ARG N 89 6.95 55.19 19.75
C ARG N 89 5.98 54.50 20.69
N ASP N 90 5.85 53.18 20.61
CA ASP N 90 4.77 52.45 21.30
C ASP N 90 5.10 52.04 22.75
N ARG N 91 6.21 52.54 23.29
CA ARG N 91 6.56 52.52 24.72
C ARG N 91 5.39 52.86 25.66
N ASP N 92 4.49 53.75 25.26
CA ASP N 92 3.26 54.06 26.00
C ASP N 92 2.22 52.93 25.96
N TRP N 93 2.10 52.21 24.85
CA TRP N 93 1.31 50.97 24.82
C TRP N 93 1.99 49.88 25.64
N ILE N 94 3.31 49.71 25.55
CA ILE N 94 4.04 48.71 26.36
C ILE N 94 3.81 48.97 27.86
N ARG N 95 3.90 50.23 28.29
CA ARG N 95 3.56 50.65 29.66
C ARG N 95 2.12 50.27 30.04
N SER N 96 1.16 50.42 29.14
CA SER N 96 -0.22 49.97 29.39
C SER N 96 -0.32 48.47 29.68
N LEU N 97 0.51 47.64 29.06
CA LEU N 97 0.54 46.19 29.35
C LEU N 97 0.89 45.92 30.82
N GLY N 98 1.73 46.75 31.43
CA GLY N 98 2.06 46.60 32.85
C GLY N 98 0.89 46.90 33.77
N ARG N 99 0.07 47.91 33.43
CA ARG N 99 -1.13 48.28 34.20
C ARG N 99 -2.24 47.23 34.14
N VAL N 100 -2.54 46.70 32.94
CA VAL N 100 -3.81 45.96 32.70
C VAL N 100 -4.00 44.72 33.59
N HIS N 101 -2.94 44.03 34.01
CA HIS N 101 -3.03 42.94 35.00
C HIS N 101 -2.19 43.18 36.26
N SER N 102 -2.45 44.31 36.92
CA SER N 102 -1.87 44.62 38.24
C SER N 102 -2.38 43.63 39.30
N GLY N 103 -1.47 43.03 40.08
CA GLY N 103 -1.81 42.02 41.10
C GLY N 103 -2.58 40.82 40.53
N GLY N 104 -3.33 40.13 41.39
CA GLY N 104 -4.37 39.17 40.99
C GLY N 104 -3.89 38.00 40.11
N SER N 105 -2.65 37.56 40.28
CA SER N 105 -1.98 36.54 39.45
C SER N 105 -0.84 35.87 40.23
N SER N 106 -0.47 34.65 39.84
CA SER N 106 0.70 33.94 40.36
C SER N 106 2.05 34.63 40.05
N TYR N 107 2.12 35.49 39.02
CA TYR N 107 3.39 36.06 38.54
C TYR N 107 3.28 37.49 37.96
N SER N 108 2.31 38.31 38.39
CA SER N 108 2.13 39.69 37.89
C SER N 108 3.39 40.57 38.09
N LYS N 109 4.16 40.34 39.15
CA LYS N 109 5.46 41.02 39.35
C LYS N 109 6.42 40.80 38.17
N LEU N 110 6.45 39.62 37.57
CA LEU N 110 7.27 39.33 36.39
C LEU N 110 6.76 40.11 35.18
N ILE N 111 5.44 40.12 34.97
CA ILE N 111 4.80 40.79 33.85
C ILE N 111 5.20 42.28 33.85
N ARG N 112 5.10 42.90 35.02
CA ARG N 112 5.53 44.27 35.27
C ARG N 112 7.03 44.44 35.19
N GLU N 113 7.82 43.47 35.59
CA GLU N 113 9.28 43.55 35.46
C GLU N 113 9.77 43.47 34.01
N TYR N 114 9.14 42.74 33.10
CA TYR N 114 9.42 42.95 31.66
C TYR N 114 9.12 44.39 31.27
N VAL N 115 7.95 44.91 31.67
CA VAL N 115 7.53 46.25 31.23
C VAL N 115 8.52 47.30 31.71
N ARG N 116 8.93 47.25 32.98
CA ARG N 116 9.93 48.14 33.57
C ARG N 116 11.27 48.03 32.87
N TYR N 117 11.73 46.81 32.59
CA TYR N 117 12.98 46.58 31.88
C TYR N 117 12.92 47.15 30.46
N LEU N 118 11.86 46.86 29.72
CA LEU N 118 11.68 47.28 28.33
C LEU N 118 11.57 48.78 28.20
N VAL N 119 10.81 49.42 29.08
CA VAL N 119 10.68 50.87 29.11
C VAL N 119 12.03 51.53 29.37
N LEU N 120 12.82 51.04 30.33
CA LEU N 120 14.19 51.55 30.56
C LEU N 120 15.11 51.30 29.35
N LYS N 121 14.99 50.14 28.69
CA LYS N 121 15.76 49.79 27.48
C LYS N 121 15.47 50.80 26.39
N LEU N 122 14.20 51.08 26.11
CA LEU N 122 13.76 52.00 25.08
C LEU N 122 14.15 53.44 25.40
N ASP N 123 14.11 53.84 26.68
CA ASP N 123 14.62 55.17 27.09
C ASP N 123 16.09 55.36 26.71
N PHE N 124 16.91 54.33 26.94
CA PHE N 124 18.31 54.35 26.57
C PHE N 124 18.50 54.44 25.05
N HIS N 125 17.76 53.64 24.28
CA HIS N 125 17.84 53.70 22.82
C HIS N 125 17.48 55.08 22.26
N ALA N 126 16.50 55.76 22.83
CA ALA N 126 16.05 57.07 22.35
C ALA N 126 17.08 58.18 22.58
N HIS N 127 17.66 58.28 23.79
CA HIS N 127 18.46 59.43 24.19
C HIS N 127 19.97 59.21 24.15
N HIS N 128 20.47 58.18 24.81
CA HIS N 128 21.89 58.08 25.18
C HIS N 128 22.86 57.79 24.03
N ARG N 129 22.37 57.34 22.86
CA ARG N 129 23.18 57.14 21.64
C ARG N 129 22.45 57.64 20.39
N GLY N 130 23.22 57.95 19.35
CA GLY N 130 22.70 58.22 17.99
C GLY N 130 22.51 56.96 17.10
N PHE N 131 22.89 55.77 17.57
CA PHE N 131 22.71 54.50 16.86
C PHE N 131 21.23 54.04 16.83
N ASN N 132 20.96 52.92 16.17
CA ASN N 132 19.66 52.26 16.18
C ASN N 132 19.80 50.74 15.92
N ASN N 133 20.18 49.95 16.93
CA ASN N 133 20.22 48.49 16.83
C ASN N 133 19.64 47.82 18.09
N GLY N 134 19.13 46.59 17.96
CA GLY N 134 18.39 45.87 18.98
C GLY N 134 19.29 45.23 20.04
N THR N 135 20.12 44.27 19.64
CA THR N 135 21.31 43.86 20.42
C THR N 135 22.34 44.97 20.37
N PHE N 136 22.81 45.44 21.53
CA PHE N 136 23.86 46.46 21.59
C PHE N 136 25.18 45.94 21.04
N GLU N 137 25.85 46.73 20.21
CA GLU N 137 27.08 46.35 19.48
C GLU N 137 27.90 47.58 19.05
N TYR N 138 29.15 47.33 18.63
CA TYR N 138 30.10 48.35 18.19
C TYR N 138 29.72 48.99 16.83
N GLU N 139 28.77 49.94 16.87
CA GLU N 139 28.62 50.97 15.84
C GLU N 139 29.88 51.87 15.88
N GLU N 140 30.64 51.88 14.79
CA GLU N 140 32.00 52.43 14.75
C GLU N 140 32.06 53.96 14.91
N TYR N 141 31.23 54.69 14.16
CA TYR N 141 31.20 56.15 14.23
C TYR N 141 30.60 56.64 15.54
N VAL N 142 29.49 56.04 15.98
CA VAL N 142 28.84 56.41 17.25
C VAL N 142 29.77 56.18 18.45
N SER N 143 30.61 55.15 18.42
CA SER N 143 31.66 54.94 19.42
C SER N 143 32.69 56.07 19.44
N LEU N 144 33.19 56.49 18.27
CA LEU N 144 34.10 57.62 18.15
C LEU N 144 33.47 58.93 18.64
N VAL N 145 32.19 59.18 18.35
CA VAL N 145 31.47 60.34 18.91
C VAL N 145 31.41 60.28 20.43
N SER N 146 31.23 59.10 21.00
CA SER N 146 31.11 58.93 22.45
C SER N 146 32.43 59.22 23.19
N VAL N 147 33.61 58.89 22.65
CA VAL N 147 34.91 59.39 23.18
C VAL N 147 35.17 60.87 22.87
N SER N 148 34.69 61.41 21.75
CA SER N 148 34.75 62.85 21.44
C SER N 148 33.97 63.73 22.44
N ASP N 149 32.90 63.16 23.00
CA ASP N 149 32.00 63.76 24.00
C ASP N 149 32.08 62.97 25.34
N PRO N 150 33.24 62.95 26.02
CA PRO N 150 33.63 61.87 26.92
C PRO N 150 32.72 61.72 28.14
N ASP N 151 32.32 62.81 28.80
CA ASP N 151 31.46 62.73 29.98
C ASP N 151 30.04 62.25 29.64
N GLU N 152 29.53 62.55 28.44
CA GLU N 152 28.29 61.96 27.93
C GLU N 152 28.46 60.48 27.59
N GLY N 153 29.66 60.05 27.16
CA GLY N 153 30.03 58.64 27.04
C GLY N 153 30.13 57.91 28.39
N TYR N 154 30.75 58.52 29.42
CA TYR N 154 30.78 58.03 30.80
C TYR N 154 29.36 57.85 31.32
N GLU N 155 28.48 58.86 31.16
CA GLU N 155 27.08 58.74 31.57
C GLU N 155 26.32 57.70 30.74
N THR N 156 26.64 57.55 29.46
CA THR N 156 26.01 56.53 28.63
C THR N 156 26.34 55.14 29.18
N ILE N 157 27.61 54.82 29.42
CA ILE N 157 27.99 53.48 29.89
C ILE N 157 27.63 53.23 31.36
N LEU N 158 27.77 54.20 32.26
CA LEU N 158 27.38 54.03 33.67
C LEU N 158 25.85 53.95 33.85
N ASP N 159 25.07 54.68 33.05
CA ASP N 159 23.61 54.46 33.03
C ASP N 159 23.28 53.11 32.38
N LEU N 160 23.98 52.73 31.31
CA LEU N 160 23.78 51.41 30.69
C LEU N 160 24.13 50.27 31.65
N MET N 161 25.14 50.44 32.51
CA MET N 161 25.39 49.59 33.67
C MET N 161 24.20 49.57 34.64
N SER N 162 23.53 50.69 34.92
CA SER N 162 22.32 50.70 35.76
C SER N 162 21.14 49.95 35.12
N LEU N 163 21.06 49.97 33.79
CA LEU N 163 20.21 49.07 33.00
C LEU N 163 20.66 47.60 33.13
N GLN N 164 21.96 47.29 33.04
CA GLN N 164 22.52 45.94 33.19
C GLN N 164 22.31 45.38 34.61
N ASP N 165 22.36 46.24 35.62
CA ASP N 165 21.97 45.91 36.99
C ASP N 165 20.46 45.63 37.08
N SER N 166 19.63 46.35 36.33
CA SER N 166 18.20 46.08 36.21
C SER N 166 17.86 44.81 35.39
N LEU N 167 18.66 44.46 34.39
CA LEU N 167 18.64 43.20 33.64
C LEU N 167 18.97 42.01 34.55
N ASP N 168 20.01 42.17 35.37
CA ASP N 168 20.45 41.18 36.34
C ASP N 168 19.45 41.02 37.49
N GLU N 169 18.92 42.12 38.04
CA GLU N 169 17.91 42.05 39.09
C GLU N 169 16.59 41.46 38.57
N PHE N 170 16.24 41.70 37.30
CA PHE N 170 15.15 41.03 36.61
C PHE N 170 15.42 39.52 36.47
N SER N 171 16.66 39.13 36.15
CA SER N 171 17.02 37.70 36.10
C SER N 171 16.91 37.05 37.49
N GLN N 172 17.37 37.70 38.55
CA GLN N 172 17.22 37.21 39.93
C GLN N 172 15.75 37.09 40.32
N ILE N 173 14.90 38.03 39.90
CA ILE N 173 13.45 37.94 40.07
C ILE N 173 12.90 36.68 39.43
N ILE N 174 13.26 36.39 38.17
CA ILE N 174 12.75 35.19 37.51
C ILE N 174 13.36 33.92 38.10
N PHE N 175 14.64 33.90 38.49
CA PHE N 175 15.23 32.75 39.17
C PHE N 175 14.49 32.44 40.48
N ALA N 176 14.23 33.44 41.32
CA ALA N 176 13.47 33.25 42.56
C ALA N 176 12.04 32.76 42.28
N SER N 177 11.43 33.26 41.22
CA SER N 177 10.11 32.81 40.78
C SER N 177 10.13 31.36 40.27
N ILE N 178 11.21 30.91 39.61
CA ILE N 178 11.46 29.51 39.24
C ILE N 178 11.67 28.64 40.50
N GLN N 179 12.34 29.15 41.53
CA GLN N 179 12.43 28.49 42.83
C GLN N 179 11.05 28.34 43.49
N SER N 180 10.11 29.27 43.23
CA SER N 180 8.71 29.14 43.64
C SER N 180 7.86 28.21 42.74
N GLU N 181 8.05 28.23 41.41
CA GLU N 181 7.21 27.50 40.43
C GLU N 181 7.75 26.08 40.11
N ARG N 182 8.19 25.37 41.15
CA ARG N 182 8.72 23.99 41.10
C ARG N 182 7.82 23.01 40.35
N ARG N 183 6.50 23.12 40.57
CA ARG N 183 5.46 22.18 40.13
C ARG N 183 5.03 22.34 38.66
N ASN N 184 5.43 23.42 37.97
CA ASN N 184 4.88 23.81 36.66
C ASN N 184 5.85 24.52 35.71
N THR N 185 7.07 24.91 36.14
CA THR N 185 7.99 25.70 35.30
C THR N 185 8.27 25.05 33.95
N GLU N 186 7.98 25.80 32.89
CA GLU N 186 8.40 25.57 31.50
C GLU N 186 8.69 26.90 30.77
N CYS N 187 7.89 27.95 30.94
CA CYS N 187 8.07 29.23 30.27
C CYS N 187 8.99 30.21 31.00
N LYS N 188 9.20 30.10 32.33
CA LYS N 188 9.98 31.11 33.08
C LYS N 188 11.46 31.11 32.67
N ILE N 189 11.99 29.93 32.36
CA ILE N 189 13.29 29.81 31.69
C ILE N 189 13.27 30.53 30.31
N SER N 190 12.18 30.43 29.56
CA SER N 190 12.02 31.08 28.26
C SER N 190 12.08 32.60 28.36
N ALA N 191 11.54 33.16 29.44
CA ALA N 191 11.63 34.58 29.74
C ALA N 191 13.08 35.08 29.94
N LEU N 192 13.96 34.22 30.48
CA LEU N 192 15.39 34.51 30.53
C LEU N 192 16.03 34.63 29.15
N ILE N 193 15.52 33.93 28.12
CA ILE N 193 16.28 33.71 26.87
C ILE N 193 16.75 35.00 26.20
N PRO N 194 15.91 36.02 25.96
CA PRO N 194 16.39 37.27 25.36
C PRO N 194 17.37 38.02 26.25
N LEU N 195 17.21 37.93 27.57
CA LEU N 195 18.10 38.58 28.54
C LEU N 195 19.52 38.03 28.44
N ILE N 196 19.65 36.72 28.23
CA ILE N 196 20.95 36.05 28.22
C ILE N 196 21.81 36.59 27.08
N ALA N 197 21.26 36.59 25.87
CA ALA N 197 21.96 37.00 24.67
C ALA N 197 22.36 38.47 24.71
N GLU N 198 21.43 39.31 25.18
CA GLU N 198 21.70 40.72 25.42
C GLU N 198 22.79 40.93 26.46
N SER N 199 22.82 40.15 27.55
CA SER N 199 23.74 40.38 28.65
C SER N 199 25.21 40.19 28.24
N TYR N 200 25.46 39.27 27.31
CA TYR N 200 26.79 39.10 26.71
C TYR N 200 27.15 40.22 25.72
N GLY N 201 26.20 40.65 24.88
CA GLY N 201 26.42 41.73 23.91
C GLY N 201 26.63 43.10 24.57
N ILE N 202 25.84 43.42 25.58
CA ILE N 202 25.96 44.64 26.37
C ILE N 202 27.27 44.65 27.18
N TYR N 203 27.69 43.50 27.71
CA TYR N 203 29.03 43.35 28.27
C TYR N 203 30.13 43.64 27.25
N LYS N 204 30.04 43.10 26.02
CA LYS N 204 31.05 43.32 24.98
C LYS N 204 31.14 44.81 24.61
N PHE N 205 29.97 45.43 24.48
CA PHE N 205 29.83 46.82 24.08
C PHE N 205 30.44 47.77 25.11
N ILE N 206 30.09 47.59 26.38
CA ILE N 206 30.67 48.43 27.43
C ILE N 206 32.14 48.10 27.63
N THR N 207 32.58 46.85 27.58
CA THR N 207 34.00 46.51 27.80
C THR N 207 34.91 47.20 26.79
N SER N 208 34.50 47.20 25.52
CA SER N 208 35.22 47.89 24.44
C SER N 208 35.21 49.40 24.63
N MET N 209 34.05 49.98 24.97
CA MET N 209 33.91 51.42 25.17
C MET N 209 34.62 51.94 26.43
N LEU N 210 34.60 51.19 27.53
CA LEU N 210 35.29 51.51 28.77
C LEU N 210 36.80 51.49 28.58
N ARG N 211 37.34 50.51 27.85
CA ARG N 211 38.78 50.40 27.58
C ARG N 211 39.28 51.50 26.64
N ALA N 212 38.57 51.75 25.55
CA ALA N 212 38.89 52.84 24.63
C ALA N 212 38.79 54.23 25.27
N MET N 213 37.75 54.46 26.08
CA MET N 213 37.61 55.69 26.84
C MET N 213 38.71 55.87 27.87
N HIS N 214 39.02 54.85 28.67
CA HIS N 214 39.99 55.00 29.75
C HIS N 214 41.38 55.29 29.23
N ARG N 215 41.84 54.52 28.24
CA ARG N 215 43.20 54.65 27.72
C ARG N 215 43.42 55.95 26.96
N GLN N 216 42.45 56.36 26.15
CA GLN N 216 42.59 57.59 25.37
C GLN N 216 42.44 58.85 26.24
N LEU N 217 41.44 58.92 27.13
CA LEU N 217 41.28 60.04 28.07
C LEU N 217 42.30 59.95 29.22
N GLN N 227 40.27 55.70 37.52
CA GLN N 227 40.49 54.26 37.83
C GLN N 227 39.23 53.46 38.15
N PRO N 228 38.37 53.81 39.14
CA PRO N 228 37.38 52.87 39.66
C PRO N 228 36.32 52.37 38.66
N LEU N 229 36.21 52.93 37.45
CA LEU N 229 35.48 52.29 36.34
C LEU N 229 36.00 50.87 36.02
N LYS N 230 37.29 50.57 36.23
CA LYS N 230 37.82 49.19 36.20
C LYS N 230 37.22 48.31 37.31
N GLU N 231 36.94 48.85 38.50
CA GLU N 231 36.26 48.13 39.57
C GLU N 231 34.77 47.92 39.24
N ARG N 232 34.10 48.93 38.67
CA ARG N 232 32.72 48.81 38.13
C ARG N 232 32.64 47.73 37.06
N TYR N 233 33.59 47.74 36.12
CA TYR N 233 33.75 46.73 35.06
C TYR N 233 33.92 45.33 35.65
N GLU N 234 34.80 45.14 36.64
CA GLU N 234 34.95 43.83 37.29
C GLU N 234 33.68 43.40 38.05
N LEU N 235 32.95 44.31 38.71
CA LEU N 235 31.66 43.96 39.34
C LEU N 235 30.65 43.41 38.32
N GLN N 236 30.60 43.98 37.11
CA GLN N 236 29.78 43.47 36.01
C GLN N 236 30.33 42.16 35.41
N HIS N 237 31.66 41.98 35.37
CA HIS N 237 32.32 40.73 34.98
C HIS N 237 31.89 39.59 35.91
N ALA N 238 31.97 39.84 37.23
CA ALA N 238 31.52 38.92 38.26
C ALA N 238 30.01 38.64 38.19
N ARG N 239 29.19 39.64 37.91
CA ARG N 239 27.74 39.46 37.71
C ARG N 239 27.39 38.62 36.49
N LEU N 240 28.19 38.68 35.42
CA LEU N 240 28.05 37.76 34.29
C LEU N 240 28.32 36.33 34.73
N PHE N 241 29.41 36.07 35.45
CA PHE N 241 29.70 34.70 35.92
C PHE N 241 28.65 34.18 36.93
N GLU N 242 28.12 35.06 37.78
CA GLU N 242 26.96 34.75 38.63
C GLU N 242 25.72 34.36 37.83
N PHE N 243 25.44 35.06 36.73
CA PHE N 243 24.31 34.74 35.86
C PHE N 243 24.53 33.42 35.11
N TYR N 244 25.74 33.17 34.59
CA TYR N 244 26.11 31.95 33.86
C TYR N 244 26.01 30.70 34.75
N ALA N 245 26.41 30.80 36.01
CA ALA N 245 26.19 29.77 37.01
C ALA N 245 24.69 29.57 37.33
N ASP N 246 23.93 30.65 37.54
CA ASP N 246 22.50 30.55 37.83
C ASP N 246 21.70 29.91 36.69
N CYS N 247 21.94 30.29 35.42
CA CYS N 247 21.26 29.72 34.26
C CYS N 247 21.65 28.25 33.99
N SER N 248 22.90 27.89 34.23
CA SER N 248 23.34 26.48 34.24
C SER N 248 22.62 25.63 35.29
N SER N 249 22.29 26.17 36.48
CA SER N 249 21.53 25.43 37.49
C SER N 249 20.09 25.07 37.06
N VAL N 250 19.43 25.94 36.29
CA VAL N 250 18.10 25.68 35.69
C VAL N 250 18.23 24.93 34.35
N LYS N 251 19.03 23.86 34.33
CA LYS N 251 19.58 23.23 33.11
C LYS N 251 18.56 22.86 32.02
N TYR N 252 17.27 22.72 32.34
CA TYR N 252 16.18 22.56 31.37
C TYR N 252 16.15 23.70 30.31
N LEU N 253 16.58 24.93 30.64
CA LEU N 253 16.73 26.04 29.68
C LEU N 253 17.61 25.68 28.48
N THR N 254 18.67 24.91 28.69
CA THR N 254 19.57 24.40 27.66
C THR N 254 18.89 23.53 26.60
N THR N 255 17.74 22.90 26.94
CA THR N 255 16.95 22.15 25.95
C THR N 255 16.22 23.05 24.91
N LEU N 256 16.08 24.35 25.19
CA LEU N 256 15.50 25.35 24.29
C LEU N 256 16.59 26.10 23.49
N VAL N 257 17.51 26.73 24.22
CA VAL N 257 18.59 27.61 23.73
C VAL N 257 19.81 26.79 23.28
N THR N 258 20.91 27.46 22.94
CA THR N 258 22.26 26.90 23.07
C THR N 258 22.58 26.69 24.57
N ILE N 259 23.83 26.38 24.95
CA ILE N 259 24.30 26.72 26.30
C ILE N 259 24.43 28.26 26.39
N PRO N 260 23.93 28.92 27.45
CA PRO N 260 24.20 30.34 27.74
C PRO N 260 25.68 30.71 27.79
N LYS N 261 26.08 31.84 27.21
CA LYS N 261 27.50 32.20 27.08
C LYS N 261 27.74 33.70 26.94
N MET O 6 -17.64 9.70 -5.02
CA MET O 6 -17.60 9.62 -3.54
C MET O 6 -16.19 9.81 -2.99
N SER O 7 -15.17 9.14 -3.53
CA SER O 7 -13.83 9.14 -2.91
C SER O 7 -13.25 10.54 -2.71
N LYS O 8 -13.49 11.52 -3.60
CA LYS O 8 -13.07 12.93 -3.39
C LYS O 8 -13.62 13.53 -2.10
N GLN O 9 -14.81 13.13 -1.62
CA GLN O 9 -15.33 13.55 -0.32
C GLN O 9 -14.59 12.93 0.88
N PHE O 10 -14.16 11.68 0.75
CA PHE O 10 -13.27 11.12 1.77
C PHE O 10 -11.87 11.76 1.73
N VAL O 11 -11.27 11.88 0.55
CA VAL O 11 -9.94 12.46 0.34
C VAL O 11 -9.89 13.91 0.81
N ARG O 12 -10.90 14.72 0.47
CA ARG O 12 -11.00 16.10 0.95
C ARG O 12 -11.04 16.19 2.48
N SER O 13 -11.77 15.29 3.12
CA SER O 13 -11.76 15.18 4.59
C SER O 13 -10.40 14.74 5.14
N ALA O 14 -9.65 13.91 4.41
CA ALA O 14 -8.27 13.53 4.75
C ALA O 14 -7.31 14.71 4.64
N LYS O 15 -7.39 15.50 3.56
CA LYS O 15 -6.53 16.70 3.42
C LYS O 15 -6.88 17.72 4.49
N ASN O 16 -8.11 17.89 4.91
CA ASN O 16 -8.51 18.79 5.99
C ASN O 16 -7.97 18.37 7.35
N LEU O 17 -7.79 17.06 7.60
CA LEU O 17 -7.01 16.61 8.76
C LEU O 17 -5.52 16.91 8.57
N VAL O 18 -4.91 16.56 7.44
CA VAL O 18 -3.45 16.56 7.30
C VAL O 18 -2.86 17.96 7.48
N LYS O 19 -3.48 18.96 6.87
CA LYS O 19 -3.01 20.35 6.94
C LYS O 19 -3.39 20.94 8.30
N GLY O 20 -4.33 20.33 9.03
CA GLY O 20 -4.68 20.73 10.38
C GLY O 20 -5.62 21.93 10.51
N TYR O 21 -6.37 22.25 9.45
CA TYR O 21 -7.19 23.46 9.40
C TYR O 21 -8.21 23.54 10.54
N SER O 22 -8.34 24.72 11.14
CA SER O 22 -9.36 25.03 12.14
C SER O 22 -10.78 24.80 11.63
N SER O 23 -11.72 24.48 12.51
CA SER O 23 -13.12 24.23 12.13
C SER O 23 -13.75 25.41 11.36
N THR O 24 -13.39 26.66 11.67
CA THR O 24 -13.82 27.81 10.86
C THR O 24 -13.24 27.80 9.44
N GLN O 25 -11.98 27.41 9.26
CA GLN O 25 -11.41 27.21 7.93
C GLN O 25 -12.07 26.04 7.22
N VAL O 26 -12.31 24.92 7.90
CA VAL O 26 -12.96 23.76 7.28
C VAL O 26 -14.40 24.07 6.85
N LEU O 27 -15.12 24.92 7.60
CA LEU O 27 -16.39 25.48 7.16
C LEU O 27 -16.26 26.25 5.85
N VAL O 28 -15.30 27.17 5.71
CA VAL O 28 -15.12 27.93 4.45
C VAL O 28 -14.62 27.04 3.31
N ARG O 29 -13.63 26.22 3.59
CA ARG O 29 -13.01 25.42 2.52
C ARG O 29 -13.90 24.23 2.19
N ASN O 30 -14.99 23.98 2.92
CA ASN O 30 -15.99 22.94 2.57
C ASN O 30 -17.13 23.66 1.87
N ALA O 31 -17.34 24.92 2.21
CA ALA O 31 -18.43 25.73 1.63
C ALA O 31 -18.14 26.19 0.20
N THR O 32 -16.96 26.76 -0.03
CA THR O 32 -16.55 27.24 -1.37
C THR O 32 -15.70 26.13 -1.96
N SER O 33 -16.31 25.07 -2.47
CA SER O 33 -15.57 23.89 -2.92
C SER O 33 -16.09 23.35 -4.23
N ASN O 34 -15.32 22.53 -4.96
CA ASN O 34 -15.62 21.99 -6.31
C ASN O 34 -16.88 21.10 -6.48
N ASP O 35 -17.75 20.89 -5.48
CA ASP O 35 -19.04 20.18 -5.56
C ASP O 35 -20.11 20.90 -6.42
N ASN O 36 -19.88 22.17 -6.76
CA ASN O 36 -20.62 22.99 -7.73
C ASN O 36 -22.12 23.19 -7.49
N HIS O 37 -22.66 22.79 -6.34
CA HIS O 37 -23.98 23.24 -5.86
C HIS O 37 -23.83 24.65 -5.32
N GLN O 38 -24.68 25.58 -5.72
CA GLN O 38 -24.61 26.97 -5.26
C GLN O 38 -24.61 27.04 -3.72
N VAL O 39 -23.76 27.90 -3.16
CA VAL O 39 -23.39 27.90 -1.73
C VAL O 39 -24.58 28.20 -0.80
N SER O 40 -24.67 27.47 0.32
CA SER O 40 -25.92 27.37 1.08
C SER O 40 -26.21 28.60 1.96
N LYS O 41 -27.47 29.04 1.97
CA LYS O 41 -27.89 30.32 2.60
C LYS O 41 -27.67 30.33 4.12
N ASP O 42 -27.79 29.17 4.75
CA ASP O 42 -27.44 28.94 6.15
C ASP O 42 -25.93 29.08 6.45
N SER O 43 -25.06 28.60 5.56
CA SER O 43 -23.62 28.76 5.70
C SER O 43 -23.21 30.21 5.56
N LEU O 44 -23.81 30.94 4.61
CA LEU O 44 -23.54 32.36 4.44
C LEU O 44 -23.88 33.18 5.68
N ILE O 45 -25.05 32.99 6.30
CA ILE O 45 -25.41 33.72 7.52
C ILE O 45 -24.58 33.29 8.75
N GLU O 46 -24.16 32.02 8.83
CA GLU O 46 -23.20 31.57 9.85
C GLU O 46 -21.83 32.24 9.73
N LEU O 47 -21.32 32.42 8.51
CA LEU O 47 -20.06 33.14 8.30
C LEU O 47 -20.22 34.62 8.64
N ALA O 48 -21.36 35.22 8.30
CA ALA O 48 -21.67 36.59 8.68
C ALA O 48 -21.80 36.80 10.20
N GLU O 49 -22.35 35.85 10.94
CA GLU O 49 -22.35 35.90 12.40
C GLU O 49 -20.93 35.69 12.97
N LYS O 50 -20.17 34.70 12.47
CA LYS O 50 -18.81 34.40 12.94
C LYS O 50 -17.84 35.55 12.76
N SER O 51 -18.03 36.35 11.71
CA SER O 51 -17.23 37.52 11.38
C SER O 51 -17.13 38.53 12.52
N TYR O 52 -18.14 38.63 13.40
CA TYR O 52 -18.10 39.48 14.59
C TYR O 52 -17.11 39.03 15.68
N ASP O 53 -16.62 37.78 15.67
CA ASP O 53 -15.54 37.35 16.56
C ASP O 53 -14.17 37.73 15.99
N SER O 54 -13.60 38.78 16.54
CA SER O 54 -12.38 39.43 16.06
C SER O 54 -11.13 38.54 16.03
N ALA O 55 -11.07 37.43 16.78
CA ALA O 55 -10.00 36.45 16.68
C ALA O 55 -10.21 35.47 15.51
N ASP O 56 -11.44 34.98 15.36
CA ASP O 56 -11.87 34.00 14.37
C ASP O 56 -12.14 34.61 12.97
N PHE O 57 -12.10 35.94 12.88
CA PHE O 57 -12.29 36.72 11.65
C PHE O 57 -11.26 36.38 10.59
N PHE O 58 -9.99 36.37 11.00
CA PHE O 58 -8.86 36.12 10.12
C PHE O 58 -8.93 34.74 9.50
N GLU O 59 -9.40 33.73 10.21
CA GLU O 59 -9.54 32.40 9.64
C GLU O 59 -10.48 32.38 8.45
N ILE O 60 -11.58 33.15 8.49
CA ILE O 60 -12.48 33.22 7.33
C ILE O 60 -11.80 33.97 6.19
N MET O 61 -11.28 35.17 6.46
CA MET O 61 -10.80 36.03 5.39
C MET O 61 -9.50 35.55 4.77
N ASP O 62 -8.62 34.94 5.53
CA ASP O 62 -7.40 34.34 5.00
C ASP O 62 -7.69 33.11 4.14
N MET O 63 -8.74 32.33 4.44
CA MET O 63 -9.11 31.25 3.53
C MET O 63 -9.72 31.77 2.23
N LEU O 64 -10.55 32.82 2.29
CA LEU O 64 -11.06 33.45 1.09
C LEU O 64 -9.94 34.11 0.28
N ASP O 65 -8.88 34.62 0.89
CA ASP O 65 -7.71 35.06 0.15
C ASP O 65 -6.97 33.91 -0.55
N LYS O 66 -6.95 32.69 0.03
CA LYS O 66 -6.39 31.51 -0.65
C LYS O 66 -7.26 31.12 -1.82
N ARG O 67 -8.58 31.10 -1.63
CA ARG O 67 -9.54 30.69 -2.68
C ARG O 67 -9.63 31.74 -3.82
N LEU O 68 -9.48 33.04 -3.60
CA LEU O 68 -9.40 34.07 -4.65
C LEU O 68 -8.06 34.06 -5.40
N ASN O 69 -6.98 33.70 -4.74
CA ASN O 69 -5.64 33.55 -5.33
C ASN O 69 -5.56 32.36 -6.29
N ASP O 70 -6.39 31.35 -6.06
CA ASP O 70 -6.22 29.96 -6.50
C ASP O 70 -6.08 29.69 -8.02
N LYS O 71 -5.63 28.49 -8.38
CA LYS O 71 -5.32 28.12 -9.79
C LYS O 71 -6.51 28.31 -10.72
N GLY O 72 -6.29 28.38 -12.03
CA GLY O 72 -7.37 28.47 -13.05
C GLY O 72 -8.22 27.22 -13.13
N LYS O 73 -7.65 26.03 -12.97
CA LYS O 73 -8.38 24.74 -13.00
C LYS O 73 -9.60 24.80 -12.11
N TYR O 74 -9.56 25.51 -10.98
CA TYR O 74 -10.66 25.62 -10.03
C TYR O 74 -11.38 26.96 -10.15
N TRP O 75 -11.85 27.31 -11.33
CA TRP O 75 -12.67 28.53 -11.50
C TRP O 75 -13.87 28.50 -10.53
N ARG O 76 -14.32 27.30 -10.19
CA ARG O 76 -15.38 26.98 -9.24
C ARG O 76 -15.13 27.62 -7.87
N HIS O 77 -13.89 27.62 -7.40
CA HIS O 77 -13.51 28.23 -6.13
C HIS O 77 -13.63 29.72 -6.22
N ILE O 78 -13.19 30.31 -7.31
CA ILE O 78 -13.11 31.75 -7.45
C ILE O 78 -14.51 32.34 -7.56
N ALA O 79 -15.40 31.68 -8.29
CA ALA O 79 -16.80 32.06 -8.37
C ALA O 79 -17.50 32.01 -7.01
N LYS O 80 -17.35 30.92 -6.25
CA LYS O 80 -17.97 30.83 -4.94
C LYS O 80 -17.32 31.77 -3.93
N ALA O 81 -16.01 31.95 -3.96
CA ALA O 81 -15.35 32.89 -3.07
C ALA O 81 -15.81 34.32 -3.32
N LEU O 82 -16.05 34.71 -4.57
CA LEU O 82 -16.66 36.00 -4.90
C LEU O 82 -18.12 36.10 -4.41
N THR O 83 -18.86 34.99 -4.38
CA THR O 83 -20.22 34.93 -3.81
C THR O 83 -20.21 35.10 -2.30
N VAL O 84 -19.30 34.41 -1.60
CA VAL O 84 -19.16 34.47 -0.15
C VAL O 84 -18.74 35.86 0.28
N ILE O 85 -17.84 36.52 -0.45
CA ILE O 85 -17.48 37.91 -0.17
C ILE O 85 -18.67 38.85 -0.39
N ASP O 86 -19.42 38.68 -1.47
CA ASP O 86 -20.58 39.52 -1.77
C ASP O 86 -21.65 39.46 -0.67
N TYR O 87 -21.94 38.25 -0.16
CA TYR O 87 -22.79 38.12 1.01
C TYR O 87 -22.17 38.79 2.24
N LEU O 88 -20.89 38.57 2.52
CA LEU O 88 -20.23 39.10 3.71
C LEU O 88 -20.18 40.63 3.73
N ILE O 89 -20.02 41.32 2.61
CA ILE O 89 -20.18 42.78 2.60
C ILE O 89 -21.63 43.25 2.74
N ARG O 90 -22.63 42.50 2.23
CA ARG O 90 -24.05 42.85 2.41
C ARG O 90 -24.58 42.61 3.84
N PHE O 91 -24.20 41.51 4.48
CA PHE O 91 -24.85 40.98 5.70
C PHE O 91 -23.89 40.61 6.84
N GLY O 92 -22.58 40.58 6.59
CA GLY O 92 -21.56 40.37 7.61
C GLY O 92 -21.15 41.64 8.33
N SER O 93 -20.18 41.51 9.22
CA SER O 93 -19.61 42.61 9.99
C SER O 93 -18.95 43.66 9.11
N GLU O 94 -18.94 44.91 9.56
CA GLU O 94 -18.20 46.00 8.93
C GLU O 94 -16.71 45.69 8.77
N ASN O 95 -16.12 44.89 9.66
CA ASN O 95 -14.75 44.41 9.52
C ASN O 95 -14.50 43.65 8.21
N CYS O 96 -15.49 42.94 7.66
CA CYS O 96 -15.35 42.34 6.34
C CYS O 96 -15.30 43.39 5.23
N VAL O 97 -16.05 44.48 5.32
CA VAL O 97 -15.95 45.59 4.36
C VAL O 97 -14.60 46.28 4.49
N LEU O 98 -14.13 46.59 5.68
CA LEU O 98 -12.85 47.27 5.82
C LEU O 98 -11.70 46.42 5.26
N TRP O 99 -11.72 45.10 5.50
CA TRP O 99 -10.75 44.19 4.89
C TRP O 99 -10.86 44.18 3.37
N CYS O 100 -12.07 44.05 2.86
CA CYS O 100 -12.30 43.91 1.43
C CYS O 100 -11.99 45.18 0.66
N ARG O 101 -12.21 46.34 1.26
CA ARG O 101 -11.80 47.64 0.72
C ARG O 101 -10.29 47.79 0.66
N GLU O 102 -9.56 47.41 1.70
CA GLU O 102 -8.11 47.64 1.76
C GLU O 102 -7.37 46.84 0.69
N ASN O 103 -7.70 45.56 0.50
CA ASN O 103 -7.20 44.76 -0.60
C ASN O 103 -8.30 44.44 -1.63
N LEU O 104 -8.83 45.48 -2.26
CA LEU O 104 -9.75 45.39 -3.38
C LEU O 104 -9.11 44.76 -4.62
N TYR O 105 -7.83 45.02 -4.83
CA TYR O 105 -7.09 44.62 -6.02
C TYR O 105 -7.18 43.13 -6.30
N ILE O 106 -7.30 42.28 -5.28
CA ILE O 106 -7.40 40.83 -5.47
C ILE O 106 -8.61 40.44 -6.32
N ILE O 107 -9.78 41.03 -6.05
CA ILE O 107 -11.00 40.93 -6.86
C ILE O 107 -10.90 41.75 -8.13
N LYS O 108 -10.48 43.01 -8.05
CA LYS O 108 -10.51 43.93 -9.19
C LYS O 108 -9.68 43.42 -10.35
N THR O 109 -8.59 42.72 -10.08
CA THR O 109 -7.74 42.05 -11.08
C THR O 109 -8.43 40.85 -11.73
N LEU O 110 -9.35 40.16 -11.04
CA LEU O 110 -10.18 39.08 -11.61
C LEU O 110 -11.11 39.48 -12.75
N LYS O 111 -11.55 40.75 -12.88
CA LYS O 111 -12.49 41.16 -13.94
C LYS O 111 -12.11 40.68 -15.36
N GLU O 112 -10.84 40.47 -15.64
CA GLU O 112 -10.32 40.02 -16.93
C GLU O 112 -9.99 38.52 -16.97
N PHE O 113 -10.33 37.75 -15.93
CA PHE O 113 -9.99 36.34 -15.77
C PHE O 113 -10.50 35.49 -16.94
N ARG O 114 -9.82 34.39 -17.26
CA ARG O 114 -10.09 33.60 -18.45
C ARG O 114 -9.65 32.15 -18.26
N HIS O 115 -10.56 31.21 -18.48
CA HIS O 115 -10.28 29.76 -18.48
C HIS O 115 -10.88 29.07 -19.70
N GLU O 116 -10.31 27.97 -20.20
CA GLU O 116 -10.77 27.30 -21.42
C GLU O 116 -10.54 25.78 -21.42
N ASP O 117 -11.57 25.02 -21.82
CA ASP O 117 -11.53 23.56 -22.06
C ASP O 117 -12.36 23.16 -23.31
N ASP O 118 -12.54 24.12 -24.22
CA ASP O 118 -13.64 24.24 -25.16
C ASP O 118 -14.98 24.51 -24.45
N GLU O 119 -15.63 25.62 -24.76
CA GLU O 119 -16.72 26.26 -24.00
C GLU O 119 -16.34 26.83 -22.62
N GLY O 120 -15.09 26.71 -22.16
CA GLY O 120 -14.66 27.16 -20.84
C GLY O 120 -14.75 28.68 -20.64
N ILE O 121 -14.82 29.43 -21.74
CA ILE O 121 -15.17 30.86 -21.76
C ILE O 121 -16.49 31.15 -21.02
N ASP O 122 -17.43 30.21 -20.96
CA ASP O 122 -18.66 30.34 -20.17
C ASP O 122 -18.38 30.32 -18.65
N GLN O 123 -17.40 29.53 -18.21
CA GLN O 123 -16.95 29.45 -16.83
C GLN O 123 -16.19 30.74 -16.46
N GLY O 124 -15.33 31.22 -17.34
CA GLY O 124 -14.72 32.54 -17.16
C GLY O 124 -15.78 33.64 -17.02
N GLN O 125 -16.90 33.54 -17.73
CA GLN O 125 -17.95 34.54 -17.63
C GLN O 125 -18.56 34.62 -16.23
N ILE O 126 -18.81 33.51 -15.53
CA ILE O 126 -19.36 33.59 -14.16
C ILE O 126 -18.39 34.29 -13.19
N VAL O 127 -17.09 34.00 -13.31
CA VAL O 127 -16.07 34.69 -12.51
C VAL O 127 -16.09 36.19 -12.79
N ARG O 128 -16.07 36.57 -14.07
CA ARG O 128 -15.99 37.97 -14.47
C ARG O 128 -17.20 38.78 -14.04
N VAL O 129 -18.41 38.26 -14.20
CA VAL O 129 -19.60 39.01 -13.81
C VAL O 129 -19.72 39.18 -12.30
N LYS O 130 -19.31 38.18 -11.51
CA LYS O 130 -19.31 38.34 -10.04
C LYS O 130 -18.24 39.33 -9.60
N ALA O 131 -17.05 39.31 -10.19
CA ALA O 131 -16.03 40.30 -9.87
C ALA O 131 -16.46 41.72 -10.22
N LYS O 132 -17.15 41.91 -11.36
CA LYS O 132 -17.67 43.20 -11.80
C LYS O 132 -18.80 43.73 -10.91
N GLU O 133 -19.75 42.88 -10.55
CA GLU O 133 -20.82 43.27 -9.63
C GLU O 133 -20.25 43.60 -8.25
N LEU O 134 -19.30 42.80 -7.77
CA LEU O 134 -18.69 43.00 -6.47
C LEU O 134 -17.90 44.31 -6.42
N THR O 135 -17.08 44.64 -7.43
CA THR O 135 -16.42 45.95 -7.45
C THR O 135 -17.38 47.12 -7.62
N ALA O 136 -18.49 46.95 -8.36
CA ALA O 136 -19.54 47.96 -8.41
C ALA O 136 -20.16 48.20 -7.03
N LEU O 137 -20.32 47.15 -6.22
CA LEU O 137 -20.83 47.26 -4.86
C LEU O 137 -19.85 47.93 -3.88
N LEU O 138 -18.54 47.67 -3.94
CA LEU O 138 -17.58 48.42 -3.12
C LEU O 138 -17.50 49.89 -3.51
N SER O 139 -17.61 50.19 -4.80
CA SER O 139 -17.47 51.54 -5.33
C SER O 139 -18.70 52.43 -5.09
N ASP O 140 -19.93 51.92 -5.18
CA ASP O 140 -21.15 52.68 -4.84
C ASP O 140 -21.37 52.80 -3.33
N ASP O 141 -20.68 53.75 -2.68
CA ASP O 141 -20.72 53.92 -1.22
C ASP O 141 -22.14 54.20 -0.68
N GLU O 142 -22.96 54.98 -1.39
CA GLU O 142 -24.36 55.25 -1.05
C GLU O 142 -25.25 54.02 -1.18
N ARG O 143 -24.95 53.13 -2.15
CA ARG O 143 -25.60 51.83 -2.26
C ARG O 143 -25.19 50.95 -1.10
N LEU O 144 -23.90 50.85 -0.80
CA LEU O 144 -23.42 49.90 0.19
C LEU O 144 -23.82 50.31 1.61
N ASN O 145 -23.78 51.59 1.97
CA ASN O 145 -24.29 52.02 3.26
C ASN O 145 -25.83 52.00 3.37
N GLU O 146 -26.59 52.23 2.30
CA GLU O 146 -28.04 51.98 2.31
C GLU O 146 -28.36 50.49 2.51
N GLU O 147 -27.66 49.63 1.77
CA GLU O 147 -27.82 48.18 1.75
C GLU O 147 -27.49 47.59 3.12
N ARG O 148 -26.34 47.97 3.69
CA ARG O 148 -25.94 47.56 5.02
C ARG O 148 -26.83 48.08 6.13
N ASN O 149 -27.30 49.32 6.07
CA ASN O 149 -28.23 49.84 7.08
C ASN O 149 -29.54 49.04 7.11
N MET O 150 -30.08 48.69 5.95
CA MET O 150 -31.29 47.88 5.86
C MET O 150 -31.04 46.43 6.29
N ASN O 151 -29.95 45.82 5.82
CA ASN O 151 -29.61 44.42 6.07
C ASN O 151 -29.24 44.11 7.52
N ILE O 152 -28.57 45.02 8.21
CA ILE O 152 -28.29 44.95 9.64
C ILE O 152 -29.58 45.16 10.43
N MET P 6 19.41 41.48 -5.05
CA MET P 6 18.16 40.67 -5.03
C MET P 6 17.83 40.23 -3.63
N SER P 7 16.55 40.02 -3.32
CA SER P 7 16.09 39.59 -2.00
C SER P 7 14.94 38.58 -2.11
N ARG P 8 14.68 37.77 -1.08
CA ARG P 8 13.75 36.62 -1.17
C ARG P 8 12.31 36.96 -1.61
N ILE P 9 11.78 38.13 -1.29
CA ILE P 9 10.46 38.58 -1.78
C ILE P 9 10.42 38.83 -3.30
N ASP P 10 11.51 39.31 -3.89
CA ASP P 10 11.67 39.43 -5.35
C ASP P 10 11.63 38.06 -6.04
N SER P 11 12.10 37.01 -5.38
CA SER P 11 12.08 35.64 -5.93
C SER P 11 10.66 35.15 -6.16
N ASP P 12 9.70 35.55 -5.33
CA ASP P 12 8.30 35.19 -5.53
C ASP P 12 7.72 35.79 -6.84
N LEU P 13 8.04 37.05 -7.12
CA LEU P 13 7.68 37.76 -8.35
C LEU P 13 8.42 37.24 -9.59
N GLN P 14 9.69 36.93 -9.46
CA GLN P 14 10.51 36.43 -10.55
C GLN P 14 10.00 35.12 -11.14
N LYS P 15 9.41 34.23 -10.35
CA LYS P 15 8.74 33.03 -10.87
C LYS P 15 7.63 33.41 -11.85
N ALA P 16 6.76 34.34 -11.47
CA ALA P 16 5.70 34.77 -12.38
C ALA P 16 6.23 35.44 -13.65
N LEU P 17 7.18 36.38 -13.55
CA LEU P 17 7.72 37.03 -14.75
C LEU P 17 8.35 36.06 -15.76
N LYS P 18 8.93 34.93 -15.37
CA LYS P 18 9.41 33.95 -16.38
C LYS P 18 8.25 33.39 -17.20
N LYS P 19 7.18 33.02 -16.52
CA LYS P 19 6.00 32.41 -17.13
C LYS P 19 5.14 33.40 -17.94
N ALA P 20 5.06 34.67 -17.54
CA ALA P 20 4.35 35.68 -18.32
C ALA P 20 5.08 36.04 -19.63
N CYS P 21 6.41 36.13 -19.61
CA CYS P 21 7.23 36.26 -20.81
C CYS P 21 7.58 34.90 -21.42
N SER P 22 6.62 33.98 -21.52
CA SER P 22 6.88 32.59 -21.92
C SER P 22 7.51 32.46 -23.31
N VAL P 23 8.23 31.36 -23.51
CA VAL P 23 9.24 31.20 -24.57
C VAL P 23 8.76 31.40 -26.01
N GLU P 24 7.46 31.37 -26.29
CA GLU P 24 6.96 31.54 -27.66
C GLU P 24 5.64 32.31 -27.83
N GLU P 25 5.31 32.59 -29.09
CA GLU P 25 4.25 33.47 -29.59
C GLU P 25 2.79 32.97 -29.38
N THR P 26 2.53 32.38 -28.22
CA THR P 26 1.19 32.30 -27.62
C THR P 26 0.94 33.49 -26.68
N ALA P 27 -0.27 33.68 -26.17
CA ALA P 27 -0.62 34.79 -25.28
C ALA P 27 0.21 34.80 -23.98
N PRO P 28 0.44 35.96 -23.34
CA PRO P 28 0.94 36.03 -21.96
C PRO P 28 -0.20 35.74 -20.99
N LYS P 29 -0.15 34.65 -20.21
CA LYS P 29 -1.32 34.19 -19.44
C LYS P 29 -1.78 35.22 -18.43
N ARG P 30 -3.08 35.49 -18.32
CA ARG P 30 -3.60 36.42 -17.31
C ARG P 30 -3.22 35.99 -15.91
N LYS P 31 -3.04 34.69 -15.67
CA LYS P 31 -2.67 34.16 -14.34
C LYS P 31 -1.30 34.66 -13.89
N HIS P 32 -0.28 34.74 -14.74
CA HIS P 32 1.05 35.25 -14.43
C HIS P 32 1.15 36.77 -14.47
N VAL P 33 0.41 37.42 -15.36
CA VAL P 33 0.30 38.88 -15.31
C VAL P 33 -0.38 39.35 -14.03
N ARG P 34 -1.41 38.64 -13.58
CA ARG P 34 -2.10 38.90 -12.31
C ARG P 34 -1.15 38.69 -11.15
N ALA P 35 -0.30 37.69 -11.16
CA ALA P 35 0.61 37.48 -10.04
C ALA P 35 1.57 38.66 -9.86
N CYS P 36 2.01 39.31 -10.95
CA CYS P 36 2.81 40.54 -10.90
C CYS P 36 2.04 41.77 -10.45
N ILE P 37 0.82 41.95 -10.94
CA ILE P 37 -0.04 43.06 -10.54
C ILE P 37 -0.38 42.96 -9.06
N VAL P 38 -0.82 41.79 -8.59
CA VAL P 38 -1.19 41.58 -7.19
C VAL P 38 0.03 41.72 -6.29
N TYR P 39 1.23 41.34 -6.73
CA TYR P 39 2.46 41.67 -6.02
C TYR P 39 2.62 43.18 -5.91
N THR P 40 2.41 43.90 -7.00
CA THR P 40 2.71 45.32 -7.07
C THR P 40 1.84 46.14 -6.13
N TRP P 41 0.60 45.75 -5.93
CA TRP P 41 -0.23 46.29 -4.84
C TRP P 41 0.23 45.83 -3.45
N ASP P 42 0.58 44.56 -3.24
CA ASP P 42 0.99 44.04 -1.93
C ASP P 42 2.20 44.77 -1.36
N HIS P 43 3.25 44.93 -2.14
CA HIS P 43 4.49 45.55 -1.72
C HIS P 43 4.52 47.05 -1.99
N GLN P 44 3.37 47.63 -2.28
CA GLN P 44 3.11 49.07 -2.31
C GLN P 44 3.95 49.89 -3.31
N SER P 45 4.84 49.22 -4.02
CA SER P 45 5.92 49.80 -4.81
C SER P 45 6.37 48.80 -5.87
N SER P 46 7.06 49.27 -6.89
CA SER P 46 7.30 48.47 -8.11
C SER P 46 8.75 48.40 -8.53
N LYS P 47 9.71 48.91 -7.75
CA LYS P 47 11.12 48.87 -8.15
C LYS P 47 11.61 47.45 -8.40
N ALA P 48 11.09 46.47 -7.68
CA ALA P 48 11.42 45.07 -7.92
C ALA P 48 11.00 44.56 -9.30
N VAL P 49 9.86 45.02 -9.85
CA VAL P 49 9.40 44.54 -11.15
C VAL P 49 10.24 45.09 -12.29
N PHE P 50 10.62 46.37 -12.25
CA PHE P 50 11.56 46.90 -13.26
C PHE P 50 12.96 46.33 -13.08
N THR P 51 13.46 46.21 -11.85
CA THR P 51 14.77 45.61 -11.59
C THR P 51 14.83 44.16 -12.07
N THR P 52 13.72 43.45 -12.00
CA THR P 52 13.63 42.14 -12.63
C THR P 52 13.67 42.22 -14.15
N LEU P 53 12.92 43.09 -14.83
CA LEU P 53 12.97 43.18 -16.29
C LEU P 53 14.36 43.60 -16.83
N LYS P 54 15.09 44.45 -16.11
CA LYS P 54 16.47 44.84 -16.44
C LYS P 54 17.45 43.67 -16.34
N THR P 55 17.22 42.72 -15.43
CA THR P 55 18.12 41.57 -15.17
C THR P 55 17.64 40.23 -15.79
N LEU P 56 16.43 40.19 -16.36
CA LEU P 56 15.86 39.08 -17.14
C LEU P 56 16.72 38.76 -18.38
N PRO P 57 16.74 37.50 -18.89
CA PRO P 57 17.14 37.14 -20.26
C PRO P 57 16.25 37.76 -21.36
N LEU P 58 16.08 39.09 -21.34
CA LEU P 58 15.07 39.83 -22.08
C LEU P 58 15.35 39.87 -23.58
N ALA P 59 16.40 40.59 -23.99
CA ALA P 59 16.75 40.79 -25.40
C ALA P 59 17.40 39.54 -26.05
N ASN P 60 17.12 38.34 -25.54
CA ASN P 60 17.59 37.09 -26.13
C ASN P 60 16.93 36.82 -27.49
N ASP P 61 15.61 37.05 -27.61
CA ASP P 61 14.90 36.98 -28.89
C ASP P 61 13.62 37.82 -28.89
N GLU P 62 13.31 38.36 -30.07
CA GLU P 62 12.25 39.35 -30.29
C GLU P 62 10.85 38.87 -29.85
N VAL P 63 10.54 37.58 -29.94
CA VAL P 63 9.24 37.06 -29.45
C VAL P 63 9.00 37.32 -27.98
N GLN P 64 9.98 37.08 -27.11
CA GLN P 64 9.87 37.37 -25.68
C GLN P 64 9.92 38.87 -25.38
N LEU P 65 10.65 39.69 -26.15
CA LEU P 65 10.66 41.14 -25.95
C LEU P 65 9.30 41.80 -26.31
N PHE P 66 8.58 41.34 -27.32
CA PHE P 66 7.21 41.83 -27.51
C PHE P 66 6.33 41.36 -26.35
N LYS P 67 6.42 40.11 -25.89
CA LYS P 67 5.63 39.64 -24.73
C LYS P 67 5.89 40.52 -23.52
N MET P 68 7.15 40.85 -23.25
CA MET P 68 7.53 41.70 -22.13
C MET P 68 6.93 43.08 -22.20
N LEU P 69 6.79 43.68 -23.38
CA LEU P 69 6.10 44.95 -23.56
C LEU P 69 4.58 44.85 -23.36
N ILE P 70 3.93 43.74 -23.72
CA ILE P 70 2.52 43.52 -23.37
C ILE P 70 2.37 43.44 -21.85
N VAL P 71 3.20 42.62 -21.18
CA VAL P 71 3.14 42.45 -19.73
C VAL P 71 3.43 43.75 -19.03
N LEU P 72 4.45 44.48 -19.45
CA LEU P 72 4.83 45.75 -18.86
C LEU P 72 3.78 46.83 -19.06
N HIS P 73 3.08 46.84 -20.19
CA HIS P 73 1.94 47.72 -20.34
C HIS P 73 0.85 47.33 -19.35
N LYS P 74 0.47 46.05 -19.24
CA LYS P 74 -0.59 45.66 -18.30
C LYS P 74 -0.22 45.99 -16.87
N ILE P 75 1.03 45.79 -16.45
CA ILE P 75 1.49 46.16 -15.09
C ILE P 75 1.43 47.66 -14.83
N ILE P 76 1.81 48.50 -15.79
CA ILE P 76 1.67 49.96 -15.62
C ILE P 76 0.20 50.36 -15.55
N GLN P 77 -0.62 49.76 -16.41
CA GLN P 77 -2.01 50.13 -16.55
C GLN P 77 -2.87 49.68 -15.36
N GLU P 78 -2.80 48.40 -15.00
CA GLU P 78 -3.54 47.78 -13.91
C GLU P 78 -2.99 48.04 -12.50
N GLY P 79 -1.67 48.12 -12.37
CA GLY P 79 -0.97 48.10 -11.09
C GLY P 79 -1.13 49.37 -10.27
N HIS P 80 -0.56 49.33 -9.07
CA HIS P 80 -0.50 50.44 -8.13
C HIS P 80 0.13 51.68 -8.77
N PRO P 81 -0.24 52.92 -8.41
CA PRO P 81 0.35 54.14 -8.96
C PRO P 81 1.89 54.21 -8.97
N SER P 82 2.58 53.45 -8.11
CA SER P 82 4.03 53.28 -8.19
C SER P 82 4.49 52.65 -9.50
N ALA P 83 3.76 51.73 -10.13
CA ALA P 83 4.22 51.12 -11.38
C ALA P 83 4.42 52.17 -12.47
N LEU P 84 3.45 53.07 -12.61
CA LEU P 84 3.57 54.24 -13.49
C LEU P 84 4.62 55.22 -13.01
N ALA P 85 4.74 55.51 -11.70
CA ALA P 85 5.75 56.46 -11.25
C ALA P 85 7.17 55.97 -11.54
N GLU P 86 7.46 54.69 -11.35
CA GLU P 86 8.74 54.12 -11.77
C GLU P 86 8.89 54.09 -13.30
N ALA P 87 7.82 53.89 -14.06
CA ALA P 87 7.88 53.98 -15.52
C ALA P 87 8.16 55.42 -16.01
N ILE P 88 7.66 56.44 -15.32
CA ILE P 88 7.98 57.84 -15.56
C ILE P 88 9.45 58.09 -15.33
N ARG P 89 10.07 57.49 -14.31
CA ARG P 89 11.52 57.61 -14.12
C ARG P 89 12.32 56.86 -15.18
N ASP P 90 11.90 55.65 -15.56
CA ASP P 90 12.69 54.73 -16.37
C ASP P 90 12.21 54.62 -17.84
N ARG P 91 11.50 55.64 -18.34
CA ARG P 91 11.07 55.70 -19.74
C ARG P 91 12.22 55.64 -20.74
N ASP P 92 13.41 56.05 -20.32
CA ASP P 92 14.65 55.91 -21.09
C ASP P 92 15.16 54.47 -21.17
N TRP P 93 14.95 53.64 -20.13
CA TRP P 93 15.21 52.21 -20.26
C TRP P 93 14.25 51.60 -21.26
N ILE P 94 12.97 51.95 -21.19
CA ILE P 94 11.97 51.50 -22.16
C ILE P 94 12.38 51.89 -23.59
N ARG P 95 12.83 53.13 -23.77
CA ARG P 95 13.33 53.66 -25.05
C ARG P 95 14.51 52.85 -25.57
N SER P 96 15.42 52.42 -24.68
CA SER P 96 16.54 51.56 -25.06
C SER P 96 16.07 50.22 -25.65
N LEU P 97 14.94 49.66 -25.17
CA LEU P 97 14.33 48.46 -25.76
C LEU P 97 13.89 48.66 -27.21
N GLY P 98 13.49 49.88 -27.58
CA GLY P 98 13.15 50.22 -28.97
C GLY P 98 14.32 50.03 -29.94
N ARG P 99 15.55 50.29 -29.48
CA ARG P 99 16.78 50.04 -30.27
C ARG P 99 17.19 48.58 -30.41
N VAL P 100 17.08 47.75 -29.36
CA VAL P 100 17.87 46.50 -29.26
C VAL P 100 17.63 45.47 -30.39
N HIS P 101 16.45 45.43 -31.00
CA HIS P 101 16.22 44.80 -32.30
C HIS P 101 15.85 45.86 -33.34
N SER P 102 16.67 46.02 -34.37
CA SER P 102 16.67 47.16 -35.31
C SER P 102 15.71 46.99 -36.49
N GLY P 103 14.43 46.67 -36.22
CA GLY P 103 13.34 46.81 -37.19
C GLY P 103 13.39 45.94 -38.45
N GLY P 104 14.23 44.89 -38.48
CA GLY P 104 14.50 44.03 -39.64
C GLY P 104 13.35 43.13 -40.09
N SER P 105 13.34 41.88 -39.63
CA SER P 105 12.22 40.95 -39.83
C SER P 105 10.92 41.51 -39.21
N SER P 106 9.77 41.21 -39.80
CA SER P 106 8.48 41.85 -39.49
C SER P 106 8.16 41.98 -38.00
N TYR P 107 8.43 40.97 -37.20
CA TYR P 107 8.12 40.96 -35.77
C TYR P 107 8.83 42.10 -35.01
N SER P 108 10.04 42.47 -35.39
CA SER P 108 10.76 43.62 -34.83
C SER P 108 10.04 44.96 -35.05
N LYS P 109 9.31 45.16 -36.14
CA LYS P 109 8.57 46.42 -36.37
C LYS P 109 7.44 46.63 -35.36
N LEU P 110 6.77 45.54 -34.96
CA LEU P 110 5.77 45.57 -33.90
C LEU P 110 6.38 46.07 -32.59
N ILE P 111 7.57 45.59 -32.24
CA ILE P 111 8.27 46.06 -31.05
C ILE P 111 8.54 47.56 -31.15
N ARG P 112 9.09 48.06 -32.27
CA ARG P 112 9.48 49.48 -32.34
C ARG P 112 8.29 50.43 -32.26
N GLU P 113 7.17 50.10 -32.89
CA GLU P 113 5.96 50.92 -32.75
C GLU P 113 5.33 50.83 -31.36
N TYR P 114 5.43 49.70 -30.64
CA TYR P 114 4.96 49.66 -29.25
C TYR P 114 5.84 50.51 -28.32
N VAL P 115 7.16 50.45 -28.48
CA VAL P 115 8.08 51.28 -27.67
C VAL P 115 7.80 52.76 -27.90
N ARG P 116 7.60 53.19 -29.15
CA ARG P 116 7.21 54.57 -29.46
C ARG P 116 5.88 54.97 -28.81
N TYR P 117 4.93 54.06 -28.72
CA TYR P 117 3.66 54.33 -28.04
C TYR P 117 3.81 54.48 -26.51
N LEU P 118 4.53 53.57 -25.85
CA LEU P 118 4.82 53.64 -24.42
C LEU P 118 5.63 54.88 -24.08
N VAL P 119 6.69 55.20 -24.85
CA VAL P 119 7.48 56.42 -24.62
C VAL P 119 6.63 57.68 -24.80
N LEU P 120 5.68 57.70 -25.73
CA LEU P 120 4.72 58.81 -25.85
C LEU P 120 3.78 58.89 -24.64
N LYS P 121 3.25 57.77 -24.15
CA LYS P 121 2.37 57.74 -22.97
C LYS P 121 3.10 58.25 -21.72
N LEU P 122 4.29 57.75 -21.48
CA LEU P 122 5.10 58.08 -20.31
C LEU P 122 5.64 59.51 -20.38
N ASP P 123 6.01 59.98 -21.57
CA ASP P 123 6.30 61.40 -21.78
C ASP P 123 5.10 62.28 -21.42
N PHE P 124 3.90 61.89 -21.82
CA PHE P 124 2.69 62.66 -21.55
C PHE P 124 2.34 62.73 -20.05
N HIS P 125 2.46 61.63 -19.29
CA HIS P 125 2.24 61.68 -17.85
C HIS P 125 3.26 62.59 -17.13
N ALA P 126 4.54 62.50 -17.47
CA ALA P 126 5.59 63.32 -16.89
C ALA P 126 5.44 64.82 -17.24
N HIS P 127 5.20 65.12 -18.51
CA HIS P 127 5.14 66.48 -19.03
C HIS P 127 3.90 67.24 -18.58
N HIS P 128 2.72 66.62 -18.73
CA HIS P 128 1.49 67.39 -18.91
C HIS P 128 0.55 67.33 -17.72
N ARG P 129 0.05 66.15 -17.38
CA ARG P 129 -1.00 65.98 -16.37
C ARG P 129 -0.43 65.99 -14.95
N GLY P 130 -1.20 66.53 -14.01
CA GLY P 130 -1.11 66.17 -12.59
C GLY P 130 -1.92 64.90 -12.28
N PHE P 131 -1.78 63.85 -13.09
CA PHE P 131 -2.55 62.62 -12.98
C PHE P 131 -1.65 61.40 -13.19
N ASN P 132 -1.73 60.44 -12.27
CA ASN P 132 -0.82 59.31 -12.19
C ASN P 132 -1.58 58.01 -11.89
N ASN P 133 -2.48 57.62 -12.79
CA ASN P 133 -3.05 56.26 -12.86
C ASN P 133 -2.77 55.69 -14.26
N GLY P 134 -2.62 54.38 -14.35
CA GLY P 134 -2.19 53.72 -15.58
C GLY P 134 -3.23 53.83 -16.70
N THR P 135 -4.40 53.24 -16.48
CA THR P 135 -5.65 53.63 -17.15
C THR P 135 -6.00 55.06 -16.76
N PHE P 136 -6.51 55.87 -17.68
CA PHE P 136 -7.10 57.16 -17.33
C PHE P 136 -8.50 57.00 -16.74
N GLU P 137 -8.87 57.86 -15.80
CA GLU P 137 -10.20 57.92 -15.20
C GLU P 137 -10.52 59.37 -14.82
N TYR P 138 -11.80 59.70 -14.66
CA TYR P 138 -12.25 61.08 -14.46
C TYR P 138 -11.95 61.64 -13.06
N GLU P 139 -10.68 61.95 -12.80
CA GLU P 139 -10.25 62.64 -11.60
C GLU P 139 -10.85 64.05 -11.54
N GLU P 140 -11.68 64.26 -10.54
CA GLU P 140 -12.48 65.47 -10.40
C GLU P 140 -11.60 66.70 -10.16
N TYR P 141 -10.57 66.61 -9.31
CA TYR P 141 -9.72 67.76 -9.02
C TYR P 141 -8.89 68.18 -10.24
N VAL P 142 -8.33 67.21 -10.98
CA VAL P 142 -7.57 67.49 -12.22
C VAL P 142 -8.48 68.07 -13.31
N SER P 143 -9.72 67.59 -13.41
CA SER P 143 -10.71 68.11 -14.35
C SER P 143 -11.14 69.53 -14.01
N LEU P 144 -11.49 69.80 -12.74
CA LEU P 144 -11.82 71.14 -12.25
C LEU P 144 -10.69 72.15 -12.47
N VAL P 145 -9.45 71.79 -12.13
CA VAL P 145 -8.27 72.65 -12.35
C VAL P 145 -7.97 72.89 -13.84
N SER P 146 -8.25 71.91 -14.70
CA SER P 146 -8.12 72.06 -16.16
C SER P 146 -9.18 72.98 -16.78
N VAL P 147 -10.46 72.83 -16.42
CA VAL P 147 -11.54 73.70 -16.93
C VAL P 147 -11.44 75.13 -16.37
N SER P 148 -10.92 75.28 -15.16
CA SER P 148 -10.52 76.57 -14.57
C SER P 148 -9.33 77.25 -15.27
N ASP P 149 -8.69 76.59 -16.24
CA ASP P 149 -7.49 77.02 -16.98
C ASP P 149 -7.62 76.72 -18.52
N PRO P 150 -8.70 77.16 -19.20
CA PRO P 150 -9.19 76.49 -20.42
C PRO P 150 -8.35 76.61 -21.70
N ASP P 151 -7.40 77.54 -21.82
CA ASP P 151 -6.43 77.50 -22.93
C ASP P 151 -5.44 76.33 -22.78
N GLU P 152 -4.98 76.05 -21.56
CA GLU P 152 -4.31 74.79 -21.21
C GLU P 152 -5.29 73.61 -21.24
N GLY P 153 -6.58 73.82 -20.95
CA GLY P 153 -7.64 72.82 -21.11
C GLY P 153 -7.79 72.33 -22.55
N TYR P 154 -7.83 73.25 -23.52
CA TYR P 154 -7.77 72.93 -24.95
C TYR P 154 -6.49 72.16 -25.28
N GLU P 155 -5.32 72.64 -24.82
CA GLU P 155 -4.07 71.91 -25.03
C GLU P 155 -4.07 70.51 -24.41
N THR P 156 -4.77 70.31 -23.29
CA THR P 156 -4.93 69.01 -22.64
C THR P 156 -5.73 68.05 -23.50
N ILE P 157 -6.91 68.43 -24.02
CA ILE P 157 -7.66 67.53 -24.88
C ILE P 157 -6.97 67.32 -26.23
N LEU P 158 -6.30 68.32 -26.81
CA LEU P 158 -5.58 68.13 -28.07
C LEU P 158 -4.32 67.27 -27.92
N ASP P 159 -3.60 67.38 -26.79
CA ASP P 159 -2.49 66.50 -26.49
C ASP P 159 -2.96 65.07 -26.14
N LEU P 160 -4.05 64.92 -25.39
CA LEU P 160 -4.63 63.61 -25.08
C LEU P 160 -5.19 62.93 -26.35
N MET P 161 -5.78 63.72 -27.24
CA MET P 161 -6.11 63.28 -28.61
C MET P 161 -4.85 62.88 -29.40
N SER P 162 -3.70 63.52 -29.23
CA SER P 162 -2.47 63.10 -29.93
C SER P 162 -2.00 61.70 -29.47
N LEU P 163 -2.23 61.33 -28.21
CA LEU P 163 -2.08 59.91 -27.79
C LEU P 163 -3.12 59.01 -28.45
N GLN P 164 -4.41 59.38 -28.49
CA GLN P 164 -5.40 58.52 -29.16
C GLN P 164 -5.13 58.34 -30.67
N ASP P 165 -4.57 59.36 -31.33
CA ASP P 165 -4.07 59.25 -32.71
C ASP P 165 -2.96 58.20 -32.82
N SER P 166 -1.97 58.23 -31.93
CA SER P 166 -0.87 57.26 -31.98
C SER P 166 -1.32 55.86 -31.57
N LEU P 167 -2.26 55.76 -30.64
CA LEU P 167 -2.95 54.52 -30.27
C LEU P 167 -3.65 53.91 -31.50
N ASP P 168 -4.35 54.74 -32.27
CA ASP P 168 -5.03 54.29 -33.49
C ASP P 168 -4.04 53.91 -34.60
N GLU P 169 -2.96 54.68 -34.80
CA GLU P 169 -2.00 54.36 -35.86
C GLU P 169 -1.30 53.03 -35.57
N PHE P 170 -0.89 52.83 -34.30
CA PHE P 170 -0.30 51.58 -33.87
C PHE P 170 -1.27 50.40 -34.00
N SER P 171 -2.55 50.60 -33.72
CA SER P 171 -3.52 49.51 -33.92
C SER P 171 -3.57 49.04 -35.39
N GLN P 172 -3.44 49.97 -36.35
CA GLN P 172 -3.36 49.60 -37.76
C GLN P 172 -2.05 48.90 -38.13
N ILE P 173 -0.92 49.22 -37.48
CA ILE P 173 0.31 48.43 -37.65
C ILE P 173 0.08 46.99 -37.19
N ILE P 174 -0.53 46.79 -36.02
CA ILE P 174 -0.82 45.43 -35.54
C ILE P 174 -1.81 44.72 -36.46
N PHE P 175 -2.87 45.38 -36.94
CA PHE P 175 -3.85 44.74 -37.82
C PHE P 175 -3.26 44.36 -39.18
N ALA P 176 -2.48 45.23 -39.82
CA ALA P 176 -1.82 44.90 -41.06
C ALA P 176 -0.79 43.78 -40.89
N SER P 177 -0.02 43.79 -39.81
CA SER P 177 0.95 42.75 -39.50
C SER P 177 0.27 41.40 -39.21
N ILE P 178 -0.88 41.41 -38.53
CA ILE P 178 -1.73 40.23 -38.35
C ILE P 178 -2.17 39.66 -39.70
N GLN P 179 -2.70 40.50 -40.57
CA GLN P 179 -3.30 40.05 -41.82
C GLN P 179 -2.29 39.57 -42.86
N SER P 180 -1.12 40.19 -42.91
CA SER P 180 -0.01 39.77 -43.78
C SER P 180 0.66 38.47 -43.32
N GLU P 181 0.82 38.26 -42.01
CA GLU P 181 1.30 36.98 -41.44
C GLU P 181 0.25 35.83 -41.51
N ARG P 182 -1.05 36.15 -41.48
CA ARG P 182 -2.21 35.23 -41.63
C ARG P 182 -2.47 34.24 -40.49
N ARG P 183 -1.43 33.74 -39.81
CA ARG P 183 -1.53 32.76 -38.72
C ARG P 183 -0.51 33.02 -37.60
N ASN P 184 -0.68 32.40 -36.44
CA ASN P 184 0.00 32.80 -35.19
C ASN P 184 -0.22 34.28 -34.85
N THR P 185 -1.47 34.57 -34.51
CA THR P 185 -1.96 35.89 -34.11
C THR P 185 -1.90 36.17 -32.61
N GLU P 186 -1.69 35.14 -31.79
CA GLU P 186 -2.10 35.15 -30.37
C GLU P 186 -1.43 36.23 -29.54
N CYS P 187 -0.11 36.41 -29.65
CA CYS P 187 0.57 37.49 -28.95
C CYS P 187 0.20 38.87 -29.53
N LYS P 188 0.01 38.98 -30.84
CA LYS P 188 -0.33 40.26 -31.47
C LYS P 188 -1.70 40.73 -31.02
N ILE P 189 -2.70 39.86 -31.03
CA ILE P 189 -4.03 40.19 -30.52
C ILE P 189 -3.98 40.43 -28.99
N SER P 190 -3.16 39.71 -28.24
CA SER P 190 -2.99 40.01 -26.81
C SER P 190 -2.51 41.44 -26.60
N ALA P 191 -1.60 41.94 -27.44
CA ALA P 191 -1.20 43.34 -27.45
C ALA P 191 -2.35 44.32 -27.73
N LEU P 192 -3.35 43.94 -28.51
CA LEU P 192 -4.56 44.74 -28.65
C LEU P 192 -5.35 44.86 -27.33
N ILE P 193 -5.36 43.86 -26.44
CA ILE P 193 -6.19 43.90 -25.21
C ILE P 193 -5.95 45.13 -24.30
N PRO P 194 -4.71 45.48 -23.91
CA PRO P 194 -4.48 46.66 -23.08
C PRO P 194 -4.71 47.97 -23.85
N LEU P 195 -4.40 48.00 -25.15
CA LEU P 195 -4.72 49.11 -26.04
C LEU P 195 -6.23 49.33 -26.12
N ILE P 196 -7.04 48.28 -26.10
CA ILE P 196 -8.51 48.40 -26.04
C ILE P 196 -8.94 49.06 -24.75
N ALA P 197 -8.45 48.62 -23.60
CA ALA P 197 -8.86 49.20 -22.31
C ALA P 197 -8.41 50.66 -22.20
N GLU P 198 -7.18 50.99 -22.61
CA GLU P 198 -6.75 52.39 -22.69
C GLU P 198 -7.57 53.18 -23.71
N SER P 199 -7.96 52.60 -24.84
CA SER P 199 -8.74 53.32 -25.86
C SER P 199 -10.08 53.76 -25.31
N TYR P 200 -10.73 52.92 -24.52
CA TYR P 200 -11.96 53.28 -23.84
C TYR P 200 -11.72 54.25 -22.69
N GLY P 201 -10.64 54.06 -21.93
CA GLY P 201 -10.30 54.93 -20.81
C GLY P 201 -9.95 56.35 -21.23
N ILE P 202 -9.17 56.49 -22.30
CA ILE P 202 -8.84 57.80 -22.86
C ILE P 202 -10.07 58.45 -23.49
N TYR P 203 -10.93 57.66 -24.15
CA TYR P 203 -12.19 58.12 -24.71
C TYR P 203 -13.14 58.65 -23.64
N LYS P 204 -13.31 57.92 -22.53
CA LYS P 204 -14.10 58.37 -21.39
C LYS P 204 -13.55 59.63 -20.74
N PHE P 205 -12.22 59.77 -20.70
CA PHE P 205 -11.65 60.98 -20.17
C PHE P 205 -11.88 62.18 -21.08
N ILE P 206 -11.59 62.09 -22.38
CA ILE P 206 -11.90 63.22 -23.28
C ILE P 206 -13.38 63.51 -23.24
N THR P 207 -14.27 62.51 -23.29
CA THR P 207 -15.72 62.77 -23.25
C THR P 207 -16.16 63.55 -22.01
N SER P 208 -15.66 63.16 -20.84
CA SER P 208 -15.98 63.79 -19.56
C SER P 208 -15.34 65.18 -19.38
N MET P 209 -14.12 65.35 -19.88
CA MET P 209 -13.43 66.64 -19.88
C MET P 209 -14.03 67.63 -20.87
N LEU P 210 -14.36 67.16 -22.07
CA LEU P 210 -15.04 67.92 -23.11
C LEU P 210 -16.43 68.35 -22.64
N ARG P 211 -17.23 67.47 -22.05
CA ARG P 211 -18.52 67.83 -21.45
C ARG P 211 -18.36 68.93 -20.40
N ALA P 212 -17.42 68.75 -19.48
CA ALA P 212 -17.19 69.73 -18.45
C ALA P 212 -16.79 71.09 -19.03
N MET P 213 -15.86 71.11 -19.98
CA MET P 213 -15.36 72.34 -20.61
C MET P 213 -16.40 73.02 -21.51
N HIS P 214 -17.24 72.24 -22.19
CA HIS P 214 -18.34 72.67 -23.05
C HIS P 214 -19.42 73.40 -22.24
N ARG P 215 -19.86 72.83 -21.11
CA ARG P 215 -20.79 73.50 -20.20
C ARG P 215 -20.17 74.65 -19.39
N GLN P 216 -18.90 74.55 -19.00
CA GLN P 216 -18.17 75.63 -18.30
C GLN P 216 -17.94 76.89 -19.14
N LEU P 217 -17.72 76.75 -20.45
CA LEU P 217 -17.83 77.83 -21.43
C LEU P 217 -19.30 78.19 -21.68
N GLN P 227 -17.00 74.35 -29.12
CA GLN P 227 -17.23 74.40 -30.58
C GLN P 227 -16.39 73.37 -31.38
N PRO P 228 -15.15 73.61 -31.89
CA PRO P 228 -14.53 72.71 -32.88
C PRO P 228 -14.10 71.34 -32.34
N LEU P 229 -13.86 71.24 -31.03
CA LEU P 229 -13.56 69.98 -30.36
C LEU P 229 -14.65 68.91 -30.53
N LYS P 230 -15.92 69.29 -30.74
CA LYS P 230 -16.99 68.35 -31.11
C LYS P 230 -16.78 67.69 -32.49
N GLU P 231 -16.23 68.40 -33.47
CA GLU P 231 -15.87 67.81 -34.78
C GLU P 231 -14.68 66.84 -34.66
N ARG P 232 -13.70 67.19 -33.83
CA ARG P 232 -12.55 66.33 -33.50
C ARG P 232 -13.01 65.09 -32.75
N TYR P 233 -13.88 65.26 -31.75
CA TYR P 233 -14.53 64.19 -31.00
C TYR P 233 -15.32 63.25 -31.92
N GLU P 234 -16.02 63.73 -32.94
CA GLU P 234 -16.71 62.84 -33.88
C GLU P 234 -15.73 61.97 -34.70
N LEU P 235 -14.58 62.50 -35.13
CA LEU P 235 -13.55 61.68 -35.77
C LEU P 235 -12.94 60.66 -34.81
N GLN P 236 -12.60 61.05 -33.58
CA GLN P 236 -12.08 60.11 -32.59
C GLN P 236 -13.10 59.02 -32.22
N HIS P 237 -14.36 59.38 -32.06
CA HIS P 237 -15.49 58.47 -31.84
C HIS P 237 -15.71 57.53 -33.03
N ALA P 238 -15.59 58.03 -34.26
CA ALA P 238 -15.66 57.20 -35.45
C ALA P 238 -14.55 56.15 -35.45
N ARG P 239 -13.31 56.54 -35.11
CA ARG P 239 -12.17 55.62 -34.94
C ARG P 239 -12.39 54.62 -33.80
N LEU P 240 -13.05 55.01 -32.72
CA LEU P 240 -13.38 54.14 -31.60
C LEU P 240 -14.33 53.00 -32.04
N PHE P 241 -15.41 53.36 -32.72
CA PHE P 241 -16.40 52.41 -33.23
C PHE P 241 -15.86 51.56 -34.39
N GLU P 242 -14.98 52.11 -35.22
CA GLU P 242 -14.21 51.32 -36.19
C GLU P 242 -13.28 50.31 -35.50
N PHE P 243 -12.55 50.71 -34.47
CA PHE P 243 -11.63 49.81 -33.79
C PHE P 243 -12.35 48.62 -33.12
N TYR P 244 -13.50 48.86 -32.49
CA TYR P 244 -14.28 47.77 -31.89
C TYR P 244 -14.97 46.86 -32.90
N ALA P 245 -15.37 47.38 -34.06
CA ALA P 245 -15.73 46.53 -35.19
C ALA P 245 -14.55 45.66 -35.68
N ASP P 246 -13.36 46.23 -35.83
CA ASP P 246 -12.16 45.48 -36.24
C ASP P 246 -11.81 44.37 -35.22
N CYS P 247 -11.89 44.66 -33.93
CA CYS P 247 -11.72 43.66 -32.86
C CYS P 247 -12.81 42.57 -32.89
N SER P 248 -14.06 42.92 -33.21
CA SER P 248 -15.16 41.95 -33.31
C SER P 248 -14.89 40.82 -34.31
N SER P 249 -14.11 41.08 -35.36
CA SER P 249 -13.65 40.05 -36.30
C SER P 249 -12.79 38.95 -35.63
N VAL P 250 -12.04 39.28 -34.58
CA VAL P 250 -10.96 38.46 -34.03
C VAL P 250 -11.51 37.37 -33.11
N LYS P 251 -11.42 36.11 -33.56
CA LYS P 251 -12.21 35.01 -33.00
C LYS P 251 -11.78 34.53 -31.61
N TYR P 252 -10.48 34.59 -31.24
CA TYR P 252 -10.07 34.48 -29.82
C TYR P 252 -10.26 35.73 -28.95
N LEU P 253 -9.78 36.90 -29.39
CA LEU P 253 -9.71 38.10 -28.54
C LEU P 253 -11.09 38.48 -27.99
N THR P 254 -12.10 38.34 -28.83
CA THR P 254 -13.50 38.62 -28.48
C THR P 254 -14.00 37.85 -27.26
N THR P 255 -13.48 36.64 -27.01
CA THR P 255 -14.03 35.74 -25.97
C THR P 255 -13.95 36.30 -24.54
N LEU P 256 -12.80 36.86 -24.16
CA LEU P 256 -12.38 37.09 -22.77
C LEU P 256 -12.74 38.47 -22.18
N VAL P 257 -12.75 39.53 -23.00
CA VAL P 257 -12.87 40.93 -22.54
C VAL P 257 -14.27 41.25 -22.01
N THR P 258 -15.27 40.39 -22.29
CA THR P 258 -16.72 40.66 -22.09
C THR P 258 -17.09 41.96 -22.84
N ILE P 259 -17.01 41.86 -24.17
CA ILE P 259 -17.10 42.95 -25.15
C ILE P 259 -15.89 43.91 -25.12
N PRO P 260 -15.13 44.08 -26.22
CA PRO P 260 -14.31 45.27 -26.42
C PRO P 260 -15.21 46.50 -26.55
N LYS P 261 -15.48 47.14 -25.39
CA LYS P 261 -16.60 48.02 -25.06
C LYS P 261 -16.98 49.01 -26.18
C1 PIO Q . 13.52 -5.89 8.50
O1 PIO Q . 12.31 -5.77 7.82
P1 PIO Q . 12.31 -4.93 6.42
C2 PIO Q . 14.20 -7.20 8.08
O2 PIO Q . 13.88 -7.47 6.74
C3 PIO Q . 13.77 -8.41 8.91
O3 PIO Q . 12.44 -8.71 8.61
C4 PIO Q . 13.90 -8.18 10.42
O4 PIO Q . 14.96 -8.96 10.89
P4 PIO Q . 14.59 -10.48 11.38
C5 PIO Q . 14.18 -6.73 10.77
O5 PIO Q . 13.98 -6.53 12.14
P5 PIO Q . 14.10 -5.00 12.68
C6 PIO Q . 13.23 -5.84 9.99
O6 PIO Q . 13.38 -4.51 10.43
O11 PIO Q . 10.91 -5.18 5.58
O12 PIO Q . 13.48 -5.39 5.57
O13 PIO Q . 12.47 -3.46 6.74
O41 PIO Q . 13.60 -11.06 10.41
O42 PIO Q . 15.83 -11.32 11.41
O43 PIO Q . 13.96 -10.42 12.75
O51 PIO Q . 14.59 -4.97 14.10
O52 PIO Q . 12.75 -4.33 12.61
O53 PIO Q . 15.08 -4.23 11.83
C1 PIO R . 7.96 -16.63 5.51
O1 PIO R . 7.25 -16.30 4.35
P1 PIO R . 5.63 -16.05 4.51
C2 PIO R . 8.43 -15.36 6.24
O2 PIO R . 7.60 -14.28 5.89
C3 PIO R . 9.88 -14.96 5.93
O3 PIO R . 9.97 -14.60 4.56
C4 PIO R . 10.86 -16.10 6.23
O4 PIO R . 11.32 -15.93 7.54
P4 PIO R . 12.81 -15.29 7.71
C5 PIO R . 10.26 -17.49 6.13
O5 PIO R . 11.28 -18.37 5.74
P5 PIO R . 10.88 -19.94 5.42
C6 PIO R . 9.12 -17.54 5.11
O6 PIO R . 8.63 -18.85 5.02
O11 PIO R . 5.03 -15.32 3.17
O12 PIO R . 4.94 -17.38 4.74
O13 PIO R . 5.40 -15.16 5.71
O41 PIO R . 13.06 -14.99 9.16
O42 PIO R . 13.83 -16.30 7.22
O43 PIO R . 12.92 -14.03 6.90
O51 PIO R . 10.02 -20.46 6.53
O52 PIO R . 10.14 -20.01 4.11
O53 PIO R . 12.13 -20.78 5.30
C1 PIO S . 20.40 -10.24 -1.44
O1 PIO S . 19.04 -10.18 -1.13
P1 PIO S . 18.38 -8.70 -0.92
C2 PIO S . 20.68 -11.56 -2.17
O2 PIO S . 19.52 -12.00 -2.82
C3 PIO S . 21.11 -12.65 -1.19
O3 PIO S . 20.13 -12.78 -0.21
C4 PIO S . 22.44 -12.29 -0.53
O4 PIO S . 23.46 -12.55 -1.44
P4 PIO S . 24.26 -13.98 -1.32
C5 PIO S . 22.54 -10.81 -0.17
O5 PIO S . 23.12 -10.73 1.11
P5 PIO S . 24.14 -9.47 1.37
C6 PIO S . 21.20 -10.09 -0.13
O6 PIO S . 21.45 -8.73 0.07
O11 PIO S . 16.77 -8.85 -0.59
O12 PIO S . 18.56 -7.88 -2.16
O13 PIO S . 19.06 -8.02 0.24
O41 PIO S . 23.27 -15.10 -1.45
O42 PIO S . 25.27 -14.08 -2.41
O43 PIO S . 24.93 -14.05 0.03
O51 PIO S . 23.53 -8.23 0.79
O52 PIO S . 24.34 -9.26 2.85
O53 PIO S . 25.45 -9.77 0.70
C1 PIO T . 2.14 -21.65 1.48
O1 PIO T . 1.55 -20.49 0.97
P1 PIO T . 0.24 -19.86 1.75
C2 PIO T . 3.00 -21.28 2.70
O2 PIO T . 2.42 -20.21 3.40
C3 PIO T . 4.38 -20.82 2.27
O3 PIO T . 4.20 -19.76 1.37
C4 PIO T . 5.15 -21.93 1.57
O4 PIO T . 5.89 -22.60 2.55
P4 PIO T . 7.37 -23.19 2.14
C5 PIO T . 4.24 -22.94 0.85
O5 PIO T . 4.95 -23.47 -0.23
P5 PIO T . 4.15 -24.16 -1.49
C6 PIO T . 2.96 -22.26 0.34
O6 PIO T . 2.17 -23.21 -0.31
O11 PIO T . 0.63 -18.37 2.34
O12 PIO T . -0.89 -19.76 0.76
O13 PIO T . -0.17 -20.74 2.90
O41 PIO T . 8.14 -23.52 3.39
O42 PIO T . 7.20 -24.44 1.32
O43 PIO T . 8.14 -22.15 1.36
O51 PIO T . 3.00 -24.97 -0.97
O52 PIO T . 3.62 -23.09 -2.40
O53 PIO T . 5.08 -25.04 -2.27
C1 PIO U . 1.68 -21.76 14.06
O1 PIO U . 0.32 -21.45 14.13
P1 PIO U . -0.47 -20.72 12.88
C2 PIO U . 1.99 -22.55 12.78
O2 PIO U . 1.64 -21.85 11.63
C3 PIO U . 1.24 -23.88 12.80
O3 PIO U . -0.13 -23.62 12.89
C4 PIO U . 1.68 -24.75 13.98
O4 PIO U . 2.47 -25.78 13.48
P4 PIO U . 1.93 -27.30 13.70
C5 PIO U . 2.51 -24.01 15.03
O5 PIO U . 2.45 -24.77 16.20
P5 PIO U . 3.74 -24.70 17.21
C6 PIO U . 2.00 -22.59 15.32
O6 PIO U . 2.99 -21.93 16.05
O11 PIO U . -1.88 -20.39 13.28
O12 PIO U . -0.48 -21.75 11.60
O13 PIO U . 0.25 -19.45 12.48
O41 PIO U . 0.56 -27.41 13.08
O42 PIO U . 2.85 -28.29 13.06
O43 PIO U . 1.83 -27.56 15.18
O51 PIO U . 3.36 -25.27 18.55
O52 PIO U . 4.14 -23.26 17.36
O53 PIO U . 4.88 -25.49 16.65
C1 PIO V . -7.15 -3.02 -15.15
O1 PIO V . -6.27 -2.68 -14.13
P1 PIO V . -6.13 -3.72 -12.87
C2 PIO V . -6.38 -3.75 -16.25
O2 PIO V . -5.33 -4.49 -15.67
C3 PIO V . -5.75 -2.81 -17.29
O3 PIO V . -4.71 -2.09 -16.68
C4 PIO V . -6.75 -1.82 -17.88
O4 PIO V . -6.99 -2.18 -19.21
P4 PIO V . -6.00 -1.52 -20.34
C5 PIO V . -8.07 -1.81 -17.14
O5 PIO V . -8.82 -0.69 -17.53
P5 PIO V . -10.22 -0.43 -16.73
C6 PIO V . -7.82 -1.74 -15.65
O6 PIO V . -9.02 -1.58 -14.97
O11 PIO V . -4.82 -3.34 -11.95
O12 PIO V . -5.96 -5.12 -13.42
O13 PIO V . -7.39 -3.64 -12.04
O41 PIO V . -4.60 -1.52 -19.81
O42 PIO V . -6.06 -2.33 -21.61
O43 PIO V . -6.43 -0.10 -20.61
O51 PIO V . -11.22 0.26 -17.62
O52 PIO V . -9.97 0.43 -15.52
O53 PIO V . -10.80 -1.75 -16.29
C1 PIO W . 4.63 -0.97 -18.66
O1 PIO W . 5.36 -1.33 -17.51
P1 PIO W . 5.92 -0.10 -16.57
C2 PIO W . 3.14 -0.81 -18.31
O2 PIO W . 2.99 -0.53 -16.94
C3 PIO W . 2.29 -2.06 -18.63
O3 PIO W . 2.70 -3.12 -17.79
C4 PIO W . 2.42 -2.48 -20.10
O4 PIO W . 1.40 -1.86 -20.82
P4 PIO W . 0.11 -2.79 -21.20
C5 PIO W . 3.74 -2.09 -20.75
O5 PIO W . 4.03 -3.05 -21.73
P5 PIO W . 5.48 -2.95 -22.50
C6 PIO W . 4.88 -2.04 -19.72
O6 PIO W . 6.07 -1.73 -20.37
O11 PIO W . 6.42 -0.68 -15.12
O12 PIO W . 7.07 0.58 -17.28
O13 PIO W . 4.80 0.89 -16.36
O41 PIO W . -0.97 -1.93 -21.78
O42 PIO W . 0.55 -3.81 -22.23
O43 PIO W . -0.39 -3.49 -19.98
O51 PIO W . 5.70 -1.54 -22.95
O52 PIO W . 6.59 -3.38 -21.57
O53 PIO W . 5.50 -3.88 -23.70
C1 PIO X . -2.50 -14.81 -17.26
O1 PIO X . -2.01 -13.64 -16.65
P1 PIO X . -2.81 -13.08 -15.34
C2 PIO X . -1.34 -15.49 -18.02
O2 PIO X . -0.12 -15.13 -17.44
C3 PIO X . -1.31 -15.04 -19.47
O3 PIO X . -1.24 -13.65 -19.51
C4 PIO X . -2.57 -15.49 -20.21
O4 PIO X . -2.44 -16.85 -20.50
P4 PIO X . -1.92 -17.26 -22.00
C5 PIO X . -3.84 -15.35 -19.36
O5 PIO X . -4.85 -14.83 -20.18
P5 PIO X . -6.37 -15.38 -19.92
C6 PIO X . -3.68 -14.41 -18.16
O6 PIO X . -4.85 -14.49 -17.40
O11 PIO X . -2.05 -11.73 -14.77
O12 PIO X . -2.82 -14.14 -14.26
O13 PIO X . -4.22 -12.74 -15.74
O41 PIO X . -0.58 -16.63 -22.24
O42 PIO X . -1.80 -18.74 -22.09
O43 PIO X . -2.91 -16.75 -23.03
O51 PIO X . -6.61 -15.43 -18.44
O52 PIO X . -7.37 -14.46 -20.56
O53 PIO X . -6.48 -16.76 -20.51
C1 PIO Y . 13.12 0.30 -17.41
O1 PIO Y . 12.88 0.31 -16.04
P1 PIO Y . 12.70 1.75 -15.26
C2 PIO Y . 11.81 0.58 -18.15
O2 PIO Y . 11.00 1.45 -17.39
C3 PIO Y . 11.02 -0.70 -18.33
O3 PIO Y . 10.83 -1.26 -17.06
C4 PIO Y . 11.75 -1.71 -19.21
O4 PIO Y . 11.33 -1.49 -20.53
P4 PIO Y . 11.20 -2.79 -21.53
C5 PIO Y . 13.28 -1.56 -19.14
O5 PIO Y . 13.84 -2.82 -19.39
P5 PIO Y . 15.38 -3.15 -18.89
C6 PIO Y . 13.71 -1.07 -17.75
O6 PIO Y . 15.11 -0.96 -17.73
O11 PIO Y . 11.18 1.86 -14.66
O12 PIO Y . 13.72 1.82 -14.15
O13 PIO Y . 12.93 2.90 -16.22
O41 PIO Y . 10.39 -2.40 -22.74
O42 PIO Y . 12.58 -3.22 -21.97
O43 PIO Y . 10.50 -3.91 -20.81
O51 PIO Y . 16.25 -1.95 -19.12
O52 PIO Y . 15.37 -3.47 -17.43
O53 PIO Y . 15.92 -4.33 -19.65
C1 PIO Z . 6.94 9.71 -23.06
O1 PIO Z . 7.38 10.69 -22.16
P1 PIO Z . 7.92 10.30 -20.65
C2 PIO Z . 7.99 8.59 -23.20
O2 PIO Z . 8.28 7.98 -21.97
C3 PIO Z . 9.28 9.17 -23.78
O3 PIO Z . 9.75 10.17 -22.93
C4 PIO Z . 9.05 9.75 -25.18
O4 PIO Z . 9.62 8.87 -26.10
P4 PIO Z . 10.83 9.46 -27.02
C5 PIO Z . 7.57 9.91 -25.55
O5 PIO Z . 7.53 10.82 -26.61
P5 PIO Z . 6.31 10.66 -27.70
C6 PIO Z . 6.70 10.42 -24.40
O6 PIO Z . 5.37 10.25 -24.77
O11 PIO Z . 8.19 11.56 -19.87
O12 PIO Z . 9.30 9.42 -20.80
O13 PIO Z . 6.88 9.48 -19.92
O41 PIO Z . 11.92 9.96 -26.11
O42 PIO Z . 11.38 8.39 -27.91
O43 PIO Z . 10.30 10.60 -27.84
O51 PIO Z . 6.20 11.90 -28.53
O52 PIO Z . 5.02 10.44 -26.94
O53 PIO Z . 6.56 9.49 -28.60
C1 PIO AA . -15.63 -5.19 4.33
O1 PIO AA . -14.31 -4.73 4.35
P1 PIO AA . -13.92 -3.50 3.35
C2 PIO AA . -16.42 -4.47 5.42
O2 PIO AA . -15.90 -3.16 5.58
C3 PIO AA . -16.34 -5.15 6.79
O3 PIO AA . -15.04 -5.03 7.29
C4 PIO AA . -16.71 -6.64 6.73
O4 PIO AA . -17.95 -6.80 7.36
P4 PIO AA . -17.92 -7.10 8.97
C5 PIO AA . -16.82 -7.16 5.32
O5 PIO AA . -16.84 -8.56 5.33
P5 PIO AA . -16.82 -9.31 3.88
C6 PIO AA . -15.61 -6.70 4.52
O6 PIO AA . -15.62 -7.30 3.26
O11 PIO AA . -12.44 -2.88 3.74
O12 PIO AA . -13.89 -4.02 1.93
O13 PIO AA . -14.96 -2.42 3.47
O41 PIO AA . -19.27 -6.79 9.56
O42 PIO AA . -17.56 -8.54 9.21
O43 PIO AA . -16.88 -6.22 9.59
O51 PIO AA . -17.55 -10.62 3.95
O52 PIO AA . -17.49 -8.44 2.85
O53 PIO AA . -15.39 -9.57 3.47
C1 PIO BA . -11.40 -1.47 15.44
O1 PIO BA . -10.44 -0.50 15.10
P1 PIO BA . -8.86 -0.95 15.18
C2 PIO BA . -11.78 -2.30 14.20
O2 PIO BA . -10.74 -2.26 13.26
C3 PIO BA . -13.06 -1.82 13.51
O3 PIO BA . -12.85 -0.54 12.96
C4 PIO BA . -14.26 -1.78 14.47
O4 PIO BA . -14.92 -3.01 14.39
P4 PIO BA . -16.30 -3.03 13.52
C5 PIO BA . -13.88 -1.56 15.93
O5 PIO BA . -14.94 -0.88 16.55
P5 PIO BA . -14.74 -0.38 18.10
C6 PIO BA . -12.59 -0.74 16.06
O6 PIO BA . -12.32 -0.53 17.40
O11 PIO BA . -7.91 0.14 14.41
O12 PIO BA . -8.72 -2.30 14.50
O13 PIO BA . -8.44 -1.07 16.62
O41 PIO BA . -16.05 -2.43 12.16
O42 PIO BA . -16.76 -4.46 13.36
O43 PIO BA . -17.35 -2.24 14.25
O51 PIO BA . -16.06 0.07 18.68
O52 PIO BA . -13.79 0.79 18.15
O53 PIO BA . -14.20 -1.52 18.91
C1 PIO CA . -21.16 6.28 6.02
O1 PIO CA . -19.88 5.76 6.25
P1 PIO CA . -19.04 5.21 4.96
C2 PIO CA . -21.50 7.25 7.16
O2 PIO CA . -20.32 7.77 7.72
C3 PIO CA . -22.27 6.54 8.27
O3 PIO CA . -21.52 5.45 8.70
C4 PIO CA . -23.62 6.05 7.76
O4 PIO CA . -24.49 7.14 7.70
P4 PIO CA . -25.50 7.37 8.96
C5 PIO CA . -23.56 5.48 6.34
O5 PIO CA . -24.34 4.32 6.31
P5 PIO CA . -25.17 4.02 4.93
C6 PIO CA . -22.14 5.11 5.89
O6 PIO CA . -22.21 4.75 4.54
O11 PIO CA . -19.81 4.08 4.32
O12 PIO CA . -17.56 4.66 5.45
O13 PIO CA . -18.86 6.32 3.97
O41 PIO CA . -26.30 8.62 8.73
O42 PIO CA . -26.43 6.18 9.08
O43 PIO CA . -24.71 7.52 10.22
O51 PIO CA . -26.37 4.93 4.90
O52 PIO CA . -25.61 2.58 4.89
O53 PIO CA . -24.27 4.30 3.76
C1 PIO DA . -5.82 2.33 20.88
O1 PIO DA . -4.96 2.54 19.80
P1 PIO DA . -3.74 1.48 19.53
C2 PIO DA . -6.81 1.23 20.53
O2 PIO DA . -6.19 0.28 19.68
C3 PIO DA . -7.99 1.79 19.77
O3 PIO DA . -7.48 2.46 18.65
C4 PIO DA . -8.79 2.77 20.62
O4 PIO DA . -9.80 2.04 21.26
P4 PIO DA . -11.25 2.77 21.50
C5 PIO DA . -7.94 3.48 21.68
O5 PIO DA . -8.51 4.73 21.92
P5 PIO DA . -7.61 5.95 22.58
C6 PIO DA . -6.50 3.66 21.18
O6 PIO DA . -5.76 4.32 22.18
O11 PIO DA . -2.43 2.25 19.52
O12 PIO DA . -3.98 0.73 18.08
O13 PIO DA . -3.69 0.43 20.61
O41 PIO DA . -11.68 3.48 20.25
O42 PIO DA . -12.28 1.72 21.84
O43 PIO DA . -11.13 3.74 22.65
O51 PIO DA . -8.51 7.00 23.17
O52 PIO DA . -6.72 5.38 23.65
O53 PIO DA . -6.76 6.57 21.52
C1 PIO EA . -7.71 -9.98 22.69
O1 PIO EA . -6.35 -10.32 22.65
P1 PIO EA . -5.24 -9.34 21.93
C2 PIO EA . -7.90 -8.56 23.24
O2 PIO EA . -7.23 -7.60 22.47
C3 PIO EA . -7.39 -8.49 24.68
O3 PIO EA . -6.04 -8.84 24.69
C4 PIO EA . -8.17 -9.43 25.60
O4 PIO EA . -9.01 -8.65 26.39
P4 PIO EA . -8.76 -8.72 27.99
C5 PIO EA . -9.05 -10.44 24.85
O5 PIO EA . -9.33 -11.47 25.75
P5 PIO EA . -10.76 -12.26 25.58
C6 PIO EA . -8.38 -11.03 23.60
O6 PIO EA . -9.37 -11.69 22.87
O11 PIO EA . -5.16 -7.93 22.77
O12 PIO EA . -3.90 -10.01 21.91
O13 PIO EA . -5.66 -9.04 20.50
O41 PIO EA . -7.35 -8.31 28.28
O42 PIO EA . -8.99 -10.13 28.46
O43 PIO EA . -9.70 -7.79 28.71
O51 PIO EA . -10.73 -13.54 26.37
O52 PIO EA . -11.89 -11.40 26.07
O53 PIO EA . -10.95 -12.57 24.12
C1 PIO FA . 9.25 14.10 2.33
O1 PIO FA . 8.26 13.19 1.96
P1 PIO FA . 7.73 12.15 3.11
C2 PIO FA . 8.59 15.41 2.75
O2 PIO FA . 7.35 15.12 3.35
C3 PIO FA . 8.32 16.37 1.59
O3 PIO FA . 7.32 15.83 0.77
C4 PIO FA . 9.56 16.63 0.73
O4 PIO FA . 9.99 17.94 0.96
P4 PIO FA . 9.34 19.10 -0.01
C5 PIO FA . 10.71 15.70 1.06
O5 PIO FA . 11.68 15.78 0.06
P5 PIO FA . 12.94 14.74 0.16
C6 PIO FA . 10.19 14.27 1.14
O6 PIO FA . 11.27 13.40 1.29
O11 PIO FA . 6.35 11.40 2.62
O12 PIO FA . 8.81 11.13 3.38
O13 PIO FA . 7.44 12.93 4.37
O41 PIO FA . 9.51 20.45 0.62
O42 PIO FA . 10.04 19.07 -1.35
O43 PIO FA . 7.89 18.80 -0.20
O51 PIO FA . 14.18 15.34 -0.43
O52 PIO FA . 13.21 14.42 1.62
O53 PIO FA . 12.60 13.46 -0.57
C1 PIO GA . -1.19 19.07 -2.30
O1 PIO GA . -2.17 18.13 -1.94
P1 PIO GA . -2.69 17.11 -3.12
C2 PIO GA . 0.22 18.47 -2.13
O2 PIO GA . 0.15 17.07 -2.21
C3 PIO GA . 0.89 18.84 -0.81
O3 PIO GA . 0.18 18.26 0.26
C4 PIO GA . 0.97 20.36 -0.60
O4 PIO GA . 2.20 20.80 -1.11
P4 PIO GA . 3.36 21.13 -0.02
C5 PIO GA . -0.12 21.14 -1.32
O5 PIO GA . -0.37 22.30 -0.56
P5 PIO GA . -1.62 23.27 -1.02
C6 PIO GA . -1.41 20.32 -1.44
O6 PIO GA . -2.40 21.09 -2.06
O11 PIO GA . -3.53 15.86 -2.46
O12 PIO GA . -1.48 16.57 -3.85
O13 PIO GA . -3.57 17.87 -4.08
O41 PIO GA . 3.52 19.95 0.91
O42 PIO GA . 4.66 21.37 -0.73
O43 PIO GA . 2.97 22.35 0.76
O51 PIO GA . -1.57 24.58 -0.27
O52 PIO GA . -2.94 22.61 -0.69
O53 PIO GA . -1.54 23.52 -2.50
C1 PIO HA . 3.25 18.76 12.68
O1 PIO HA . 2.85 18.07 11.53
P1 PIO HA . 3.47 16.57 11.30
C2 PIO HA . 2.16 19.79 13.03
O2 PIO HA . 0.92 19.37 12.53
C3 PIO HA . 2.47 21.15 12.40
O3 PIO HA . 2.63 20.98 11.03
C4 PIO HA . 3.76 21.73 12.98
O4 PIO HA . 3.47 22.26 14.24
P4 PIO HA . 3.18 23.85 14.35
C5 PIO HA . 4.85 20.68 13.19
O5 PIO HA . 6.06 21.24 12.76
P5 PIO HA . 7.40 20.83 13.61
C6 PIO HA . 4.62 19.39 12.40
O6 PIO HA . 5.60 18.48 12.79
O11 PIO HA . 4.97 16.68 11.18
O12 PIO HA . 2.85 15.92 9.92
O13 PIO HA . 3.12 15.68 12.47
O41 PIO HA . 2.84 24.20 15.76
O42 PIO HA . 4.41 24.62 13.91
O43 PIO HA . 2.02 24.21 13.47
O51 PIO HA . 7.40 21.60 14.91
O52 PIO HA . 8.64 21.14 12.82
O53 PIO HA . 7.36 19.36 13.89
C1 PIO IA . -9.46 19.01 -4.96
O1 PIO IA . -9.47 17.63 -4.74
P1 PIO IA . -9.21 16.62 -6.01
C2 PIO IA . -8.00 19.48 -5.07
O2 PIO IA . -7.21 18.48 -5.67
C3 PIO IA . -7.40 19.73 -3.70
O3 PIO IA . -7.54 18.55 -2.97
C4 PIO IA . -8.11 20.87 -2.97
O4 PIO IA . -7.42 22.05 -3.28
P4 PIO IA . -7.32 23.21 -2.11
C5 PIO IA . -9.58 21.02 -3.39
O5 PIO IA . -10.28 21.55 -2.30
P5 PIO IA . -11.92 21.36 -2.20
C6 PIO IA . -10.18 19.66 -3.77
O6 PIO IA . -11.52 19.85 -4.14
O11 PIO IA . -10.39 15.69 -6.13
O12 PIO IA . -7.82 15.78 -5.76
O13 PIO IA . -9.07 17.41 -7.29
O41 PIO IA . -6.95 22.58 -0.80
O42 PIO IA . -6.25 24.20 -2.49
O43 PIO IA . -8.64 23.92 -2.01
O51 PIO IA . -12.49 22.37 -1.25
O52 PIO IA . -12.53 21.54 -3.56
O53 PIO IA . -12.23 19.99 -1.69
C1 PIO JA . -0.91 22.04 -13.69
O1 PIO JA . -1.35 21.08 -14.62
P1 PIO JA . -2.21 19.75 -14.15
C2 PIO JA . -2.08 22.52 -12.82
O2 PIO JA . -2.68 21.47 -12.12
C3 PIO JA . -3.13 23.20 -13.70
O3 PIO JA . -3.58 22.28 -14.65
C4 PIO JA . -2.56 24.44 -14.40
O4 PIO JA . -3.08 25.56 -13.76
P4 PIO JA . -3.98 26.55 -14.69
C5 PIO JA . -1.03 24.54 -14.33
O5 PIO JA . -0.64 25.42 -15.34
P5 PIO JA . 0.71 26.30 -15.10
C6 PIO JA . -0.32 23.19 -14.52
O6 PIO JA . 1.02 23.37 -14.15
O11 PIO JA . -3.66 20.26 -13.56
O12 PIO JA . -2.42 18.84 -15.32
O13 PIO JA . -1.47 19.01 -13.06
O41 PIO JA . -5.13 25.77 -15.26
O42 PIO JA . -3.14 27.09 -15.80
O43 PIO JA . -4.53 27.69 -13.86
O51 PIO JA . 1.17 26.90 -16.40
O52 PIO JA . 0.44 27.41 -14.12
O53 PIO JA . 1.77 25.39 -14.55
#